data_8E79
#
_entry.id   8E79
#
_cell.length_a   1.00
_cell.length_b   1.00
_cell.length_c   1.00
_cell.angle_alpha   90.00
_cell.angle_beta   90.00
_cell.angle_gamma   90.00
#
_symmetry.space_group_name_H-M   'P 1'
#
loop_
_entity.id
_entity.type
_entity.pdbx_description
1 polymer 'DNA-directed RNA polymerase subunit alpha'
2 polymer 'DNA-directed RNA polymerase subunit beta'
3 polymer "DNA-directed RNA polymerase subunit beta'"
4 polymer 'DNA-directed RNA polymerase subunit omega'
5 polymer 'Transcription termination/antitermination protein NusG'
6 polymer 'DNA (54-MER)'
7 polymer 'DNA (54-MER)'
8 polymer 'RNA (42-MER)'
9 non-polymer 'ZINC ION'
10 non-polymer 'MAGNESIUM ION'
#
loop_
_entity_poly.entity_id
_entity_poly.type
_entity_poly.pdbx_seq_one_letter_code
_entity_poly.pdbx_strand_id
1 'polypeptide(L)'
;MLISQRPTLSEDVLTDNRSQFVIEPLEPGFGYTLGNSLRRTLLSSIPGAAVTSIRIDGVLHEFTTVPGVKEDVTEIILNL
KSLVVSSEEDEPVTMYLRKQGPGEVTAGDIVPPAGVTVHNPGMHIATLNDKGKLEVELVVERGRGYVPAVQNRASGAEIG
RIPVDSIYSPVLKVTYKVDATRVEQRTDFDKLILDVETKNSISPRDALASAGKTLVELFGLARELNVEAEGIEIGPSPAE
ADHIASFALPIDDLDLTVRSYNCLKREGVHTVGELVARTESDLLDIRNFGQKSIDEVKIKLHQLGLSLKDSPPSFDPSEV
AGYDVATGTWSTEGAYDEQDYAETEQL
;
A,B
2 'polypeptide(L)'
;LADSRQSKTAASPSPSRPQSSSNNSVPGAPNRVSFAKLREPLEVPGLLDVQTDSFEWLIGSPRWRESAAERGDVNPVGGL
EEVLYELSPIEDFSGSMSLSFSDPRFDDVKAPVDECKDKDMTYAAPLFVTAEFINNNTGEIKSQTVFMGDFPMMTEKGTF
IINGTERVVVSQLVRSPGVYFDETIDKSTDKTLHSVKVIPSRGAWLEFDVDKRDTVGVRIDRKRRQPVTVLLKALGWTSE
QIVERFGFSEIMRSTLEKDNTVGTDEALLDIYRKLRPGEPPTKESAQTLLENLFFKEKRYDLARVGRYKVNKKLGLHVGE
PITSSTLTEEDVVATIEYLVRLHEGQTTMTVPGGVEVPVETDDIDHFGNRRLRTVGELIQNQIRVGMSRMERVVRERMTT
QDVEAITPQTLINIRPVVAAIKEFFGTSQLSQFMDQNNPLSGLTHKRRLSALGPGGLSRERAGLEVRDVHPSHYGRMCPI
ETPEGPNIGLIGSLSVYARVNPFGFIETPYRKVVDGVVSDEIVYLTADEEDRHVVAQANSPIDADGRFVEPRVLVRRKAG
EVEYVPSSEVDYMDVSPRQMVSVATAMIPFLEHDDANRALMGANMQRQAVPLVRSEAPLVGTGMELRAAIDAGDVVVAEE
SGVIEEVSADYITVMHDNGTRRTYRMRKFARSNHGTCANQCPIVDAGDRVEAGQVIADGPCTDDGEMALGKNLLVAIMPW
EGHNYEDAIILSNRLVEEDVLTSIHIEEHEIDARDTKLGAEEITRDIPNISDEVLADLDERGIVRIGAEVRDGDILVGKV
TPKGETELTPEERLLRAIFGEKAREVRDTSLKVPHGESGKVIGIRVFSREDEDELPAGVNELVRVYVAQKRKISDGDKLA
GRHGNKGVIGKILPVEDMPFLADGTPVDIILNTHGVPRRMNIGQILETHLGWCAHSGWKVDAAKGVPDWAARLPDELLEA
QPNAIVSTPVFDGAQEAELQGLLSCTLPNRDGDVLVDADGKAMLFDGRSGEPFPYPVTVGYMYIMKLHHLVDDKIHARST
GPYSMITQQPLGGKAQFGGQRFGEMECWAMQAYGAAYTLQELLTIKSDDTVGRVKVYEAIVKGENIPEPGIPESFKVLLK
ELQSLCLNVEVLSSDGAAIELREGEDEDLERAAANLGINLSRNESASVEDLA
;
C
3 'polypeptide(L)'
;GAMLDVNFFDELRIGLATAEDIRQWSYGEVKKPETINYRTLKPEKDGLFCEKIFGPTRDWECYCGKYKRVRFKGIICERC
GVEVTRAKVRRERMGHIELAAPVTHIWYFKGVPSRLGYLLDLAPKDLEKIIYFAAYVITSVDEEMRHNELSTLEAEMAVE
RKAVEDQRDGELEARAQKLEADLAELEAEGAKADARRKVRDGGEREMRQIRDRAQRELDRLEDIWSTFTKLAPKQLIVDE
NLYRELVDRYGEYFTGAMGAESIQKLIENFDIDAEAESLRDVIRNGKGQKKLRALKRLKVVAAFQQSGNSPMGMVLDAVP
VIPPELRPMVQLDGGRFATSDLNDLYRRVINRNNRLKRLIDLGAPEIIVNNEKRMLQESVDALFDNGRRGRPVTGPGNRP
LKSLSDLLKGKQGRFRQNLLGKRVDYSGRSVIVVGPQLKLHQCGLPKLMALELFKPFVMKRLVDLNHAQNIKSAKRMVER
QRPQVWDVLEEVIAEHPVLLNRAPTLHRLGIQAFEPMLVEGKAIQLHPLVCEAFNADFDGDQMAVHLPLSAEAQAEARIL
MLSSNNILSPASGRPLAMPRLDMVTGLYYLTTEVPGDTGEYQPASGDHPETGVYSSPAEAIMAADRGVLSVRAKIKVRLT
QLRPPVEIEAELFGHSGWQPGDAWMAETTLGRVMFNELLPLGYPFVNKQMHKKVQAAIINDLAERYPMIVVAQTVDKLKD
AGFYWATRSGVTVSMADVLVPPRKKEILDHYEERADKVEKQFQRGALNHDERNEALVEIWKEATDEVGQALREHYPDDNP
IITIVDSGATGNFTQTRTLAGMKGLVTNPKGEFIPRPVKSSFREGLTVLEYFINTHGARKGLADTALRTADSGYLTRRLV
DVSQDVIVREHDCQTERGIVVELAERAPDGTLIRDPYIETSAYARTLGTDAVDEAGNVIVERGQDLGDPEIDALLAAGIT
QVKVRSVLTCATSTGVCATCYGRSMATGKLVDIGEAVGIVAAQSIGEPGTQLTMRTFHQGGVGEDITGGLPRVQELFEAR
VPRGKAPIADVTGRVRLEDGERFYKITIVPDDGGEEVVYDKISKRQRLRVFKHEDGSERVLSDGDHVEVGQQLMEGSADP
HEVLRVQGPREVQIHLVREVQEVYRAQGVSIHDKHIEVIVRQMLRRVTIIDSGSTEFLPGSLIDRAEFEAENRRVVAEGG
EPAAGRPVLMGITKASLATDSWLSAASFQETTRVLTDAAINCRSDKLNGLKENVIIGKLIPAGTGINRYRNIAVQPTEEA
RAAAYTIPSYEDQYYSPDFGAATGAAVPLDDYGYSDYR
;
D
4 'polypeptide(L)'
;VSISQSDASLAAVPAVDQFDPSSGASGGYDTPLGITNPPIDELLDRVSSKYALVIYAAKRARQINDYYNQLGEGILEYVG
PLVEPGLQEKPLSIALREIHADLLEHTEGE
;
E
5 'polypeptide(L)'
;MSEAPKKRWYVVQAFSGFEGRVATSLREHIKLHNMEDLFGEVMVPTEEVVEIRGGQRRKSERKFFPGYVLVQMVMNDASW
HLVRSVPRVMGFIGGTSDRPAPISDKEVDAIMNRLQQVGDKPRPKTLFEPGEMVRVNDGPFADFNGVVEEVDYEKSRLKV
SVSIFGRATPVELDFSQVEKA
;
N
6 'polydeoxyribonucleotide'
;(DC)(DG)(DT)(DC)(DA)(DG)(DA)(DA)(DA)(DG)(DA)(DA)(DA)(DA)(DC)(DC)(DC)(DT)(DT)(DT)
(DA)(DT)(DT)(DT)(DG)(DT)(DT)(DA)(DT)(DA)(DT)(DA)(DG)(DT)(DA)(DT)(DT)(DT)(DT)(DA)
(DT)(DC)(DC)(DT)(DC)(DT)(DC)(DA)(DT)(DG)(DC)(DC)(DG)(DG)
;
O
7 'polydeoxyribonucleotide'
;(DC)(DC)(DG)(DG)(DC)(DA)(DT)(DG)(DA)(DG)(DA)(DG)(DG)(DA)(DT)(DA)(DA)(DA)(DA)(DT)
(DA)(DC)(DT)(DA)(DT)(DA)(DT)(DC)(DC)(DT)(DG)(DG)(DT)(DT)(DA)(DA)(DA)(DG)(DG)(DG)
(DT)(DT)(DT)(DT)(DC)(DT)(DT)(DT)(DC)(DT)(DG)(DA)(DC)(DG)
;
P
8 'polyribonucleotide' AUUCUACCCAAAAGAAGUCUUUCUUUUGGGUUUAACCAGGAU R
#
# COMPACT_ATOMS: atom_id res chain seq x y z
N MET A 1 -31.16 -37.17 51.85
CA MET A 1 -30.52 -35.83 52.02
C MET A 1 -31.32 -34.75 51.32
N LEU A 2 -32.47 -35.14 50.75
CA LEU A 2 -33.34 -34.18 50.07
C LEU A 2 -33.75 -33.06 51.01
N ILE A 3 -33.41 -31.82 50.65
CA ILE A 3 -33.80 -30.67 51.44
C ILE A 3 -35.33 -30.62 51.48
N SER A 4 -35.88 -30.20 52.62
CA SER A 4 -37.32 -30.22 52.84
C SER A 4 -37.96 -28.84 52.67
N GLN A 5 -37.26 -27.91 52.04
CA GLN A 5 -37.72 -26.55 51.88
C GLN A 5 -37.90 -26.22 50.40
N ARG A 6 -38.85 -25.31 50.14
CA ARG A 6 -39.09 -24.82 48.79
C ARG A 6 -38.65 -23.35 48.74
N PRO A 7 -37.99 -22.90 47.67
CA PRO A 7 -37.45 -21.53 47.66
C PRO A 7 -38.49 -20.47 47.96
N THR A 8 -38.08 -19.41 48.64
CA THR A 8 -38.95 -18.29 48.96
C THR A 8 -38.25 -16.99 48.60
N LEU A 9 -39.06 -15.98 48.28
CA LEU A 9 -38.59 -14.69 47.80
C LEU A 9 -39.15 -13.59 48.70
N SER A 10 -38.29 -12.63 49.07
CA SER A 10 -38.69 -11.50 49.89
C SER A 10 -38.09 -10.23 49.32
N GLU A 11 -38.72 -9.09 49.62
CA GLU A 11 -38.33 -7.80 49.05
C GLU A 11 -37.90 -6.85 50.15
N ASP A 12 -36.89 -6.03 49.85
CA ASP A 12 -36.49 -4.92 50.69
C ASP A 12 -36.41 -3.66 49.83
N VAL A 13 -37.01 -2.57 50.31
CA VAL A 13 -37.13 -1.33 49.55
C VAL A 13 -36.07 -0.37 50.07
N LEU A 14 -35.02 -0.16 49.26
CA LEU A 14 -34.01 0.83 49.62
C LEU A 14 -34.49 2.25 49.35
N THR A 15 -35.25 2.44 48.28
CA THR A 15 -35.83 3.75 47.97
C THR A 15 -36.96 3.54 46.97
N ASP A 16 -37.45 4.63 46.39
CA ASP A 16 -38.58 4.54 45.47
C ASP A 16 -38.22 3.76 44.22
N ASN A 17 -37.03 4.00 43.67
CA ASN A 17 -36.64 3.45 42.39
C ASN A 17 -35.54 2.39 42.48
N ARG A 18 -35.37 1.77 43.65
CA ARG A 18 -34.39 0.70 43.81
C ARG A 18 -34.92 -0.30 44.81
N SER A 19 -34.50 -1.56 44.66
CA SER A 19 -34.94 -2.59 45.60
C SER A 19 -33.96 -3.76 45.56
N GLN A 20 -34.02 -4.58 46.61
CA GLN A 20 -33.24 -5.80 46.72
C GLN A 20 -34.15 -6.97 47.03
N PHE A 21 -34.16 -7.97 46.17
CA PHE A 21 -34.94 -9.18 46.36
C PHE A 21 -34.01 -10.30 46.80
N VAL A 22 -34.41 -11.03 47.84
CA VAL A 22 -33.63 -12.14 48.38
C VAL A 22 -34.40 -13.42 48.12
N ILE A 23 -33.75 -14.37 47.46
CA ILE A 23 -34.32 -15.67 47.12
C ILE A 23 -33.47 -16.73 47.79
N GLU A 24 -34.11 -17.56 48.62
CA GLU A 24 -33.38 -18.62 49.30
C GLU A 24 -34.38 -19.65 49.81
N PRO A 25 -33.94 -20.91 50.03
CA PRO A 25 -32.61 -21.47 49.79
C PRO A 25 -32.50 -22.22 48.47
N LEU A 26 -31.54 -21.86 47.62
CA LEU A 26 -31.35 -22.53 46.35
C LEU A 26 -30.32 -23.65 46.48
N GLU A 27 -30.29 -24.52 45.47
CA GLU A 27 -29.33 -25.61 45.46
C GLU A 27 -27.92 -25.08 45.18
N PRO A 28 -26.88 -25.79 45.61
CA PRO A 28 -25.52 -25.29 45.44
C PRO A 28 -25.11 -25.21 43.97
N GLY A 29 -24.68 -24.04 43.54
CA GLY A 29 -24.32 -23.79 42.15
C GLY A 29 -25.43 -23.19 41.32
N PHE A 30 -26.66 -23.14 41.84
CA PHE A 30 -27.80 -22.64 41.11
C PHE A 30 -28.18 -21.21 41.50
N GLY A 31 -27.23 -20.45 42.06
CA GLY A 31 -27.51 -19.07 42.39
C GLY A 31 -27.09 -18.12 41.29
N TYR A 32 -25.84 -18.24 40.85
CA TYR A 32 -25.34 -17.37 39.80
C TYR A 32 -26.16 -17.51 38.54
N THR A 33 -26.51 -18.74 38.15
CA THR A 33 -27.25 -18.95 36.91
C THR A 33 -28.62 -18.29 36.97
N LEU A 34 -29.35 -18.49 38.06
CA LEU A 34 -30.68 -17.90 38.18
C LEU A 34 -30.58 -16.38 38.18
N GLY A 35 -29.62 -15.83 38.93
CA GLY A 35 -29.44 -14.39 38.92
C GLY A 35 -29.17 -13.85 37.53
N ASN A 36 -28.29 -14.53 36.78
CA ASN A 36 -27.95 -14.06 35.44
C ASN A 36 -29.16 -14.16 34.52
N SER A 37 -29.97 -15.20 34.65
CA SER A 37 -31.16 -15.32 33.81
C SER A 37 -32.13 -14.18 34.07
N LEU A 38 -32.38 -13.88 35.35
CA LEU A 38 -33.27 -12.77 35.66
C LEU A 38 -32.69 -11.46 35.15
N ARG A 39 -31.37 -11.26 35.30
CA ARG A 39 -30.77 -10.03 34.79
C ARG A 39 -30.93 -9.91 33.29
N ARG A 40 -30.68 -10.99 32.56
CA ARG A 40 -30.81 -10.94 31.10
C ARG A 40 -32.24 -10.60 30.71
N THR A 41 -33.23 -11.22 31.35
CA THR A 41 -34.61 -10.91 30.98
C THR A 41 -34.98 -9.48 31.35
N LEU A 42 -34.43 -8.96 32.45
CA LEU A 42 -34.81 -7.61 32.89
C LEU A 42 -34.31 -6.55 31.93
N LEU A 43 -33.10 -6.70 31.39
CA LEU A 43 -32.45 -5.62 30.67
C LEU A 43 -32.77 -5.58 29.18
N SER A 44 -33.62 -6.46 28.67
CA SER A 44 -33.84 -6.49 27.23
C SER A 44 -35.29 -6.68 26.83
N SER A 45 -36.14 -7.18 27.73
CA SER A 45 -37.48 -7.63 27.36
C SER A 45 -38.53 -7.14 28.36
N ILE A 46 -38.48 -5.85 28.70
CA ILE A 46 -39.51 -5.22 29.51
C ILE A 46 -40.20 -4.18 28.65
N PRO A 47 -41.52 -4.22 28.49
CA PRO A 47 -42.20 -3.22 27.67
C PRO A 47 -42.36 -1.90 28.39
N GLY A 48 -42.25 -0.82 27.64
CA GLY A 48 -42.36 0.52 28.17
C GLY A 48 -42.92 1.46 27.12
N ALA A 49 -42.72 2.76 27.34
CA ALA A 49 -43.22 3.77 26.42
C ALA A 49 -42.12 4.80 26.18
N ALA A 50 -42.18 5.44 25.02
CA ALA A 50 -41.16 6.41 24.66
C ALA A 50 -41.67 7.30 23.54
N VAL A 51 -40.94 8.40 23.31
CA VAL A 51 -41.27 9.32 22.23
C VAL A 51 -40.76 8.73 20.92
N THR A 52 -41.60 8.80 19.88
CA THR A 52 -41.24 8.26 18.58
C THR A 52 -40.86 9.31 17.55
N SER A 53 -41.61 10.40 17.46
CA SER A 53 -41.32 11.45 16.49
C SER A 53 -41.80 12.78 17.06
N ILE A 54 -41.18 13.86 16.58
CA ILE A 54 -41.50 15.20 17.03
C ILE A 54 -41.69 16.10 15.81
N ARG A 55 -42.48 17.16 15.99
CA ARG A 55 -42.70 18.16 14.96
C ARG A 55 -42.57 19.53 15.62
N ILE A 56 -41.65 20.35 15.11
CA ILE A 56 -41.45 21.71 15.61
C ILE A 56 -41.87 22.69 14.53
N ASP A 57 -42.23 23.90 14.96
CA ASP A 57 -42.90 24.86 14.07
C ASP A 57 -42.09 25.18 12.82
N GLY A 58 -40.98 25.90 12.98
CA GLY A 58 -40.25 26.41 11.83
C GLY A 58 -39.08 25.56 11.38
N VAL A 59 -39.26 24.25 11.29
CA VAL A 59 -38.15 23.38 10.88
C VAL A 59 -38.65 22.30 9.94
N LEU A 60 -38.25 22.38 8.67
CA LEU A 60 -38.58 21.34 7.71
C LEU A 60 -37.76 20.09 7.98
N HIS A 61 -36.43 20.23 7.97
CA HIS A 61 -35.53 19.13 8.27
C HIS A 61 -35.03 19.26 9.69
N GLU A 62 -34.09 18.40 10.10
CA GLU A 62 -33.66 18.40 11.50
C GLU A 62 -32.23 18.92 11.68
N PHE A 63 -31.68 19.61 10.70
CA PHE A 63 -30.34 20.19 10.78
C PHE A 63 -30.40 21.70 10.71
N THR A 64 -31.41 22.29 11.36
CA THR A 64 -31.62 23.73 11.27
C THR A 64 -31.56 24.39 12.65
N THR A 65 -31.90 25.67 12.71
CA THR A 65 -31.79 26.44 13.97
C THR A 65 -33.09 27.21 14.15
N VAL A 66 -33.87 26.83 15.16
CA VAL A 66 -35.10 27.53 15.49
C VAL A 66 -34.72 28.93 15.97
N PRO A 67 -35.45 29.99 15.59
CA PRO A 67 -35.02 31.34 15.97
C PRO A 67 -35.34 31.70 17.41
N GLY A 68 -34.31 31.93 18.22
CA GLY A 68 -34.49 32.33 19.60
C GLY A 68 -34.11 31.29 20.63
N VAL A 69 -33.62 30.13 20.23
CA VAL A 69 -33.18 29.08 21.16
C VAL A 69 -31.66 29.02 21.14
N LYS A 70 -31.05 28.92 22.31
CA LYS A 70 -29.59 28.90 22.39
C LYS A 70 -29.04 27.67 21.67
N GLU A 71 -29.69 26.52 21.84
CA GLU A 71 -29.21 25.30 21.20
C GLU A 71 -29.78 25.18 19.79
N ASP A 72 -29.25 24.20 19.06
CA ASP A 72 -29.75 23.89 17.72
C ASP A 72 -31.02 23.04 17.85
N VAL A 73 -31.50 22.50 16.74
CA VAL A 73 -32.61 21.56 16.78
C VAL A 73 -32.14 20.14 17.04
N THR A 74 -30.93 19.76 16.61
CA THR A 74 -30.40 18.45 16.96
C THR A 74 -30.18 18.33 18.45
N GLU A 75 -29.70 19.41 19.09
CA GLU A 75 -29.51 19.39 20.53
C GLU A 75 -30.82 19.22 21.26
N ILE A 76 -31.88 19.83 20.76
CA ILE A 76 -33.20 19.70 21.38
C ILE A 76 -33.63 18.24 21.27
N ILE A 77 -33.34 17.60 20.15
CA ILE A 77 -33.66 16.18 19.99
C ILE A 77 -32.88 15.33 20.99
N LEU A 78 -31.58 15.60 21.15
CA LEU A 78 -30.80 14.83 22.10
C LEU A 78 -31.31 15.03 23.52
N ASN A 79 -31.67 16.26 23.88
CA ASN A 79 -32.19 16.54 25.22
C ASN A 79 -33.59 15.98 25.44
N LEU A 80 -34.38 15.79 24.38
CA LEU A 80 -35.70 15.21 24.50
C LEU A 80 -35.67 13.69 24.52
N LYS A 81 -34.49 13.10 24.35
CA LYS A 81 -34.35 11.64 24.38
C LYS A 81 -34.15 11.10 25.78
N SER A 82 -34.01 11.97 26.79
CA SER A 82 -33.83 11.54 28.17
C SER A 82 -35.13 11.59 28.96
N LEU A 83 -36.25 11.86 28.30
CA LEU A 83 -37.53 11.91 28.99
C LEU A 83 -37.89 10.52 29.52
N VAL A 84 -38.75 10.51 30.53
CA VAL A 84 -39.24 9.26 31.12
C VAL A 84 -40.76 9.28 31.10
N VAL A 85 -41.35 8.79 30.02
CA VAL A 85 -42.80 8.79 29.84
C VAL A 85 -43.36 7.43 30.21
N SER A 86 -44.63 7.40 30.62
CA SER A 86 -45.30 6.14 30.92
C SER A 86 -46.73 6.16 30.41
N SER A 87 -46.94 5.66 29.21
CA SER A 87 -48.26 5.69 28.59
C SER A 87 -49.05 4.45 28.95
N GLU A 88 -50.37 4.53 28.75
CA GLU A 88 -51.26 3.40 28.95
C GLU A 88 -52.02 3.00 27.70
N GLU A 89 -51.89 3.74 26.61
CA GLU A 89 -52.64 3.48 25.39
C GLU A 89 -51.77 2.71 24.40
N ASP A 90 -52.41 1.85 23.62
CA ASP A 90 -51.74 0.98 22.67
C ASP A 90 -51.71 1.56 21.27
N GLU A 91 -52.11 2.82 21.11
CA GLU A 91 -52.09 3.49 19.81
C GLU A 91 -51.39 4.83 20.00
N PRO A 92 -50.81 5.41 18.95
CA PRO A 92 -50.12 6.69 19.10
C PRO A 92 -50.97 7.73 19.80
N VAL A 93 -50.34 8.50 20.69
CA VAL A 93 -50.99 9.63 21.35
C VAL A 93 -50.24 10.89 20.93
N THR A 94 -50.68 12.05 21.42
CA THR A 94 -50.03 13.30 21.05
C THR A 94 -49.88 14.17 22.28
N MET A 95 -48.79 14.93 22.34
CA MET A 95 -48.52 15.86 23.42
C MET A 95 -48.03 17.17 22.82
N TYR A 96 -48.30 18.28 23.53
CA TYR A 96 -47.96 19.60 23.04
C TYR A 96 -47.16 20.35 24.09
N LEU A 97 -46.07 20.98 23.68
CA LEU A 97 -45.29 21.88 24.52
C LEU A 97 -45.29 23.26 23.88
N ARG A 98 -45.70 24.27 24.64
CA ARG A 98 -45.86 25.62 24.15
C ARG A 98 -45.17 26.60 25.09
N LYS A 99 -44.34 27.48 24.54
CA LYS A 99 -43.70 28.52 25.33
C LYS A 99 -43.52 29.75 24.46
N GLN A 100 -43.49 30.92 25.11
CA GLN A 100 -43.19 32.17 24.42
C GLN A 100 -42.68 33.16 25.45
N GLY A 101 -41.45 33.63 25.28
CA GLY A 101 -40.90 34.67 26.13
C GLY A 101 -39.58 34.28 26.75
N PRO A 102 -38.91 35.24 27.38
CA PRO A 102 -37.62 34.96 28.03
C PRO A 102 -37.77 33.90 29.11
N GLY A 103 -36.78 33.03 29.21
CA GLY A 103 -36.72 32.06 30.28
C GLY A 103 -36.37 30.68 29.76
N GLU A 104 -36.39 29.73 30.69
CA GLU A 104 -36.06 28.36 30.36
C GLU A 104 -37.32 27.63 29.87
N VAL A 105 -37.11 26.48 29.23
CA VAL A 105 -38.17 25.61 28.77
C VAL A 105 -37.82 24.21 29.21
N THR A 106 -38.59 23.69 30.16
CA THR A 106 -38.34 22.37 30.73
C THR A 106 -39.41 21.39 30.29
N ALA A 107 -39.15 20.10 30.54
CA ALA A 107 -40.12 19.06 30.25
C ALA A 107 -41.42 19.30 31.03
N GLY A 108 -41.29 19.91 32.20
CA GLY A 108 -42.46 20.15 33.03
C GLY A 108 -43.55 20.93 32.32
N ASP A 109 -43.16 21.82 31.41
CA ASP A 109 -44.14 22.61 30.68
C ASP A 109 -45.01 21.73 29.78
N ILE A 110 -44.48 20.56 29.39
CA ILE A 110 -45.21 19.66 28.50
C ILE A 110 -46.58 19.37 29.10
N VAL A 111 -47.61 19.46 28.26
CA VAL A 111 -48.98 19.22 28.69
C VAL A 111 -49.42 17.85 28.19
N PRO A 112 -49.48 16.83 29.04
CA PRO A 112 -49.83 15.49 28.58
C PRO A 112 -51.34 15.32 28.55
N PRO A 113 -51.87 14.57 27.58
CA PRO A 113 -53.29 14.22 27.62
C PRO A 113 -53.57 13.22 28.72
N ALA A 114 -54.84 12.81 28.81
CA ALA A 114 -55.19 11.75 29.74
C ALA A 114 -54.40 10.49 29.40
N GLY A 115 -53.89 9.82 30.43
CA GLY A 115 -53.00 8.70 30.22
C GLY A 115 -51.55 9.06 30.48
N VAL A 116 -50.79 9.28 29.41
CA VAL A 116 -49.36 9.53 29.56
C VAL A 116 -49.11 10.60 30.62
N THR A 117 -47.98 10.46 31.32
CA THR A 117 -47.63 11.40 32.38
C THR A 117 -46.11 11.51 32.51
N VAL A 118 -45.56 12.65 32.11
CA VAL A 118 -44.13 12.88 32.24
C VAL A 118 -43.76 12.76 33.71
N HIS A 119 -42.73 11.96 34.01
CA HIS A 119 -42.42 11.60 35.38
C HIS A 119 -41.24 12.35 35.98
N ASN A 120 -40.51 13.12 35.19
CA ASN A 120 -39.37 13.87 35.74
C ASN A 120 -39.41 15.32 35.30
N PRO A 121 -40.43 16.09 35.69
CA PRO A 121 -40.47 17.51 35.28
C PRO A 121 -39.25 18.28 35.74
N GLY A 122 -38.56 18.93 34.81
CA GLY A 122 -37.54 19.88 35.17
C GLY A 122 -36.17 19.64 34.57
N MET A 123 -36.05 18.67 33.67
CA MET A 123 -34.71 18.26 33.28
C MET A 123 -33.93 19.38 32.58
N HIS A 124 -34.15 19.56 31.27
CA HIS A 124 -33.79 20.78 30.54
C HIS A 124 -34.19 20.57 29.09
N ILE A 125 -34.97 21.47 28.48
CA ILE A 125 -35.24 21.33 27.05
C ILE A 125 -34.51 22.39 26.25
N ALA A 126 -34.73 23.68 26.56
CA ALA A 126 -34.01 24.72 25.83
C ALA A 126 -34.29 26.07 26.45
N THR A 127 -33.41 27.04 26.17
CA THR A 127 -33.53 28.38 26.70
C THR A 127 -33.97 29.35 25.61
N LEU A 128 -34.88 30.26 25.97
CA LEU A 128 -35.43 31.25 25.03
C LEU A 128 -35.04 32.63 25.52
N ASN A 129 -34.42 33.43 24.65
CA ASN A 129 -33.91 34.72 25.10
C ASN A 129 -34.97 35.81 25.11
N ASP A 130 -35.39 36.30 23.93
CA ASP A 130 -36.44 37.32 23.90
C ASP A 130 -37.47 37.09 22.81
N LYS A 131 -37.01 36.65 21.62
CA LYS A 131 -37.84 36.63 20.42
C LYS A 131 -38.09 35.22 19.90
N GLY A 132 -37.93 34.21 20.74
CA GLY A 132 -38.10 32.83 20.32
C GLY A 132 -39.43 32.29 20.82
N LYS A 133 -40.02 31.43 20.00
CA LYS A 133 -41.24 30.71 20.37
C LYS A 133 -41.03 29.24 20.06
N LEU A 134 -41.42 28.37 20.99
CA LEU A 134 -41.30 26.93 20.81
C LEU A 134 -42.69 26.33 20.96
N GLU A 135 -43.18 25.76 19.87
CA GLU A 135 -44.48 25.09 19.81
C GLU A 135 -44.22 23.72 19.19
N VAL A 136 -44.01 22.72 20.03
CA VAL A 136 -43.56 21.41 19.56
C VAL A 136 -44.62 20.37 19.90
N GLU A 137 -44.71 19.35 19.04
CA GLU A 137 -45.68 18.28 19.13
C GLU A 137 -44.95 16.96 19.20
N LEU A 138 -45.26 16.15 20.21
CA LEU A 138 -44.60 14.87 20.45
C LEU A 138 -45.60 13.72 20.29
N VAL A 139 -45.07 12.54 20.00
CA VAL A 139 -45.89 11.36 19.74
C VAL A 139 -45.39 10.21 20.60
N VAL A 140 -46.05 9.96 21.73
CA VAL A 140 -45.64 8.88 22.62
C VAL A 140 -46.23 7.57 22.15
N GLU A 141 -45.49 6.48 22.35
CA GLU A 141 -45.92 5.17 21.87
C GLU A 141 -45.27 4.09 22.70
N ARG A 142 -45.95 2.95 22.81
CA ARG A 142 -45.44 1.82 23.56
C ARG A 142 -44.48 1.00 22.70
N GLY A 143 -43.71 0.13 23.36
CA GLY A 143 -42.76 -0.70 22.64
C GLY A 143 -41.90 -1.50 23.60
N ARG A 144 -40.90 -2.16 23.01
CA ARG A 144 -39.97 -3.00 23.78
C ARG A 144 -38.55 -2.91 23.23
N GLY A 145 -37.57 -2.89 24.12
CA GLY A 145 -36.17 -3.01 23.72
C GLY A 145 -35.65 -1.73 23.05
N TYR A 146 -35.34 -1.83 21.76
CA TYR A 146 -34.78 -0.73 21.00
C TYR A 146 -35.38 -0.73 19.61
N VAL A 147 -35.49 0.44 19.01
CA VAL A 147 -36.06 0.57 17.67
C VAL A 147 -35.40 1.73 16.94
N PRO A 148 -34.56 1.50 15.94
CA PRO A 148 -33.93 2.62 15.24
C PRO A 148 -34.97 3.54 14.61
N ALA A 149 -34.52 4.66 14.06
CA ALA A 149 -35.43 5.65 13.50
C ALA A 149 -36.38 5.02 12.49
N VAL A 150 -37.67 5.23 12.70
CA VAL A 150 -38.71 4.74 11.78
C VAL A 150 -38.68 5.65 10.55
N GLN A 151 -38.04 5.19 9.48
CA GLN A 151 -37.79 6.03 8.31
C GLN A 151 -39.05 6.78 7.91
N ASN A 152 -38.87 8.05 7.51
CA ASN A 152 -40.02 8.88 7.19
C ASN A 152 -40.72 8.42 5.91
N ARG A 153 -39.94 8.06 4.89
CA ARG A 153 -40.55 7.63 3.63
C ARG A 153 -41.26 6.29 3.79
N ALA A 154 -40.60 5.32 4.42
CA ALA A 154 -41.15 3.98 4.53
C ALA A 154 -42.53 4.01 5.16
N SER A 155 -42.65 4.68 6.30
CA SER A 155 -43.95 4.89 6.95
C SER A 155 -44.49 6.24 6.52
N GLY A 156 -45.58 6.23 5.75
CA GLY A 156 -46.13 7.44 5.18
C GLY A 156 -46.12 8.61 6.14
N ALA A 157 -45.57 9.74 5.70
CA ALA A 157 -45.40 10.87 6.60
C ALA A 157 -45.24 12.14 5.77
N GLU A 158 -45.36 13.27 6.46
CA GLU A 158 -45.26 14.59 5.83
C GLU A 158 -43.80 14.99 5.68
N ILE A 159 -43.55 16.25 5.33
CA ILE A 159 -42.19 16.76 5.21
C ILE A 159 -41.67 17.36 6.51
N GLY A 160 -42.54 17.84 7.39
CA GLY A 160 -42.10 18.45 8.63
C GLY A 160 -41.94 17.47 9.78
N ARG A 161 -42.02 16.17 9.48
CA ARG A 161 -41.94 15.14 10.49
C ARG A 161 -40.49 14.76 10.73
N ILE A 162 -40.12 14.66 12.00
CA ILE A 162 -38.76 14.28 12.40
C ILE A 162 -38.80 12.97 13.17
N PRO A 163 -38.46 11.83 12.57
CA PRO A 163 -38.39 10.60 13.33
C PRO A 163 -37.30 10.67 14.39
N VAL A 164 -37.54 10.01 15.52
CA VAL A 164 -36.60 9.98 16.64
C VAL A 164 -36.48 8.55 17.13
N ASP A 165 -35.26 8.14 17.48
CA ASP A 165 -35.05 6.81 18.02
C ASP A 165 -35.81 6.62 19.32
N SER A 166 -36.29 5.41 19.54
CA SER A 166 -37.10 5.08 20.71
C SER A 166 -36.34 4.09 21.58
N ILE A 167 -36.48 4.25 22.90
CA ILE A 167 -35.85 3.36 23.87
C ILE A 167 -36.90 3.05 24.92
N TYR A 168 -37.62 1.93 24.74
CA TYR A 168 -38.69 1.55 25.66
C TYR A 168 -38.16 0.63 26.76
N SER A 169 -37.19 1.12 27.52
CA SER A 169 -36.54 0.33 28.55
C SER A 169 -36.70 0.99 29.92
N PRO A 170 -37.52 0.45 30.82
CA PRO A 170 -37.65 1.07 32.14
C PRO A 170 -36.55 0.70 33.11
N VAL A 171 -35.90 -0.46 32.91
CA VAL A 171 -34.90 -0.93 33.85
C VAL A 171 -33.57 -0.23 33.59
N LEU A 172 -32.98 0.32 34.65
CA LEU A 172 -31.78 1.14 34.56
C LEU A 172 -30.51 0.41 34.93
N LYS A 173 -30.53 -0.41 35.98
CA LYS A 173 -29.32 -1.08 36.42
C LYS A 173 -29.69 -2.28 37.29
N VAL A 174 -29.07 -3.42 37.00
CA VAL A 174 -29.35 -4.67 37.70
C VAL A 174 -28.05 -5.33 38.08
N THR A 175 -28.02 -5.96 39.25
CA THR A 175 -26.85 -6.72 39.68
C THR A 175 -27.28 -7.78 40.68
N TYR A 176 -26.33 -8.59 41.11
CA TYR A 176 -26.65 -9.63 42.07
C TYR A 176 -25.39 -10.13 42.76
N LYS A 177 -25.59 -10.79 43.89
CA LYS A 177 -24.52 -11.48 44.59
C LYS A 177 -25.08 -12.74 45.24
N VAL A 178 -24.19 -13.64 45.63
CA VAL A 178 -24.57 -14.93 46.20
C VAL A 178 -23.78 -15.16 47.48
N ASP A 179 -24.47 -15.60 48.52
CA ASP A 179 -23.87 -15.88 49.83
C ASP A 179 -23.82 -17.40 50.02
N ALA A 180 -22.79 -18.03 49.47
CA ALA A 180 -22.65 -19.48 49.53
C ALA A 180 -22.25 -19.90 50.94
N THR A 181 -22.83 -21.00 51.41
CA THR A 181 -22.51 -21.59 52.71
C THR A 181 -22.05 -23.02 52.47
N ARG A 182 -20.74 -23.24 52.51
CA ARG A 182 -20.11 -24.54 52.28
C ARG A 182 -19.69 -25.09 53.64
N VAL A 183 -20.59 -25.83 54.29
CA VAL A 183 -20.33 -26.41 55.59
C VAL A 183 -19.62 -27.74 55.41
N GLU A 184 -19.01 -28.26 56.49
CA GLU A 184 -18.25 -29.51 56.40
C GLU A 184 -19.15 -30.73 56.25
N GLN A 185 -20.43 -30.64 56.62
CA GLN A 185 -21.31 -31.80 56.60
C GLN A 185 -22.03 -31.97 55.26
N ARG A 186 -21.80 -31.08 54.30
CA ARG A 186 -22.33 -31.22 52.93
C ARG A 186 -23.83 -30.98 52.87
N THR A 187 -24.36 -30.15 53.76
CA THR A 187 -25.74 -29.69 53.71
C THR A 187 -25.67 -28.22 53.28
N ASP A 188 -25.74 -28.00 51.97
CA ASP A 188 -25.35 -26.76 51.32
C ASP A 188 -26.56 -26.06 50.70
N PHE A 189 -26.36 -24.79 50.35
CA PHE A 189 -27.37 -23.97 49.69
C PHE A 189 -26.75 -22.64 49.35
N ASP A 190 -27.40 -21.92 48.44
CA ASP A 190 -27.03 -20.55 48.12
C ASP A 190 -28.12 -19.60 48.62
N LYS A 191 -27.91 -18.32 48.36
CA LYS A 191 -28.86 -17.29 48.77
C LYS A 191 -28.67 -16.10 47.84
N LEU A 192 -29.54 -15.96 46.86
CA LEU A 192 -29.37 -14.94 45.83
C LEU A 192 -29.91 -13.60 46.31
N ILE A 193 -29.10 -12.56 46.19
CA ILE A 193 -29.49 -11.21 46.53
C ILE A 193 -29.39 -10.40 45.23
N LEU A 194 -30.53 -10.03 44.66
CA LEU A 194 -30.60 -9.37 43.36
C LEU A 194 -31.10 -7.95 43.54
N ASP A 195 -30.31 -6.98 43.03
CA ASP A 195 -30.59 -5.57 43.19
C ASP A 195 -31.07 -5.00 41.86
N VAL A 196 -32.23 -4.33 41.89
CA VAL A 196 -32.88 -3.79 40.71
C VAL A 196 -33.02 -2.29 40.89
N GLU A 197 -32.87 -1.53 39.80
CA GLU A 197 -33.01 -0.08 39.82
C GLU A 197 -33.60 0.38 38.50
N THR A 198 -34.82 0.93 38.55
CA THR A 198 -35.55 1.38 37.37
C THR A 198 -35.60 2.90 37.33
N LYS A 199 -35.92 3.44 36.16
CA LYS A 199 -35.88 4.89 35.95
C LYS A 199 -37.22 5.55 36.23
N ASN A 200 -37.80 5.25 37.39
CA ASN A 200 -38.98 5.94 37.90
C ASN A 200 -40.20 5.78 37.00
N SER A 201 -40.11 4.98 35.95
CA SER A 201 -41.28 4.71 35.10
C SER A 201 -42.17 3.63 35.69
N ILE A 202 -41.56 2.57 36.23
CA ILE A 202 -42.29 1.49 36.88
C ILE A 202 -41.49 1.03 38.08
N SER A 203 -42.20 0.70 39.15
CA SER A 203 -41.55 0.20 40.36
C SER A 203 -40.88 -1.14 40.07
N PRO A 204 -39.79 -1.44 40.78
CA PRO A 204 -39.03 -2.66 40.44
C PRO A 204 -39.85 -3.93 40.55
N ARG A 205 -40.83 -3.98 41.45
CA ARG A 205 -41.66 -5.17 41.57
C ARG A 205 -42.30 -5.53 40.24
N ASP A 206 -42.80 -4.53 39.52
CA ASP A 206 -43.41 -4.80 38.22
C ASP A 206 -42.41 -5.31 37.20
N ALA A 207 -41.20 -4.75 37.16
CA ALA A 207 -40.20 -5.26 36.23
C ALA A 207 -39.88 -6.72 36.52
N LEU A 208 -39.70 -7.06 37.79
CA LEU A 208 -39.45 -8.45 38.15
C LEU A 208 -40.63 -9.33 37.76
N ALA A 209 -41.85 -8.84 37.95
CA ALA A 209 -43.02 -9.64 37.60
C ALA A 209 -43.06 -9.91 36.10
N SER A 210 -42.78 -8.90 35.28
CA SER A 210 -42.79 -9.11 33.83
C SER A 210 -41.72 -10.11 33.42
N ALA A 211 -40.52 -10.00 33.99
CA ALA A 211 -39.49 -10.97 33.67
C ALA A 211 -39.92 -12.37 34.06
N GLY A 212 -40.54 -12.50 35.24
CA GLY A 212 -41.03 -13.79 35.68
C GLY A 212 -42.04 -14.37 34.70
N LYS A 213 -42.98 -13.55 34.23
CA LYS A 213 -43.98 -14.05 33.31
C LYS A 213 -43.35 -14.54 32.01
N THR A 214 -42.43 -13.77 31.45
CA THR A 214 -41.80 -14.18 30.20
C THR A 214 -41.05 -15.51 30.37
N LEU A 215 -40.26 -15.61 31.44
CA LEU A 215 -39.50 -16.84 31.65
C LEU A 215 -40.42 -18.02 31.91
N VAL A 216 -41.52 -17.79 32.63
CA VAL A 216 -42.50 -18.86 32.84
C VAL A 216 -43.04 -19.35 31.51
N GLU A 217 -43.37 -18.42 30.61
CA GLU A 217 -43.88 -18.83 29.31
C GLU A 217 -42.87 -19.72 28.58
N LEU A 218 -41.62 -19.28 28.51
CA LEU A 218 -40.64 -20.08 27.76
C LEU A 218 -40.42 -21.45 28.40
N PHE A 219 -40.20 -21.49 29.71
CA PHE A 219 -39.96 -22.79 30.32
C PHE A 219 -41.21 -23.66 30.39
N GLY A 220 -42.39 -23.08 30.23
CA GLY A 220 -43.60 -23.87 30.06
C GLY A 220 -43.66 -24.47 28.68
N LEU A 221 -43.15 -23.74 27.68
CA LEU A 221 -42.92 -24.35 26.38
C LEU A 221 -42.07 -25.59 26.60
N ALA A 222 -41.00 -25.42 27.36
CA ALA A 222 -40.06 -26.51 27.59
C ALA A 222 -40.73 -27.70 28.27
N ARG A 223 -41.59 -27.42 29.24
CA ARG A 223 -42.21 -28.47 30.06
C ARG A 223 -43.13 -29.40 29.26
N GLU A 224 -43.95 -28.85 28.36
CA GLU A 224 -45.04 -29.60 27.76
C GLU A 224 -44.53 -30.57 26.70
N LEU A 225 -43.59 -31.45 27.10
CA LEU A 225 -43.03 -32.42 26.17
C LEU A 225 -43.90 -33.67 26.08
N ASN A 226 -44.31 -34.21 27.21
CA ASN A 226 -45.14 -35.40 27.24
C ASN A 226 -46.61 -34.99 27.18
N MET B 1 -47.96 -8.01 25.02
CA MET B 1 -47.20 -8.03 23.73
C MET B 1 -47.24 -9.43 23.13
N LEU B 2 -46.75 -9.57 21.90
CA LEU B 2 -46.74 -10.85 21.21
C LEU B 2 -45.33 -11.13 20.70
N ILE B 3 -45.00 -12.41 20.59
CA ILE B 3 -43.65 -12.81 20.22
C ILE B 3 -43.53 -12.95 18.70
N SER B 4 -44.65 -13.23 18.04
CA SER B 4 -44.72 -13.19 16.58
C SER B 4 -44.11 -14.41 15.91
N GLN B 5 -43.45 -15.27 16.68
CA GLN B 5 -42.96 -16.54 16.14
C GLN B 5 -42.76 -17.53 17.28
N ARG B 6 -43.59 -18.57 17.31
CA ARG B 6 -43.52 -19.52 18.40
C ARG B 6 -42.27 -20.39 18.29
N PRO B 7 -41.62 -20.70 19.41
CA PRO B 7 -40.54 -21.68 19.39
C PRO B 7 -41.07 -23.10 19.29
N THR B 8 -40.18 -24.02 18.92
CA THR B 8 -40.52 -25.42 18.74
C THR B 8 -39.50 -26.29 19.44
N LEU B 9 -39.91 -27.51 19.81
CA LEU B 9 -39.04 -28.47 20.47
C LEU B 9 -39.10 -29.78 19.71
N SER B 10 -37.97 -30.22 19.18
CA SER B 10 -37.87 -31.48 18.45
C SER B 10 -36.67 -32.26 18.97
N GLU B 11 -36.77 -33.58 18.92
CA GLU B 11 -35.75 -34.47 19.46
C GLU B 11 -35.22 -35.40 18.38
N ASP B 12 -33.91 -35.65 18.43
CA ASP B 12 -33.22 -36.54 17.50
C ASP B 12 -32.56 -37.64 18.33
N VAL B 13 -33.25 -38.76 18.51
CA VAL B 13 -32.72 -39.84 19.33
C VAL B 13 -31.47 -40.38 18.66
N LEU B 14 -30.39 -40.51 19.44
CA LEU B 14 -29.12 -41.04 18.97
C LEU B 14 -28.87 -42.47 19.43
N THR B 15 -28.95 -42.70 20.74
CA THR B 15 -28.79 -44.03 21.32
C THR B 15 -30.03 -44.37 22.12
N ASP B 16 -30.01 -45.50 22.82
CA ASP B 16 -31.16 -45.90 23.62
C ASP B 16 -31.44 -44.86 24.71
N ASN B 17 -30.39 -44.37 25.37
CA ASN B 17 -30.53 -43.26 26.32
C ASN B 17 -29.48 -42.20 25.97
N ARG B 18 -29.81 -41.37 24.98
CA ARG B 18 -29.05 -40.18 24.66
C ARG B 18 -29.82 -39.41 23.58
N SER B 19 -30.04 -38.12 23.77
CA SER B 19 -30.87 -37.36 22.85
C SER B 19 -30.16 -36.06 22.49
N GLN B 20 -30.76 -35.31 21.57
CA GLN B 20 -30.24 -34.01 21.16
C GLN B 20 -31.42 -33.13 20.80
N PHE B 21 -31.95 -32.39 21.77
CA PHE B 21 -33.11 -31.54 21.57
C PHE B 21 -32.70 -30.25 20.89
N VAL B 22 -33.55 -29.77 19.98
CA VAL B 22 -33.32 -28.53 19.26
C VAL B 22 -34.50 -27.60 19.51
N ILE B 23 -34.21 -26.38 19.95
CA ILE B 23 -35.26 -25.38 20.18
C ILE B 23 -35.07 -24.25 19.17
N GLU B 24 -35.92 -24.22 18.15
CA GLU B 24 -35.76 -23.36 16.99
C GLU B 24 -36.41 -22.00 17.25
N PRO B 25 -36.45 -21.10 16.26
CA PRO B 25 -36.12 -19.68 16.51
C PRO B 25 -36.61 -19.16 17.86
N LEU B 26 -35.66 -18.62 18.63
CA LEU B 26 -35.94 -17.82 19.80
C LEU B 26 -35.55 -16.38 19.49
N GLU B 27 -36.14 -15.44 20.22
CA GLU B 27 -35.83 -14.04 19.99
C GLU B 27 -34.33 -13.82 20.20
N PRO B 28 -33.75 -12.83 19.54
CA PRO B 28 -32.29 -12.78 19.47
C PRO B 28 -31.64 -12.28 20.75
N GLY B 29 -32.06 -12.82 21.88
CA GLY B 29 -31.29 -12.69 23.09
C GLY B 29 -31.45 -13.88 24.02
N PHE B 30 -32.31 -14.82 23.64
CA PHE B 30 -32.71 -15.89 24.55
C PHE B 30 -32.01 -17.20 24.20
N GLY B 31 -31.01 -17.14 23.32
CA GLY B 31 -30.24 -18.34 23.04
C GLY B 31 -29.54 -18.87 24.26
N TYR B 32 -29.02 -17.98 25.11
CA TYR B 32 -28.32 -18.36 26.33
C TYR B 32 -29.18 -18.22 27.58
N THR B 33 -30.20 -17.37 27.56
CA THR B 33 -30.95 -17.10 28.78
C THR B 33 -31.57 -18.36 29.35
N LEU B 34 -32.08 -19.24 28.49
CA LEU B 34 -32.64 -20.51 28.94
C LEU B 34 -31.74 -21.70 28.67
N GLY B 35 -30.63 -21.52 27.97
CA GLY B 35 -29.71 -22.63 27.78
C GLY B 35 -29.01 -23.02 29.07
N ASN B 36 -28.27 -22.09 29.66
CA ASN B 36 -27.49 -22.39 30.85
C ASN B 36 -28.38 -22.78 32.02
N SER B 37 -29.50 -22.08 32.19
CA SER B 37 -30.42 -22.42 33.28
C SER B 37 -30.95 -23.84 33.11
N LEU B 38 -31.34 -24.20 31.89
CA LEU B 38 -31.86 -25.55 31.66
C LEU B 38 -30.77 -26.59 31.88
N ARG B 39 -29.54 -26.31 31.45
CA ARG B 39 -28.44 -27.23 31.70
C ARG B 39 -28.28 -27.48 33.19
N ARG B 40 -28.19 -26.41 33.98
CA ARG B 40 -27.97 -26.58 35.41
C ARG B 40 -29.14 -27.29 36.07
N THR B 41 -30.36 -26.96 35.65
CA THR B 41 -31.53 -27.63 36.22
C THR B 41 -31.50 -29.12 35.92
N LEU B 42 -31.12 -29.49 34.70
CA LEU B 42 -30.99 -30.90 34.37
C LEU B 42 -29.95 -31.58 35.25
N LEU B 43 -28.81 -30.92 35.44
CA LEU B 43 -27.72 -31.57 36.16
C LEU B 43 -27.94 -31.67 37.66
N SER B 44 -28.67 -30.74 38.27
CA SER B 44 -28.66 -30.66 39.73
C SER B 44 -30.03 -30.41 40.34
N SER B 45 -31.10 -30.97 39.75
CA SER B 45 -32.42 -30.82 40.37
C SER B 45 -33.32 -32.04 40.22
N ILE B 46 -32.83 -33.15 39.68
CA ILE B 46 -33.66 -34.34 39.46
C ILE B 46 -33.31 -35.35 40.55
N PRO B 47 -34.25 -35.73 41.41
CA PRO B 47 -33.91 -36.64 42.51
C PRO B 47 -33.45 -38.00 42.01
N GLY B 48 -32.64 -38.66 42.83
CA GLY B 48 -32.15 -39.98 42.51
C GLY B 48 -31.63 -40.66 43.76
N ALA B 49 -30.87 -41.72 43.55
CA ALA B 49 -30.27 -42.48 44.65
C ALA B 49 -28.89 -42.96 44.25
N ALA B 50 -28.06 -43.22 45.25
CA ALA B 50 -26.71 -43.72 45.01
C ALA B 50 -26.16 -44.26 46.33
N VAL B 51 -25.04 -44.96 46.22
CA VAL B 51 -24.40 -45.56 47.39
C VAL B 51 -23.61 -44.48 48.13
N THR B 52 -23.86 -44.34 49.42
CA THR B 52 -23.19 -43.33 50.23
C THR B 52 -21.88 -43.83 50.80
N SER B 53 -21.87 -45.05 51.35
CA SER B 53 -20.66 -45.60 51.93
C SER B 53 -20.79 -47.12 51.99
N ILE B 54 -19.65 -47.78 52.20
CA ILE B 54 -19.58 -49.22 52.27
C ILE B 54 -18.59 -49.61 53.37
N ARG B 55 -18.73 -50.85 53.84
CA ARG B 55 -17.71 -51.46 54.69
C ARG B 55 -17.44 -52.87 54.18
N ILE B 56 -16.17 -53.23 54.13
CA ILE B 56 -15.73 -54.52 53.60
C ILE B 56 -14.97 -55.25 54.70
N ASP B 57 -15.38 -56.47 54.99
CA ASP B 57 -14.75 -57.25 56.05
C ASP B 57 -13.27 -57.47 55.75
N GLY B 58 -12.45 -57.44 56.79
CA GLY B 58 -11.04 -57.71 56.66
C GLY B 58 -10.18 -56.53 56.29
N VAL B 59 -10.77 -55.37 56.02
CA VAL B 59 -10.03 -54.16 55.66
C VAL B 59 -10.39 -53.11 56.70
N LEU B 60 -9.53 -52.93 57.70
CA LEU B 60 -9.73 -51.95 58.76
C LEU B 60 -8.65 -50.87 58.74
N HIS B 61 -7.39 -51.24 58.60
CA HIS B 61 -6.28 -50.30 58.58
C HIS B 61 -5.64 -50.18 57.21
N GLU B 62 -5.23 -51.29 56.61
CA GLU B 62 -4.59 -51.28 55.30
C GLU B 62 -5.66 -51.28 54.22
N PHE B 63 -5.63 -50.26 53.36
CA PHE B 63 -6.59 -50.12 52.26
C PHE B 63 -5.94 -50.38 50.90
N THR B 64 -4.95 -51.27 50.85
CA THR B 64 -4.26 -51.54 49.58
C THR B 64 -4.92 -52.69 48.84
N THR B 65 -5.24 -53.78 49.53
CA THR B 65 -5.80 -54.95 48.89
C THR B 65 -6.71 -55.68 49.86
N VAL B 66 -7.59 -56.51 49.31
CA VAL B 66 -8.52 -57.33 50.07
C VAL B 66 -8.08 -58.78 49.94
N PRO B 67 -7.84 -59.50 51.05
CA PRO B 67 -7.41 -60.90 50.95
C PRO B 67 -8.46 -61.73 50.22
N GLY B 68 -7.99 -62.66 49.38
CA GLY B 68 -8.87 -63.54 48.65
C GLY B 68 -9.54 -62.94 47.44
N VAL B 69 -9.23 -61.69 47.10
CA VAL B 69 -9.85 -61.02 45.96
C VAL B 69 -8.76 -60.49 45.03
N LYS B 70 -9.07 -60.51 43.74
CA LYS B 70 -8.08 -60.12 42.73
C LYS B 70 -7.83 -58.63 42.74
N GLU B 71 -8.88 -57.82 42.85
CA GLU B 71 -8.76 -56.38 42.68
C GLU B 71 -8.42 -55.69 43.99
N ASP B 72 -7.75 -54.55 43.89
CA ASP B 72 -7.43 -53.73 45.06
C ASP B 72 -8.67 -52.95 45.49
N VAL B 73 -8.55 -52.25 46.62
CA VAL B 73 -9.70 -51.61 47.24
C VAL B 73 -10.27 -50.53 46.33
N THR B 74 -9.40 -49.70 45.76
CA THR B 74 -9.87 -48.57 44.97
C THR B 74 -10.68 -49.03 43.77
N GLU B 75 -10.27 -50.14 43.14
CA GLU B 75 -11.03 -50.66 42.01
C GLU B 75 -12.44 -51.05 42.42
N ILE B 76 -12.58 -51.73 43.56
CA ILE B 76 -13.91 -52.08 44.06
C ILE B 76 -14.71 -50.83 44.34
N ILE B 77 -14.07 -49.83 44.96
CA ILE B 77 -14.79 -48.62 45.33
C ILE B 77 -15.35 -47.94 44.09
N LEU B 78 -14.52 -47.77 43.06
CA LEU B 78 -14.97 -47.06 41.87
C LEU B 78 -15.78 -47.95 40.92
N ASN B 79 -15.86 -49.25 41.17
CA ASN B 79 -16.84 -50.07 40.49
C ASN B 79 -18.22 -49.93 41.15
N LEU B 80 -18.25 -49.88 42.48
CA LEU B 80 -19.51 -49.72 43.19
C LEU B 80 -20.05 -48.30 43.05
N LYS B 81 -19.18 -47.33 42.82
CA LYS B 81 -19.64 -45.94 42.75
C LYS B 81 -20.62 -45.75 41.60
N SER B 82 -20.33 -46.36 40.45
CA SER B 82 -21.16 -46.16 39.26
C SER B 82 -22.23 -47.26 39.18
N LEU B 83 -22.98 -47.38 40.28
CA LEU B 83 -24.04 -48.39 40.40
C LEU B 83 -25.36 -47.65 40.40
N VAL B 84 -26.22 -47.97 39.43
CA VAL B 84 -27.52 -47.33 39.30
C VAL B 84 -28.48 -48.03 40.24
N VAL B 85 -28.97 -47.30 41.24
CA VAL B 85 -29.90 -47.85 42.22
C VAL B 85 -31.02 -46.84 42.42
N SER B 86 -32.26 -47.34 42.50
CA SER B 86 -33.43 -46.50 42.71
C SER B 86 -34.07 -46.87 44.03
N SER B 87 -34.37 -45.85 44.84
CA SER B 87 -34.88 -46.04 46.19
C SER B 87 -36.07 -45.13 46.44
N GLU B 88 -36.91 -45.55 47.38
CA GLU B 88 -38.06 -44.75 47.83
C GLU B 88 -38.02 -44.39 49.29
N GLU B 89 -37.44 -45.24 50.13
CA GLU B 89 -37.33 -44.91 51.55
C GLU B 89 -36.35 -43.77 51.76
N ASP B 90 -36.79 -42.74 52.48
CA ASP B 90 -35.95 -41.56 52.68
C ASP B 90 -34.77 -41.86 53.60
N GLU B 91 -34.95 -42.73 54.57
CA GLU B 91 -33.87 -43.07 55.48
C GLU B 91 -32.82 -43.90 54.75
N PRO B 92 -31.57 -43.87 55.21
CA PRO B 92 -30.54 -44.71 54.58
C PRO B 92 -30.78 -46.18 54.90
N VAL B 93 -30.94 -46.99 53.86
CA VAL B 93 -31.14 -48.42 54.02
C VAL B 93 -29.81 -49.12 53.82
N THR B 94 -29.75 -50.38 54.24
CA THR B 94 -28.54 -51.18 54.20
C THR B 94 -28.74 -52.40 53.32
N MET B 95 -27.72 -52.76 52.55
CA MET B 95 -27.70 -53.94 51.71
C MET B 95 -26.43 -54.73 51.99
N TYR B 96 -26.50 -56.04 51.72
CA TYR B 96 -25.37 -56.94 51.92
C TYR B 96 -25.11 -57.71 50.65
N LEU B 97 -23.85 -57.74 50.21
CA LEU B 97 -23.41 -58.53 49.08
C LEU B 97 -22.36 -59.52 49.56
N ARG B 98 -22.69 -60.80 49.53
CA ARG B 98 -21.77 -61.83 50.00
C ARG B 98 -21.73 -62.98 49.00
N LYS B 99 -20.53 -63.50 48.76
CA LYS B 99 -20.36 -64.65 47.89
C LYS B 99 -19.09 -65.39 48.30
N GLN B 100 -19.17 -66.72 48.34
CA GLN B 100 -18.04 -67.56 48.66
C GLN B 100 -17.65 -68.42 47.46
N GLY B 101 -16.40 -68.87 47.46
CA GLY B 101 -15.90 -69.71 46.41
C GLY B 101 -15.41 -68.91 45.21
N PRO B 102 -14.52 -69.50 44.42
CA PRO B 102 -14.01 -68.78 43.25
C PRO B 102 -15.09 -68.55 42.22
N GLY B 103 -14.95 -67.46 41.49
CA GLY B 103 -15.94 -67.08 40.50
C GLY B 103 -15.86 -65.59 40.21
N GLU B 104 -16.97 -65.08 39.69
CA GLU B 104 -17.07 -63.67 39.31
C GLU B 104 -18.35 -63.09 39.89
N VAL B 105 -18.20 -62.17 40.85
CA VAL B 105 -19.33 -61.49 41.46
C VAL B 105 -19.97 -60.58 40.42
N THR B 106 -21.27 -60.38 40.53
CA THR B 106 -22.01 -59.51 39.63
C THR B 106 -23.04 -58.73 40.43
N ALA B 107 -23.41 -57.56 39.91
CA ALA B 107 -24.33 -56.69 40.63
C ALA B 107 -25.63 -57.39 40.95
N GLY B 108 -26.01 -58.39 40.16
CA GLY B 108 -27.22 -59.15 40.44
C GLY B 108 -27.11 -60.04 41.65
N ASP B 109 -25.89 -60.23 42.18
CA ASP B 109 -25.71 -61.08 43.35
C ASP B 109 -26.14 -60.42 44.64
N ILE B 110 -26.42 -59.12 44.64
CA ILE B 110 -26.82 -58.43 45.86
C ILE B 110 -28.29 -58.76 46.15
N VAL B 111 -28.63 -58.85 47.42
CA VAL B 111 -29.99 -59.12 47.86
C VAL B 111 -30.57 -57.80 48.38
N PRO B 112 -31.42 -57.13 47.62
CA PRO B 112 -31.94 -55.83 48.06
C PRO B 112 -33.13 -56.00 48.98
N PRO B 113 -33.24 -55.21 50.05
CA PRO B 113 -34.47 -55.22 50.85
C PRO B 113 -35.60 -54.54 50.10
N ALA B 114 -36.77 -54.44 50.72
CA ALA B 114 -37.93 -53.87 50.06
C ALA B 114 -37.65 -52.44 49.61
N GLY B 115 -38.07 -52.11 48.39
CA GLY B 115 -38.02 -50.75 47.89
C GLY B 115 -36.84 -50.46 46.99
N VAL B 116 -35.64 -50.89 47.38
CA VAL B 116 -34.45 -50.59 46.61
C VAL B 116 -34.31 -51.60 45.47
N THR B 117 -33.94 -51.11 44.30
CA THR B 117 -33.82 -51.93 43.11
C THR B 117 -32.54 -51.56 42.37
N VAL B 118 -32.08 -52.48 41.52
CA VAL B 118 -30.88 -52.28 40.70
C VAL B 118 -31.29 -52.40 39.24
N HIS B 119 -30.85 -51.44 38.42
CA HIS B 119 -31.28 -51.35 37.05
C HIS B 119 -30.28 -51.93 36.06
N ASN B 120 -29.09 -52.32 36.50
CA ASN B 120 -28.11 -53.00 35.65
C ASN B 120 -27.57 -54.21 36.40
N PRO B 121 -28.39 -55.26 36.55
CA PRO B 121 -27.94 -56.43 37.32
C PRO B 121 -26.65 -57.04 36.80
N GLY B 122 -26.45 -57.03 35.48
CA GLY B 122 -25.27 -57.64 34.91
C GLY B 122 -24.07 -56.72 34.85
N MET B 123 -23.54 -56.34 36.00
CA MET B 123 -22.36 -55.49 36.08
C MET B 123 -21.26 -56.26 36.83
N HIS B 124 -20.07 -56.30 36.24
CA HIS B 124 -18.93 -56.90 36.92
C HIS B 124 -18.52 -56.06 38.12
N ILE B 125 -18.18 -56.73 39.22
CA ILE B 125 -17.73 -56.04 40.42
C ILE B 125 -16.37 -56.57 40.85
N ALA B 126 -16.25 -57.88 41.02
CA ALA B 126 -15.03 -58.47 41.55
C ALA B 126 -14.91 -59.92 41.08
N THR B 127 -13.72 -60.47 41.32
CA THR B 127 -13.43 -61.87 41.01
C THR B 127 -12.80 -62.52 42.24
N LEU B 128 -13.15 -63.78 42.48
CA LEU B 128 -12.66 -64.54 43.62
C LEU B 128 -11.91 -65.76 43.14
N ASN B 129 -10.83 -66.08 43.86
CA ASN B 129 -9.96 -67.20 43.51
C ASN B 129 -9.58 -67.94 44.78
N ASP B 130 -9.30 -69.24 44.63
CA ASP B 130 -8.80 -70.08 45.70
C ASP B 130 -9.71 -70.00 46.93
N LYS B 131 -10.96 -70.42 46.74
CA LYS B 131 -11.94 -70.50 47.83
C LYS B 131 -12.06 -69.16 48.55
N GLY B 132 -11.98 -68.07 47.80
CA GLY B 132 -12.11 -66.76 48.39
C GLY B 132 -13.54 -66.44 48.80
N LYS B 133 -13.67 -65.48 49.71
CA LYS B 133 -14.96 -65.01 50.18
C LYS B 133 -14.99 -63.49 50.15
N LEU B 134 -16.13 -62.94 49.72
CA LEU B 134 -16.36 -61.50 49.73
C LEU B 134 -17.65 -61.24 50.49
N GLU B 135 -17.66 -60.20 51.32
CA GLU B 135 -18.84 -59.83 52.11
C GLU B 135 -18.74 -58.33 52.38
N VAL B 136 -19.53 -57.54 51.67
CA VAL B 136 -19.48 -56.08 51.75
C VAL B 136 -20.87 -55.55 52.05
N GLU B 137 -20.95 -54.59 52.96
CA GLU B 137 -22.20 -53.93 53.31
C GLU B 137 -22.23 -52.54 52.68
N LEU B 138 -23.34 -52.22 52.03
CA LEU B 138 -23.56 -50.93 51.40
C LEU B 138 -24.66 -50.18 52.14
N VAL B 139 -24.56 -48.86 52.17
CA VAL B 139 -25.65 -48.01 52.67
C VAL B 139 -26.09 -47.11 51.54
N VAL B 140 -27.40 -47.09 51.27
CA VAL B 140 -27.97 -46.38 50.13
C VAL B 140 -29.01 -45.39 50.64
N GLU B 141 -28.94 -44.16 50.15
CA GLU B 141 -29.93 -43.14 50.43
C GLU B 141 -30.08 -42.25 49.20
N ARG B 142 -31.23 -41.57 49.12
CA ARG B 142 -31.57 -40.76 47.96
C ARG B 142 -31.18 -39.31 48.20
N GLY B 143 -30.48 -38.73 47.24
CA GLY B 143 -29.99 -37.37 47.34
C GLY B 143 -30.29 -36.60 46.08
N ARG B 144 -29.52 -35.55 45.84
CA ARG B 144 -29.71 -34.67 44.69
C ARG B 144 -28.37 -34.06 44.31
N GLY B 145 -28.11 -33.99 43.01
CA GLY B 145 -26.83 -33.44 42.58
C GLY B 145 -25.68 -34.37 42.88
N TYR B 146 -24.49 -33.80 43.00
CA TYR B 146 -23.27 -34.55 43.26
C TYR B 146 -22.68 -34.06 44.59
N VAL B 147 -22.62 -34.96 45.57
CA VAL B 147 -22.16 -34.65 46.92
C VAL B 147 -20.85 -35.40 47.15
N PRO B 148 -19.72 -34.71 47.29
CA PRO B 148 -18.45 -35.43 47.51
C PRO B 148 -18.52 -36.30 48.76
N ALA B 149 -17.47 -37.10 48.93
CA ALA B 149 -17.41 -38.00 50.08
C ALA B 149 -17.52 -37.20 51.38
N VAL B 150 -18.36 -37.67 52.28
CA VAL B 150 -18.58 -37.03 53.57
C VAL B 150 -17.75 -37.76 54.61
N GLN B 151 -16.86 -37.04 55.27
CA GLN B 151 -16.01 -37.64 56.29
C GLN B 151 -16.85 -38.03 57.51
N ASN B 152 -16.29 -38.94 58.30
CA ASN B 152 -17.04 -39.51 59.41
C ASN B 152 -17.52 -38.43 60.36
N ARG B 153 -18.81 -38.49 60.72
CA ARG B 153 -19.33 -37.61 61.75
C ARG B 153 -18.98 -38.10 63.15
N ALA B 154 -18.90 -39.42 63.34
CA ALA B 154 -18.52 -40.02 64.62
C ALA B 154 -17.61 -41.20 64.32
N SER B 155 -16.31 -41.00 64.52
CA SER B 155 -15.34 -42.05 64.20
C SER B 155 -15.58 -43.30 65.03
N GLY B 156 -15.90 -43.13 66.32
CA GLY B 156 -16.09 -44.29 67.19
C GLY B 156 -17.33 -45.10 66.82
N ALA B 157 -18.28 -44.50 66.11
CA ALA B 157 -19.49 -45.21 65.75
C ALA B 157 -19.18 -46.43 64.89
N GLU B 158 -18.30 -46.28 63.90
CA GLU B 158 -17.89 -47.37 63.03
C GLU B 158 -16.45 -47.17 62.63
N ILE B 159 -15.72 -48.28 62.50
CA ILE B 159 -14.33 -48.24 62.07
C ILE B 159 -14.15 -48.75 60.65
N GLY B 160 -14.91 -49.77 60.23
CA GLY B 160 -14.79 -50.28 58.87
C GLY B 160 -15.44 -49.44 57.81
N ARG B 161 -16.46 -48.66 58.18
CA ARG B 161 -17.16 -47.84 57.21
C ARG B 161 -16.21 -46.82 56.60
N ILE B 162 -16.23 -46.73 55.27
CA ILE B 162 -15.42 -45.75 54.55
C ILE B 162 -16.32 -45.01 53.58
N PRO B 163 -16.38 -43.69 53.62
CA PRO B 163 -17.31 -42.96 52.74
C PRO B 163 -16.81 -42.93 51.30
N VAL B 164 -17.78 -42.82 50.38
CA VAL B 164 -17.50 -42.69 48.96
C VAL B 164 -18.32 -41.54 48.40
N ASP B 165 -17.89 -41.04 47.24
CA ASP B 165 -18.64 -40.01 46.56
C ASP B 165 -19.99 -40.55 46.09
N SER B 166 -20.97 -39.66 45.98
CA SER B 166 -22.32 -40.03 45.60
C SER B 166 -22.71 -39.25 44.35
N ILE B 167 -23.06 -39.97 43.30
CA ILE B 167 -23.62 -39.37 42.09
C ILE B 167 -25.12 -39.62 42.15
N TYR B 168 -25.85 -38.69 42.79
CA TYR B 168 -27.29 -38.88 42.94
C TYR B 168 -28.04 -38.64 41.63
N SER B 169 -27.68 -37.60 40.89
CA SER B 169 -28.47 -37.19 39.74
C SER B 169 -28.46 -38.29 38.69
N PRO B 170 -29.60 -38.58 38.05
CA PRO B 170 -29.60 -39.62 37.00
C PRO B 170 -29.05 -39.14 35.67
N VAL B 171 -28.86 -37.84 35.49
CA VAL B 171 -28.28 -37.31 34.25
C VAL B 171 -26.78 -37.21 34.43
N LEU B 172 -26.02 -37.71 33.46
CA LEU B 172 -24.57 -37.79 33.58
C LEU B 172 -23.87 -36.59 32.95
N LYS B 173 -24.21 -36.24 31.71
CA LYS B 173 -23.50 -35.20 30.99
C LYS B 173 -24.50 -34.38 30.20
N VAL B 174 -24.21 -33.09 30.03
CA VAL B 174 -25.06 -32.18 29.27
C VAL B 174 -24.18 -31.09 28.65
N THR B 175 -24.53 -30.67 27.44
CA THR B 175 -23.83 -29.59 26.77
C THR B 175 -24.82 -28.85 25.88
N TYR B 176 -24.48 -27.61 25.52
CA TYR B 176 -25.38 -26.82 24.70
C TYR B 176 -24.59 -25.88 23.82
N LYS B 177 -25.22 -25.44 22.74
CA LYS B 177 -24.62 -24.53 21.77
C LYS B 177 -25.71 -23.58 21.29
N VAL B 178 -25.33 -22.64 20.42
CA VAL B 178 -26.30 -21.77 19.77
C VAL B 178 -25.81 -21.45 18.37
N ASP B 179 -26.75 -21.10 17.49
CA ASP B 179 -26.45 -20.79 16.10
C ASP B 179 -27.35 -19.64 15.66
N ALA B 180 -27.43 -19.42 14.35
CA ALA B 180 -28.31 -18.41 13.77
C ALA B 180 -29.23 -19.09 12.76
N THR B 181 -30.52 -18.76 12.82
CA THR B 181 -31.49 -19.42 11.95
C THR B 181 -32.59 -18.44 11.56
N ARG B 182 -32.43 -17.77 10.43
CA ARG B 182 -33.55 -17.17 9.73
C ARG B 182 -33.11 -16.53 8.42
N VAL B 183 -33.97 -16.57 7.41
CA VAL B 183 -33.87 -15.63 6.30
C VAL B 183 -35.25 -14.99 6.11
N GLU B 184 -35.50 -13.92 6.87
CA GLU B 184 -36.73 -13.15 6.78
C GLU B 184 -36.47 -11.67 7.02
N GLN B 185 -35.41 -11.14 6.41
CA GLN B 185 -34.99 -9.76 6.60
C GLN B 185 -34.29 -9.56 7.95
N ARG B 186 -34.01 -10.65 8.67
CA ARG B 186 -33.31 -10.56 9.95
C ARG B 186 -32.63 -11.90 10.21
N THR B 187 -31.34 -11.98 9.91
CA THR B 187 -30.55 -13.21 10.12
C THR B 187 -29.81 -13.14 11.45
N ASP B 188 -30.56 -13.02 12.55
CA ASP B 188 -29.92 -12.92 13.86
C ASP B 188 -30.66 -13.67 14.96
N PHE B 189 -31.44 -14.69 14.63
CA PHE B 189 -32.16 -15.43 15.65
C PHE B 189 -31.25 -16.52 16.25
N ASP B 190 -31.76 -17.22 17.26
CA ASP B 190 -30.97 -18.20 18.00
C ASP B 190 -31.66 -19.56 17.99
N LYS B 191 -30.83 -20.61 17.85
CA LYS B 191 -31.31 -21.98 17.83
C LYS B 191 -30.52 -22.76 18.88
N LEU B 192 -31.20 -23.16 19.96
CA LEU B 192 -30.55 -23.88 21.05
C LEU B 192 -30.47 -25.36 20.72
N ILE B 193 -29.35 -25.99 21.06
CA ILE B 193 -29.10 -27.39 20.77
C ILE B 193 -28.55 -28.05 22.03
N LEU B 194 -29.38 -28.80 22.73
CA LEU B 194 -28.95 -29.53 23.91
C LEU B 194 -28.40 -30.89 23.52
N ASP B 195 -27.77 -31.55 24.49
CA ASP B 195 -27.24 -32.91 24.31
C ASP B 195 -27.29 -33.60 25.68
N VAL B 196 -28.36 -34.33 25.93
CA VAL B 196 -28.60 -34.92 27.24
C VAL B 196 -28.22 -36.39 27.21
N GLU B 197 -27.44 -36.82 28.20
CA GLU B 197 -27.07 -38.22 28.36
C GLU B 197 -27.41 -38.63 29.78
N THR B 198 -28.08 -39.78 29.92
CA THR B 198 -28.65 -40.20 31.18
C THR B 198 -28.36 -41.66 31.45
N LYS B 199 -28.42 -42.03 32.73
CA LYS B 199 -28.31 -43.42 33.14
C LYS B 199 -29.54 -44.19 32.68
N ASN B 200 -29.60 -45.46 33.06
CA ASN B 200 -30.73 -46.33 32.70
C ASN B 200 -31.83 -46.26 33.75
N SER B 201 -32.17 -45.05 34.19
CA SER B 201 -33.19 -44.86 35.21
C SER B 201 -34.23 -43.84 34.76
N ILE B 202 -33.84 -42.96 33.85
CA ILE B 202 -34.75 -41.93 33.35
C ILE B 202 -34.36 -41.55 31.93
N SER B 203 -35.28 -41.74 31.00
CA SER B 203 -35.00 -41.35 29.62
C SER B 203 -34.83 -39.84 29.54
N PRO B 204 -34.04 -39.33 28.59
CA PRO B 204 -33.76 -37.89 28.57
C PRO B 204 -35.03 -37.05 28.48
N ARG B 205 -36.06 -37.58 27.81
CA ARG B 205 -37.33 -36.88 27.70
C ARG B 205 -37.91 -36.55 29.07
N ASP B 206 -37.98 -37.55 29.95
CA ASP B 206 -38.52 -37.32 31.29
C ASP B 206 -37.64 -36.37 32.08
N ALA B 207 -36.32 -36.46 31.92
CA ALA B 207 -35.43 -35.55 32.63
C ALA B 207 -35.71 -34.11 32.21
N LEU B 208 -35.85 -33.87 30.91
CA LEU B 208 -36.14 -32.52 30.43
C LEU B 208 -37.48 -32.04 30.96
N ALA B 209 -38.49 -32.90 30.96
CA ALA B 209 -39.79 -32.49 31.50
C ALA B 209 -39.69 -32.13 32.97
N SER B 210 -38.98 -32.93 33.76
CA SER B 210 -38.86 -32.64 35.18
C SER B 210 -38.11 -31.34 35.42
N ALA B 211 -37.06 -31.08 34.63
CA ALA B 211 -36.34 -29.82 34.76
C ALA B 211 -37.26 -28.64 34.44
N GLY B 212 -38.07 -28.79 33.40
CA GLY B 212 -39.02 -27.75 33.05
C GLY B 212 -39.95 -27.46 34.20
N LYS B 213 -40.44 -28.50 34.87
CA LYS B 213 -41.35 -28.29 36.00
C LYS B 213 -40.69 -27.46 37.09
N THR B 214 -39.46 -27.79 37.47
CA THR B 214 -38.78 -27.08 38.54
C THR B 214 -38.55 -25.61 38.18
N LEU B 215 -38.07 -25.37 36.96
CA LEU B 215 -37.84 -23.98 36.55
C LEU B 215 -39.15 -23.20 36.52
N VAL B 216 -40.23 -23.84 36.05
CA VAL B 216 -41.53 -23.18 36.05
C VAL B 216 -41.91 -22.80 37.46
N GLU B 217 -41.69 -23.70 38.42
CA GLU B 217 -42.04 -23.40 39.80
C GLU B 217 -41.26 -22.20 40.32
N LEU B 218 -39.95 -22.16 40.08
CA LEU B 218 -39.14 -21.06 40.59
C LEU B 218 -39.56 -19.73 39.98
N PHE B 219 -39.66 -19.67 38.65
CA PHE B 219 -40.02 -18.39 38.05
C PHE B 219 -41.48 -18.04 38.27
N GLY B 220 -42.34 -19.00 38.62
CA GLY B 220 -43.68 -18.67 39.05
C GLY B 220 -43.67 -18.04 40.41
N LEU B 221 -42.80 -18.53 41.29
CA LEU B 221 -42.58 -17.88 42.57
C LEU B 221 -42.17 -16.43 42.31
N ALA B 222 -41.32 -16.24 41.31
CA ALA B 222 -40.92 -14.88 40.94
C ALA B 222 -42.11 -14.05 40.45
N ARG B 223 -42.95 -14.64 39.60
CA ARG B 223 -44.05 -13.90 38.99
C ARG B 223 -45.14 -13.57 39.99
N GLU B 224 -45.26 -14.34 41.06
CA GLU B 224 -46.38 -14.23 41.98
C GLU B 224 -46.57 -12.82 42.52
N LEU B 225 -45.56 -11.96 42.39
CA LEU B 225 -45.63 -10.61 42.95
C LEU B 225 -46.76 -9.77 42.38
N ASN B 226 -46.96 -9.79 41.06
CA ASN B 226 -48.02 -9.01 40.41
C ASN B 226 -48.57 -9.85 39.27
N VAL B 227 -49.69 -10.52 39.50
CA VAL B 227 -50.21 -11.46 38.52
C VAL B 227 -50.57 -10.75 37.21
N GLU B 228 -51.20 -9.58 37.30
CA GLU B 228 -51.66 -8.85 36.12
C GLU B 228 -50.59 -7.88 35.61
N ALA B 229 -49.42 -8.41 35.30
CA ALA B 229 -48.32 -7.63 34.77
C ALA B 229 -48.09 -7.98 33.31
N GLU B 230 -47.69 -7.00 32.51
CA GLU B 230 -47.55 -7.19 31.07
C GLU B 230 -46.17 -7.76 30.75
N GLY B 231 -46.16 -8.89 30.03
CA GLY B 231 -44.92 -9.51 29.60
C GLY B 231 -45.14 -10.30 28.32
N ILE B 232 -44.03 -10.63 27.67
CA ILE B 232 -44.11 -11.34 26.40
C ILE B 232 -44.90 -12.63 26.58
N GLU B 233 -45.56 -13.04 25.50
CA GLU B 233 -46.38 -14.24 25.51
C GLU B 233 -46.16 -14.99 24.21
N ILE B 234 -46.19 -16.32 24.26
CA ILE B 234 -45.97 -17.13 23.07
C ILE B 234 -47.29 -17.62 22.46
N GLY B 235 -48.38 -17.65 23.22
CA GLY B 235 -49.65 -18.06 22.69
C GLY B 235 -49.93 -19.54 22.94
N PRO B 236 -50.89 -20.10 22.20
CA PRO B 236 -51.24 -21.50 22.39
C PRO B 236 -50.36 -22.46 21.62
N SER B 237 -50.38 -23.72 22.05
CA SER B 237 -49.60 -24.77 21.41
C SER B 237 -50.18 -25.10 20.04
N ASN C 24 -4.62 28.56 32.71
CA ASN C 24 -3.21 28.84 32.43
C ASN C 24 -3.01 30.35 32.25
N SER C 25 -3.06 30.82 31.00
CA SER C 25 -3.03 32.24 30.71
C SER C 25 -4.20 32.68 29.84
N VAL C 26 -4.94 31.76 29.24
CA VAL C 26 -6.14 32.09 28.49
C VAL C 26 -7.24 32.42 29.49
N PRO C 27 -7.93 33.56 29.35
CA PRO C 27 -8.76 34.06 30.46
C PRO C 27 -9.79 33.08 31.00
N GLY C 28 -10.43 32.31 30.12
CA GLY C 28 -11.54 31.47 30.53
C GLY C 28 -11.35 29.99 30.27
N ALA C 29 -10.10 29.54 30.31
CA ALA C 29 -9.82 28.14 30.05
C ALA C 29 -10.30 27.27 31.22
N PRO C 30 -10.63 26.01 30.96
CA PRO C 30 -11.01 25.11 32.05
C PRO C 30 -9.81 24.80 32.95
N ASN C 31 -10.12 24.47 34.20
CA ASN C 31 -9.09 24.21 35.20
C ASN C 31 -8.60 22.78 35.03
N ARG C 32 -7.50 22.60 34.32
CA ARG C 32 -6.91 21.29 34.05
C ARG C 32 -5.61 21.18 34.82
N VAL C 33 -5.63 20.43 35.92
CA VAL C 33 -4.46 20.32 36.80
C VAL C 33 -3.41 19.46 36.13
N SER C 34 -2.14 19.71 36.46
CA SER C 34 -1.02 19.06 35.81
C SER C 34 -0.07 18.45 36.84
N PHE C 35 0.60 17.37 36.43
CA PHE C 35 1.61 16.71 37.23
C PHE C 35 3.00 17.30 37.03
N ALA C 36 3.14 18.32 36.20
CA ALA C 36 4.46 18.78 35.80
C ALA C 36 5.30 19.18 37.01
N LYS C 37 6.57 18.79 36.96
CA LYS C 37 7.53 19.19 37.99
C LYS C 37 8.31 20.44 37.59
N LEU C 38 8.74 20.53 36.34
CA LEU C 38 9.55 21.66 35.89
C LEU C 38 8.66 22.86 35.56
N ARG C 39 9.31 24.00 35.33
CA ARG C 39 8.64 25.22 34.88
C ARG C 39 9.28 25.65 33.57
N GLU C 40 8.45 26.06 32.62
CA GLU C 40 8.97 26.45 31.31
C GLU C 40 9.05 27.96 31.20
N PRO C 41 10.24 28.54 31.09
CA PRO C 41 10.32 30.01 31.03
C PRO C 41 9.61 30.61 29.84
N LEU C 42 9.58 29.93 28.71
CA LEU C 42 9.12 30.49 27.45
C LEU C 42 7.77 29.90 27.07
N GLU C 43 6.80 30.77 26.80
CA GLU C 43 5.49 30.32 26.35
C GLU C 43 5.56 29.88 24.90
N VAL C 44 4.66 28.97 24.54
CA VAL C 44 4.67 28.45 23.16
C VAL C 44 4.38 29.59 22.19
N PRO C 45 5.18 29.79 21.16
CA PRO C 45 4.89 30.88 20.20
C PRO C 45 3.58 30.63 19.48
N GLY C 46 3.17 31.63 18.70
CA GLY C 46 2.00 31.48 17.87
C GLY C 46 2.17 30.34 16.89
N LEU C 47 1.31 29.34 16.95
CA LEU C 47 1.52 28.12 16.18
C LEU C 47 1.37 28.32 14.69
N LEU C 48 0.70 29.37 14.25
CA LEU C 48 0.60 29.70 12.83
C LEU C 48 1.48 30.87 12.44
N ASP C 49 2.41 31.29 13.30
CA ASP C 49 3.16 32.51 13.03
C ASP C 49 4.01 32.38 11.79
N VAL C 50 4.45 31.16 11.46
CA VAL C 50 5.38 30.97 10.34
C VAL C 50 4.77 31.50 9.05
N GLN C 51 3.56 31.04 8.73
CA GLN C 51 2.94 31.46 7.47
C GLN C 51 2.61 32.94 7.47
N THR C 52 1.92 33.39 8.52
CA THR C 52 1.44 34.77 8.54
C THR C 52 2.60 35.76 8.50
N ASP C 53 3.68 35.46 9.21
CA ASP C 53 4.83 36.35 9.22
C ASP C 53 5.76 36.13 8.04
N SER C 54 5.57 35.05 7.27
CA SER C 54 6.33 34.90 6.04
C SER C 54 5.60 35.47 4.83
N PHE C 55 4.31 35.78 4.96
CA PHE C 55 3.60 36.42 3.85
C PHE C 55 3.64 37.94 3.98
N GLU C 56 3.29 38.46 5.16
CA GLU C 56 3.20 39.91 5.33
C GLU C 56 4.56 40.54 5.07
N TRP C 57 5.62 39.74 5.10
CA TRP C 57 6.90 40.18 4.56
C TRP C 57 6.79 40.46 3.07
N LEU C 58 6.04 39.63 2.34
CA LEU C 58 5.95 39.79 0.90
C LEU C 58 5.33 41.13 0.53
N ILE C 59 4.19 41.47 1.14
CA ILE C 59 3.51 42.70 0.78
C ILE C 59 4.09 43.92 1.50
N GLY C 60 4.76 43.71 2.62
CA GLY C 60 5.36 44.82 3.34
C GLY C 60 4.41 45.56 4.26
N SER C 61 3.62 44.84 5.05
CA SER C 61 2.71 45.48 5.97
C SER C 61 3.48 46.20 7.08
N PRO C 62 2.87 47.21 7.70
CA PRO C 62 3.58 47.92 8.77
C PRO C 62 3.99 47.03 9.91
N ARG C 63 3.24 45.95 10.17
CA ARG C 63 3.60 45.04 11.27
C ARG C 63 4.97 44.42 11.03
N TRP C 64 5.22 43.94 9.81
CA TRP C 64 6.54 43.40 9.50
C TRP C 64 7.61 44.47 9.56
N ARG C 65 7.27 45.71 9.18
CA ARG C 65 8.25 46.78 9.28
C ARG C 65 8.66 47.01 10.74
N GLU C 66 7.68 47.02 11.64
CA GLU C 66 7.99 47.15 13.06
C GLU C 66 8.83 45.98 13.54
N SER C 67 8.47 44.76 13.13
CA SER C 67 9.22 43.59 13.58
C SER C 67 10.67 43.64 13.11
N ALA C 68 10.89 44.04 11.85
CA ALA C 68 12.25 44.11 11.32
C ALA C 68 13.00 45.32 11.89
N ALA C 69 12.28 46.31 12.42
CA ALA C 69 12.95 47.45 13.04
C ALA C 69 13.79 47.01 14.24
N GLU C 70 13.24 46.10 15.06
CA GLU C 70 13.96 45.62 16.23
C GLU C 70 14.78 44.37 15.90
N ARG C 71 15.61 44.45 14.86
CA ARG C 71 16.38 43.31 14.40
C ARG C 71 17.14 43.66 13.13
N GLY C 72 16.43 43.72 12.01
CA GLY C 72 17.05 43.97 10.72
C GLY C 72 16.77 45.34 10.16
N ASP C 73 16.85 46.37 11.01
CA ASP C 73 16.54 47.72 10.58
C ASP C 73 17.51 48.25 9.53
N VAL C 74 18.64 47.56 9.32
CA VAL C 74 19.64 48.05 8.37
C VAL C 74 19.03 48.16 6.97
N ASN C 75 18.24 47.17 6.56
CA ASN C 75 17.69 47.13 5.20
C ASN C 75 16.33 46.45 5.22
N PRO C 76 15.28 47.18 5.58
CA PRO C 76 13.92 46.64 5.47
C PRO C 76 13.37 46.86 4.06
N VAL C 77 13.09 45.76 3.36
CA VAL C 77 12.47 45.83 2.04
C VAL C 77 11.60 44.60 1.84
N GLY C 78 10.41 44.80 1.29
CA GLY C 78 9.48 43.73 1.04
C GLY C 78 9.79 42.99 -0.26
N GLY C 79 9.11 41.86 -0.43
CA GLY C 79 9.37 41.04 -1.60
C GLY C 79 9.04 41.75 -2.90
N LEU C 80 7.86 42.37 -3.00
CA LEU C 80 7.52 43.09 -4.21
C LEU C 80 8.48 44.25 -4.44
N GLU C 81 8.82 44.98 -3.39
CA GLU C 81 9.78 46.06 -3.53
C GLU C 81 11.11 45.53 -4.06
N GLU C 82 11.56 44.40 -3.52
CA GLU C 82 12.84 43.85 -3.96
C GLU C 82 12.79 43.45 -5.42
N VAL C 83 11.70 42.82 -5.85
CA VAL C 83 11.59 42.40 -7.23
C VAL C 83 11.59 43.61 -8.16
N LEU C 84 10.81 44.64 -7.81
CA LEU C 84 10.76 45.83 -8.63
C LEU C 84 12.12 46.52 -8.69
N TYR C 85 12.81 46.66 -7.57
CA TYR C 85 14.11 47.31 -7.60
C TYR C 85 15.12 46.51 -8.43
N GLU C 86 15.11 45.18 -8.32
CA GLU C 86 16.00 44.38 -9.14
C GLU C 86 15.67 44.53 -10.62
N LEU C 87 14.38 44.64 -10.95
CA LEU C 87 13.96 44.72 -12.34
C LEU C 87 14.31 46.08 -12.94
N SER C 88 13.79 47.15 -12.37
CA SER C 88 14.01 48.48 -12.94
C SER C 88 15.46 48.91 -12.75
N PRO C 89 15.97 49.78 -13.63
CA PRO C 89 15.32 50.35 -14.81
C PRO C 89 15.40 49.42 -16.01
N ILE C 90 14.46 49.51 -16.94
CA ILE C 90 14.51 48.79 -18.21
C ILE C 90 14.96 49.80 -19.26
N GLU C 91 16.06 49.49 -19.94
CA GLU C 91 16.64 50.40 -20.93
C GLU C 91 16.91 49.65 -22.23
N ASP C 92 16.79 50.40 -23.32
CA ASP C 92 17.12 49.89 -24.65
C ASP C 92 18.64 49.84 -24.82
N PHE C 93 19.07 49.23 -25.92
CA PHE C 93 20.50 49.11 -26.18
C PHE C 93 21.14 50.50 -26.30
N SER C 94 20.50 51.41 -27.01
CA SER C 94 21.05 52.75 -27.16
C SER C 94 21.05 53.52 -25.85
N GLY C 95 20.17 53.16 -24.92
CA GLY C 95 20.08 53.88 -23.67
C GLY C 95 19.41 55.23 -23.78
N SER C 96 18.58 55.44 -24.80
CA SER C 96 17.91 56.70 -25.01
C SER C 96 16.59 56.82 -24.26
N MET C 97 16.14 55.76 -23.59
CA MET C 97 14.88 55.79 -22.86
C MET C 97 14.90 54.70 -21.79
N SER C 98 14.10 54.91 -20.75
CA SER C 98 14.09 54.00 -19.61
C SER C 98 12.69 53.95 -19.01
N LEU C 99 12.39 52.82 -18.38
CA LEU C 99 11.14 52.60 -17.67
C LEU C 99 11.45 52.04 -16.30
N SER C 100 10.79 52.56 -15.26
CA SER C 100 11.08 52.17 -13.89
C SER C 100 9.79 52.03 -13.09
N PHE C 101 9.85 51.22 -12.04
CA PHE C 101 8.74 50.97 -11.14
C PHE C 101 9.13 51.31 -9.71
N SER C 102 8.12 51.43 -8.84
CA SER C 102 8.38 51.68 -7.42
C SER C 102 7.07 51.68 -6.65
N ASP C 103 7.19 51.71 -5.33
CA ASP C 103 6.11 51.87 -4.36
C ASP C 103 4.89 51.00 -4.68
N PRO C 104 4.97 49.69 -4.49
CA PRO C 104 3.77 48.87 -4.59
C PRO C 104 2.73 49.27 -3.54
N ARG C 105 1.47 49.24 -3.94
CA ARG C 105 0.39 49.73 -3.09
C ARG C 105 -0.81 48.81 -3.23
N PHE C 106 -1.50 48.56 -2.12
CA PHE C 106 -2.64 47.65 -2.08
C PHE C 106 -3.90 48.38 -1.62
N ASP C 107 -5.01 48.10 -2.29
CA ASP C 107 -6.30 48.66 -1.92
C ASP C 107 -7.07 47.67 -1.04
N ASP C 108 -8.28 48.04 -0.66
CA ASP C 108 -9.11 47.16 0.15
C ASP C 108 -9.58 45.96 -0.65
N VAL C 109 -9.80 44.84 0.05
CA VAL C 109 -10.27 43.64 -0.60
C VAL C 109 -11.62 43.89 -1.25
N LYS C 110 -11.87 43.23 -2.37
CA LYS C 110 -13.12 43.44 -3.08
C LYS C 110 -14.33 42.99 -2.28
N ALA C 111 -14.25 41.82 -1.64
CA ALA C 111 -15.37 41.28 -0.89
C ALA C 111 -14.83 40.57 0.35
N PRO C 112 -15.64 40.44 1.40
CA PRO C 112 -15.15 39.78 2.62
C PRO C 112 -15.00 38.28 2.42
N VAL C 113 -14.43 37.63 3.44
CA VAL C 113 -14.07 36.22 3.32
C VAL C 113 -15.30 35.36 3.10
N ASP C 114 -16.34 35.55 3.92
CA ASP C 114 -17.52 34.70 3.81
C ASP C 114 -18.17 34.80 2.44
N GLU C 115 -18.35 36.03 1.95
CA GLU C 115 -18.98 36.21 0.64
C GLU C 115 -18.14 35.57 -0.46
N CYS C 116 -16.82 35.74 -0.39
CA CYS C 116 -15.95 35.14 -1.40
C CYS C 116 -16.06 33.63 -1.38
N LYS C 117 -16.11 33.03 -0.19
CA LYS C 117 -16.23 31.58 -0.10
C LYS C 117 -17.58 31.11 -0.62
N ASP C 118 -18.64 31.87 -0.36
CA ASP C 118 -19.97 31.43 -0.74
C ASP C 118 -20.22 31.57 -2.24
N LYS C 119 -19.78 32.68 -2.83
CA LYS C 119 -20.11 33.01 -4.21
C LYS C 119 -19.02 32.58 -5.19
N ASP C 120 -18.05 31.78 -4.76
CA ASP C 120 -16.99 31.29 -5.63
C ASP C 120 -16.16 32.44 -6.21
N MET C 121 -15.87 33.44 -5.39
CA MET C 121 -15.03 34.56 -5.77
C MET C 121 -13.70 34.47 -5.03
N THR C 122 -12.60 34.55 -5.79
CA THR C 122 -11.27 34.47 -5.22
C THR C 122 -11.02 35.69 -4.32
N TYR C 123 -10.38 35.44 -3.17
CA TYR C 123 -10.10 36.50 -2.20
C TYR C 123 -8.82 37.21 -2.61
N ALA C 124 -8.94 38.47 -3.02
CA ALA C 124 -7.78 39.20 -3.52
C ALA C 124 -8.00 40.69 -3.33
N ALA C 125 -6.97 41.46 -3.67
CA ALA C 125 -7.01 42.90 -3.62
C ALA C 125 -6.33 43.50 -4.85
N PRO C 126 -6.73 44.71 -5.25
CA PRO C 126 -6.03 45.35 -6.37
C PRO C 126 -4.60 45.69 -6.04
N LEU C 127 -3.75 45.70 -7.07
CA LEU C 127 -2.35 46.08 -6.93
C LEU C 127 -2.03 47.17 -7.94
N PHE C 128 -1.40 48.25 -7.47
CA PHE C 128 -1.01 49.36 -8.31
C PHE C 128 0.47 49.64 -8.12
N VAL C 129 1.13 50.11 -9.19
CA VAL C 129 2.53 50.49 -9.11
C VAL C 129 2.75 51.77 -9.91
N THR C 130 3.72 52.56 -9.49
CA THR C 130 4.03 53.84 -10.12
C THR C 130 5.10 53.62 -11.17
N ALA C 131 4.70 53.67 -12.43
CA ALA C 131 5.61 53.49 -13.55
C ALA C 131 6.04 54.84 -14.10
N GLU C 132 7.34 55.05 -14.20
CA GLU C 132 7.91 56.29 -14.72
C GLU C 132 8.70 56.00 -15.98
N PHE C 133 8.44 56.76 -17.03
CA PHE C 133 9.15 56.64 -18.30
C PHE C 133 9.95 57.91 -18.53
N ILE C 134 11.24 57.75 -18.85
CA ILE C 134 12.16 58.86 -19.01
C ILE C 134 12.82 58.74 -20.38
N ASN C 135 12.78 59.82 -21.16
CA ASN C 135 13.46 59.89 -22.44
C ASN C 135 14.82 60.53 -22.22
N ASN C 136 15.88 59.81 -22.58
CA ASN C 136 17.25 60.21 -22.26
C ASN C 136 17.81 61.23 -23.24
N ASN C 137 16.98 61.79 -24.13
CA ASN C 137 17.44 62.84 -25.02
C ASN C 137 16.48 64.03 -25.08
N THR C 138 15.37 64.00 -24.34
CA THR C 138 14.47 65.14 -24.24
C THR C 138 14.18 65.57 -22.81
N GLY C 139 14.40 64.71 -21.83
CA GLY C 139 14.11 65.07 -20.45
C GLY C 139 12.65 65.05 -20.09
N GLU C 140 11.80 64.48 -20.95
CA GLU C 140 10.37 64.45 -20.72
C GLU C 140 10.03 63.21 -19.88
N ILE C 141 9.60 63.44 -18.64
CA ILE C 141 9.28 62.37 -17.71
C ILE C 141 7.77 62.20 -17.67
N LYS C 142 7.31 60.97 -17.86
CA LYS C 142 5.88 60.66 -17.85
C LYS C 142 5.62 59.59 -16.80
N SER C 143 4.85 59.94 -15.77
CA SER C 143 4.55 59.04 -14.67
C SER C 143 3.08 58.64 -14.71
N GLN C 144 2.82 57.40 -14.30
CA GLN C 144 1.44 56.91 -14.24
C GLN C 144 1.33 55.86 -13.14
N THR C 145 0.10 55.61 -12.73
CA THR C 145 -0.20 54.54 -11.78
C THR C 145 -0.87 53.41 -12.55
N VAL C 146 -0.16 52.30 -12.72
CA VAL C 146 -0.60 51.20 -13.56
C VAL C 146 -1.11 50.07 -12.67
N PHE C 147 -2.22 49.47 -13.07
CA PHE C 147 -2.84 48.39 -12.34
C PHE C 147 -2.19 47.06 -12.71
N MET C 148 -1.70 46.33 -11.71
CA MET C 148 -0.91 45.13 -11.93
C MET C 148 -1.69 43.84 -11.73
N GLY C 149 -3.00 43.90 -11.59
CA GLY C 149 -3.82 42.72 -11.47
C GLY C 149 -4.43 42.59 -10.09
N ASP C 150 -5.09 41.46 -9.88
CA ASP C 150 -5.69 41.11 -8.60
C ASP C 150 -4.78 40.14 -7.87
N PHE C 151 -4.27 40.56 -6.73
CA PHE C 151 -3.33 39.77 -5.96
C PHE C 151 -4.07 39.02 -4.88
N PRO C 152 -4.03 37.68 -4.86
CA PRO C 152 -4.69 36.96 -3.77
C PRO C 152 -4.06 37.32 -2.43
N MET C 153 -4.91 37.50 -1.43
CA MET C 153 -4.46 37.81 -0.08
C MET C 153 -4.64 36.58 0.80
N MET C 154 -4.38 36.70 2.10
CA MET C 154 -4.42 35.58 3.02
C MET C 154 -5.39 35.89 4.15
N THR C 155 -6.39 35.02 4.33
CA THR C 155 -7.29 35.13 5.47
C THR C 155 -6.46 35.19 6.74
N GLU C 156 -7.03 35.72 7.82
CA GLU C 156 -6.22 35.95 9.02
C GLU C 156 -5.73 34.67 9.67
N LYS C 157 -6.18 33.49 9.22
CA LYS C 157 -5.78 32.23 9.83
C LYS C 157 -4.86 31.41 8.95
N GLY C 158 -4.27 32.01 7.91
CA GLY C 158 -3.18 31.38 7.18
C GLY C 158 -3.57 30.66 5.90
N THR C 159 -4.77 30.84 5.38
CA THR C 159 -5.23 30.11 4.20
C THR C 159 -5.67 31.06 3.10
N PHE C 160 -5.34 30.72 1.86
CA PHE C 160 -5.83 31.42 0.69
C PHE C 160 -7.20 30.85 0.30
N ILE C 161 -7.98 31.65 -0.41
CA ILE C 161 -9.25 31.21 -0.94
C ILE C 161 -9.19 31.42 -2.45
N ILE C 162 -9.38 30.35 -3.21
CA ILE C 162 -9.27 30.37 -4.66
C ILE C 162 -10.51 29.70 -5.25
N ASN C 163 -11.17 30.41 -6.16
CA ASN C 163 -12.36 29.89 -6.84
C ASN C 163 -13.35 29.25 -5.87
N GLY C 164 -13.40 29.81 -4.66
CA GLY C 164 -14.34 29.36 -3.64
C GLY C 164 -13.81 28.31 -2.68
N THR C 165 -12.89 27.47 -3.13
CA THR C 165 -12.27 26.50 -2.24
C THR C 165 -11.20 27.18 -1.39
N GLU C 166 -10.77 26.49 -0.34
CA GLU C 166 -9.72 27.00 0.54
C GLU C 166 -8.46 26.19 0.33
N ARG C 167 -7.34 26.89 0.11
CA ARG C 167 -6.07 26.27 -0.23
C ARG C 167 -4.98 26.75 0.71
N VAL C 168 -3.99 25.88 0.89
CA VAL C 168 -2.85 26.14 1.76
C VAL C 168 -1.58 25.93 0.96
N VAL C 169 -0.58 26.77 1.21
CA VAL C 169 0.71 26.67 0.54
C VAL C 169 1.70 26.11 1.55
N VAL C 170 2.35 25.00 1.18
CA VAL C 170 3.24 24.30 2.08
C VAL C 170 4.67 24.78 1.86
N SER C 171 5.44 24.85 2.93
CA SER C 171 6.85 25.25 2.88
C SER C 171 7.66 24.13 2.27
N GLN C 172 8.80 24.48 1.69
CA GLN C 172 9.64 23.50 0.99
C GLN C 172 11.05 23.53 1.57
N LEU C 173 11.67 22.35 1.64
CA LEU C 173 13.06 22.23 2.08
C LEU C 173 13.95 22.05 0.85
N VAL C 174 14.94 22.93 0.70
CA VAL C 174 15.83 22.84 -0.45
C VAL C 174 17.27 23.00 -0.02
N ARG C 175 18.20 22.60 -0.88
CA ARG C 175 19.63 22.69 -0.59
C ARG C 175 20.08 24.13 -0.79
N SER C 176 20.67 24.71 0.24
CA SER C 176 21.01 26.12 0.21
C SER C 176 22.11 26.41 -0.80
N PRO C 177 22.09 27.57 -1.45
CA PRO C 177 23.14 27.91 -2.40
C PRO C 177 24.43 28.31 -1.71
N GLY C 178 25.54 27.87 -2.30
CA GLY C 178 26.85 28.15 -1.72
C GLY C 178 27.87 27.17 -2.27
N VAL C 179 28.97 27.02 -1.53
CA VAL C 179 30.05 26.12 -1.90
C VAL C 179 29.93 24.87 -1.04
N TYR C 180 30.07 23.71 -1.67
CA TYR C 180 30.04 22.43 -0.96
C TYR C 180 31.23 21.59 -1.40
N PHE C 181 32.03 21.15 -0.43
CA PHE C 181 33.16 20.26 -0.66
C PHE C 181 32.81 18.86 -0.17
N ASP C 182 33.29 17.85 -0.88
CA ASP C 182 33.04 16.47 -0.48
C ASP C 182 34.13 15.58 -1.03
N GLU C 183 34.48 14.54 -0.26
CA GLU C 183 35.52 13.59 -0.63
C GLU C 183 34.90 12.22 -0.84
N THR C 184 35.43 11.48 -1.82
CA THR C 184 34.97 10.15 -2.16
C THR C 184 36.16 9.23 -2.36
N ILE C 185 35.99 7.96 -2.04
CA ILE C 185 37.08 7.00 -2.24
C ILE C 185 37.04 6.46 -3.67
N ASP C 186 38.24 6.25 -4.22
CA ASP C 186 38.40 5.73 -5.57
C ASP C 186 38.59 4.23 -5.53
N LYS C 187 37.81 3.50 -6.33
CA LYS C 187 37.90 2.06 -6.32
C LYS C 187 39.21 1.56 -6.94
N SER C 188 39.56 2.11 -8.10
CA SER C 188 40.73 1.60 -8.83
C SER C 188 42.02 1.84 -8.06
N THR C 189 42.20 3.04 -7.51
CA THR C 189 43.47 3.43 -6.90
C THR C 189 43.40 3.62 -5.40
N ASP C 190 42.21 3.60 -4.80
CA ASP C 190 42.06 3.74 -3.36
C ASP C 190 42.65 5.05 -2.86
N LYS C 191 42.44 6.12 -3.64
CA LYS C 191 42.84 7.45 -3.27
C LYS C 191 41.61 8.30 -2.96
N THR C 192 41.75 9.21 -2.00
CA THR C 192 40.68 10.16 -1.75
C THR C 192 40.63 11.18 -2.87
N LEU C 193 39.42 11.46 -3.37
CA LEU C 193 39.18 12.43 -4.42
C LEU C 193 38.24 13.49 -3.86
N HIS C 194 38.71 14.72 -3.77
CA HIS C 194 37.88 15.83 -3.30
C HIS C 194 37.26 16.56 -4.48
N SER C 195 36.09 17.12 -4.24
CA SER C 195 35.35 17.82 -5.29
C SER C 195 34.58 18.96 -4.64
N VAL C 196 34.38 20.02 -5.42
CA VAL C 196 33.67 21.20 -4.94
C VAL C 196 32.59 21.55 -5.95
N LYS C 197 31.43 21.97 -5.43
CA LYS C 197 30.34 22.46 -6.27
C LYS C 197 29.93 23.82 -5.75
N VAL C 198 29.79 24.78 -6.66
CA VAL C 198 29.34 26.13 -6.32
C VAL C 198 27.93 26.24 -6.86
N ILE C 199 26.95 25.93 -6.03
CA ILE C 199 25.55 25.86 -6.44
C ILE C 199 24.92 27.24 -6.24
N PRO C 200 24.60 27.96 -7.29
CA PRO C 200 23.94 29.26 -7.15
C PRO C 200 22.43 29.13 -7.20
N SER C 201 21.77 30.27 -7.10
CA SER C 201 20.34 30.35 -7.39
C SER C 201 20.16 30.91 -8.80
N ARG C 202 19.43 30.18 -9.63
CA ARG C 202 19.18 30.54 -11.03
C ARG C 202 20.46 31.00 -11.72
N GLY C 203 21.40 30.07 -11.85
CA GLY C 203 22.67 30.34 -12.50
C GLY C 203 23.17 29.13 -13.25
N ALA C 204 24.48 29.08 -13.47
CA ALA C 204 25.13 27.95 -14.12
C ALA C 204 26.26 27.44 -13.24
N TRP C 205 26.28 26.13 -13.00
CA TRP C 205 27.21 25.55 -12.04
C TRP C 205 28.63 25.59 -12.58
N LEU C 206 29.59 25.30 -11.70
CA LEU C 206 30.96 25.04 -12.12
C LEU C 206 31.63 24.23 -11.01
N GLU C 207 32.17 23.06 -11.37
CA GLU C 207 32.76 22.15 -10.40
C GLU C 207 34.25 22.00 -10.65
N PHE C 208 35.04 22.12 -9.58
CA PHE C 208 36.48 21.86 -9.61
C PHE C 208 36.69 20.55 -8.85
N ASP C 209 37.12 19.51 -9.55
CA ASP C 209 37.25 18.19 -8.97
C ASP C 209 38.63 17.63 -9.26
N VAL C 210 39.14 16.83 -8.32
CA VAL C 210 40.37 16.08 -8.48
C VAL C 210 40.02 14.61 -8.67
N ASP C 211 40.90 13.90 -9.36
CA ASP C 211 40.65 12.50 -9.70
C ASP C 211 41.98 11.75 -9.70
N LYS C 212 41.92 10.46 -9.96
CA LYS C 212 43.11 9.68 -10.27
C LYS C 212 43.95 10.44 -11.28
N ARG C 213 45.27 10.25 -11.23
CA ARG C 213 46.12 11.05 -12.09
C ARG C 213 45.90 12.51 -11.73
N ASP C 214 46.31 12.91 -10.53
CA ASP C 214 45.90 14.18 -9.96
C ASP C 214 45.88 15.30 -11.00
N THR C 215 44.70 15.88 -11.22
CA THR C 215 44.52 16.90 -12.26
C THR C 215 43.33 17.76 -11.83
N VAL C 216 43.64 18.94 -11.28
CA VAL C 216 42.61 19.87 -10.85
C VAL C 216 41.96 20.46 -12.09
N GLY C 217 40.71 20.05 -12.37
CA GLY C 217 40.01 20.50 -13.57
C GLY C 217 38.81 21.39 -13.28
N VAL C 218 38.05 21.66 -14.35
CA VAL C 218 36.86 22.50 -14.28
C VAL C 218 35.74 21.79 -15.05
N ARG C 219 34.50 22.20 -14.77
CA ARG C 219 33.35 21.68 -15.49
C ARG C 219 32.35 22.80 -15.78
N ILE C 220 32.85 23.94 -16.27
CA ILE C 220 32.00 25.12 -16.47
C ILE C 220 30.67 24.68 -17.09
N ASP C 221 29.58 25.17 -16.51
CA ASP C 221 28.23 24.69 -16.87
C ASP C 221 28.21 23.20 -16.53
N ARG C 222 27.83 22.31 -17.45
CA ARG C 222 27.92 20.87 -17.25
C ARG C 222 28.52 20.23 -18.51
N LYS C 223 29.55 20.88 -19.05
CA LYS C 223 30.27 20.39 -20.21
C LYS C 223 31.46 19.53 -19.78
N ARG C 224 32.35 19.21 -20.71
CA ARG C 224 33.43 18.27 -20.47
C ARG C 224 34.54 18.96 -19.68
N ARG C 225 35.43 18.14 -19.12
CA ARG C 225 36.44 18.65 -18.19
C ARG C 225 37.57 19.37 -18.92
N GLN C 226 38.34 20.13 -18.14
CA GLN C 226 39.48 20.87 -18.66
C GLN C 226 40.27 21.45 -17.49
N PRO C 227 41.60 21.58 -17.61
CA PRO C 227 42.40 22.06 -16.46
C PRO C 227 42.00 23.45 -15.99
N VAL C 228 42.09 23.68 -14.67
CA VAL C 228 41.74 25.00 -14.14
C VAL C 228 42.64 26.08 -14.71
N THR C 229 43.93 25.77 -14.91
CA THR C 229 44.84 26.75 -15.48
C THR C 229 44.24 27.43 -16.69
N VAL C 230 43.44 26.71 -17.48
CA VAL C 230 42.73 27.33 -18.59
C VAL C 230 41.85 28.46 -18.09
N LEU C 231 41.04 28.18 -17.06
CA LEU C 231 40.15 29.20 -16.53
C LEU C 231 40.93 30.36 -15.93
N LEU C 232 41.97 30.05 -15.16
CA LEU C 232 42.75 31.10 -14.51
C LEU C 232 43.39 32.02 -15.53
N LYS C 233 44.00 31.47 -16.58
CA LYS C 233 44.56 32.30 -17.63
C LYS C 233 43.46 33.08 -18.34
N ALA C 234 42.31 32.45 -18.57
CA ALA C 234 41.19 33.15 -19.19
C ALA C 234 40.77 34.35 -18.35
N LEU C 235 40.91 34.27 -17.03
CA LEU C 235 40.58 35.38 -16.16
C LEU C 235 41.67 36.44 -16.13
N GLY C 236 42.81 36.20 -16.77
CA GLY C 236 43.86 37.19 -16.85
C GLY C 236 44.99 36.95 -15.89
N TRP C 237 45.38 35.69 -15.71
CA TRP C 237 46.47 35.30 -14.84
C TRP C 237 47.62 34.75 -15.67
N THR C 238 48.79 35.36 -15.53
CA THR C 238 49.98 34.89 -16.24
C THR C 238 50.49 33.60 -15.61
N SER C 239 51.30 32.86 -16.37
CA SER C 239 51.92 31.65 -15.85
C SER C 239 52.84 31.94 -14.67
N GLU C 240 53.27 33.18 -14.48
CA GLU C 240 54.10 33.51 -13.33
C GLU C 240 53.26 33.70 -12.07
N GLN C 241 52.13 34.39 -12.18
CA GLN C 241 51.31 34.68 -11.02
C GLN C 241 50.79 33.41 -10.36
N ILE C 242 50.35 32.45 -11.18
CA ILE C 242 49.73 31.23 -10.64
C ILE C 242 50.74 30.48 -9.78
N VAL C 243 51.93 30.24 -10.32
CA VAL C 243 52.96 29.57 -9.54
C VAL C 243 53.45 30.44 -8.39
N GLU C 244 53.35 31.77 -8.52
CA GLU C 244 53.69 32.64 -7.40
C GLU C 244 52.77 32.37 -6.20
N ARG C 245 51.46 32.36 -6.44
CA ARG C 245 50.50 32.09 -5.38
C ARG C 245 50.20 30.61 -5.20
N PHE C 246 49.92 29.91 -6.28
CA PHE C 246 49.66 28.47 -6.22
C PHE C 246 50.95 27.67 -6.39
N GLY C 247 51.96 28.02 -5.61
CA GLY C 247 53.24 27.36 -5.64
C GLY C 247 53.50 26.42 -4.48
N PHE C 248 52.50 26.07 -3.69
CA PHE C 248 52.69 25.29 -2.47
C PHE C 248 52.14 23.87 -2.57
N SER C 249 51.65 23.45 -3.74
CA SER C 249 51.15 22.09 -3.93
C SER C 249 51.68 21.52 -5.24
N GLU C 250 51.93 20.21 -5.23
CA GLU C 250 52.45 19.55 -6.42
C GLU C 250 51.38 19.46 -7.50
N ILE C 251 50.11 19.38 -7.13
CA ILE C 251 49.04 19.22 -8.11
C ILE C 251 48.96 20.44 -9.00
N MET C 252 48.99 21.63 -8.39
CA MET C 252 48.90 22.87 -9.17
C MET C 252 50.08 23.00 -10.12
N ARG C 253 51.29 22.70 -9.65
CA ARG C 253 52.46 22.80 -10.53
C ARG C 253 52.36 21.80 -11.68
N SER C 254 51.89 20.59 -11.38
CA SER C 254 51.73 19.59 -12.44
C SER C 254 50.73 20.06 -13.48
N THR C 255 49.60 20.62 -13.03
CA THR C 255 48.61 21.13 -13.97
C THR C 255 49.19 22.28 -14.79
N LEU C 256 49.98 23.14 -14.15
CA LEU C 256 50.62 24.24 -14.87
C LEU C 256 51.53 23.70 -15.97
N GLU C 257 52.30 22.65 -15.66
CA GLU C 257 53.20 22.08 -16.66
C GLU C 257 52.43 21.53 -17.85
N LYS C 258 51.32 20.84 -17.60
CA LYS C 258 50.47 20.31 -18.66
C LYS C 258 49.19 21.15 -18.73
N ASP C 259 49.25 22.19 -19.57
CA ASP C 259 48.10 23.04 -19.84
C ASP C 259 47.80 23.17 -21.32
N ASN C 260 48.82 23.25 -22.16
CA ASN C 260 48.70 23.37 -23.61
C ASN C 260 47.91 24.61 -24.03
N THR C 261 47.79 25.60 -23.16
CA THR C 261 47.09 26.84 -23.46
C THR C 261 48.13 27.96 -23.55
N VAL C 262 48.11 28.69 -24.65
CA VAL C 262 49.09 29.73 -24.93
C VAL C 262 48.44 31.09 -24.75
N GLY C 263 49.10 31.98 -24.01
CA GLY C 263 48.56 33.30 -23.80
C GLY C 263 47.22 33.25 -23.10
N THR C 264 46.31 34.13 -23.51
CA THR C 264 44.98 34.21 -22.93
C THR C 264 43.88 33.97 -23.94
N ASP C 265 44.08 34.40 -25.18
CA ASP C 265 43.01 34.28 -26.19
C ASP C 265 42.70 32.81 -26.47
N GLU C 266 43.74 31.98 -26.59
CA GLU C 266 43.49 30.56 -26.84
C GLU C 266 42.66 29.95 -25.72
N ALA C 267 42.87 30.40 -24.48
CA ALA C 267 42.05 29.90 -23.39
C ALA C 267 40.58 30.20 -23.62
N LEU C 268 40.27 31.45 -24.00
CA LEU C 268 38.89 31.85 -24.22
C LEU C 268 38.29 31.08 -25.38
N LEU C 269 39.04 30.89 -26.46
CA LEU C 269 38.54 30.14 -27.59
C LEU C 269 38.25 28.69 -27.22
N ASP C 270 39.14 28.08 -26.44
CA ASP C 270 38.91 26.71 -25.98
C ASP C 270 37.66 26.64 -25.11
N ILE C 271 37.49 27.59 -24.19
CA ILE C 271 36.29 27.62 -23.37
C ILE C 271 35.06 27.74 -24.25
N TYR C 272 35.15 28.55 -25.31
CA TYR C 272 34.03 28.68 -26.24
C TYR C 272 33.72 27.36 -26.92
N ARG C 273 34.76 26.61 -27.31
CA ARG C 273 34.57 25.35 -28.00
C ARG C 273 33.85 24.31 -27.15
N LYS C 274 33.75 24.50 -25.84
CA LYS C 274 33.07 23.57 -24.96
C LYS C 274 31.74 24.12 -24.46
N LEU C 275 31.70 25.37 -24.00
CA LEU C 275 30.46 25.96 -23.54
C LEU C 275 29.38 25.90 -24.62
N ARG C 276 29.73 26.32 -25.83
CA ARG C 276 28.81 26.39 -26.96
C ARG C 276 29.45 25.73 -28.18
N PRO C 277 29.22 24.45 -28.43
CA PRO C 277 29.86 23.78 -29.56
C PRO C 277 29.28 24.21 -30.89
N GLY C 278 30.05 23.93 -31.95
CA GLY C 278 29.59 24.21 -33.30
C GLY C 278 29.36 25.67 -33.60
N GLU C 279 30.31 26.53 -33.25
CA GLU C 279 30.20 27.96 -33.55
C GLU C 279 31.55 28.46 -34.04
N PRO C 280 31.57 29.57 -34.77
CA PRO C 280 32.84 30.18 -35.14
C PRO C 280 33.45 30.90 -33.96
N PRO C 281 34.53 30.37 -33.38
CA PRO C 281 35.12 31.04 -32.21
C PRO C 281 35.67 32.41 -32.58
N THR C 282 35.43 33.38 -31.71
CA THR C 282 36.01 34.71 -31.85
C THR C 282 36.17 35.31 -30.47
N LYS C 283 37.24 36.08 -30.28
CA LYS C 283 37.62 36.56 -28.95
C LYS C 283 36.52 37.41 -28.31
N GLU C 284 35.93 38.34 -29.07
CA GLU C 284 34.95 39.24 -28.51
C GLU C 284 33.73 38.49 -27.98
N SER C 285 33.15 37.63 -28.82
CA SER C 285 31.98 36.88 -28.42
C SER C 285 32.28 35.96 -27.24
N ALA C 286 33.46 35.33 -27.26
CA ALA C 286 33.84 34.45 -26.17
C ALA C 286 33.94 35.20 -24.85
N GLN C 287 34.61 36.35 -24.86
CA GLN C 287 34.72 37.14 -23.65
C GLN C 287 33.34 37.59 -23.17
N THR C 288 32.50 38.04 -24.09
CA THR C 288 31.17 38.51 -23.71
C THR C 288 30.37 37.39 -23.06
N LEU C 289 30.36 36.21 -23.68
CA LEU C 289 29.60 35.08 -23.15
C LEU C 289 30.14 34.66 -21.80
N LEU C 290 31.47 34.59 -21.65
CA LEU C 290 32.06 34.17 -20.39
C LEU C 290 31.70 35.15 -19.28
N GLU C 291 31.80 36.45 -19.55
CA GLU C 291 31.41 37.43 -18.54
C GLU C 291 29.93 37.32 -18.21
N ASN C 292 29.08 37.15 -19.23
CA ASN C 292 27.65 37.13 -19.00
C ASN C 292 27.22 35.90 -18.21
N LEU C 293 27.94 34.79 -18.37
CA LEU C 293 27.56 33.57 -17.65
C LEU C 293 27.65 33.77 -16.14
N PHE C 294 28.70 34.42 -15.65
CA PHE C 294 28.95 34.51 -14.22
C PHE C 294 28.97 35.93 -13.66
N PHE C 295 29.61 36.88 -14.35
CA PHE C 295 29.92 38.17 -13.73
C PHE C 295 28.92 39.25 -14.09
N LYS C 296 27.65 38.87 -14.24
CA LYS C 296 26.57 39.82 -14.49
C LYS C 296 25.41 39.48 -13.57
N GLU C 297 24.71 40.51 -13.09
CA GLU C 297 23.54 40.27 -12.26
C GLU C 297 22.32 40.05 -13.13
N LYS C 298 22.47 39.15 -14.11
CA LYS C 298 21.38 38.79 -15.01
C LYS C 298 21.20 37.29 -15.15
N ARG C 299 22.27 36.50 -15.01
CA ARG C 299 22.18 35.06 -15.17
C ARG C 299 22.98 34.32 -14.10
N TYR C 300 23.43 35.03 -13.07
CA TYR C 300 24.11 34.40 -11.95
C TYR C 300 23.83 35.17 -10.68
N ASP C 301 22.82 34.73 -9.92
CA ASP C 301 22.41 35.43 -8.71
C ASP C 301 22.56 34.47 -7.53
N LEU C 302 23.49 34.76 -6.64
CA LEU C 302 23.64 34.00 -5.40
C LEU C 302 22.62 34.44 -4.35
N ALA C 303 21.62 35.21 -4.74
CA ALA C 303 20.61 35.71 -3.81
C ALA C 303 21.35 36.47 -2.71
N ARG C 304 20.74 36.58 -1.53
CA ARG C 304 21.41 37.15 -0.37
C ARG C 304 21.87 36.10 0.62
N VAL C 305 21.14 34.99 0.74
CA VAL C 305 21.58 33.90 1.60
C VAL C 305 22.86 33.28 1.06
N GLY C 306 22.92 33.06 -0.26
CA GLY C 306 24.09 32.41 -0.83
C GLY C 306 25.36 33.19 -0.59
N ARG C 307 25.31 34.51 -0.77
CA ARG C 307 26.51 35.31 -0.56
C ARG C 307 26.96 35.27 0.89
N TYR C 308 26.01 35.33 1.82
CA TYR C 308 26.37 35.24 3.24
C TYR C 308 27.04 33.90 3.53
N LYS C 309 26.48 32.82 2.99
CA LYS C 309 27.06 31.50 3.23
C LYS C 309 28.46 31.40 2.66
N VAL C 310 28.67 31.91 1.45
CA VAL C 310 29.98 31.83 0.82
C VAL C 310 31.00 32.65 1.61
N ASN C 311 30.63 33.88 1.98
CA ASN C 311 31.54 34.71 2.77
C ASN C 311 31.85 34.07 4.11
N LYS C 312 30.89 33.39 4.72
CA LYS C 312 31.18 32.67 5.95
C LYS C 312 32.16 31.53 5.71
N LYS C 313 31.91 30.74 4.66
CA LYS C 313 32.73 29.54 4.45
C LYS C 313 34.17 29.91 4.12
N LEU C 314 34.38 30.92 3.27
CA LEU C 314 35.73 31.32 2.89
C LEU C 314 36.24 32.50 3.71
N GLY C 315 35.38 33.17 4.48
CA GLY C 315 35.82 34.27 5.32
C GLY C 315 36.43 35.43 4.55
N LEU C 316 35.79 35.85 3.46
CA LEU C 316 36.35 36.92 2.64
C LEU C 316 36.00 38.30 3.20
N HIS C 317 34.71 38.63 3.27
CA HIS C 317 34.24 39.93 3.70
C HIS C 317 33.41 39.74 4.97
N VAL C 318 34.06 39.86 6.13
CA VAL C 318 33.34 39.72 7.39
C VAL C 318 32.64 41.01 7.77
N GLY C 319 33.14 42.16 7.31
CA GLY C 319 32.60 43.44 7.73
C GLY C 319 31.58 44.04 6.79
N GLU C 320 31.88 44.05 5.50
CA GLU C 320 31.03 44.76 4.56
C GLU C 320 29.63 44.14 4.55
N PRO C 321 28.58 44.95 4.44
CA PRO C 321 27.23 44.38 4.31
C PRO C 321 27.06 43.68 2.97
N ILE C 322 26.12 42.73 2.94
CA ILE C 322 25.90 41.91 1.76
C ILE C 322 25.13 42.75 0.74
N THR C 323 25.85 43.35 -0.20
CA THR C 323 25.26 44.07 -1.31
C THR C 323 26.05 43.72 -2.56
N SER C 324 25.45 42.87 -3.41
CA SER C 324 26.09 42.23 -4.56
C SER C 324 25.84 40.73 -4.49
N SER C 325 25.50 40.13 -5.64
CA SER C 325 25.11 38.72 -5.65
C SER C 325 25.75 37.97 -6.81
N THR C 326 26.76 38.54 -7.47
CA THR C 326 27.49 37.87 -8.53
C THR C 326 28.86 37.44 -8.03
N LEU C 327 29.42 36.44 -8.69
CA LEU C 327 30.73 35.94 -8.30
C LEU C 327 31.81 36.97 -8.62
N THR C 328 33.02 36.68 -8.16
CA THR C 328 34.16 37.55 -8.39
C THR C 328 35.42 36.69 -8.42
N GLU C 329 36.46 37.22 -9.07
CA GLU C 329 37.68 36.46 -9.24
C GLU C 329 38.25 36.00 -7.90
N GLU C 330 38.15 36.86 -6.88
CA GLU C 330 38.71 36.50 -5.57
C GLU C 330 38.02 35.25 -5.02
N ASP C 331 36.70 35.15 -5.18
CA ASP C 331 35.98 33.98 -4.70
C ASP C 331 36.45 32.72 -5.41
N VAL C 332 36.63 32.79 -6.73
CA VAL C 332 37.00 31.61 -7.49
C VAL C 332 38.41 31.16 -7.09
N VAL C 333 39.35 32.09 -7.02
CA VAL C 333 40.71 31.71 -6.64
C VAL C 333 40.72 31.17 -5.21
N ALA C 334 39.91 31.77 -4.33
CA ALA C 334 39.86 31.29 -2.95
C ALA C 334 39.34 29.86 -2.89
N THR C 335 38.30 29.54 -3.66
CA THR C 335 37.77 28.17 -3.61
C THR C 335 38.75 27.18 -4.20
N ILE C 336 39.45 27.54 -5.28
CA ILE C 336 40.47 26.62 -5.81
C ILE C 336 41.53 26.37 -4.76
N GLU C 337 42.01 27.44 -4.10
CA GLU C 337 43.03 27.26 -3.06
C GLU C 337 42.50 26.38 -1.94
N TYR C 338 41.26 26.61 -1.54
CA TYR C 338 40.65 25.83 -0.47
C TYR C 338 40.59 24.35 -0.84
N LEU C 339 40.20 24.05 -2.08
CA LEU C 339 40.11 22.66 -2.50
C LEU C 339 41.48 21.99 -2.52
N VAL C 340 42.48 22.69 -3.06
CA VAL C 340 43.81 22.08 -3.13
C VAL C 340 44.36 21.86 -1.73
N ARG C 341 44.15 22.83 -0.83
CA ARG C 341 44.62 22.64 0.55
C ARG C 341 43.90 21.48 1.21
N LEU C 342 42.59 21.35 0.97
CA LEU C 342 41.84 20.23 1.55
C LEU C 342 42.41 18.90 1.07
N HIS C 343 42.75 18.81 -0.22
CA HIS C 343 43.39 17.59 -0.70
C HIS C 343 44.75 17.41 -0.06
N GLU C 344 45.45 18.51 0.24
CA GLU C 344 46.75 18.43 0.89
C GLU C 344 46.66 17.94 2.32
N GLY C 345 45.48 18.00 2.93
CA GLY C 345 45.31 17.60 4.31
C GLY C 345 45.48 18.71 5.32
N GLN C 346 45.43 19.97 4.89
CA GLN C 346 45.62 21.07 5.80
C GLN C 346 44.56 21.08 6.89
N THR C 347 44.77 21.93 7.89
CA THR C 347 43.84 22.09 9.00
C THR C 347 43.12 23.42 8.97
N THR C 348 43.83 24.50 8.64
CA THR C 348 43.25 25.82 8.50
C THR C 348 43.98 26.59 7.42
N MET C 349 43.31 27.59 6.85
CA MET C 349 43.90 28.40 5.79
C MET C 349 43.63 29.86 6.06
N THR C 350 44.52 30.71 5.55
CA THR C 350 44.35 32.16 5.61
C THR C 350 44.29 32.71 4.19
N VAL C 351 43.19 33.38 3.87
CA VAL C 351 43.04 34.02 2.57
C VAL C 351 43.43 35.48 2.74
N PRO C 352 44.27 36.04 1.87
CA PRO C 352 44.62 37.46 2.03
C PRO C 352 43.37 38.32 2.02
N GLY C 353 43.31 39.25 2.97
CA GLY C 353 42.15 40.10 3.13
C GLY C 353 40.97 39.47 3.82
N GLY C 354 41.17 38.37 4.52
CA GLY C 354 40.07 37.70 5.22
C GLY C 354 40.58 36.89 6.38
N VAL C 355 39.72 36.74 7.40
CA VAL C 355 40.09 35.98 8.58
C VAL C 355 40.17 34.49 8.23
N GLU C 356 40.94 33.76 9.03
CA GLU C 356 41.14 32.34 8.79
C GLU C 356 39.87 31.54 9.08
N VAL C 357 39.76 30.39 8.42
CA VAL C 357 38.63 29.49 8.63
C VAL C 357 39.13 28.06 8.64
N PRO C 358 38.37 27.15 9.23
CA PRO C 358 38.73 25.73 9.17
C PRO C 358 38.43 25.15 7.80
N VAL C 359 39.27 24.20 7.37
CA VAL C 359 39.10 23.53 6.09
C VAL C 359 38.60 22.11 6.38
N GLU C 360 37.39 21.82 5.93
CA GLU C 360 36.78 20.52 6.20
C GLU C 360 35.68 20.28 5.18
N THR C 361 35.30 19.02 5.02
CA THR C 361 34.21 18.68 4.12
C THR C 361 32.88 19.16 4.70
N ASP C 362 31.84 19.10 3.88
CA ASP C 362 30.51 19.55 4.26
C ASP C 362 29.50 18.44 4.05
N ASP C 363 28.41 18.52 4.80
CA ASP C 363 27.32 17.55 4.74
C ASP C 363 26.09 18.25 4.18
N ILE C 364 25.24 17.48 3.51
CA ILE C 364 24.08 18.06 2.80
C ILE C 364 22.80 17.63 3.50
N ASP C 365 22.86 17.41 4.80
CA ASP C 365 21.66 17.13 5.59
C ASP C 365 21.65 17.98 6.85
N HIS C 366 22.81 18.44 7.28
CA HIS C 366 22.92 19.39 8.37
C HIS C 366 21.97 20.56 8.14
N PHE C 367 21.14 20.86 9.14
CA PHE C 367 20.10 21.87 8.95
C PHE C 367 20.70 23.28 8.92
N GLY C 368 22.01 23.37 8.88
CA GLY C 368 22.68 24.59 8.47
C GLY C 368 22.92 24.69 6.98
N ASN C 369 22.51 23.68 6.22
CA ASN C 369 22.66 23.68 4.78
C ASN C 369 21.34 23.50 4.03
N ARG C 370 20.30 22.98 4.67
CA ARG C 370 18.98 22.88 4.07
C ARG C 370 18.13 24.03 4.56
N ARG C 371 17.64 24.85 3.63
CA ARG C 371 16.87 26.02 3.97
C ARG C 371 15.41 25.81 3.62
N LEU C 372 14.58 26.72 4.10
CA LEU C 372 13.13 26.58 4.07
C LEU C 372 12.53 27.71 3.25
N ARG C 373 12.10 27.40 2.03
CA ARG C 373 11.38 28.34 1.20
C ARG C 373 9.94 28.34 1.68
N THR C 374 9.53 29.43 2.36
CA THR C 374 8.19 29.53 2.91
C THR C 374 7.21 29.97 1.84
N VAL C 375 5.99 30.33 2.24
CA VAL C 375 4.98 30.75 1.27
C VAL C 375 5.36 32.05 0.56
N GLY C 376 6.01 32.98 1.25
CA GLY C 376 6.39 34.23 0.62
C GLY C 376 7.36 34.07 -0.53
N GLU C 377 8.37 33.22 -0.32
CA GLU C 377 9.42 33.08 -1.32
C GLU C 377 8.87 32.51 -2.63
N LEU C 378 7.97 31.54 -2.55
CA LEU C 378 7.43 30.93 -3.77
C LEU C 378 6.65 31.96 -4.59
N ILE C 379 5.77 32.71 -3.94
CA ILE C 379 5.01 33.72 -4.66
C ILE C 379 5.95 34.78 -5.22
N GLN C 380 7.01 35.11 -4.48
CA GLN C 380 7.96 36.08 -5.01
C GLN C 380 8.63 35.55 -6.28
N ASN C 381 9.00 34.27 -6.30
CA ASN C 381 9.60 33.70 -7.51
C ASN C 381 8.63 33.74 -8.67
N GLN C 382 7.36 33.40 -8.42
CA GLN C 382 6.38 33.43 -9.50
C GLN C 382 6.21 34.84 -10.05
N ILE C 383 6.11 35.84 -9.17
CA ILE C 383 6.02 37.22 -9.64
C ILE C 383 7.28 37.59 -10.41
N ARG C 384 8.43 37.08 -9.98
CA ARG C 384 9.68 37.39 -10.68
C ARG C 384 9.65 36.88 -12.11
N VAL C 385 9.20 35.65 -12.32
CA VAL C 385 9.17 35.12 -13.69
C VAL C 385 8.12 35.85 -14.52
N GLY C 386 6.97 36.15 -13.93
CA GLY C 386 5.97 36.93 -14.64
C GLY C 386 6.51 38.27 -15.10
N MET C 387 7.19 38.99 -14.19
CA MET C 387 7.79 40.26 -14.56
C MET C 387 8.90 40.10 -15.57
N SER C 388 9.62 38.98 -15.56
CA SER C 388 10.63 38.76 -16.59
C SER C 388 9.98 38.68 -17.97
N ARG C 389 8.89 37.93 -18.08
CA ARG C 389 8.18 37.85 -19.36
C ARG C 389 7.66 39.23 -19.78
N MET C 390 7.05 39.95 -18.83
CA MET C 390 6.56 41.29 -19.14
C MET C 390 7.70 42.20 -19.58
N GLU C 391 8.88 42.01 -18.99
CA GLU C 391 10.03 42.83 -19.33
C GLU C 391 10.52 42.54 -20.75
N ARG C 392 10.50 41.27 -21.14
CA ARG C 392 10.85 40.96 -22.52
C ARG C 392 9.85 41.62 -23.47
N VAL C 393 8.57 41.55 -23.13
CA VAL C 393 7.55 42.17 -23.99
C VAL C 393 7.79 43.67 -24.11
N VAL C 394 8.05 44.34 -22.98
CA VAL C 394 8.21 45.79 -23.00
C VAL C 394 9.47 46.17 -23.76
N ARG C 395 10.56 45.42 -23.57
CA ARG C 395 11.78 45.71 -24.31
C ARG C 395 11.55 45.59 -25.81
N GLU C 396 10.84 44.53 -26.23
CA GLU C 396 10.56 44.39 -27.66
C GLU C 396 9.71 45.56 -28.16
N ARG C 397 8.67 45.90 -27.41
CA ARG C 397 7.76 46.96 -27.86
C ARG C 397 8.45 48.33 -27.84
N MET C 398 9.53 48.46 -27.07
CA MET C 398 10.20 49.74 -26.94
C MET C 398 10.86 50.21 -28.23
N THR C 399 11.07 49.31 -29.19
CA THR C 399 11.75 49.67 -30.43
C THR C 399 10.83 49.68 -31.65
N THR C 400 9.59 49.22 -31.52
CA THR C 400 8.66 49.16 -32.64
C THR C 400 7.56 50.21 -32.53
N GLN C 401 7.70 51.17 -31.63
CA GLN C 401 6.75 52.27 -31.49
C GLN C 401 7.50 53.59 -31.56
N ASP C 402 6.93 54.54 -32.29
CA ASP C 402 7.57 55.84 -32.45
C ASP C 402 7.64 56.59 -31.12
N VAL C 403 8.72 57.35 -30.95
CA VAL C 403 8.89 58.14 -29.74
C VAL C 403 7.81 59.22 -29.67
N GLU C 404 7.72 59.85 -28.50
CA GLU C 404 6.79 60.94 -28.20
C GLU C 404 5.33 60.53 -28.34
N ALA C 405 5.09 59.25 -28.65
CA ALA C 405 3.76 58.66 -28.55
C ALA C 405 3.71 57.59 -27.47
N ILE C 406 4.87 57.19 -26.94
CA ILE C 406 4.95 56.14 -25.95
C ILE C 406 4.60 56.70 -24.58
N THR C 407 3.70 56.02 -23.88
CA THR C 407 3.38 56.33 -22.49
C THR C 407 3.48 55.03 -21.71
N PRO C 408 3.83 55.09 -20.42
CA PRO C 408 4.03 53.83 -19.68
C PRO C 408 2.88 52.85 -19.82
N GLN C 409 1.64 53.34 -19.83
CA GLN C 409 0.49 52.43 -19.90
C GLN C 409 0.39 51.71 -21.23
N THR C 410 1.02 52.20 -22.28
CA THR C 410 0.97 51.57 -23.60
C THR C 410 2.13 50.62 -23.84
N LEU C 411 3.04 50.49 -22.88
CA LEU C 411 4.12 49.51 -22.97
C LEU C 411 3.97 48.36 -21.99
N ILE C 412 3.10 48.47 -21.00
CA ILE C 412 2.92 47.43 -20.00
C ILE C 412 1.80 46.50 -20.43
N ASN C 413 2.09 45.20 -20.46
CA ASN C 413 1.12 44.16 -20.79
C ASN C 413 0.95 43.28 -19.56
N ILE C 414 -0.20 43.40 -18.89
CA ILE C 414 -0.39 42.80 -17.58
C ILE C 414 -0.69 41.31 -17.62
N ARG C 415 -1.14 40.79 -18.75
CA ARG C 415 -1.63 39.42 -18.78
C ARG C 415 -0.63 38.37 -18.28
N PRO C 416 0.65 38.41 -18.65
CA PRO C 416 1.56 37.35 -18.17
C PRO C 416 1.68 37.28 -16.66
N VAL C 417 1.62 38.42 -15.95
CA VAL C 417 1.79 38.40 -14.50
C VAL C 417 0.62 37.66 -13.85
N VAL C 418 -0.60 38.03 -14.22
CA VAL C 418 -1.77 37.37 -13.67
C VAL C 418 -1.77 35.90 -14.07
N ALA C 419 -1.33 35.61 -15.29
CA ALA C 419 -1.24 34.22 -15.72
C ALA C 419 -0.31 33.43 -14.83
N ALA C 420 0.87 33.97 -14.52
CA ALA C 420 1.81 33.26 -13.66
C ALA C 420 1.24 33.06 -12.27
N ILE C 421 0.65 34.10 -11.70
CA ILE C 421 0.10 33.97 -10.35
C ILE C 421 -0.98 32.89 -10.32
N LYS C 422 -1.88 32.91 -11.28
CA LYS C 422 -2.96 31.93 -11.34
C LYS C 422 -2.43 30.52 -11.55
N GLU C 423 -1.43 30.38 -12.42
CA GLU C 423 -0.81 29.08 -12.68
C GLU C 423 -0.26 28.52 -11.38
N PHE C 424 0.43 29.36 -10.60
CA PHE C 424 0.97 28.87 -9.34
C PHE C 424 -0.15 28.45 -8.40
N PHE C 425 -1.12 29.33 -8.18
CA PHE C 425 -2.14 29.06 -7.18
C PHE C 425 -3.12 27.99 -7.60
N GLY C 426 -3.09 27.53 -8.85
CA GLY C 426 -4.04 26.52 -9.28
C GLY C 426 -3.41 25.18 -9.62
N THR C 427 -2.16 25.21 -10.11
CA THR C 427 -1.48 24.00 -10.57
C THR C 427 -0.05 23.99 -10.02
N SER C 428 0.18 23.16 -9.01
CA SER C 428 1.50 23.02 -8.42
C SER C 428 1.44 21.93 -7.36
N GLN C 429 2.61 21.49 -6.93
CA GLN C 429 2.71 20.50 -5.87
C GLN C 429 2.81 21.11 -4.48
N LEU C 430 2.73 22.44 -4.38
CA LEU C 430 2.76 23.10 -3.08
C LEU C 430 1.47 23.83 -2.74
N SER C 431 0.65 24.18 -3.72
CA SER C 431 -0.65 24.78 -3.45
C SER C 431 -1.65 23.63 -3.34
N GLN C 432 -2.02 23.25 -2.12
CA GLN C 432 -2.78 22.04 -1.89
C GLN C 432 -4.13 22.38 -1.29
N PHE C 433 -5.08 21.46 -1.48
CA PHE C 433 -6.38 21.56 -0.83
C PHE C 433 -6.21 21.37 0.67
N MET C 434 -6.79 22.28 1.45
CA MET C 434 -6.75 22.13 2.90
C MET C 434 -7.42 20.82 3.30
N ASP C 435 -6.82 20.13 4.26
CA ASP C 435 -7.42 18.92 4.85
C ASP C 435 -8.21 19.35 6.07
N GLN C 436 -9.53 19.22 6.00
CA GLN C 436 -10.42 19.68 7.07
C GLN C 436 -11.21 18.55 7.70
N ASN C 437 -10.59 17.38 7.86
CA ASN C 437 -11.22 16.32 8.66
C ASN C 437 -11.58 16.88 10.02
N ASN C 438 -10.67 17.64 10.61
CA ASN C 438 -10.87 18.28 11.91
C ASN C 438 -9.81 19.37 12.09
N PRO C 439 -9.95 20.25 13.09
CA PRO C 439 -9.01 21.37 13.19
C PRO C 439 -7.54 20.95 13.25
N LEU C 440 -7.22 19.86 13.95
CA LEU C 440 -5.83 19.46 14.07
C LEU C 440 -5.23 19.14 12.71
N SER C 441 -6.02 18.59 11.79
CA SER C 441 -5.49 18.31 10.46
C SER C 441 -5.06 19.60 9.77
N GLY C 442 -5.89 20.64 9.86
CA GLY C 442 -5.49 21.91 9.27
C GLY C 442 -4.27 22.49 9.94
N LEU C 443 -4.25 22.50 11.28
CA LEU C 443 -3.11 23.09 11.98
C LEU C 443 -1.82 22.38 11.62
N THR C 444 -1.86 21.05 11.49
CA THR C 444 -0.66 20.33 11.10
C THR C 444 -0.34 20.51 9.63
N HIS C 445 -1.35 20.80 8.80
CA HIS C 445 -1.09 20.97 7.38
C HIS C 445 -0.43 22.31 7.08
N LYS C 446 -0.71 23.32 7.90
CA LYS C 446 -0.07 24.61 7.69
C LYS C 446 1.39 24.62 8.12
N ARG C 447 1.79 23.79 9.08
CA ARG C 447 3.15 23.76 9.60
C ARG C 447 3.98 22.63 8.99
N ARG C 448 3.69 22.25 7.76
CA ARG C 448 4.31 21.09 7.14
C ARG C 448 5.56 21.51 6.38
N LEU C 449 6.55 20.62 6.33
CA LEU C 449 7.75 20.81 5.52
C LEU C 449 7.87 19.63 4.58
N SER C 450 7.76 19.88 3.29
CA SER C 450 7.83 18.84 2.28
C SER C 450 9.10 19.03 1.45
N ALA C 451 9.87 17.96 1.30
CA ALA C 451 11.11 18.02 0.54
C ALA C 451 10.91 17.71 -0.94
N LEU C 452 9.68 17.44 -1.38
CA LEU C 452 9.40 17.08 -2.77
C LEU C 452 8.59 18.20 -3.42
N GLY C 453 8.93 18.52 -4.66
CA GLY C 453 8.30 19.61 -5.38
C GLY C 453 9.17 20.08 -6.53
N PRO C 454 8.85 21.25 -7.09
CA PRO C 454 9.68 21.80 -8.18
C PRO C 454 11.02 22.28 -7.66
N GLY C 455 12.10 21.58 -8.03
CA GLY C 455 13.41 21.88 -7.54
C GLY C 455 13.89 21.03 -6.38
N GLY C 456 13.15 19.97 -6.04
CA GLY C 456 13.54 19.08 -4.98
C GLY C 456 13.48 17.64 -5.44
N LEU C 457 14.05 16.76 -4.63
CA LEU C 457 14.10 15.34 -4.97
C LEU C 457 12.69 14.81 -5.19
N SER C 458 12.62 13.61 -5.77
CA SER C 458 11.37 12.99 -6.17
C SER C 458 11.11 11.74 -5.36
N ARG C 459 9.83 11.38 -5.25
CA ARG C 459 9.44 10.27 -4.40
C ARG C 459 10.12 8.98 -4.84
N GLU C 460 10.27 8.79 -6.14
CA GLU C 460 10.82 7.55 -6.68
C GLU C 460 12.33 7.59 -6.89
N ARG C 461 12.98 8.68 -6.49
CA ARG C 461 14.41 8.86 -6.73
C ARG C 461 15.13 9.39 -5.49
N ALA C 462 14.70 8.95 -4.30
CA ALA C 462 15.31 9.33 -3.05
C ALA C 462 15.95 8.12 -2.40
N GLY C 463 17.19 8.26 -1.95
CA GLY C 463 17.91 7.18 -1.29
C GLY C 463 17.54 7.09 0.17
N LEU C 464 18.22 6.20 0.89
CA LEU C 464 17.99 6.02 2.31
C LEU C 464 18.85 6.92 3.17
N GLU C 465 19.62 7.83 2.56
CA GLU C 465 20.42 8.77 3.33
C GLU C 465 19.70 10.09 3.55
N VAL C 466 18.58 10.33 2.86
CA VAL C 466 17.81 11.56 3.05
C VAL C 466 16.58 11.34 3.91
N ARG C 467 16.14 10.09 4.10
CA ARG C 467 14.96 9.78 4.88
C ARG C 467 15.26 9.58 6.36
N ASP C 468 16.53 9.50 6.75
CA ASP C 468 16.88 9.29 8.13
C ASP C 468 16.65 10.55 8.95
N VAL C 469 17.04 10.49 10.23
CA VAL C 469 16.88 11.62 11.13
C VAL C 469 18.25 12.09 11.61
N HIS C 470 18.79 13.08 10.92
CA HIS C 470 20.12 13.59 11.23
C HIS C 470 20.13 14.18 12.65
N PRO C 471 21.24 14.03 13.38
CA PRO C 471 21.26 14.52 14.77
C PRO C 471 21.09 16.02 14.90
N SER C 472 20.99 16.76 13.80
CA SER C 472 20.77 18.20 13.86
C SER C 472 19.29 18.57 13.86
N HIS C 473 18.39 17.60 13.79
CA HIS C 473 16.97 17.88 13.81
C HIS C 473 16.43 18.22 15.19
N TYR C 474 17.22 18.03 16.24
CA TYR C 474 16.71 18.19 17.60
C TYR C 474 16.18 19.60 17.81
N GLY C 475 14.86 19.73 17.95
CA GLY C 475 14.24 21.01 18.19
C GLY C 475 13.84 21.77 16.95
N ARG C 476 14.11 21.24 15.76
CA ARG C 476 13.79 21.92 14.51
C ARG C 476 12.83 21.14 13.63
N MET C 477 12.75 19.83 13.77
CA MET C 477 11.83 19.01 12.99
C MET C 477 11.50 17.77 13.79
N CYS C 478 10.23 17.55 14.04
CA CYS C 478 9.81 16.44 14.89
C CYS C 478 10.27 15.12 14.26
N PRO C 479 10.91 14.23 15.03
CA PRO C 479 11.33 12.94 14.46
C PRO C 479 10.25 11.88 14.48
N ILE C 480 9.11 12.12 15.11
CA ILE C 480 8.07 11.11 15.25
C ILE C 480 7.04 11.25 14.13
N GLU C 481 6.47 12.45 13.99
CA GLU C 481 5.38 12.64 13.04
C GLU C 481 5.91 12.59 11.62
N THR C 482 5.40 11.65 10.83
CA THR C 482 5.81 11.48 9.45
C THR C 482 4.89 10.45 8.79
N PRO C 483 4.58 10.62 7.50
CA PRO C 483 3.72 9.63 6.84
C PRO C 483 4.35 8.25 6.82
N GLU C 484 3.50 7.23 6.78
CA GLU C 484 3.95 5.84 6.89
C GLU C 484 4.18 5.19 5.52
N GLY C 485 3.67 5.76 4.45
CA GLY C 485 3.73 5.12 3.15
C GLY C 485 5.10 5.25 2.51
N PRO C 486 5.15 5.47 1.20
CA PRO C 486 6.43 5.69 0.53
C PRO C 486 7.00 7.09 0.72
N ASN C 487 6.30 7.97 1.43
CA ASN C 487 6.77 9.32 1.73
C ASN C 487 7.59 9.37 3.00
N ILE C 488 7.80 8.24 3.68
CA ILE C 488 8.40 8.28 5.00
C ILE C 488 9.74 8.97 4.92
N GLY C 489 9.86 10.12 5.58
CA GLY C 489 11.08 10.88 5.64
C GLY C 489 11.09 12.13 4.78
N LEU C 490 10.33 12.15 3.69
CA LEU C 490 10.32 13.31 2.81
C LEU C 490 9.38 14.40 3.27
N ILE C 491 8.50 14.12 4.23
CA ILE C 491 7.55 15.10 4.74
C ILE C 491 7.61 15.07 6.26
N GLY C 492 7.72 16.25 6.86
CA GLY C 492 7.80 16.34 8.31
C GLY C 492 7.05 17.53 8.86
N SER C 493 7.06 17.71 10.18
CA SER C 493 6.34 18.80 10.81
C SER C 493 7.30 19.63 11.63
N LEU C 494 7.13 20.95 11.55
CA LEU C 494 7.95 21.88 12.31
C LEU C 494 7.66 21.73 13.79
N SER C 495 8.72 21.77 14.60
CA SER C 495 8.56 21.55 16.03
C SER C 495 7.78 22.70 16.66
N VAL C 496 7.56 22.60 17.96
CA VAL C 496 6.70 23.58 18.64
C VAL C 496 7.36 24.95 18.68
N TYR C 497 8.62 25.00 19.08
CA TYR C 497 9.28 26.27 19.37
C TYR C 497 10.07 26.84 18.20
N ALA C 498 10.17 26.13 17.10
CA ALA C 498 11.04 26.57 16.01
C ALA C 498 10.50 27.82 15.33
N ARG C 499 11.41 28.58 14.73
CA ARG C 499 11.08 29.74 13.93
C ARG C 499 12.02 29.77 12.73
N VAL C 500 11.66 30.55 11.72
CA VAL C 500 12.48 30.69 10.52
C VAL C 500 13.10 32.07 10.50
N ASN C 501 14.42 32.14 10.41
CA ASN C 501 15.15 33.40 10.43
C ASN C 501 15.10 34.01 9.03
N PRO C 502 15.58 35.24 8.87
CA PRO C 502 15.37 35.93 7.58
C PRO C 502 15.89 35.18 6.38
N PHE C 503 17.02 34.49 6.49
CA PHE C 503 17.56 33.75 5.36
C PHE C 503 16.78 32.48 5.07
N GLY C 504 16.05 31.94 6.04
CA GLY C 504 15.29 30.73 5.87
C GLY C 504 15.79 29.53 6.63
N PHE C 505 16.82 29.69 7.46
CA PHE C 505 17.32 28.60 8.30
C PHE C 505 16.46 28.53 9.56
N ILE C 506 16.24 27.33 10.05
CA ILE C 506 15.36 27.12 11.20
C ILE C 506 16.13 27.32 12.49
N GLU C 507 15.57 28.10 13.40
CA GLU C 507 16.21 28.43 14.66
C GLU C 507 15.39 27.89 15.83
N THR C 508 16.06 27.64 16.94
CA THR C 508 15.41 27.17 18.15
C THR C 508 15.92 27.96 19.35
N PRO C 509 15.13 28.11 20.40
CA PRO C 509 15.58 28.86 21.56
C PRO C 509 16.43 28.01 22.50
N TYR C 510 17.37 28.66 23.18
CA TYR C 510 18.14 28.04 24.24
C TYR C 510 18.33 29.04 25.37
N ARG C 511 18.29 28.53 26.60
CA ARG C 511 18.47 29.34 27.80
C ARG C 511 19.93 29.24 28.19
N LYS C 512 20.60 30.39 28.28
CA LYS C 512 22.05 30.39 28.39
C LYS C 512 22.49 30.33 29.84
N VAL C 513 23.57 29.58 30.09
CA VAL C 513 24.15 29.42 31.42
C VAL C 513 25.45 30.20 31.46
N VAL C 514 25.60 31.06 32.45
CA VAL C 514 26.83 31.83 32.67
C VAL C 514 27.41 31.40 34.01
N ASP C 515 28.64 30.88 33.98
CA ASP C 515 29.35 30.46 35.19
C ASP C 515 28.53 29.44 35.99
N GLY C 516 27.91 28.50 35.28
CA GLY C 516 27.10 27.50 35.95
C GLY C 516 25.82 28.04 36.54
N VAL C 517 25.44 29.27 36.24
CA VAL C 517 24.21 29.88 36.75
C VAL C 517 23.23 29.90 35.58
N VAL C 518 22.06 29.30 35.76
CA VAL C 518 21.07 29.22 34.70
C VAL C 518 20.24 30.50 34.71
N SER C 519 20.57 31.42 33.81
CA SER C 519 19.82 32.67 33.70
C SER C 519 18.53 32.43 32.93
N ASP C 520 17.84 33.50 32.57
CA ASP C 520 16.63 33.41 31.75
C ASP C 520 16.79 34.15 30.43
N GLU C 521 18.03 34.43 30.02
CA GLU C 521 18.29 35.09 28.75
C GLU C 521 18.13 34.08 27.63
N ILE C 522 17.07 34.23 26.84
CA ILE C 522 16.76 33.29 25.78
C ILE C 522 17.44 33.76 24.50
N VAL C 523 18.25 32.89 23.91
CA VAL C 523 18.96 33.20 22.67
C VAL C 523 18.54 32.18 21.63
N TYR C 524 18.18 32.66 20.45
CA TYR C 524 17.79 31.78 19.35
C TYR C 524 19.04 31.40 18.57
N LEU C 525 19.22 30.10 18.35
CA LEU C 525 20.40 29.57 17.67
C LEU C 525 19.98 28.75 16.45
N THR C 526 20.80 28.80 15.41
CA THR C 526 20.65 27.92 14.27
C THR C 526 21.53 26.69 14.44
N ALA C 527 21.60 25.86 13.39
CA ALA C 527 22.32 24.60 13.51
C ALA C 527 23.80 24.80 13.79
N ASP C 528 24.44 25.73 13.08
CA ASP C 528 25.88 25.90 13.23
C ASP C 528 26.25 26.29 14.66
N GLU C 529 25.57 27.30 15.21
CA GLU C 529 25.91 27.77 16.55
C GLU C 529 25.68 26.67 17.57
N GLU C 530 24.58 25.93 17.45
CA GLU C 530 24.37 24.79 18.33
C GLU C 530 25.49 23.78 18.20
N ASP C 531 26.02 23.61 16.99
CA ASP C 531 27.17 22.71 16.80
C ASP C 531 28.37 23.23 17.57
N ARG C 532 28.60 24.54 17.55
CA ARG C 532 29.82 25.08 18.13
C ARG C 532 29.86 24.88 19.64
N HIS C 533 28.72 25.07 20.32
CA HIS C 533 28.69 25.10 21.77
C HIS C 533 28.30 23.74 22.34
N VAL C 534 28.08 23.72 23.66
CA VAL C 534 27.68 22.52 24.39
C VAL C 534 26.33 22.81 25.05
N VAL C 535 25.40 21.88 24.92
CA VAL C 535 24.01 22.08 25.35
C VAL C 535 23.64 20.98 26.34
N ALA C 536 22.96 21.37 27.41
CA ALA C 536 22.52 20.44 28.45
C ALA C 536 21.11 19.95 28.15
N GLN C 537 20.48 19.31 29.13
CA GLN C 537 19.12 18.81 29.00
C GLN C 537 18.15 19.63 29.83
N ALA C 538 16.89 19.63 29.40
CA ALA C 538 15.88 20.46 30.05
C ALA C 538 15.54 19.92 31.44
N ASN C 539 15.32 18.61 31.55
CA ASN C 539 14.88 17.99 32.80
C ASN C 539 16.08 17.55 33.63
N SER C 540 16.88 18.54 34.01
CA SER C 540 18.03 18.35 34.88
C SER C 540 17.74 18.90 36.27
N PRO C 541 18.48 18.43 37.28
CA PRO C 541 18.21 18.85 38.66
C PRO C 541 18.64 20.29 38.96
N ILE C 542 17.78 21.24 38.60
CA ILE C 542 17.97 22.61 39.07
C ILE C 542 17.66 22.69 40.56
N ASP C 543 18.53 23.41 41.29
CA ASP C 543 18.45 23.56 42.74
C ASP C 543 17.70 24.80 43.16
N ALA C 544 16.74 25.26 42.36
CA ALA C 544 15.92 26.44 42.63
C ALA C 544 16.70 27.75 42.60
N ASP C 545 18.02 27.71 42.40
CA ASP C 545 18.79 28.94 42.22
C ASP C 545 19.60 28.93 40.93
N GLY C 546 19.16 28.17 39.93
CA GLY C 546 19.89 28.09 38.68
C GLY C 546 21.25 27.45 38.82
N ARG C 547 21.33 26.34 39.56
CA ARG C 547 22.58 25.61 39.72
C ARG C 547 22.30 24.12 39.69
N PHE C 548 23.11 23.37 38.93
CA PHE C 548 22.91 21.94 38.83
C PHE C 548 23.27 21.26 40.14
N VAL C 549 22.55 20.18 40.47
CA VAL C 549 22.79 19.48 41.72
C VAL C 549 24.14 18.76 41.69
N GLU C 550 24.39 18.00 40.63
CA GLU C 550 25.62 17.25 40.48
C GLU C 550 26.43 17.78 39.30
N PRO C 551 27.77 17.68 39.36
CA PRO C 551 28.59 18.22 38.28
C PRO C 551 28.36 17.56 36.92
N ARG C 552 28.01 16.28 36.89
CA ARG C 552 27.91 15.53 35.64
C ARG C 552 26.47 15.56 35.15
N VAL C 553 26.28 15.93 33.89
CA VAL C 553 24.97 15.99 33.26
C VAL C 553 25.11 15.66 31.79
N LEU C 554 24.14 14.91 31.26
CA LEU C 554 24.14 14.59 29.84
C LEU C 554 24.17 15.87 29.02
N VAL C 555 24.95 15.89 27.95
CA VAL C 555 25.01 17.02 27.03
C VAL C 555 25.09 16.49 25.61
N ARG C 556 24.99 17.41 24.65
CA ARG C 556 25.12 17.11 23.23
C ARG C 556 26.32 17.88 22.69
N ARG C 557 27.31 17.15 22.17
CA ARG C 557 28.53 17.76 21.68
C ARG C 557 28.35 18.21 20.23
N LYS C 558 29.46 18.43 19.54
CA LYS C 558 29.42 18.96 18.18
C LYS C 558 28.60 18.07 17.25
N ALA C 559 29.00 16.82 17.11
CA ALA C 559 28.45 15.92 16.08
C ALA C 559 27.30 15.07 16.61
N GLY C 560 26.56 15.56 17.60
CA GLY C 560 25.46 14.80 18.15
C GLY C 560 25.86 13.73 19.13
N GLU C 561 27.11 13.71 19.57
CA GLU C 561 27.52 12.77 20.61
C GLU C 561 26.86 13.13 21.93
N VAL C 562 26.48 12.11 22.69
CA VAL C 562 25.92 12.28 24.02
C VAL C 562 26.95 11.84 25.04
N GLU C 563 27.33 12.75 25.94
CA GLU C 563 28.40 12.46 26.88
C GLU C 563 28.13 13.19 28.19
N TYR C 564 28.97 12.88 29.19
CA TYR C 564 28.91 13.46 30.53
C TYR C 564 30.02 14.51 30.63
N VAL C 565 29.63 15.77 30.71
CA VAL C 565 30.58 16.87 30.88
C VAL C 565 30.32 17.50 32.25
N PRO C 566 31.33 17.94 32.97
CA PRO C 566 31.08 18.58 34.28
C PRO C 566 30.29 19.87 34.11
N SER C 567 29.55 20.24 35.15
CA SER C 567 28.65 21.39 35.11
C SER C 567 29.43 22.69 35.28
N SER C 568 30.47 22.82 34.47
CA SER C 568 31.26 24.05 34.39
C SER C 568 31.55 24.47 32.96
N GLU C 569 31.44 23.56 32.00
CA GLU C 569 31.60 23.88 30.59
C GLU C 569 30.27 24.13 29.90
N VAL C 570 29.14 23.73 30.49
CA VAL C 570 27.85 23.87 29.85
C VAL C 570 27.62 25.32 29.47
N ASP C 571 27.18 25.55 28.23
CA ASP C 571 26.97 26.89 27.69
C ASP C 571 25.48 27.21 27.47
N TYR C 572 24.64 26.20 27.27
CA TYR C 572 23.24 26.41 26.99
C TYR C 572 22.43 25.21 27.47
N MET C 573 21.13 25.42 27.67
CA MET C 573 20.22 24.38 28.08
C MET C 573 18.90 24.53 27.34
N ASP C 574 18.23 23.41 27.10
CA ASP C 574 16.92 23.45 26.48
C ASP C 574 15.97 24.30 27.32
N VAL C 575 15.12 25.07 26.64
CA VAL C 575 14.15 25.88 27.36
C VAL C 575 13.23 24.99 28.19
N SER C 576 12.86 23.84 27.66
CA SER C 576 11.99 22.91 28.35
C SER C 576 12.00 21.60 27.59
N PRO C 577 11.56 20.51 28.21
CA PRO C 577 11.33 19.28 27.45
C PRO C 577 10.22 19.52 26.45
N ARG C 578 9.91 18.50 25.68
CA ARG C 578 8.89 18.54 24.63
C ARG C 578 9.42 19.31 23.42
N GLN C 579 10.61 19.92 23.50
CA GLN C 579 11.05 20.80 22.44
C GLN C 579 11.25 20.09 21.11
N MET C 580 11.31 18.77 21.08
CA MET C 580 11.55 18.04 19.85
C MET C 580 10.29 17.51 19.17
N VAL C 581 9.13 17.61 19.81
CA VAL C 581 7.92 16.97 19.31
C VAL C 581 6.99 18.01 18.70
N SER C 582 6.42 17.68 17.54
CA SER C 582 5.53 18.61 16.84
C SER C 582 4.20 18.74 17.56
N VAL C 583 3.27 19.52 17.01
CA VAL C 583 2.01 19.77 17.71
C VAL C 583 1.22 18.48 17.87
N ALA C 584 1.13 17.67 16.81
CA ALA C 584 0.31 16.46 16.90
C ALA C 584 0.86 15.50 17.94
N THR C 585 2.18 15.28 17.95
CA THR C 585 2.78 14.32 18.87
C THR C 585 2.85 14.82 20.30
N ALA C 586 2.71 16.12 20.53
CA ALA C 586 2.73 16.64 21.89
C ALA C 586 1.45 16.39 22.64
N MET C 587 0.42 15.84 21.97
CA MET C 587 -0.88 15.60 22.59
C MET C 587 -1.07 14.14 22.99
N ILE C 588 -0.02 13.33 22.95
CA ILE C 588 -0.08 11.93 23.36
C ILE C 588 0.37 11.87 24.83
N PRO C 589 -0.49 11.47 25.75
CA PRO C 589 -0.03 11.30 27.13
C PRO C 589 0.88 10.10 27.24
N PHE C 590 1.84 10.17 28.17
CA PHE C 590 2.79 9.09 28.38
C PHE C 590 3.49 8.72 27.07
N LEU C 591 4.01 9.72 26.38
CA LEU C 591 4.70 9.46 25.13
C LEU C 591 6.02 8.73 25.36
N GLU C 592 6.68 8.98 26.48
CA GLU C 592 8.02 8.43 26.68
C GLU C 592 7.98 6.96 27.06
N HIS C 593 6.80 6.36 27.18
CA HIS C 593 6.70 4.92 27.43
C HIS C 593 6.44 4.12 26.16
N ASP C 594 6.13 4.78 25.04
CA ASP C 594 5.79 4.09 23.80
C ASP C 594 6.97 4.10 22.85
N ASP C 595 7.14 3.00 22.12
CA ASP C 595 8.17 2.93 21.11
C ASP C 595 7.89 3.94 20.02
N ALA C 596 8.96 4.39 19.35
CA ALA C 596 8.78 5.38 18.28
C ALA C 596 7.88 4.85 17.18
N ASN C 597 7.97 3.56 16.88
CA ASN C 597 7.23 3.00 15.76
C ASN C 597 5.73 3.13 15.97
N ARG C 598 5.26 2.94 17.21
CA ARG C 598 3.84 3.07 17.48
C ARG C 598 3.43 4.50 17.79
N ALA C 599 4.32 5.30 18.36
CA ALA C 599 3.99 6.72 18.52
C ALA C 599 3.80 7.39 17.17
N LEU C 600 4.48 6.89 16.13
CA LEU C 600 4.26 7.43 14.79
C LEU C 600 2.83 7.19 14.33
N MET C 601 2.35 5.95 14.44
CA MET C 601 0.98 5.64 14.06
C MET C 601 -0.01 6.31 15.00
N GLY C 602 0.44 6.69 16.20
CA GLY C 602 -0.40 7.49 17.07
C GLY C 602 -0.49 8.94 16.66
N ALA C 603 0.56 9.47 16.05
CA ALA C 603 0.57 10.86 15.60
C ALA C 603 0.03 11.02 14.19
N ASN C 604 -0.14 9.91 13.45
CA ASN C 604 -0.77 9.95 12.13
C ASN C 604 -2.23 9.51 12.19
N MET C 605 -2.77 9.27 13.38
CA MET C 605 -4.16 8.85 13.51
C MET C 605 -4.92 9.77 14.44
N GLN C 606 -4.39 10.97 14.68
CA GLN C 606 -5.17 12.06 15.23
C GLN C 606 -5.57 13.07 14.17
N ARG C 607 -5.02 12.99 12.97
CA ARG C 607 -5.40 13.85 11.86
C ARG C 607 -6.47 13.20 10.99
N GLN C 608 -7.10 12.13 11.47
CA GLN C 608 -8.13 11.43 10.71
C GLN C 608 -9.33 11.12 11.59
N ALA C 609 -9.55 11.90 12.63
CA ALA C 609 -10.75 11.71 13.43
C ALA C 609 -11.93 12.24 12.65
N VAL C 610 -13.13 12.23 13.24
CA VAL C 610 -14.31 12.78 12.57
C VAL C 610 -15.12 13.55 13.60
N PRO C 611 -15.44 14.82 13.36
CA PRO C 611 -16.22 15.57 14.35
C PRO C 611 -17.53 14.89 14.68
N LEU C 612 -17.67 14.46 15.93
CA LEU C 612 -18.87 13.74 16.34
C LEU C 612 -20.01 14.73 16.59
N VAL C 613 -21.22 14.19 16.75
CA VAL C 613 -22.38 15.04 16.95
C VAL C 613 -22.24 15.84 18.24
N ARG C 614 -21.78 15.18 19.31
CA ARG C 614 -21.50 15.85 20.57
C ARG C 614 -20.10 15.45 21.02
N SER C 615 -19.29 16.45 21.37
CA SER C 615 -17.90 16.25 21.70
C SER C 615 -17.71 16.28 23.21
N GLU C 616 -16.58 15.72 23.67
CA GLU C 616 -16.29 15.62 25.09
C GLU C 616 -14.79 15.70 25.29
N ALA C 617 -14.36 16.52 26.26
CA ALA C 617 -12.94 16.69 26.50
C ALA C 617 -12.35 15.45 27.16
N PRO C 618 -11.11 15.10 26.84
CA PRO C 618 -10.52 13.89 27.42
C PRO C 618 -10.25 14.04 28.90
N LEU C 619 -10.30 12.92 29.62
CA LEU C 619 -10.05 12.94 31.05
C LEU C 619 -8.57 13.16 31.36
N VAL C 620 -7.68 12.58 30.56
CA VAL C 620 -6.24 12.64 30.79
C VAL C 620 -5.62 13.19 29.50
N GLY C 621 -5.29 14.48 29.50
CA GLY C 621 -4.69 15.13 28.37
C GLY C 621 -3.22 15.41 28.58
N THR C 622 -2.71 16.41 27.85
CA THR C 622 -1.33 16.82 27.99
C THR C 622 -1.14 18.33 27.98
N GLY C 623 -2.14 19.11 28.36
CA GLY C 623 -2.01 20.55 28.47
C GLY C 623 -1.81 21.26 27.15
N MET C 624 -1.62 20.54 26.05
CA MET C 624 -1.42 21.16 24.74
C MET C 624 -2.70 21.29 23.95
N GLU C 625 -3.81 20.76 24.45
CA GLU C 625 -5.06 20.84 23.71
C GLU C 625 -5.52 22.29 23.54
N LEU C 626 -5.44 23.08 24.61
CA LEU C 626 -5.99 24.42 24.58
C LEU C 626 -5.33 25.28 23.50
N ARG C 627 -4.00 25.27 23.48
CA ARG C 627 -3.28 26.10 22.52
C ARG C 627 -3.56 25.66 21.08
N ALA C 628 -3.56 24.35 20.85
CA ALA C 628 -3.85 23.87 19.50
C ALA C 628 -5.25 24.27 19.06
N ALA C 629 -6.24 24.16 19.94
CA ALA C 629 -7.58 24.55 19.58
C ALA C 629 -7.66 26.03 19.27
N ILE C 630 -7.11 26.88 20.15
CA ILE C 630 -7.27 28.32 19.94
C ILE C 630 -6.51 28.78 18.71
N ASP C 631 -5.34 28.21 18.43
CA ASP C 631 -4.58 28.64 17.26
C ASP C 631 -5.12 28.08 15.96
N ALA C 632 -5.68 26.87 15.96
CA ALA C 632 -6.17 26.28 14.72
C ALA C 632 -7.21 27.17 14.07
N GLY C 633 -7.89 27.99 14.87
CA GLY C 633 -8.79 28.99 14.34
C GLY C 633 -10.21 28.54 14.12
N ASP C 634 -10.57 27.33 14.53
CA ASP C 634 -11.93 26.84 14.34
C ASP C 634 -12.88 27.30 15.44
N VAL C 635 -12.37 27.94 16.49
CA VAL C 635 -13.22 28.48 17.54
C VAL C 635 -13.32 29.99 17.34
N VAL C 636 -14.37 30.57 17.90
CA VAL C 636 -14.59 32.01 17.87
C VAL C 636 -14.03 32.61 19.15
N VAL C 637 -13.20 33.63 19.01
CA VAL C 637 -12.51 34.25 20.13
C VAL C 637 -12.89 35.71 20.20
N ALA C 638 -13.38 36.15 21.36
CA ALA C 638 -13.79 37.54 21.53
C ALA C 638 -12.63 38.46 21.20
N GLU C 639 -12.83 39.36 20.24
CA GLU C 639 -11.74 40.22 19.80
C GLU C 639 -11.45 41.32 20.83
N GLU C 640 -12.45 41.74 21.58
CA GLU C 640 -12.27 42.76 22.60
C GLU C 640 -13.17 42.47 23.79
N SER C 641 -12.70 42.86 24.97
CA SER C 641 -13.43 42.59 26.20
C SER C 641 -14.76 43.33 26.23
N GLY C 642 -15.75 42.73 26.88
CA GLY C 642 -17.07 43.33 26.95
C GLY C 642 -18.02 42.42 27.70
N VAL C 643 -19.31 42.74 27.61
CA VAL C 643 -20.37 41.98 28.26
C VAL C 643 -21.34 41.49 27.20
N ILE C 644 -21.78 40.24 27.34
CA ILE C 644 -22.67 39.64 26.35
C ILE C 644 -24.05 40.28 26.44
N GLU C 645 -24.60 40.66 25.30
CA GLU C 645 -25.93 41.26 25.24
C GLU C 645 -27.02 40.24 24.93
N GLU C 646 -26.92 39.54 23.79
CA GLU C 646 -27.85 38.48 23.44
C GLU C 646 -27.09 37.30 22.83
N VAL C 647 -27.54 36.10 23.15
CA VAL C 647 -26.93 34.87 22.66
C VAL C 647 -28.00 34.02 22.01
N SER C 648 -27.66 33.38 20.89
CA SER C 648 -28.60 32.55 20.17
C SER C 648 -27.81 31.56 19.32
N ALA C 649 -28.49 30.54 18.82
CA ALA C 649 -27.83 29.50 18.06
C ALA C 649 -27.20 30.02 16.78
N ASP C 650 -27.56 31.23 16.34
CA ASP C 650 -27.03 31.79 15.10
C ASP C 650 -25.94 32.83 15.31
N TYR C 651 -26.03 33.65 16.34
CA TYR C 651 -25.11 34.78 16.47
C TYR C 651 -24.98 35.15 17.94
N ILE C 652 -23.91 35.87 18.24
CA ILE C 652 -23.64 36.36 19.58
C ILE C 652 -23.38 37.86 19.50
N THR C 653 -23.93 38.63 20.43
CA THR C 653 -23.74 40.08 20.47
C THR C 653 -22.91 40.45 21.68
N VAL C 654 -21.80 41.16 21.46
CA VAL C 654 -20.91 41.60 22.52
C VAL C 654 -20.94 43.12 22.57
N MET C 655 -21.21 43.66 23.75
CA MET C 655 -21.28 45.11 23.96
C MET C 655 -19.96 45.56 24.58
N HIS C 656 -19.05 46.06 23.73
CA HIS C 656 -17.72 46.43 24.20
C HIS C 656 -17.82 47.48 25.30
N ASP C 657 -16.69 47.72 25.97
CA ASP C 657 -16.70 48.58 27.14
C ASP C 657 -16.98 50.03 26.81
N ASN C 658 -16.76 50.45 25.56
CA ASN C 658 -16.88 51.86 25.16
C ASN C 658 -17.83 51.97 23.98
N GLY C 659 -19.12 51.87 24.25
CA GLY C 659 -20.14 52.16 23.25
C GLY C 659 -20.32 51.08 22.19
N THR C 660 -19.27 50.81 21.41
CA THR C 660 -19.39 49.96 20.24
C THR C 660 -20.04 48.63 20.58
N ARG C 661 -20.58 47.98 19.56
CA ARG C 661 -21.16 46.65 19.67
C ARG C 661 -20.72 45.81 18.48
N ARG C 662 -20.54 44.51 18.72
CA ARG C 662 -20.09 43.60 17.68
C ARG C 662 -21.00 42.38 17.66
N THR C 663 -21.16 41.80 16.47
CA THR C 663 -21.98 40.60 16.29
C THR C 663 -21.16 39.54 15.58
N TYR C 664 -20.99 38.39 16.24
CA TYR C 664 -20.28 37.26 15.68
C TYR C 664 -21.30 36.28 15.11
N ARG C 665 -21.17 35.97 13.83
CA ARG C 665 -22.01 35.00 13.16
C ARG C 665 -21.38 33.62 13.23
N MET C 666 -22.23 32.60 13.22
CA MET C 666 -21.81 31.23 13.46
C MET C 666 -22.07 30.37 12.23
N ARG C 667 -21.15 29.46 11.94
CA ARG C 667 -21.31 28.52 10.84
C ARG C 667 -22.12 27.33 11.33
N LYS C 668 -23.32 27.16 10.79
CA LYS C 668 -24.19 26.06 11.16
C LYS C 668 -24.27 25.07 10.01
N PHE C 669 -23.81 23.84 10.26
CA PHE C 669 -23.88 22.75 9.29
C PHE C 669 -23.35 23.18 7.93
N ALA C 670 -22.06 23.52 7.92
CA ALA C 670 -21.35 23.86 6.69
C ALA C 670 -20.41 22.72 6.31
N ARG C 671 -20.43 22.36 5.04
CA ARG C 671 -19.60 21.26 4.57
C ARG C 671 -18.13 21.66 4.59
N SER C 672 -17.28 20.71 4.98
CA SER C 672 -15.84 20.89 4.94
C SER C 672 -15.28 20.19 3.70
N ASN C 673 -14.00 20.43 3.42
CA ASN C 673 -13.43 19.94 2.17
C ASN C 673 -13.42 18.43 2.06
N HIS C 674 -13.63 17.70 3.17
CA HIS C 674 -13.64 16.25 3.13
C HIS C 674 -14.95 15.66 3.64
N GLY C 675 -16.00 16.48 3.71
CA GLY C 675 -17.32 15.95 3.97
C GLY C 675 -17.67 15.70 5.41
N THR C 676 -17.26 16.58 6.32
CA THR C 676 -17.66 16.49 7.72
C THR C 676 -18.25 17.83 8.17
N CYS C 677 -19.18 17.76 9.11
CA CYS C 677 -19.88 18.95 9.57
C CYS C 677 -18.92 19.92 10.25
N ALA C 678 -19.34 21.17 10.33
CA ALA C 678 -18.53 22.24 10.90
C ALA C 678 -19.36 23.13 11.81
N ASN C 679 -20.12 22.51 12.71
CA ASN C 679 -20.99 23.26 13.59
C ASN C 679 -20.18 24.20 14.50
N GLN C 680 -20.90 25.16 15.09
CA GLN C 680 -20.35 26.01 16.14
C GLN C 680 -21.50 26.45 17.03
N CYS C 681 -21.32 26.31 18.34
CA CYS C 681 -22.37 26.70 19.27
C CYS C 681 -21.78 27.55 20.39
N PRO C 682 -22.53 28.51 20.93
CA PRO C 682 -21.98 29.36 21.98
C PRO C 682 -21.85 28.61 23.29
N ILE C 683 -20.95 29.12 24.15
CA ILE C 683 -20.78 28.55 25.48
C ILE C 683 -20.90 29.64 26.53
N VAL C 684 -21.49 30.79 26.16
CA VAL C 684 -21.67 31.89 27.08
C VAL C 684 -23.16 32.20 27.18
N ASP C 685 -23.53 32.79 28.31
CA ASP C 685 -24.91 33.15 28.57
C ASP C 685 -25.10 34.66 28.40
N ALA C 686 -26.34 35.11 28.60
CA ALA C 686 -26.68 36.50 28.30
C ALA C 686 -26.11 37.50 29.29
N GLY C 687 -25.65 37.04 30.45
CA GLY C 687 -25.20 37.96 31.49
C GLY C 687 -23.72 37.93 31.78
N ASP C 688 -23.01 36.95 31.22
CA ASP C 688 -21.60 36.78 31.54
C ASP C 688 -20.77 37.90 30.92
N ARG C 689 -19.58 38.10 31.48
CA ARG C 689 -18.60 39.04 30.97
C ARG C 689 -17.43 38.27 30.36
N VAL C 690 -16.99 38.70 29.18
CA VAL C 690 -15.90 38.04 28.49
C VAL C 690 -14.68 38.95 28.50
N GLU C 691 -13.52 38.34 28.24
CA GLU C 691 -12.25 39.03 28.20
C GLU C 691 -11.58 38.79 26.85
N ALA C 692 -10.72 39.72 26.45
CA ALA C 692 -10.03 39.61 25.18
C ALA C 692 -9.27 38.29 25.11
N GLY C 693 -9.41 37.59 23.99
CA GLY C 693 -8.76 36.32 23.81
C GLY C 693 -9.49 35.13 24.39
N GLN C 694 -10.61 35.34 25.07
CA GLN C 694 -11.38 34.26 25.66
C GLN C 694 -12.10 33.47 24.59
N VAL C 695 -12.27 32.17 24.83
CA VAL C 695 -13.03 31.34 23.90
C VAL C 695 -14.51 31.54 24.15
N ILE C 696 -15.25 31.82 23.08
CA ILE C 696 -16.65 32.22 23.17
C ILE C 696 -17.58 31.29 22.44
N ALA C 697 -17.06 30.36 21.64
CA ALA C 697 -17.92 29.44 20.90
C ALA C 697 -17.09 28.24 20.47
N ASP C 698 -17.63 27.05 20.70
CA ASP C 698 -16.93 25.83 20.36
C ASP C 698 -16.84 25.67 18.84
N GLY C 699 -16.11 24.64 18.42
CA GLY C 699 -15.93 24.37 17.01
C GLY C 699 -16.34 22.95 16.68
N PRO C 700 -15.82 22.42 15.58
CA PRO C 700 -16.15 21.04 15.21
C PRO C 700 -15.77 20.03 16.29
N CYS C 701 -14.51 20.01 16.68
CA CYS C 701 -14.01 19.00 17.62
C CYS C 701 -13.50 19.63 18.90
N THR C 702 -14.20 20.62 19.43
CA THR C 702 -13.77 21.31 20.64
C THR C 702 -14.84 21.24 21.70
N ASP C 703 -14.42 21.29 22.96
CA ASP C 703 -15.32 21.22 24.11
C ASP C 703 -14.84 22.24 25.13
N ASP C 704 -15.42 23.44 25.09
CA ASP C 704 -15.08 24.51 26.02
C ASP C 704 -13.71 25.10 25.73
N GLY C 705 -13.22 24.94 24.50
CA GLY C 705 -11.93 25.45 24.10
C GLY C 705 -10.82 24.42 24.07
N GLU C 706 -11.11 23.17 24.39
CA GLU C 706 -10.11 22.11 24.38
C GLU C 706 -10.39 21.13 23.25
N MET C 707 -9.32 20.67 22.61
CA MET C 707 -9.48 19.64 21.59
C MET C 707 -10.18 18.42 22.17
N ALA C 708 -11.17 17.91 21.44
CA ALA C 708 -11.91 16.73 21.85
C ALA C 708 -12.18 15.90 20.59
N LEU C 709 -11.30 14.95 20.32
CA LEU C 709 -11.38 14.16 19.11
C LEU C 709 -12.17 12.87 19.27
N GLY C 710 -12.57 12.52 20.50
CA GLY C 710 -13.19 11.23 20.73
C GLY C 710 -13.96 11.18 22.03
N LYS C 711 -14.09 9.98 22.61
CA LYS C 711 -14.89 9.80 23.81
C LYS C 711 -14.14 8.93 24.80
N ASN C 712 -14.47 9.12 26.08
CA ASN C 712 -13.93 8.30 27.16
C ASN C 712 -14.83 7.09 27.34
N LEU C 713 -14.29 5.90 27.10
CA LEU C 713 -15.05 4.67 27.17
C LEU C 713 -14.44 3.74 28.22
N LEU C 714 -15.31 3.02 28.91
CA LEU C 714 -14.85 2.03 29.89
C LEU C 714 -14.32 0.81 29.16
N VAL C 715 -13.10 0.42 29.46
CA VAL C 715 -12.36 -0.57 28.70
C VAL C 715 -11.82 -1.64 29.63
N ALA C 716 -11.92 -2.89 29.18
CA ALA C 716 -11.31 -4.03 29.83
C ALA C 716 -10.31 -4.66 28.88
N ILE C 717 -9.31 -5.35 29.42
CA ILE C 717 -8.17 -5.82 28.63
C ILE C 717 -8.13 -7.35 28.62
N MET C 718 -9.28 -7.99 28.54
CA MET C 718 -9.33 -9.45 28.47
C MET C 718 -9.65 -9.91 27.06
N PRO C 719 -9.11 -11.04 26.60
CA PRO C 719 -9.57 -11.61 25.33
C PRO C 719 -10.92 -12.29 25.54
N TRP C 720 -11.81 -12.16 24.57
CA TRP C 720 -13.21 -12.58 24.75
C TRP C 720 -13.69 -13.39 23.55
N GLU C 721 -13.78 -14.70 23.72
CA GLU C 721 -14.47 -15.60 22.78
C GLU C 721 -13.95 -15.47 21.35
N GLY C 722 -12.77 -14.88 21.17
CA GLY C 722 -12.18 -14.82 19.85
C GLY C 722 -12.74 -13.76 18.93
N HIS C 723 -13.81 -13.07 19.33
CA HIS C 723 -14.32 -12.00 18.49
C HIS C 723 -13.31 -10.89 18.33
N ASN C 724 -12.57 -10.56 19.38
CA ASN C 724 -11.46 -9.62 19.28
C ASN C 724 -10.14 -10.38 19.09
N TYR C 725 -10.05 -11.03 17.93
CA TYR C 725 -8.88 -11.82 17.56
C TYR C 725 -8.07 -11.05 16.52
N GLU C 726 -6.78 -10.89 16.77
CA GLU C 726 -5.89 -10.23 15.82
C GLU C 726 -6.32 -8.78 15.57
N ASP C 727 -6.25 -7.97 16.61
CA ASP C 727 -6.47 -6.52 16.59
C ASP C 727 -7.93 -6.10 16.47
N ALA C 728 -8.87 -7.02 16.30
CA ALA C 728 -10.26 -6.63 16.25
C ALA C 728 -10.70 -6.03 17.59
N ILE C 729 -11.87 -5.40 17.58
CA ILE C 729 -12.41 -4.74 18.77
C ILE C 729 -13.86 -5.16 18.93
N ILE C 730 -14.36 -5.07 20.16
CA ILE C 730 -15.75 -5.38 20.48
C ILE C 730 -16.34 -4.20 21.21
N LEU C 731 -17.52 -3.77 20.79
CA LEU C 731 -18.22 -2.65 21.41
C LEU C 731 -19.47 -3.14 22.11
N SER C 732 -19.87 -2.41 23.15
CA SER C 732 -21.19 -2.61 23.70
C SER C 732 -22.22 -1.90 22.84
N ASN C 733 -23.48 -2.28 23.01
CA ASN C 733 -24.54 -1.63 22.26
C ASN C 733 -24.89 -0.26 22.79
N ARG C 734 -24.45 0.09 24.00
CA ARG C 734 -24.73 1.40 24.54
C ARG C 734 -24.11 2.50 23.70
N LEU C 735 -23.11 2.20 22.88
CA LEU C 735 -22.49 3.17 22.00
C LEU C 735 -23.24 3.32 20.68
N VAL C 736 -24.43 2.75 20.58
CA VAL C 736 -25.27 2.91 19.39
C VAL C 736 -26.59 3.54 19.82
N GLU C 737 -27.14 3.06 20.93
CA GLU C 737 -28.42 3.58 21.40
C GLU C 737 -28.33 5.05 21.74
N GLU C 738 -27.26 5.45 22.42
CA GLU C 738 -27.13 6.80 22.97
C GLU C 738 -26.28 7.72 22.11
N ASP C 739 -25.98 7.32 20.88
CA ASP C 739 -25.27 8.17 19.93
C ASP C 739 -23.95 8.67 20.52
N VAL C 740 -23.28 7.82 21.28
CA VAL C 740 -21.97 8.18 21.82
C VAL C 740 -20.97 8.37 20.69
N LEU C 741 -21.07 7.55 19.64
CA LEU C 741 -20.25 7.67 18.44
C LEU C 741 -21.20 7.74 17.26
N THR C 742 -21.53 8.95 16.82
CA THR C 742 -22.46 9.17 15.72
C THR C 742 -22.04 10.40 14.94
N SER C 743 -21.57 10.20 13.72
CA SER C 743 -21.06 11.29 12.91
C SER C 743 -22.12 11.81 11.96
N ILE C 744 -21.89 13.00 11.44
CA ILE C 744 -22.74 13.62 10.43
C ILE C 744 -21.88 13.88 9.20
N HIS C 745 -22.40 13.53 8.03
CA HIS C 745 -21.68 13.74 6.78
C HIS C 745 -22.58 14.47 5.79
N ILE C 746 -21.95 15.25 4.92
CA ILE C 746 -22.67 16.10 3.97
C ILE C 746 -22.02 15.97 2.61
N GLU C 747 -22.85 15.76 1.58
CA GLU C 747 -22.41 15.57 0.21
C GLU C 747 -22.96 16.72 -0.65
N GLU C 748 -22.20 17.08 -1.68
CA GLU C 748 -22.51 18.20 -2.55
C GLU C 748 -22.66 17.71 -3.97
N HIS C 749 -23.74 18.14 -4.64
CA HIS C 749 -24.00 17.79 -6.03
C HIS C 749 -24.18 19.06 -6.85
N GLU C 750 -23.50 19.12 -7.99
CA GLU C 750 -23.50 20.29 -8.86
C GLU C 750 -23.99 19.92 -10.25
N ILE C 751 -24.54 20.92 -10.94
CA ILE C 751 -24.97 20.77 -12.33
C ILE C 751 -25.06 22.16 -12.94
N ASP C 752 -24.57 22.30 -14.17
CA ASP C 752 -24.52 23.58 -14.87
C ASP C 752 -25.28 23.49 -16.17
N ALA C 753 -26.16 24.47 -16.42
CA ALA C 753 -26.90 24.55 -17.67
C ALA C 753 -26.09 25.36 -18.66
N ARG C 754 -25.21 24.66 -19.39
CA ARG C 754 -24.34 25.31 -20.35
C ARG C 754 -25.14 26.01 -21.43
N ASP C 755 -24.67 27.18 -21.86
CA ASP C 755 -25.29 27.86 -22.99
C ASP C 755 -25.20 27.01 -24.24
N THR C 756 -24.00 26.53 -24.58
CA THR C 756 -23.80 25.71 -25.76
C THR C 756 -24.04 26.53 -27.04
N LYS C 757 -23.46 26.08 -28.15
CA LYS C 757 -23.68 26.76 -29.42
C LYS C 757 -25.16 26.73 -29.79
N LEU C 758 -25.82 25.59 -29.58
CA LEU C 758 -27.24 25.49 -29.89
C LEU C 758 -28.07 26.41 -29.01
N GLY C 759 -27.74 26.49 -27.73
CA GLY C 759 -28.45 27.38 -26.82
C GLY C 759 -29.70 26.74 -26.24
N ALA C 760 -30.37 27.50 -25.38
CA ALA C 760 -31.69 27.23 -24.81
C ALA C 760 -31.68 26.22 -23.67
N GLU C 761 -30.53 25.81 -23.15
CA GLU C 761 -30.53 24.95 -21.98
C GLU C 761 -31.26 25.63 -20.83
N GLU C 762 -32.16 24.90 -20.18
CA GLU C 762 -32.98 25.44 -19.10
C GLU C 762 -33.20 24.37 -18.04
N ILE C 763 -33.24 24.80 -16.79
CA ILE C 763 -33.53 23.90 -15.67
C ILE C 763 -35.03 23.87 -15.44
N THR C 764 -35.72 22.98 -16.15
CA THR C 764 -37.17 22.92 -16.11
C THR C 764 -37.64 21.74 -15.26
N ARG C 765 -38.89 21.81 -14.82
CA ARG C 765 -39.45 20.77 -13.96
C ARG C 765 -39.88 19.57 -14.79
N ASP C 766 -40.80 19.79 -15.73
CA ASP C 766 -41.37 18.70 -16.51
C ASP C 766 -40.27 17.87 -17.14
N ILE C 767 -40.14 16.62 -16.72
CA ILE C 767 -39.11 15.73 -17.22
C ILE C 767 -39.70 14.94 -18.38
N PRO C 768 -39.13 15.00 -19.59
CA PRO C 768 -39.73 14.26 -20.71
C PRO C 768 -39.79 12.77 -20.43
N ASN C 769 -40.92 12.16 -20.76
CA ASN C 769 -41.10 10.73 -20.61
C ASN C 769 -40.86 10.29 -19.17
N ILE C 770 -41.60 10.92 -18.25
CA ILE C 770 -41.44 10.67 -16.82
C ILE C 770 -42.80 10.42 -16.20
N SER C 771 -42.81 9.76 -15.05
CA SER C 771 -44.04 9.47 -14.34
C SER C 771 -44.39 10.62 -13.39
N ASP C 772 -45.63 10.61 -12.91
CA ASP C 772 -46.08 11.68 -12.02
C ASP C 772 -45.51 11.51 -10.62
N GLU C 773 -45.42 10.27 -10.13
CA GLU C 773 -44.91 10.04 -8.78
C GLU C 773 -43.47 10.53 -8.65
N VAL C 774 -42.60 10.10 -9.56
CA VAL C 774 -41.19 10.46 -9.48
C VAL C 774 -40.98 11.96 -9.58
N LEU C 775 -41.94 12.69 -10.15
CA LEU C 775 -41.86 14.13 -10.24
C LEU C 775 -42.54 14.83 -9.08
N ALA C 776 -43.01 14.09 -8.08
CA ALA C 776 -43.79 14.68 -7.00
C ALA C 776 -42.96 15.66 -6.18
N ASP C 777 -41.74 15.25 -5.81
CA ASP C 777 -40.95 16.06 -4.87
C ASP C 777 -40.60 17.41 -5.48
N LEU C 778 -40.25 17.44 -6.76
CA LEU C 778 -39.68 18.64 -7.37
C LEU C 778 -40.60 19.83 -7.19
N ASP C 779 -40.01 20.99 -6.88
CA ASP C 779 -40.76 22.21 -6.69
C ASP C 779 -41.09 22.82 -8.06
N GLU C 780 -41.68 24.01 -8.05
CA GLU C 780 -42.11 24.64 -9.30
C GLU C 780 -40.92 24.87 -10.22
N ARG C 781 -39.81 25.38 -9.68
CA ARG C 781 -38.64 25.61 -10.51
C ARG C 781 -38.09 24.30 -11.05
N GLY C 782 -38.07 23.26 -10.24
CA GLY C 782 -37.52 21.98 -10.63
C GLY C 782 -36.37 21.54 -9.75
N ILE C 783 -36.37 22.02 -8.50
CA ILE C 783 -35.33 21.71 -7.53
C ILE C 783 -36.01 21.11 -6.31
N VAL C 784 -35.46 20.00 -5.81
CA VAL C 784 -36.09 19.25 -4.72
C VAL C 784 -36.34 20.19 -3.55
N ARG C 785 -37.53 20.09 -2.97
CA ARG C 785 -37.85 20.88 -1.80
C ARG C 785 -36.91 20.52 -0.66
N ILE C 786 -36.46 21.52 0.08
CA ILE C 786 -35.55 21.28 1.19
C ILE C 786 -36.34 20.63 2.31
N GLY C 787 -36.01 19.37 2.63
CA GLY C 787 -36.72 18.64 3.66
C GLY C 787 -37.27 17.32 3.17
N ALA C 788 -36.81 16.86 2.02
CA ALA C 788 -37.27 15.61 1.42
C ALA C 788 -36.11 14.63 1.32
N GLU C 789 -36.37 13.39 1.72
CA GLU C 789 -35.34 12.35 1.77
C GLU C 789 -35.11 11.83 0.36
N VAL C 790 -34.00 12.24 -0.24
CA VAL C 790 -33.69 11.84 -1.62
C VAL C 790 -32.82 10.59 -1.54
N ARG C 791 -33.48 9.44 -1.49
CA ARG C 791 -32.77 8.18 -1.54
C ARG C 791 -32.38 7.84 -2.99
N ASP C 792 -31.43 6.93 -3.14
CA ASP C 792 -30.89 6.62 -4.45
C ASP C 792 -32.01 6.34 -5.43
N GLY C 793 -31.95 6.97 -6.59
CA GLY C 793 -32.94 6.82 -7.63
C GLY C 793 -33.97 7.92 -7.75
N ASP C 794 -33.77 9.07 -7.12
CA ASP C 794 -34.68 10.19 -7.19
C ASP C 794 -34.07 11.29 -8.06
N ILE C 795 -34.84 12.35 -8.28
CA ILE C 795 -34.41 13.49 -9.08
C ILE C 795 -34.02 14.62 -8.14
N LEU C 796 -32.99 15.37 -8.50
CA LEU C 796 -32.58 16.57 -7.78
C LEU C 796 -32.69 17.82 -8.62
N VAL C 797 -32.49 17.70 -9.93
CA VAL C 797 -32.58 18.83 -10.85
C VAL C 797 -33.11 18.32 -12.18
N GLY C 798 -33.94 19.13 -12.83
CA GLY C 798 -34.46 18.78 -14.15
C GLY C 798 -33.78 19.58 -15.25
N LYS C 799 -32.90 18.94 -16.00
CA LYS C 799 -32.08 19.61 -16.99
C LYS C 799 -32.30 18.97 -18.36
N VAL C 800 -32.54 19.81 -19.37
CA VAL C 800 -32.69 19.36 -20.75
C VAL C 800 -31.86 20.26 -21.65
N THR C 801 -31.11 19.64 -22.55
CA THR C 801 -30.21 20.33 -23.46
C THR C 801 -30.50 19.91 -24.90
N PRO C 802 -30.27 20.78 -25.88
CA PRO C 802 -30.69 20.47 -27.25
C PRO C 802 -30.02 19.21 -27.80
N LYS C 803 -30.75 18.51 -28.68
CA LYS C 803 -30.24 17.29 -29.30
C LYS C 803 -29.19 17.56 -30.38
N GLY C 804 -29.13 18.77 -30.91
CA GLY C 804 -28.18 19.09 -31.97
C GLY C 804 -28.34 18.20 -33.19
N ARG C 824 -39.29 16.09 -28.20
CA ARG C 824 -38.54 17.32 -28.46
C ARG C 824 -37.05 17.01 -28.57
N GLU C 825 -36.34 17.84 -29.34
CA GLU C 825 -34.91 17.67 -29.59
C GLU C 825 -34.13 18.13 -28.35
N VAL C 826 -34.10 17.27 -27.33
CA VAL C 826 -33.39 17.58 -26.10
C VAL C 826 -32.98 16.27 -25.44
N ARG C 827 -31.96 16.34 -24.58
CA ARG C 827 -31.52 15.22 -23.76
C ARG C 827 -31.68 15.60 -22.29
N ASP C 828 -32.37 14.74 -21.53
CA ASP C 828 -32.69 15.04 -20.13
C ASP C 828 -31.56 14.54 -19.25
N THR C 829 -30.58 15.42 -19.02
CA THR C 829 -29.46 15.11 -18.14
C THR C 829 -29.83 15.55 -16.72
N SER C 830 -30.96 15.02 -16.26
CA SER C 830 -31.48 15.37 -14.94
C SER C 830 -30.62 14.71 -13.89
N LEU C 831 -29.81 15.51 -13.22
CA LEU C 831 -28.90 15.05 -12.19
C LEU C 831 -29.62 14.21 -11.14
N LYS C 832 -29.22 12.94 -11.01
CA LYS C 832 -29.83 12.01 -10.08
C LYS C 832 -28.85 11.68 -8.97
N VAL C 833 -29.40 11.32 -7.82
CA VAL C 833 -28.60 10.90 -6.67
C VAL C 833 -27.70 9.74 -7.10
N PRO C 834 -26.38 9.91 -7.13
CA PRO C 834 -25.51 8.79 -7.55
C PRO C 834 -25.69 7.57 -6.66
N HIS C 835 -25.05 6.46 -7.04
CA HIS C 835 -25.29 5.17 -6.42
C HIS C 835 -24.72 5.16 -5.00
N GLY C 836 -25.59 4.92 -4.02
CA GLY C 836 -25.18 4.68 -2.65
C GLY C 836 -25.37 5.82 -1.66
N GLU C 837 -26.10 6.87 -2.02
CA GLU C 837 -26.31 8.02 -1.14
C GLU C 837 -27.75 8.05 -0.65
N SER C 838 -28.00 8.87 0.38
CA SER C 838 -29.34 9.04 0.94
C SER C 838 -29.34 10.24 1.87
N GLY C 839 -30.40 10.43 2.63
CA GLY C 839 -30.44 11.48 3.64
C GLY C 839 -31.16 12.73 3.15
N LYS C 840 -31.55 13.55 4.11
CA LYS C 840 -32.36 14.72 3.81
C LYS C 840 -31.58 15.72 2.95
N VAL C 841 -32.31 16.68 2.39
CA VAL C 841 -31.73 17.75 1.59
C VAL C 841 -31.80 19.02 2.44
N ILE C 842 -30.63 19.47 2.93
CA ILE C 842 -30.60 20.56 3.90
C ILE C 842 -30.32 21.91 3.29
N GLY C 843 -29.92 21.98 2.03
CA GLY C 843 -29.65 23.28 1.44
C GLY C 843 -29.43 23.29 -0.06
N ILE C 844 -30.11 24.19 -0.75
CA ILE C 844 -29.94 24.41 -2.18
C ILE C 844 -29.37 25.80 -2.38
N ARG C 845 -28.61 25.98 -3.45
CA ARG C 845 -28.07 27.29 -3.83
C ARG C 845 -28.09 27.38 -5.35
N VAL C 846 -28.87 28.34 -5.87
CA VAL C 846 -29.06 28.50 -7.30
C VAL C 846 -28.50 29.87 -7.69
N PHE C 847 -27.56 29.89 -8.63
CA PHE C 847 -27.02 31.11 -9.19
C PHE C 847 -27.61 31.31 -10.58
N SER C 848 -28.04 32.55 -10.86
CA SER C 848 -28.73 32.86 -12.11
C SER C 848 -27.98 33.95 -12.87
N ARG C 849 -27.92 33.78 -14.19
CA ARG C 849 -27.32 34.81 -15.04
C ARG C 849 -28.14 36.09 -15.00
N GLU C 850 -29.46 35.97 -14.94
CA GLU C 850 -30.32 37.15 -14.94
C GLU C 850 -30.07 38.02 -13.71
N ASP C 851 -29.52 37.42 -12.65
CA ASP C 851 -29.21 38.17 -11.44
C ASP C 851 -27.80 38.71 -11.48
N GLU C 852 -27.23 38.84 -12.68
CA GLU C 852 -25.89 39.38 -12.90
C GLU C 852 -24.90 38.85 -11.86
N ASP C 853 -24.82 37.53 -11.77
CA ASP C 853 -23.78 36.89 -10.96
C ASP C 853 -22.54 36.64 -11.81
N GLU C 854 -21.48 36.18 -11.14
CA GLU C 854 -20.23 35.83 -11.83
C GLU C 854 -20.23 34.32 -12.12
N LEU C 855 -20.96 33.96 -13.15
CA LEU C 855 -21.08 32.59 -13.58
C LEU C 855 -19.95 32.24 -14.56
N PRO C 856 -19.65 30.95 -14.73
CA PRO C 856 -18.66 30.57 -15.74
C PRO C 856 -19.15 30.96 -17.13
N ALA C 857 -18.20 31.25 -18.02
CA ALA C 857 -18.57 31.66 -19.36
C ALA C 857 -19.41 30.60 -20.05
N GLY C 858 -20.53 31.02 -20.62
CA GLY C 858 -21.37 30.13 -21.40
C GLY C 858 -22.31 29.26 -20.60
N VAL C 859 -22.80 29.74 -19.47
CA VAL C 859 -23.83 29.06 -18.69
C VAL C 859 -24.88 30.08 -18.28
N ASN C 860 -25.96 29.60 -17.66
CA ASN C 860 -26.98 30.49 -17.11
C ASN C 860 -27.25 30.17 -15.65
N GLU C 861 -27.21 28.87 -15.28
CA GLU C 861 -27.52 28.45 -13.93
C GLU C 861 -26.50 27.42 -13.47
N LEU C 862 -26.29 27.37 -12.15
CA LEU C 862 -25.34 26.47 -11.52
C LEU C 862 -25.94 25.88 -10.25
N VAL C 863 -27.19 25.43 -10.32
CA VAL C 863 -27.87 24.92 -9.13
C VAL C 863 -27.00 23.87 -8.45
N ARG C 864 -26.87 23.98 -7.13
CA ARG C 864 -26.04 23.09 -6.33
C ARG C 864 -26.82 22.66 -5.09
N VAL C 865 -26.80 21.38 -4.78
CA VAL C 865 -27.63 20.81 -3.71
C VAL C 865 -26.74 20.12 -2.69
N TYR C 866 -27.17 20.12 -1.43
CA TYR C 866 -26.48 19.43 -0.34
C TYR C 866 -27.40 18.37 0.25
N VAL C 867 -26.84 17.19 0.53
CA VAL C 867 -27.58 16.10 1.15
C VAL C 867 -26.79 15.60 2.35
N ALA C 868 -27.44 15.49 3.50
CA ALA C 868 -26.76 15.18 4.75
C ALA C 868 -27.32 13.91 5.37
N GLN C 869 -26.49 13.20 6.12
CA GLN C 869 -26.87 11.93 6.72
C GLN C 869 -26.09 11.69 8.00
N LYS C 870 -26.76 11.05 8.96
CA LYS C 870 -26.16 10.69 10.25
C LYS C 870 -25.75 9.22 10.18
N ARG C 871 -24.45 8.96 10.32
CA ARG C 871 -23.94 7.61 10.33
C ARG C 871 -23.63 7.21 11.76
N LYS C 872 -24.22 6.10 12.21
CA LYS C 872 -23.88 5.54 13.50
C LYS C 872 -22.71 4.57 13.36
N ILE C 873 -22.25 4.06 14.49
CA ILE C 873 -21.15 3.11 14.49
C ILE C 873 -21.69 1.73 14.11
N SER C 874 -20.87 0.96 13.40
CA SER C 874 -21.30 -0.35 12.93
C SER C 874 -20.08 -1.16 12.52
N ASP C 875 -20.31 -2.43 12.20
CA ASP C 875 -19.22 -3.31 11.82
C ASP C 875 -18.42 -2.72 10.66
N GLY C 876 -17.10 -2.81 10.76
CA GLY C 876 -16.21 -2.36 9.70
C GLY C 876 -15.58 -1.01 9.95
N ASP C 877 -16.01 -0.28 10.98
CA ASP C 877 -15.45 1.02 11.28
C ASP C 877 -14.02 0.83 11.76
N LYS C 878 -13.32 1.92 12.08
CA LYS C 878 -11.90 1.80 12.42
C LYS C 878 -11.52 2.57 13.67
N LEU C 879 -12.24 2.36 14.78
CA LEU C 879 -11.86 2.95 16.04
C LEU C 879 -10.37 2.79 16.29
N ALA C 880 -9.80 3.71 17.06
CA ALA C 880 -8.37 3.62 17.41
C ALA C 880 -8.08 4.59 18.53
N GLY C 881 -7.30 4.16 19.51
CA GLY C 881 -6.88 5.04 20.58
C GLY C 881 -5.89 6.08 20.06
N ARG C 882 -5.10 6.60 21.00
CA ARG C 882 -4.10 7.59 20.64
C ARG C 882 -2.72 6.98 20.40
N HIS C 883 -2.35 5.99 21.20
CA HIS C 883 -1.00 5.42 21.14
C HIS C 883 -0.76 4.55 19.93
N GLY C 884 -1.80 4.20 19.18
CA GLY C 884 -1.62 3.43 17.96
C GLY C 884 -2.23 2.06 18.03
N ASN C 885 -3.26 1.89 18.84
CA ASN C 885 -3.94 0.61 18.99
C ASN C 885 -5.15 0.54 18.05
N LYS C 886 -4.89 0.68 16.76
CA LYS C 886 -5.96 0.68 15.78
C LYS C 886 -6.63 -0.69 15.70
N GLY C 887 -7.90 -0.67 15.31
CA GLY C 887 -8.66 -1.89 15.14
C GLY C 887 -9.93 -1.61 14.39
N VAL C 888 -10.59 -2.68 13.94
CA VAL C 888 -11.86 -2.55 13.24
C VAL C 888 -12.94 -3.23 14.05
N ILE C 889 -14.01 -2.49 14.37
CA ILE C 889 -15.08 -3.02 15.21
C ILE C 889 -15.49 -4.38 14.69
N GLY C 890 -15.54 -5.37 15.58
CA GLY C 890 -15.75 -6.75 15.16
C GLY C 890 -17.15 -7.26 15.40
N LYS C 891 -17.74 -6.89 16.52
CA LYS C 891 -19.10 -7.32 16.81
C LYS C 891 -19.73 -6.46 17.90
N ILE C 892 -20.81 -5.76 17.57
CA ILE C 892 -21.50 -4.92 18.54
C ILE C 892 -22.48 -5.77 19.33
N LEU C 893 -22.03 -6.30 20.47
CA LEU C 893 -22.86 -7.18 21.28
C LEU C 893 -23.98 -6.40 21.95
N PRO C 894 -25.10 -7.05 22.25
CA PRO C 894 -26.15 -6.38 23.02
C PRO C 894 -25.68 -6.11 24.44
N VAL C 895 -26.28 -5.09 25.05
CA VAL C 895 -25.77 -4.56 26.32
C VAL C 895 -25.94 -5.53 27.48
N GLU C 896 -26.62 -6.66 27.28
CA GLU C 896 -26.84 -7.58 28.39
C GLU C 896 -25.72 -8.59 28.57
N ASP C 897 -25.12 -9.09 27.49
CA ASP C 897 -24.00 -10.02 27.63
C ASP C 897 -22.67 -9.31 27.49
N MET C 898 -22.33 -8.47 28.44
CA MET C 898 -21.01 -7.84 28.49
C MET C 898 -20.44 -8.03 29.89
N PRO C 899 -19.14 -8.27 30.00
CA PRO C 899 -18.55 -8.38 31.34
C PRO C 899 -18.84 -7.13 32.15
N PHE C 900 -19.58 -7.30 33.24
CA PHE C 900 -20.01 -6.18 34.05
C PHE C 900 -19.40 -6.24 35.44
N LEU C 901 -18.99 -5.09 35.95
CA LEU C 901 -18.34 -5.01 37.24
C LEU C 901 -19.28 -5.48 38.34
N ALA C 902 -18.78 -5.49 39.57
CA ALA C 902 -19.55 -6.01 40.69
C ALA C 902 -20.85 -5.24 40.92
N ASP C 903 -20.91 -3.97 40.55
CA ASP C 903 -22.09 -3.14 40.84
C ASP C 903 -23.05 -3.04 39.66
N GLY C 904 -22.78 -3.72 38.55
CA GLY C 904 -23.72 -3.76 37.43
C GLY C 904 -23.36 -2.89 36.25
N THR C 905 -22.24 -2.17 36.30
CA THR C 905 -21.83 -1.34 35.17
C THR C 905 -21.23 -2.21 34.08
N PRO C 906 -21.78 -2.22 32.87
CA PRO C 906 -21.17 -3.02 31.80
C PRO C 906 -20.02 -2.32 31.12
N VAL C 907 -18.91 -3.03 30.89
CA VAL C 907 -17.81 -2.46 30.12
C VAL C 907 -18.29 -2.16 28.71
N ASP C 908 -17.75 -1.10 28.11
CA ASP C 908 -18.21 -0.60 26.82
C ASP C 908 -17.23 -0.89 25.70
N ILE C 909 -16.14 -1.60 25.97
CA ILE C 909 -15.22 -1.99 24.90
C ILE C 909 -14.29 -3.05 25.45
N ILE C 910 -13.76 -3.89 24.57
CA ILE C 910 -12.86 -4.97 24.97
C ILE C 910 -11.68 -5.03 24.02
N LEU C 911 -10.48 -5.08 24.58
CA LEU C 911 -9.25 -5.14 23.80
C LEU C 911 -8.48 -6.40 24.13
N ASN C 912 -7.67 -6.86 23.17
CA ASN C 912 -6.89 -8.07 23.37
C ASN C 912 -5.63 -7.80 24.18
N THR C 913 -5.25 -8.80 24.98
CA THR C 913 -3.99 -8.72 25.71
C THR C 913 -2.79 -9.00 24.82
N HIS C 914 -2.96 -9.82 23.80
CA HIS C 914 -1.83 -10.25 22.98
C HIS C 914 -1.26 -9.13 22.12
N GLY C 915 -1.91 -7.97 22.06
CA GLY C 915 -1.41 -6.89 21.24
C GLY C 915 -0.58 -5.86 21.97
N VAL C 916 -0.69 -5.80 23.29
CA VAL C 916 -0.01 -4.78 24.07
C VAL C 916 1.48 -5.10 24.24
N PRO C 917 1.84 -6.23 24.86
CA PRO C 917 3.26 -6.44 25.17
C PRO C 917 4.15 -6.56 23.96
N ARG C 918 3.67 -7.15 22.87
CA ARG C 918 4.52 -7.40 21.72
C ARG C 918 4.89 -6.13 20.97
N ARG C 919 3.97 -5.18 20.83
CA ARG C 919 4.20 -3.99 20.03
C ARG C 919 4.89 -2.87 20.81
N MET C 920 5.06 -3.03 22.11
CA MET C 920 5.72 -2.02 22.93
C MET C 920 5.00 -0.68 22.81
N ASN C 921 3.75 -0.65 23.26
CA ASN C 921 3.01 0.59 23.48
C ASN C 921 2.36 0.52 24.85
N ILE C 922 3.14 0.12 25.84
CA ILE C 922 2.65 -0.09 27.20
C ILE C 922 1.98 1.18 27.71
N GLY C 923 2.34 2.31 27.12
CA GLY C 923 1.76 3.57 27.56
C GLY C 923 0.27 3.48 27.80
N GLN C 924 -0.47 2.87 26.87
CA GLN C 924 -1.92 2.84 27.00
C GLN C 924 -2.34 2.25 28.33
N ILE C 925 -1.74 1.13 28.74
CA ILE C 925 -2.12 0.56 30.02
C ILE C 925 -1.98 1.59 31.13
N LEU C 926 -0.82 2.27 31.20
CA LEU C 926 -0.68 3.32 32.19
C LEU C 926 -1.83 4.32 32.07
N GLU C 927 -2.08 4.82 30.87
CA GLU C 927 -3.19 5.74 30.69
C GLU C 927 -4.46 5.15 31.27
N THR C 928 -4.78 3.90 30.92
CA THR C 928 -5.98 3.28 31.46
C THR C 928 -6.04 3.47 32.96
N HIS C 929 -4.99 3.07 33.67
CA HIS C 929 -4.99 3.22 35.12
C HIS C 929 -5.31 4.66 35.49
N LEU C 930 -4.55 5.60 34.94
CA LEU C 930 -4.76 6.99 35.32
C LEU C 930 -6.18 7.41 34.99
N GLY C 931 -6.70 6.97 33.85
CA GLY C 931 -8.07 7.30 33.51
C GLY C 931 -9.01 6.98 34.66
N TRP C 932 -8.91 5.76 35.19
CA TRP C 932 -9.80 5.37 36.28
C TRP C 932 -9.63 6.31 37.47
N CYS C 933 -8.37 6.61 37.83
CA CYS C 933 -8.15 7.51 38.95
C CYS C 933 -8.80 8.86 38.70
N ALA C 934 -8.83 9.30 37.44
CA ALA C 934 -9.50 10.55 37.13
C ALA C 934 -11.00 10.43 37.30
N HIS C 935 -11.57 9.29 36.90
CA HIS C 935 -13.02 9.13 36.93
C HIS C 935 -13.52 9.01 38.37
N SER C 936 -12.92 8.13 39.15
CA SER C 936 -13.45 7.84 40.48
C SER C 936 -13.10 8.93 41.48
N GLY C 937 -12.00 9.64 41.27
CA GLY C 937 -11.59 10.65 42.21
C GLY C 937 -10.88 10.05 43.41
N TRP C 938 -9.78 10.66 43.84
CA TRP C 938 -8.94 10.09 44.88
C TRP C 938 -8.76 11.11 46.00
N LYS C 939 -8.15 10.66 47.10
CA LYS C 939 -7.83 11.56 48.21
C LYS C 939 -6.65 10.97 48.97
N VAL C 940 -5.46 11.48 48.73
CA VAL C 940 -4.28 11.06 49.48
C VAL C 940 -4.48 11.49 50.93
N ASP C 941 -4.36 10.54 51.84
CA ASP C 941 -4.64 10.79 53.26
C ASP C 941 -3.39 11.37 53.92
N ALA C 942 -3.32 12.69 54.01
CA ALA C 942 -2.25 13.37 54.73
C ALA C 942 -2.62 13.58 56.19
N ALA C 943 -3.01 12.49 56.86
CA ALA C 943 -3.39 12.57 58.26
C ALA C 943 -2.17 12.83 59.14
N LYS C 944 -1.10 12.08 58.91
CA LYS C 944 0.12 12.18 59.71
C LYS C 944 1.29 12.25 58.75
N GLY C 945 1.53 13.43 58.18
CA GLY C 945 2.59 13.61 57.21
C GLY C 945 2.21 13.06 55.84
N VAL C 946 2.67 13.73 54.78
CA VAL C 946 2.36 13.25 53.44
C VAL C 946 3.13 11.96 53.18
N PRO C 947 2.55 10.96 52.52
CA PRO C 947 3.31 9.76 52.20
C PRO C 947 4.48 10.08 51.29
N ASP C 948 5.54 9.27 51.38
CA ASP C 948 6.77 9.59 50.68
C ASP C 948 6.56 9.63 49.17
N TRP C 949 5.75 8.71 48.63
CA TRP C 949 5.56 8.70 47.18
C TRP C 949 4.88 9.95 46.66
N ALA C 950 4.26 10.74 47.54
CA ALA C 950 3.59 11.97 47.15
C ALA C 950 4.32 13.22 47.63
N ALA C 951 5.60 13.09 47.99
CA ALA C 951 6.35 14.22 48.50
C ALA C 951 6.46 15.33 47.47
N ARG C 952 6.84 14.98 46.24
CA ARG C 952 6.98 15.95 45.15
C ARG C 952 5.70 16.13 44.34
N LEU C 953 4.64 15.40 44.66
CA LEU C 953 3.36 15.64 44.01
C LEU C 953 2.91 17.06 44.28
N PRO C 954 2.50 17.82 43.27
CA PRO C 954 2.20 19.24 43.53
C PRO C 954 1.04 19.40 44.49
N ASP C 955 0.94 20.55 45.14
CA ASP C 955 -0.21 20.83 45.98
C ASP C 955 -1.49 20.79 45.15
N GLU C 956 -2.62 20.82 45.85
CA GLU C 956 -3.95 20.76 45.24
C GLU C 956 -4.04 19.69 44.15
N LEU C 957 -3.23 18.64 44.28
CA LEU C 957 -3.41 17.41 43.54
C LEU C 957 -3.48 16.19 44.46
N LEU C 958 -3.37 16.40 45.76
CA LEU C 958 -3.57 15.30 46.71
C LEU C 958 -5.01 14.82 46.75
N GLU C 959 -5.95 15.54 46.16
CA GLU C 959 -7.36 15.18 46.22
C GLU C 959 -8.05 15.74 45.00
N ALA C 960 -8.96 14.94 44.43
CA ALA C 960 -9.70 15.36 43.25
C ALA C 960 -11.11 14.82 43.34
N GLN C 961 -12.05 15.58 42.83
CA GLN C 961 -13.44 15.18 42.77
C GLN C 961 -13.67 14.22 41.62
N PRO C 962 -14.76 13.44 41.65
CA PRO C 962 -15.03 12.53 40.54
C PRO C 962 -15.18 13.30 39.23
N ASN C 963 -14.73 12.66 38.15
CA ASN C 963 -14.76 13.27 36.82
C ASN C 963 -13.84 14.49 36.77
N ALA C 964 -12.70 14.39 37.44
CA ALA C 964 -11.71 15.46 37.43
C ALA C 964 -10.72 15.23 36.30
N ILE C 965 -10.44 16.28 35.55
CA ILE C 965 -9.54 16.23 34.40
C ILE C 965 -8.13 16.55 34.87
N VAL C 966 -7.15 15.80 34.37
CA VAL C 966 -5.76 16.01 34.73
C VAL C 966 -4.92 16.06 33.46
N SER C 967 -3.67 16.52 33.57
CA SER C 967 -2.78 16.62 32.43
C SER C 967 -1.39 16.14 32.82
N THR C 968 -0.81 15.31 31.95
CA THR C 968 0.54 14.79 32.15
C THR C 968 1.39 15.19 30.95
N PRO C 969 2.18 16.28 31.05
CA PRO C 969 2.96 16.72 29.88
C PRO C 969 3.73 15.59 29.24
N VAL C 970 4.16 15.79 27.99
CA VAL C 970 4.61 14.66 27.19
C VAL C 970 5.81 13.97 27.83
N PHE C 971 6.84 14.74 28.19
CA PHE C 971 8.09 14.15 28.66
C PHE C 971 8.38 14.43 30.13
N ASP C 972 7.47 15.05 30.86
CA ASP C 972 7.59 15.23 32.30
C ASP C 972 6.20 15.03 32.88
N GLY C 973 5.90 13.81 33.29
CA GLY C 973 4.54 13.46 33.64
C GLY C 973 4.41 12.76 34.97
N ALA C 974 3.50 11.80 35.04
CA ALA C 974 3.23 11.07 36.26
C ALA C 974 4.10 9.82 36.32
N GLN C 975 4.97 9.75 37.33
CA GLN C 975 5.86 8.61 37.49
C GLN C 975 5.06 7.39 37.90
N GLU C 976 5.72 6.22 37.85
CA GLU C 976 5.05 4.98 38.20
C GLU C 976 4.66 4.96 39.68
N ALA C 977 5.55 5.43 40.55
CA ALA C 977 5.24 5.43 41.98
C ALA C 977 4.01 6.27 42.28
N GLU C 978 3.88 7.42 41.62
CA GLU C 978 2.71 8.26 41.83
C GLU C 978 1.43 7.54 41.39
N LEU C 979 1.49 6.82 40.27
CA LEU C 979 0.32 6.07 39.84
C LEU C 979 -0.05 4.99 40.85
N GLN C 980 0.96 4.29 41.38
CA GLN C 980 0.65 3.28 42.39
C GLN C 980 -0.01 3.91 43.60
N GLY C 981 0.52 5.04 44.06
CA GLY C 981 -0.07 5.72 45.20
C GLY C 981 -1.50 6.14 44.93
N LEU C 982 -1.76 6.74 43.78
CA LEU C 982 -3.11 7.15 43.45
C LEU C 982 -4.06 5.96 43.43
N LEU C 983 -3.65 4.87 42.76
CA LEU C 983 -4.52 3.70 42.70
C LEU C 983 -4.77 3.11 44.07
N SER C 984 -3.80 3.26 44.99
CA SER C 984 -3.98 2.67 46.31
C SER C 984 -5.15 3.28 47.06
N CYS C 985 -5.48 4.55 46.79
CA CYS C 985 -6.56 5.26 47.47
C CYS C 985 -7.49 5.85 46.42
N THR C 986 -8.74 5.38 46.40
CA THR C 986 -9.75 5.92 45.49
C THR C 986 -11.09 5.85 46.18
N LEU C 987 -11.92 6.86 45.93
CA LEU C 987 -13.19 6.96 46.62
C LEU C 987 -14.13 5.82 46.19
N PRO C 988 -15.03 5.39 47.06
CA PRO C 988 -16.08 4.45 46.64
C PRO C 988 -17.04 5.12 45.68
N ASN C 989 -17.81 4.30 44.96
CA ASN C 989 -18.64 4.83 43.88
C ASN C 989 -19.94 5.43 44.42
N ARG C 990 -20.83 4.59 44.95
CA ARG C 990 -22.01 5.07 45.66
C ARG C 990 -22.08 4.53 47.08
N ASP C 991 -21.96 3.22 47.24
CA ASP C 991 -21.85 2.59 48.55
C ASP C 991 -20.39 2.35 48.87
N GLY C 992 -20.13 1.92 50.10
CA GLY C 992 -18.75 1.79 50.54
C GLY C 992 -18.06 0.61 49.90
N ASP C 993 -17.93 0.64 48.58
CA ASP C 993 -17.27 -0.43 47.82
C ASP C 993 -16.22 0.20 46.93
N VAL C 994 -15.08 -0.48 46.77
CA VAL C 994 -14.06 -0.10 45.83
C VAL C 994 -13.99 -1.19 44.76
N LEU C 995 -14.17 -0.80 43.50
CA LEU C 995 -14.28 -1.80 42.44
C LEU C 995 -12.92 -2.19 41.86
N VAL C 996 -11.90 -1.35 42.04
CA VAL C 996 -10.57 -1.61 41.49
C VAL C 996 -9.57 -1.62 42.63
N ASP C 997 -8.91 -2.76 42.82
CA ASP C 997 -7.99 -2.92 43.95
C ASP C 997 -6.64 -2.30 43.57
N ALA C 998 -5.62 -2.53 44.40
CA ALA C 998 -4.37 -1.81 44.25
C ALA C 998 -3.69 -2.07 42.91
N ASP C 999 -3.68 -3.33 42.46
CA ASP C 999 -3.01 -3.63 41.21
C ASP C 999 -3.68 -2.95 40.02
N GLY C 1000 -4.91 -2.47 40.20
CA GLY C 1000 -5.64 -1.85 39.12
C GLY C 1000 -6.55 -2.78 38.36
N LYS C 1001 -6.77 -3.99 38.87
CA LYS C 1001 -7.59 -4.99 38.19
C LYS C 1001 -8.80 -5.33 39.04
N ALA C 1002 -9.96 -5.46 38.40
CA ALA C 1002 -11.22 -5.68 39.06
C ALA C 1002 -11.71 -7.09 38.78
N MET C 1003 -12.78 -7.48 39.45
CA MET C 1003 -13.36 -8.81 39.29
C MET C 1003 -14.64 -8.70 38.48
N LEU C 1004 -14.66 -9.32 37.30
CA LEU C 1004 -15.76 -9.17 36.36
C LEU C 1004 -16.66 -10.40 36.36
N PHE C 1005 -17.96 -10.15 36.24
CA PHE C 1005 -18.95 -11.20 36.05
C PHE C 1005 -19.19 -11.40 34.55
N ASP C 1006 -19.24 -12.66 34.12
CA ASP C 1006 -19.51 -12.98 32.73
C ASP C 1006 -21.01 -12.91 32.52
N GLY C 1007 -21.45 -11.97 31.68
CA GLY C 1007 -22.87 -11.76 31.47
C GLY C 1007 -23.53 -12.83 30.63
N ARG C 1008 -22.79 -13.49 29.74
CA ARG C 1008 -23.37 -14.46 28.83
C ARG C 1008 -23.69 -15.79 29.51
N SER C 1009 -22.86 -16.21 30.46
CA SER C 1009 -23.04 -17.48 31.15
C SER C 1009 -23.48 -17.32 32.60
N GLY C 1010 -22.97 -16.30 33.30
CA GLY C 1010 -23.37 -15.98 34.65
C GLY C 1010 -22.24 -16.07 35.66
N GLU C 1011 -21.35 -17.03 35.50
CA GLU C 1011 -20.31 -17.26 36.49
C GLU C 1011 -19.27 -16.14 36.45
N PRO C 1012 -18.62 -15.85 37.57
CA PRO C 1012 -17.55 -14.86 37.55
C PRO C 1012 -16.30 -15.40 36.88
N PHE C 1013 -15.59 -14.52 36.18
CA PHE C 1013 -14.33 -14.92 35.60
C PHE C 1013 -13.35 -15.28 36.71
N PRO C 1014 -12.59 -16.36 36.55
CA PRO C 1014 -11.77 -16.85 37.67
C PRO C 1014 -10.78 -15.82 38.19
N TYR C 1015 -10.18 -15.01 37.33
CA TYR C 1015 -9.11 -14.12 37.73
C TYR C 1015 -9.49 -12.67 37.48
N PRO C 1016 -8.94 -11.74 38.26
CA PRO C 1016 -9.26 -10.33 38.04
C PRO C 1016 -8.73 -9.84 36.71
N VAL C 1017 -9.35 -8.77 36.21
CA VAL C 1017 -9.02 -8.19 34.91
C VAL C 1017 -8.77 -6.70 35.08
N THR C 1018 -8.01 -6.13 34.14
CA THR C 1018 -7.77 -4.69 34.11
C THR C 1018 -9.02 -3.99 33.58
N VAL C 1019 -9.39 -2.89 34.22
CA VAL C 1019 -10.49 -2.06 33.77
C VAL C 1019 -10.09 -0.60 33.97
N GLY C 1020 -10.58 0.27 33.09
CA GLY C 1020 -10.29 1.68 33.23
C GLY C 1020 -11.05 2.49 32.21
N TYR C 1021 -10.66 3.75 32.08
CA TYR C 1021 -11.25 4.67 31.12
C TYR C 1021 -10.20 5.04 30.10
N MET C 1022 -10.48 4.76 28.83
CA MET C 1022 -9.56 5.11 27.75
C MET C 1022 -10.25 6.00 26.74
N TYR C 1023 -9.50 6.93 26.17
CA TYR C 1023 -10.03 7.93 25.26
C TYR C 1023 -9.81 7.44 23.83
N ILE C 1024 -10.86 6.95 23.20
CA ILE C 1024 -10.77 6.40 21.85
C ILE C 1024 -11.62 7.23 20.91
N MET C 1025 -11.21 7.25 19.65
CA MET C 1025 -11.81 8.09 18.62
C MET C 1025 -12.51 7.22 17.58
N LYS C 1026 -13.00 7.87 16.54
CA LYS C 1026 -13.61 7.18 15.40
C LYS C 1026 -12.93 7.68 14.13
N LEU C 1027 -12.19 6.81 13.46
CA LEU C 1027 -11.44 7.24 12.29
C LEU C 1027 -12.34 7.35 11.08
N HIS C 1028 -11.85 8.05 10.07
CA HIS C 1028 -12.60 8.32 8.85
C HIS C 1028 -12.31 7.28 7.78
N HIS C 1029 -12.56 6.02 8.10
CA HIS C 1029 -12.45 4.91 7.16
C HIS C 1029 -13.68 4.02 7.27
N LEU C 1030 -14.84 4.64 7.27
CA LEU C 1030 -16.08 3.92 7.54
C LEU C 1030 -16.33 2.88 6.46
N VAL C 1031 -17.15 1.88 6.80
CA VAL C 1031 -17.42 0.79 5.87
C VAL C 1031 -18.29 1.26 4.71
N ASP C 1032 -19.27 2.13 4.99
CA ASP C 1032 -20.25 2.50 3.98
C ASP C 1032 -19.60 3.12 2.74
N ASP C 1033 -18.39 3.64 2.86
CA ASP C 1033 -17.67 4.20 1.72
C ASP C 1033 -16.78 3.18 1.04
N LYS C 1034 -16.77 1.92 1.50
CA LYS C 1034 -15.87 0.90 0.98
C LYS C 1034 -16.59 -0.24 0.28
N ILE C 1035 -17.72 -0.68 0.78
CA ILE C 1035 -18.44 -1.82 0.22
C ILE C 1035 -18.86 -1.49 -1.20
N HIS C 1036 -18.87 -2.51 -2.06
CA HIS C 1036 -19.17 -2.29 -3.47
C HIS C 1036 -19.32 -3.62 -4.17
N ALA C 1037 -20.27 -3.69 -5.11
CA ALA C 1037 -20.54 -4.92 -5.84
C ALA C 1037 -20.98 -4.57 -7.26
N ARG C 1038 -20.87 -5.55 -8.16
CA ARG C 1038 -21.21 -5.33 -9.56
C ARG C 1038 -21.58 -6.65 -10.21
N SER C 1039 -22.77 -6.72 -10.80
CA SER C 1039 -23.16 -7.85 -11.62
C SER C 1039 -22.94 -7.55 -13.10
N THR C 1040 -23.55 -6.47 -13.59
CA THR C 1040 -23.30 -5.99 -14.94
C THR C 1040 -23.57 -4.51 -14.99
N GLY C 1041 -22.68 -3.77 -15.63
CA GLY C 1041 -22.77 -2.34 -15.67
C GLY C 1041 -22.03 -1.72 -16.84
N PRO C 1042 -21.65 -0.45 -16.71
CA PRO C 1042 -21.01 0.25 -17.83
C PRO C 1042 -19.70 -0.43 -18.23
N TYR C 1043 -19.38 -0.31 -19.52
CA TYR C 1043 -18.15 -0.84 -20.09
C TYR C 1043 -17.37 0.28 -20.75
N SER C 1044 -16.06 0.08 -20.88
CA SER C 1044 -15.20 1.10 -21.46
C SER C 1044 -15.53 1.26 -22.94
N MET C 1045 -14.78 2.14 -23.61
CA MET C 1045 -15.03 2.48 -25.00
C MET C 1045 -13.90 2.00 -25.92
N ILE C 1046 -12.65 2.36 -25.63
CA ILE C 1046 -11.54 1.94 -26.47
C ILE C 1046 -11.38 0.43 -26.43
N THR C 1047 -11.37 -0.13 -25.23
CA THR C 1047 -11.40 -1.58 -25.02
C THR C 1047 -12.63 -1.92 -24.20
N GLN C 1048 -13.23 -3.07 -24.49
CA GLN C 1048 -14.56 -3.37 -23.98
C GLN C 1048 -14.54 -3.93 -22.55
N GLN C 1049 -13.48 -3.70 -21.80
CA GLN C 1049 -13.43 -4.12 -20.42
C GLN C 1049 -14.27 -3.20 -19.54
N PRO C 1050 -14.69 -3.69 -18.36
CA PRO C 1050 -15.48 -2.83 -17.47
C PRO C 1050 -14.64 -1.74 -16.83
N LEU C 1051 -15.31 -0.69 -16.38
CA LEU C 1051 -14.63 0.47 -15.80
C LEU C 1051 -14.13 0.15 -14.40
N GLY C 1052 -13.52 1.13 -13.75
CA GLY C 1052 -13.00 0.94 -12.41
C GLY C 1052 -13.36 2.05 -11.46
N GLY C 1053 -13.78 1.70 -10.25
CA GLY C 1053 -14.11 2.67 -9.22
C GLY C 1053 -15.55 2.55 -8.78
N LYS C 1054 -15.76 2.85 -7.49
CA LYS C 1054 -17.08 2.76 -6.89
C LYS C 1054 -18.07 3.74 -7.49
N ALA C 1055 -17.59 4.78 -8.17
CA ALA C 1055 -18.51 5.80 -8.67
C ALA C 1055 -19.32 5.29 -9.85
N GLN C 1056 -18.67 4.92 -10.95
CA GLN C 1056 -19.42 4.64 -12.17
C GLN C 1056 -20.32 3.42 -11.98
N PHE C 1057 -19.74 2.22 -12.05
CA PHE C 1057 -20.24 1.09 -11.28
C PHE C 1057 -19.05 0.31 -10.75
N GLY C 1058 -18.01 0.17 -11.56
CA GLY C 1058 -16.76 -0.40 -11.15
C GLY C 1058 -16.80 -1.92 -11.00
N GLY C 1059 -15.71 -2.55 -11.41
CA GLY C 1059 -15.49 -3.95 -11.18
C GLY C 1059 -14.07 -4.22 -10.74
N GLN C 1060 -13.88 -5.16 -9.82
CA GLN C 1060 -12.55 -5.39 -9.25
C GLN C 1060 -11.57 -5.84 -10.31
N ARG C 1061 -10.29 -5.62 -10.03
CA ARG C 1061 -9.25 -5.94 -11.00
C ARG C 1061 -8.59 -7.28 -10.66
N PHE C 1062 -8.64 -8.20 -11.62
CA PHE C 1062 -8.02 -9.50 -11.47
C PHE C 1062 -6.57 -9.40 -11.93
N GLY C 1063 -5.74 -8.85 -11.04
CA GLY C 1063 -4.43 -8.36 -11.40
C GLY C 1063 -3.49 -9.39 -11.97
N GLU C 1064 -2.25 -8.98 -12.23
CA GLU C 1064 -1.26 -9.84 -12.87
C GLU C 1064 -0.93 -11.07 -12.02
N MET C 1065 -0.62 -10.87 -10.74
CA MET C 1065 -0.20 -11.97 -9.89
C MET C 1065 -1.38 -12.64 -9.21
N GLU C 1066 -2.59 -12.39 -9.72
CA GLU C 1066 -3.74 -13.21 -9.37
C GLU C 1066 -4.11 -14.14 -10.52
N CYS C 1067 -3.32 -14.15 -11.59
CA CYS C 1067 -3.42 -15.16 -12.63
C CYS C 1067 -2.34 -16.21 -12.50
N TRP C 1068 -1.34 -16.00 -11.65
CA TRP C 1068 -0.37 -17.02 -11.31
C TRP C 1068 -0.91 -18.01 -10.27
N ALA C 1069 -1.66 -17.51 -9.28
CA ALA C 1069 -2.28 -18.43 -8.33
C ALA C 1069 -3.24 -19.39 -9.05
N MET C 1070 -4.06 -18.86 -9.96
CA MET C 1070 -4.95 -19.74 -10.71
C MET C 1070 -4.18 -20.75 -11.54
N GLN C 1071 -3.08 -20.33 -12.18
CA GLN C 1071 -2.28 -21.28 -12.93
C GLN C 1071 -1.66 -22.31 -11.98
N ALA C 1072 -1.17 -21.87 -10.83
CA ALA C 1072 -0.52 -22.80 -9.90
C ALA C 1072 -1.49 -23.85 -9.41
N TYR C 1073 -2.72 -23.46 -9.09
CA TYR C 1073 -3.70 -24.43 -8.64
C TYR C 1073 -3.93 -25.52 -9.68
N GLY C 1074 -3.73 -25.20 -10.95
CA GLY C 1074 -4.10 -26.08 -12.02
C GLY C 1074 -5.48 -25.85 -12.60
N ALA C 1075 -6.21 -24.87 -12.08
CA ALA C 1075 -7.53 -24.56 -12.61
C ALA C 1075 -7.36 -23.74 -13.89
N ALA C 1076 -7.90 -24.25 -14.99
CA ALA C 1076 -7.78 -23.55 -16.27
C ALA C 1076 -9.10 -22.97 -16.73
N TYR C 1077 -10.20 -23.71 -16.57
CA TYR C 1077 -11.49 -23.20 -17.03
C TYR C 1077 -11.89 -21.92 -16.31
N THR C 1078 -11.65 -21.86 -15.00
CA THR C 1078 -12.01 -20.67 -14.25
C THR C 1078 -11.23 -19.46 -14.76
N LEU C 1079 -9.94 -19.64 -15.02
CA LEU C 1079 -9.14 -18.55 -15.56
C LEU C 1079 -9.64 -18.13 -16.93
N GLN C 1080 -9.94 -19.10 -17.80
CA GLN C 1080 -10.44 -18.77 -19.12
C GLN C 1080 -11.72 -17.94 -19.04
N GLU C 1081 -12.65 -18.33 -18.16
CA GLU C 1081 -13.90 -17.59 -18.08
C GLU C 1081 -13.70 -16.25 -17.39
N LEU C 1082 -12.74 -16.16 -16.48
CA LEU C 1082 -12.48 -14.88 -15.82
C LEU C 1082 -11.81 -13.90 -16.76
N LEU C 1083 -11.23 -14.39 -17.86
CA LEU C 1083 -10.60 -13.48 -18.82
C LEU C 1083 -11.31 -13.39 -20.16
N THR C 1084 -12.36 -14.18 -20.42
CA THR C 1084 -13.05 -14.11 -21.70
C THR C 1084 -14.51 -13.70 -21.59
N ILE C 1085 -15.34 -14.43 -20.86
CA ILE C 1085 -16.78 -14.19 -20.86
C ILE C 1085 -17.22 -13.32 -19.68
N LYS C 1086 -16.27 -12.80 -18.91
CA LYS C 1086 -16.59 -11.86 -17.85
C LYS C 1086 -16.00 -10.49 -18.08
N SER C 1087 -15.03 -10.34 -18.98
CA SER C 1087 -14.37 -9.05 -19.15
C SER C 1087 -14.63 -8.41 -20.50
N ASP C 1088 -14.24 -9.04 -21.62
CA ASP C 1088 -14.31 -8.31 -22.89
C ASP C 1088 -14.66 -9.15 -24.12
N ASP C 1089 -15.40 -10.24 -23.99
CA ASP C 1089 -15.87 -10.97 -25.17
C ASP C 1089 -17.29 -10.49 -25.47
N THR C 1090 -17.43 -9.74 -26.56
CA THR C 1090 -18.64 -8.94 -26.76
C THR C 1090 -19.90 -9.80 -26.82
N VAL C 1091 -19.85 -10.91 -27.55
CA VAL C 1091 -21.03 -11.77 -27.63
C VAL C 1091 -21.13 -12.70 -26.43
N GLY C 1092 -20.00 -13.07 -25.84
CA GLY C 1092 -20.02 -13.96 -24.69
C GLY C 1092 -20.84 -13.41 -23.55
N ARG C 1093 -20.74 -12.10 -23.31
CA ARG C 1093 -21.45 -11.52 -22.18
C ARG C 1093 -22.96 -11.67 -22.32
N VAL C 1094 -23.50 -11.24 -23.47
CA VAL C 1094 -24.94 -11.32 -23.65
C VAL C 1094 -25.40 -12.76 -23.66
N LYS C 1095 -24.61 -13.66 -24.27
CA LYS C 1095 -25.03 -15.05 -24.33
C LYS C 1095 -25.02 -15.69 -22.96
N VAL C 1096 -24.03 -15.37 -22.12
CA VAL C 1096 -24.02 -15.95 -20.77
C VAL C 1096 -25.17 -15.39 -19.96
N TYR C 1097 -25.48 -14.11 -20.13
CA TYR C 1097 -26.62 -13.54 -19.40
C TYR C 1097 -27.91 -14.26 -19.79
N GLU C 1098 -28.13 -14.46 -21.08
CA GLU C 1098 -29.35 -15.13 -21.52
C GLU C 1098 -29.39 -16.57 -21.03
N ALA C 1099 -28.27 -17.28 -21.12
CA ALA C 1099 -28.24 -18.67 -20.66
C ALA C 1099 -28.55 -18.73 -19.17
N ILE C 1100 -28.01 -17.80 -18.38
CA ILE C 1100 -28.23 -17.84 -16.94
C ILE C 1100 -29.69 -17.59 -16.62
N VAL C 1101 -30.30 -16.56 -17.23
CA VAL C 1101 -31.69 -16.28 -16.89
C VAL C 1101 -32.60 -17.42 -17.35
N LYS C 1102 -32.28 -18.04 -18.49
CA LYS C 1102 -33.13 -19.10 -19.02
C LYS C 1102 -32.68 -20.50 -18.60
N GLY C 1103 -31.67 -20.61 -17.74
CA GLY C 1103 -31.29 -21.89 -17.18
C GLY C 1103 -30.50 -22.79 -18.09
N GLU C 1104 -30.06 -22.31 -19.25
CA GLU C 1104 -29.26 -23.12 -20.16
C GLU C 1104 -27.84 -23.25 -19.61
N ASN C 1105 -27.03 -24.06 -20.28
CA ASN C 1105 -25.63 -24.21 -19.90
C ASN C 1105 -24.81 -23.10 -20.55
N ILE C 1106 -23.88 -22.55 -19.77
CA ILE C 1106 -23.17 -21.34 -20.20
C ILE C 1106 -22.43 -21.63 -21.51
N PRO C 1107 -22.38 -20.69 -22.46
CA PRO C 1107 -21.74 -21.00 -23.75
C PRO C 1107 -20.24 -20.91 -23.70
N GLU C 1108 -19.59 -21.14 -24.84
CA GLU C 1108 -18.14 -21.15 -24.94
C GLU C 1108 -17.62 -19.74 -25.15
N PRO C 1109 -16.36 -19.48 -24.82
CA PRO C 1109 -15.79 -18.14 -25.02
C PRO C 1109 -15.20 -17.96 -26.41
N GLY C 1110 -15.09 -16.71 -26.85
CA GLY C 1110 -14.49 -16.41 -28.13
C GLY C 1110 -13.04 -15.98 -28.00
N ILE C 1111 -12.75 -14.74 -28.37
CA ILE C 1111 -11.41 -14.16 -28.19
C ILE C 1111 -11.55 -12.80 -27.54
N PRO C 1112 -10.55 -12.29 -26.84
CA PRO C 1112 -10.69 -10.99 -26.19
C PRO C 1112 -10.45 -9.83 -27.15
N GLU C 1113 -11.22 -8.77 -26.97
CA GLU C 1113 -11.11 -7.61 -27.85
C GLU C 1113 -9.73 -6.96 -27.75
N SER C 1114 -9.18 -6.88 -26.54
CA SER C 1114 -7.89 -6.24 -26.36
C SER C 1114 -6.82 -6.89 -27.23
N PHE C 1115 -6.96 -8.18 -27.55
CA PHE C 1115 -6.00 -8.81 -28.46
C PHE C 1115 -6.09 -8.20 -29.86
N LYS C 1116 -7.30 -7.97 -30.36
CA LYS C 1116 -7.43 -7.33 -31.67
C LYS C 1116 -6.92 -5.89 -31.62
N VAL C 1117 -7.12 -5.22 -30.49
CA VAL C 1117 -6.54 -3.88 -30.34
C VAL C 1117 -5.02 -3.96 -30.43
N LEU C 1118 -4.43 -4.98 -29.81
CA LEU C 1118 -2.99 -5.16 -29.89
C LEU C 1118 -2.55 -5.39 -31.34
N LEU C 1119 -3.29 -6.21 -32.08
CA LEU C 1119 -2.91 -6.45 -33.47
C LEU C 1119 -2.95 -5.16 -34.27
N LYS C 1120 -3.98 -4.34 -34.07
CA LYS C 1120 -4.03 -3.08 -34.80
C LYS C 1120 -2.91 -2.14 -34.39
N GLU C 1121 -2.58 -2.08 -33.09
CA GLU C 1121 -1.48 -1.22 -32.68
C GLU C 1121 -0.16 -1.68 -33.29
N LEU C 1122 0.07 -3.00 -33.34
CA LEU C 1122 1.29 -3.49 -33.98
C LEU C 1122 1.30 -3.15 -35.45
N GLN C 1123 0.17 -3.34 -36.14
CA GLN C 1123 0.14 -3.03 -37.57
C GLN C 1123 0.38 -1.55 -37.81
N SER C 1124 -0.01 -0.69 -36.86
CA SER C 1124 0.21 0.74 -37.04
C SER C 1124 1.70 1.09 -37.06
N LEU C 1125 2.55 0.21 -36.53
CA LEU C 1125 3.99 0.45 -36.50
C LEU C 1125 4.72 -0.14 -37.68
N CYS C 1126 4.01 -0.57 -38.72
CA CYS C 1126 4.61 -1.17 -39.91
C CYS C 1126 5.21 -2.54 -39.60
N LEU C 1127 4.50 -3.31 -38.78
CA LEU C 1127 4.84 -4.69 -38.49
C LEU C 1127 3.73 -5.58 -39.02
N ASN C 1128 4.04 -6.42 -40.00
CA ASN C 1128 3.04 -7.22 -40.71
C ASN C 1128 2.71 -8.45 -39.86
N VAL C 1129 1.88 -8.24 -38.85
CA VAL C 1129 1.41 -9.33 -37.99
C VAL C 1129 0.25 -10.02 -38.68
N GLU C 1130 0.30 -11.35 -38.75
CA GLU C 1130 -0.75 -12.13 -39.39
C GLU C 1130 -1.00 -13.39 -38.57
N VAL C 1131 -2.26 -13.81 -38.52
CA VAL C 1131 -2.65 -14.98 -37.71
C VAL C 1131 -2.78 -16.14 -38.69
N LEU C 1132 -1.68 -16.88 -38.85
CA LEU C 1132 -1.68 -18.06 -39.71
C LEU C 1132 -2.57 -19.14 -39.12
N SER C 1133 -2.74 -20.24 -39.85
CA SER C 1133 -3.56 -21.35 -39.39
C SER C 1133 -2.90 -22.69 -39.70
N GLY D 1 -4.72 -15.51 -42.95
CA GLY D 1 -5.51 -16.68 -42.50
C GLY D 1 -6.48 -16.34 -41.39
N ALA D 2 -7.64 -16.99 -41.39
CA ALA D 2 -8.68 -16.75 -40.40
C ALA D 2 -9.26 -15.35 -40.52
N MET D 3 -8.80 -14.60 -41.53
CA MET D 3 -9.19 -13.21 -41.74
C MET D 3 -9.46 -12.48 -40.42
N LEU D 4 -10.70 -12.08 -40.16
CA LEU D 4 -10.98 -11.27 -38.99
C LEU D 4 -10.52 -11.99 -37.72
N ASP D 5 -11.22 -13.06 -37.33
CA ASP D 5 -10.78 -13.91 -36.24
C ASP D 5 -11.76 -15.07 -36.05
N VAL D 6 -11.57 -15.84 -34.96
CA VAL D 6 -12.39 -16.97 -34.52
C VAL D 6 -11.48 -18.20 -34.50
N ASN D 7 -11.70 -19.08 -33.53
CA ASN D 7 -10.64 -19.96 -33.03
C ASN D 7 -10.28 -21.01 -34.07
N PHE D 8 -9.37 -20.62 -34.96
CA PHE D 8 -8.50 -21.54 -35.67
C PHE D 8 -7.03 -21.18 -35.48
N PHE D 9 -6.71 -20.31 -34.54
CA PHE D 9 -5.33 -19.92 -34.23
C PHE D 9 -4.42 -21.14 -34.13
N ASP D 10 -3.34 -21.12 -34.89
CA ASP D 10 -2.28 -22.10 -34.70
C ASP D 10 -0.89 -21.50 -34.74
N GLU D 11 -0.74 -20.27 -35.25
CA GLU D 11 0.57 -19.65 -35.40
C GLU D 11 0.45 -18.16 -35.63
N LEU D 12 1.17 -17.36 -34.83
CA LEU D 12 1.37 -15.96 -35.15
C LEU D 12 2.73 -15.79 -35.81
N ARG D 13 2.77 -15.01 -36.87
CA ARG D 13 3.99 -14.83 -37.65
C ARG D 13 4.18 -13.35 -37.92
N ILE D 14 5.14 -12.74 -37.22
CA ILE D 14 5.43 -11.32 -37.40
C ILE D 14 6.49 -11.18 -38.48
N GLY D 15 6.57 -9.99 -39.05
CA GLY D 15 7.56 -9.72 -40.08
C GLY D 15 7.45 -8.31 -40.59
N LEU D 16 8.53 -7.86 -41.22
CA LEU D 16 8.57 -6.50 -41.76
C LEU D 16 7.49 -6.31 -42.81
N ALA D 17 6.92 -5.11 -42.86
CA ALA D 17 5.89 -4.76 -43.82
C ALA D 17 6.45 -3.81 -44.85
N THR D 18 6.17 -4.10 -46.12
CA THR D 18 6.62 -3.27 -47.23
C THR D 18 5.54 -2.25 -47.59
N ALA D 19 5.93 -1.26 -48.40
CA ALA D 19 4.98 -0.23 -48.81
C ALA D 19 3.73 -0.82 -49.44
N GLU D 20 3.90 -1.87 -50.25
CA GLU D 20 2.76 -2.46 -50.93
C GLU D 20 1.72 -2.97 -49.94
N ASP D 21 2.15 -3.67 -48.90
CA ASP D 21 1.20 -4.16 -47.90
C ASP D 21 0.51 -3.00 -47.18
N ILE D 22 1.25 -1.93 -46.89
CA ILE D 22 0.65 -0.79 -46.21
C ILE D 22 -0.43 -0.18 -47.08
N ARG D 23 -0.19 -0.06 -48.38
CA ARG D 23 -1.22 0.46 -49.27
C ARG D 23 -2.33 -0.55 -49.50
N GLN D 24 -2.08 -1.83 -49.25
CA GLN D 24 -3.14 -2.82 -49.32
C GLN D 24 -4.10 -2.71 -48.13
N TRP D 25 -3.57 -2.55 -46.92
CA TRP D 25 -4.43 -2.48 -45.75
C TRP D 25 -5.39 -1.31 -45.83
N SER D 26 -4.89 -0.15 -46.26
CA SER D 26 -5.67 1.07 -46.14
C SER D 26 -6.85 1.09 -47.09
N TYR D 27 -7.96 1.67 -46.64
CA TYR D 27 -9.15 1.86 -47.44
C TYR D 27 -9.20 3.24 -48.08
N GLY D 28 -8.18 4.06 -47.90
CA GLY D 28 -8.21 5.41 -48.43
C GLY D 28 -6.91 6.12 -48.13
N GLU D 29 -6.94 7.44 -48.31
CA GLU D 29 -5.76 8.28 -48.14
C GLU D 29 -6.15 9.54 -47.38
N VAL D 30 -5.49 9.77 -46.25
CA VAL D 30 -5.75 10.96 -45.44
C VAL D 30 -4.83 12.08 -45.90
N LYS D 31 -5.41 13.23 -46.23
CA LYS D 31 -4.62 14.33 -46.78
C LYS D 31 -5.08 15.69 -46.28
N LYS D 32 -5.61 15.78 -45.06
CA LYS D 32 -6.02 17.07 -44.53
C LYS D 32 -6.03 17.02 -43.00
N PRO D 33 -5.41 17.99 -42.33
CA PRO D 33 -5.25 17.89 -40.88
C PRO D 33 -6.42 18.46 -40.10
N GLU D 34 -7.65 18.08 -40.46
CA GLU D 34 -8.85 18.59 -39.81
C GLU D 34 -9.57 17.44 -39.15
N THR D 35 -9.78 17.54 -37.84
CA THR D 35 -10.37 16.45 -37.08
C THR D 35 -11.89 16.44 -37.21
N ILE D 36 -12.55 17.49 -36.75
CA ILE D 36 -14.00 17.58 -36.78
C ILE D 36 -14.42 19.04 -36.82
N ASN D 37 -15.47 19.33 -37.58
CA ASN D 37 -15.97 20.69 -37.69
C ASN D 37 -16.87 21.01 -36.50
N TYR D 38 -16.60 22.13 -35.84
CA TYR D 38 -17.27 22.43 -34.57
C TYR D 38 -18.76 22.64 -34.77
N ARG D 39 -19.14 23.45 -35.76
CA ARG D 39 -20.54 23.83 -35.91
C ARG D 39 -21.42 22.62 -36.17
N THR D 40 -21.03 21.78 -37.13
CA THR D 40 -21.80 20.58 -37.43
C THR D 40 -21.54 19.46 -36.42
N LEU D 41 -20.40 19.50 -35.73
CA LEU D 41 -20.01 18.40 -34.85
C LEU D 41 -20.14 17.08 -35.59
N LYS D 42 -19.66 17.05 -36.82
CA LYS D 42 -19.62 15.86 -37.65
C LYS D 42 -18.25 15.77 -38.30
N PRO D 43 -17.85 14.59 -38.76
CA PRO D 43 -16.49 14.43 -39.26
C PRO D 43 -16.22 15.31 -40.47
N GLU D 44 -14.97 15.74 -40.60
CA GLU D 44 -14.56 16.48 -41.79
C GLU D 44 -14.44 15.52 -42.96
N LYS D 45 -14.03 16.01 -44.13
CA LYS D 45 -13.88 15.17 -45.30
C LYS D 45 -12.40 15.06 -45.61
N ASP D 46 -11.92 13.83 -45.80
CA ASP D 46 -10.51 13.59 -46.11
C ASP D 46 -9.61 13.94 -44.93
N GLY D 47 -10.19 14.04 -43.74
CA GLY D 47 -9.47 14.33 -42.54
C GLY D 47 -9.09 13.08 -41.78
N LEU D 48 -8.83 13.26 -40.49
CA LEU D 48 -8.46 12.14 -39.63
C LEU D 48 -9.67 11.36 -39.12
N PHE D 49 -10.88 11.77 -39.50
CA PHE D 49 -12.09 11.04 -39.12
C PHE D 49 -13.05 10.90 -40.28
N CYS D 50 -12.56 11.04 -41.51
CA CYS D 50 -13.44 11.00 -42.68
C CYS D 50 -14.22 9.69 -42.72
N GLU D 51 -15.53 9.79 -42.96
CA GLU D 51 -16.36 8.59 -42.95
C GLU D 51 -16.15 7.76 -44.22
N LYS D 52 -15.69 8.38 -45.30
CA LYS D 52 -15.47 7.63 -46.54
C LYS D 52 -14.27 6.69 -46.40
N ILE D 53 -13.33 7.02 -45.52
CA ILE D 53 -12.15 6.19 -45.35
C ILE D 53 -12.38 5.12 -44.29
N PHE D 54 -12.81 5.51 -43.10
CA PHE D 54 -12.90 4.60 -41.98
C PHE D 54 -14.29 4.05 -41.73
N GLY D 55 -15.33 4.61 -42.36
CA GLY D 55 -16.66 4.08 -42.25
C GLY D 55 -17.63 5.00 -41.53
N PRO D 56 -18.93 4.67 -41.59
CA PRO D 56 -19.94 5.57 -41.04
C PRO D 56 -19.81 5.72 -39.53
N THR D 57 -20.24 6.88 -39.04
CA THR D 57 -20.25 7.14 -37.60
C THR D 57 -21.52 6.66 -36.91
N ARG D 58 -22.59 6.42 -37.66
CA ARG D 58 -23.84 5.90 -37.11
C ARG D 58 -24.29 4.69 -37.90
N ASP D 59 -24.98 3.79 -37.21
CA ASP D 59 -25.37 2.52 -37.82
C ASP D 59 -26.26 2.76 -39.02
N TRP D 60 -25.80 2.35 -40.21
CA TRP D 60 -26.59 2.45 -41.43
C TRP D 60 -27.09 3.87 -41.65
N GLU D 61 -26.16 4.81 -41.75
CA GLU D 61 -26.48 6.20 -42.02
C GLU D 61 -25.34 6.82 -42.80
N CYS D 62 -25.60 7.25 -44.03
CA CYS D 62 -24.56 7.86 -44.85
C CYS D 62 -24.36 9.31 -44.46
N TYR D 63 -23.23 9.87 -44.91
CA TYR D 63 -22.90 11.26 -44.59
C TYR D 63 -23.88 12.22 -45.27
N CYS D 64 -24.16 11.99 -46.56
CA CYS D 64 -25.08 12.86 -47.28
C CYS D 64 -26.49 12.76 -46.71
N GLY D 65 -26.93 11.54 -46.38
CA GLY D 65 -28.29 11.28 -45.96
C GLY D 65 -29.14 10.62 -47.01
N LYS D 66 -28.58 10.20 -48.14
CA LYS D 66 -29.37 9.59 -49.20
C LYS D 66 -29.92 8.22 -48.79
N TYR D 67 -29.39 7.62 -47.73
CA TYR D 67 -29.84 6.32 -47.28
C TYR D 67 -29.78 6.26 -45.76
N LYS D 68 -30.87 5.81 -45.15
CA LYS D 68 -30.87 5.63 -43.70
C LYS D 68 -31.61 4.38 -43.24
N ARG D 69 -31.89 3.41 -44.11
CA ARG D 69 -32.65 2.22 -43.77
C ARG D 69 -31.79 0.98 -43.96
N VAL D 70 -32.07 -0.05 -43.15
CA VAL D 70 -31.21 -1.23 -43.12
C VAL D 70 -31.21 -1.94 -44.47
N ARG D 71 -32.38 -2.12 -45.07
CA ARG D 71 -32.50 -2.83 -46.34
C ARG D 71 -31.37 -2.43 -47.30
N PHE D 72 -31.09 -1.14 -47.38
CA PHE D 72 -29.94 -0.67 -48.16
C PHE D 72 -28.66 -1.11 -47.48
N LYS D 73 -27.99 -2.12 -48.03
CA LYS D 73 -26.82 -2.72 -47.41
C LYS D 73 -25.77 -2.99 -48.47
N GLY D 74 -24.56 -2.47 -48.23
CA GLY D 74 -23.45 -2.68 -49.14
C GLY D 74 -23.37 -1.72 -50.30
N ILE D 75 -24.34 -0.82 -50.45
CA ILE D 75 -24.33 0.13 -51.56
C ILE D 75 -23.42 1.30 -51.22
N ILE D 76 -22.29 1.41 -51.92
CA ILE D 76 -21.40 2.55 -51.75
C ILE D 76 -22.18 3.80 -52.15
N CYS D 77 -22.20 4.80 -51.27
CA CYS D 77 -22.99 6.00 -51.52
C CYS D 77 -22.59 6.64 -52.84
N GLU D 78 -23.60 6.98 -53.63
CA GLU D 78 -23.38 7.55 -54.95
C GLU D 78 -23.10 9.04 -54.91
N ARG D 79 -23.25 9.68 -53.74
CA ARG D 79 -23.08 11.12 -53.64
C ARG D 79 -21.94 11.46 -52.67
N CYS D 80 -21.95 10.84 -51.50
CA CYS D 80 -20.94 11.10 -50.48
C CYS D 80 -19.82 10.07 -50.47
N GLY D 81 -20.05 8.88 -51.04
CA GLY D 81 -19.02 7.88 -51.13
C GLY D 81 -18.78 7.06 -49.89
N VAL D 82 -19.61 7.19 -48.85
CA VAL D 82 -19.44 6.42 -47.64
C VAL D 82 -20.20 5.11 -47.78
N GLU D 83 -19.55 4.01 -47.41
CA GLU D 83 -20.18 2.70 -47.45
C GLU D 83 -21.15 2.54 -46.29
N VAL D 84 -22.37 2.08 -46.58
CA VAL D 84 -23.41 1.91 -45.58
C VAL D 84 -23.17 0.57 -44.87
N THR D 85 -22.84 0.64 -43.57
CA THR D 85 -22.68 -0.56 -42.77
C THR D 85 -22.73 -0.15 -41.30
N ARG D 86 -22.39 -1.09 -40.41
CA ARG D 86 -22.43 -0.85 -38.98
C ARG D 86 -21.25 0.02 -38.56
N ALA D 87 -21.46 0.80 -37.50
CA ALA D 87 -20.43 1.71 -37.02
C ALA D 87 -19.21 1.00 -36.47
N LYS D 88 -19.34 -0.27 -36.06
CA LYS D 88 -18.21 -0.98 -35.48
C LYS D 88 -17.05 -1.08 -36.46
N VAL D 89 -17.31 -0.93 -37.76
CA VAL D 89 -16.22 -0.99 -38.74
C VAL D 89 -15.22 0.13 -38.51
N ARG D 90 -15.57 1.15 -37.73
CA ARG D 90 -14.61 2.20 -37.41
C ARG D 90 -13.50 1.71 -36.49
N ARG D 91 -13.62 0.50 -35.93
CA ARG D 91 -12.58 -0.06 -35.09
C ARG D 91 -11.60 -0.93 -35.87
N GLU D 92 -11.77 -1.09 -37.18
CA GLU D 92 -10.98 -2.03 -37.95
C GLU D 92 -10.29 -1.43 -39.16
N ARG D 93 -10.92 -0.50 -39.88
CA ARG D 93 -10.33 0.04 -41.10
C ARG D 93 -9.17 0.96 -40.77
N MET D 94 -8.13 0.90 -41.59
CA MET D 94 -6.94 1.73 -41.43
C MET D 94 -6.77 2.64 -42.64
N GLY D 95 -6.04 3.74 -42.42
CA GLY D 95 -5.69 4.65 -43.48
C GLY D 95 -4.22 4.59 -43.82
N HIS D 96 -3.82 5.45 -44.77
CA HIS D 96 -2.41 5.57 -45.09
C HIS D 96 -2.12 6.96 -45.61
N ILE D 97 -0.98 7.50 -45.19
CA ILE D 97 -0.49 8.80 -45.64
C ILE D 97 0.62 8.54 -46.63
N GLU D 98 0.58 9.26 -47.76
CA GLU D 98 1.54 9.07 -48.84
C GLU D 98 2.64 10.12 -48.69
N LEU D 99 3.79 9.71 -48.18
CA LEU D 99 4.89 10.65 -47.98
C LEU D 99 5.45 11.10 -49.31
N ALA D 100 5.80 12.38 -49.40
CA ALA D 100 6.38 12.94 -50.62
C ALA D 100 7.87 12.64 -50.75
N ALA D 101 8.52 12.22 -49.68
CA ALA D 101 9.92 11.80 -49.74
C ALA D 101 10.11 10.61 -48.81
N PRO D 102 11.06 9.72 -49.12
CA PRO D 102 11.26 8.54 -48.27
C PRO D 102 11.66 8.93 -46.86
N VAL D 103 11.30 8.07 -45.92
CA VAL D 103 11.57 8.27 -44.51
C VAL D 103 12.01 6.95 -43.89
N THR D 104 12.98 7.01 -42.98
CA THR D 104 13.50 5.81 -42.35
C THR D 104 12.79 5.52 -41.04
N HIS D 105 12.68 4.23 -40.72
CA HIS D 105 12.00 3.77 -39.51
C HIS D 105 12.97 3.84 -38.35
N ILE D 106 12.61 4.58 -37.30
CA ILE D 106 13.56 4.86 -36.23
C ILE D 106 13.97 3.60 -35.49
N TRP D 107 13.10 2.59 -35.41
CA TRP D 107 13.45 1.38 -34.66
C TRP D 107 14.70 0.73 -35.22
N TYR D 108 14.81 0.64 -36.54
CA TYR D 108 15.94 -0.03 -37.17
C TYR D 108 17.11 0.91 -37.42
N PHE D 109 17.13 2.10 -36.82
CA PHE D 109 18.20 3.06 -37.02
C PHE D 109 18.84 3.51 -35.72
N LYS D 110 18.06 3.69 -34.66
CA LYS D 110 18.59 4.25 -33.41
C LYS D 110 18.84 3.17 -32.36
N GLY D 111 17.88 2.26 -32.17
CA GLY D 111 18.00 1.23 -31.15
C GLY D 111 19.35 0.54 -31.17
N VAL D 112 20.02 0.50 -30.03
CA VAL D 112 21.35 -0.09 -29.94
C VAL D 112 21.20 -1.62 -29.89
N PRO D 113 21.89 -2.38 -30.75
CA PRO D 113 22.82 -1.97 -31.80
C PRO D 113 22.12 -1.42 -33.03
N SER D 114 22.74 -0.48 -33.73
CA SER D 114 22.11 0.10 -34.92
C SER D 114 22.04 -0.95 -36.03
N ARG D 115 20.85 -1.44 -36.31
CA ARG D 115 20.69 -2.54 -37.25
C ARG D 115 20.85 -2.11 -38.70
N LEU D 116 20.62 -0.83 -39.00
CA LEU D 116 21.00 -0.33 -40.32
C LEU D 116 22.50 -0.17 -40.43
N GLY D 117 23.17 0.14 -39.33
CA GLY D 117 24.62 0.26 -39.36
C GLY D 117 25.34 -1.02 -39.68
N TYR D 118 24.84 -2.17 -39.22
CA TYR D 118 25.44 -3.46 -39.53
C TYR D 118 25.16 -3.91 -40.95
N LEU D 119 23.93 -3.70 -41.44
CA LEU D 119 23.59 -4.17 -42.77
C LEU D 119 24.42 -3.47 -43.84
N LEU D 120 24.61 -2.16 -43.70
CA LEU D 120 25.39 -1.38 -44.65
C LEU D 120 26.84 -1.20 -44.24
N ASP D 121 27.22 -1.63 -43.04
CA ASP D 121 28.56 -1.40 -42.51
C ASP D 121 28.88 0.10 -42.45
N LEU D 122 28.09 0.80 -41.64
CA LEU D 122 28.28 2.22 -41.39
C LEU D 122 28.17 2.48 -39.90
N ALA D 123 29.04 3.33 -39.38
CA ALA D 123 28.99 3.66 -37.97
C ALA D 123 27.73 4.48 -37.68
N PRO D 124 27.22 4.42 -36.45
CA PRO D 124 25.98 5.16 -36.16
C PRO D 124 26.06 6.65 -36.45
N LYS D 125 27.21 7.28 -36.28
CA LYS D 125 27.31 8.71 -36.54
C LYS D 125 27.09 9.01 -38.02
N ASP D 126 27.63 8.18 -38.92
CA ASP D 126 27.43 8.42 -40.34
C ASP D 126 25.95 8.35 -40.69
N LEU D 127 25.22 7.38 -40.14
CA LEU D 127 23.78 7.32 -40.37
C LEU D 127 23.09 8.55 -39.78
N GLU D 128 23.49 8.94 -38.57
CA GLU D 128 22.93 10.14 -37.97
C GLU D 128 23.10 11.34 -38.89
N LYS D 129 24.17 11.36 -39.68
CA LYS D 129 24.40 12.48 -40.59
C LYS D 129 23.58 12.34 -41.87
N ILE D 130 23.74 11.22 -42.58
CA ILE D 130 23.13 11.05 -43.89
C ILE D 130 21.61 11.16 -43.78
N ILE D 131 21.04 10.58 -42.72
CA ILE D 131 19.59 10.51 -42.58
C ILE D 131 18.97 11.84 -42.16
N TYR D 132 19.75 12.75 -41.58
CA TYR D 132 19.23 14.05 -41.15
C TYR D 132 19.78 15.16 -42.01
N PHE D 133 20.21 14.84 -43.23
CA PHE D 133 20.64 15.82 -44.21
C PHE D 133 21.75 16.71 -43.67
N ALA D 134 22.87 16.10 -43.30
CA ALA D 134 24.02 16.83 -42.80
C ALA D 134 25.28 16.51 -43.58
N ALA D 135 25.22 15.59 -44.53
CA ALA D 135 26.39 15.25 -45.33
C ALA D 135 26.01 14.35 -46.50
N TYR D 136 26.79 14.41 -47.58
CA TYR D 136 26.48 13.62 -48.75
C TYR D 136 27.09 12.22 -48.63
N VAL D 137 26.55 11.29 -49.40
CA VAL D 137 27.04 9.92 -49.44
C VAL D 137 27.08 9.47 -50.89
N ILE D 138 28.14 8.75 -51.25
CA ILE D 138 28.32 8.28 -52.62
C ILE D 138 27.53 6.98 -52.77
N THR D 139 26.39 7.05 -53.46
CA THR D 139 25.55 5.86 -53.59
C THR D 139 26.17 4.84 -54.52
N SER D 140 26.40 5.23 -55.77
CA SER D 140 27.00 4.35 -56.77
C SER D 140 28.16 5.06 -57.44
N VAL D 141 29.27 4.35 -57.57
CA VAL D 141 30.47 4.87 -58.23
C VAL D 141 30.73 4.01 -59.45
N ASP D 142 30.97 4.67 -60.59
CA ASP D 142 31.27 3.94 -61.82
C ASP D 142 32.69 3.39 -61.78
N GLU D 143 33.01 2.56 -62.77
CA GLU D 143 34.22 1.73 -62.77
C GLU D 143 34.74 1.61 -64.19
N GLU D 144 35.36 0.47 -64.52
CA GLU D 144 36.37 0.34 -65.57
C GLU D 144 36.27 1.35 -66.70
N MET D 145 35.06 1.79 -67.07
CA MET D 145 34.95 3.03 -67.83
C MET D 145 35.91 4.06 -67.22
N ARG D 146 36.08 3.97 -65.89
CA ARG D 146 37.06 4.80 -65.21
C ARG D 146 38.40 4.62 -65.90
N HIS D 147 39.02 3.45 -65.86
CA HIS D 147 40.40 3.32 -66.33
C HIS D 147 40.70 4.17 -67.56
N ASN D 148 39.89 4.02 -68.61
CA ASN D 148 40.08 4.78 -69.85
C ASN D 148 39.88 6.28 -69.60
N GLU D 149 38.73 6.64 -69.03
CA GLU D 149 38.48 8.06 -68.81
C GLU D 149 39.47 8.64 -67.81
N LEU D 150 40.09 7.78 -67.00
CA LEU D 150 41.06 8.16 -65.99
C LEU D 150 42.36 8.54 -66.65
N SER D 151 42.81 7.74 -67.62
CA SER D 151 43.98 8.14 -68.39
C SER D 151 43.71 9.47 -69.10
N THR D 152 42.57 9.55 -69.79
CA THR D 152 42.25 10.76 -70.54
C THR D 152 42.16 11.97 -69.60
N LEU D 153 41.53 11.80 -68.44
CA LEU D 153 41.35 12.89 -67.51
C LEU D 153 42.62 13.21 -66.74
N GLU D 154 43.55 12.27 -66.61
CA GLU D 154 44.87 12.62 -66.10
C GLU D 154 45.56 13.56 -67.07
N ALA D 155 45.48 13.26 -68.37
CA ALA D 155 46.02 14.20 -69.36
C ALA D 155 45.31 15.56 -69.26
N GLU D 156 43.97 15.53 -69.16
CA GLU D 156 43.20 16.76 -69.11
C GLU D 156 43.54 17.59 -67.88
N MET D 157 43.70 16.93 -66.72
CA MET D 157 44.02 17.64 -65.49
C MET D 157 45.44 18.16 -65.52
N ALA D 158 46.37 17.44 -66.15
CA ALA D 158 47.69 18.00 -66.36
C ALA D 158 47.59 19.29 -67.15
N VAL D 159 46.78 19.28 -68.22
CA VAL D 159 46.56 20.49 -69.00
C VAL D 159 46.00 21.60 -68.12
N GLU D 160 44.99 21.29 -67.31
CA GLU D 160 44.34 22.29 -66.48
C GLU D 160 45.31 22.88 -65.46
N ARG D 161 46.08 22.02 -64.80
CA ARG D 161 47.05 22.49 -63.81
C ARG D 161 48.10 23.37 -64.47
N LYS D 162 48.59 22.96 -65.64
CA LYS D 162 49.57 23.78 -66.33
C LYS D 162 49.00 25.13 -66.73
N ALA D 163 47.75 25.15 -67.21
CA ALA D 163 47.12 26.41 -67.58
C ALA D 163 46.97 27.34 -66.37
N VAL D 164 46.50 26.80 -65.25
CA VAL D 164 46.32 27.62 -64.05
C VAL D 164 47.66 28.12 -63.57
N GLU D 165 48.68 27.27 -63.58
CA GLU D 165 50.02 27.69 -63.16
C GLU D 165 50.56 28.77 -64.10
N ASP D 166 50.27 28.67 -65.39
CA ASP D 166 50.70 29.69 -66.33
C ASP D 166 50.03 31.02 -66.05
N GLN D 167 48.72 31.00 -65.75
CA GLN D 167 48.03 32.23 -65.42
C GLN D 167 48.60 32.85 -64.15
N ARG D 168 48.87 32.03 -63.14
CA ARG D 168 49.46 32.54 -61.90
C ARG D 168 50.87 33.08 -62.14
N ASP D 169 51.63 32.43 -63.02
CA ASP D 169 52.96 32.93 -63.36
C ASP D 169 52.88 34.26 -64.07
N GLY D 170 51.88 34.43 -64.94
CA GLY D 170 51.67 35.74 -65.55
C GLY D 170 51.33 36.81 -64.52
N GLU D 171 50.50 36.44 -63.54
CA GLU D 171 50.20 37.37 -62.46
C GLU D 171 51.46 37.75 -61.69
N LEU D 172 52.32 36.77 -61.41
CA LEU D 172 53.57 37.05 -60.71
C LEU D 172 54.48 37.93 -61.55
N GLU D 173 54.48 37.72 -62.88
CA GLU D 173 55.26 38.58 -63.76
C GLU D 173 54.75 40.02 -63.71
N ALA D 174 53.43 40.20 -63.68
CA ALA D 174 52.86 41.54 -63.53
C ALA D 174 53.29 42.15 -62.20
N ARG D 175 53.29 41.34 -61.13
CA ARG D 175 53.76 41.83 -59.83
C ARG D 175 55.22 42.22 -59.90
N ALA D 176 56.03 41.46 -60.64
CA ALA D 176 57.44 41.82 -60.81
C ALA D 176 57.59 43.13 -61.56
N GLN D 177 56.74 43.36 -62.56
CA GLN D 177 56.75 44.65 -63.25
C GLN D 177 56.39 45.78 -62.29
N LYS D 178 55.41 45.55 -61.43
CA LYS D 178 55.08 46.55 -60.41
C LYS D 178 56.26 46.81 -59.50
N LEU D 179 56.98 45.76 -59.12
CA LEU D 179 58.18 45.93 -58.28
C LEU D 179 59.25 46.74 -59.01
N GLU D 180 59.41 46.50 -60.31
CA GLU D 180 60.38 47.27 -61.09
C GLU D 180 59.98 48.75 -61.13
N ALA D 181 58.69 49.02 -61.32
CA ALA D 181 58.20 50.40 -61.28
C ALA D 181 58.47 51.02 -59.91
N ASP D 182 58.26 50.24 -58.84
CA ASP D 182 58.54 50.74 -57.51
C ASP D 182 60.02 51.11 -57.36
N LEU D 183 60.90 50.25 -57.86
CA LEU D 183 62.33 50.54 -57.81
C LEU D 183 62.66 51.80 -58.60
N ALA D 184 62.01 51.97 -59.75
CA ALA D 184 62.21 53.20 -60.53
C ALA D 184 61.81 54.43 -59.73
N GLU D 185 60.67 54.35 -59.05
CA GLU D 185 60.24 55.47 -58.21
C GLU D 185 61.24 55.72 -57.09
N LEU D 186 61.74 54.65 -56.48
CA LEU D 186 62.71 54.80 -55.38
C LEU D 186 63.96 55.53 -55.85
N GLU D 187 64.54 55.04 -56.96
CA GLU D 187 65.83 55.57 -57.39
C GLU D 187 65.72 56.88 -58.14
N ALA D 188 64.52 57.22 -58.62
CA ALA D 188 64.35 58.44 -59.41
C ALA D 188 64.56 59.68 -58.55
N GLU D 189 63.73 59.85 -57.52
CA GLU D 189 63.79 60.99 -56.64
C GLU D 189 64.46 60.60 -55.32
N GLY D 190 64.49 61.53 -54.37
CA GLY D 190 65.14 61.29 -53.09
C GLY D 190 64.21 60.71 -52.04
N ALA D 191 64.32 59.42 -51.79
CA ALA D 191 63.55 58.76 -50.74
C ALA D 191 64.45 57.72 -50.08
N LYS D 192 64.68 57.89 -48.78
CA LYS D 192 65.65 57.09 -48.06
C LYS D 192 64.99 55.78 -47.59
N ALA D 193 65.70 55.06 -46.71
CA ALA D 193 65.36 53.71 -46.31
C ALA D 193 63.87 53.47 -46.06
N ASP D 194 63.16 54.47 -45.53
CA ASP D 194 61.76 54.28 -45.17
C ASP D 194 60.95 53.78 -46.37
N ALA D 195 60.90 54.57 -47.44
CA ALA D 195 60.08 54.20 -48.60
C ALA D 195 60.61 52.92 -49.25
N ARG D 196 61.93 52.78 -49.34
CA ARG D 196 62.50 51.58 -49.95
C ARG D 196 62.01 50.34 -49.23
N ARG D 197 62.16 50.31 -47.91
CA ARG D 197 61.74 49.16 -47.12
C ARG D 197 60.24 48.94 -47.22
N LYS D 198 59.46 50.02 -47.17
CA LYS D 198 58.01 49.87 -47.28
C LYS D 198 57.61 49.18 -48.58
N VAL D 199 58.12 49.68 -49.71
CA VAL D 199 57.70 49.14 -51.00
C VAL D 199 58.24 47.72 -51.17
N ARG D 200 59.46 47.45 -50.69
CA ARG D 200 60.00 46.10 -50.84
C ARG D 200 59.24 45.10 -49.99
N ASP D 201 58.87 45.48 -48.77
CA ASP D 201 58.04 44.61 -47.95
C ASP D 201 56.70 44.35 -48.61
N GLY D 202 56.07 45.40 -49.16
CA GLY D 202 54.82 45.19 -49.86
C GLY D 202 54.97 44.23 -51.03
N GLY D 203 56.01 44.42 -51.83
CA GLY D 203 56.22 43.56 -52.99
C GLY D 203 56.45 42.12 -52.61
N GLU D 204 57.33 41.88 -51.63
CA GLU D 204 57.61 40.50 -51.22
C GLU D 204 56.37 39.86 -50.60
N ARG D 205 55.59 40.64 -49.84
CA ARG D 205 54.34 40.10 -49.30
C ARG D 205 53.38 39.71 -50.42
N GLU D 206 53.25 40.56 -51.44
CA GLU D 206 52.36 40.23 -52.55
C GLU D 206 52.84 38.98 -53.30
N MET D 207 54.15 38.88 -53.55
CA MET D 207 54.68 37.72 -54.22
C MET D 207 54.44 36.45 -53.41
N ARG D 208 54.66 36.52 -52.10
CA ARG D 208 54.44 35.35 -51.26
C ARG D 208 52.97 34.96 -51.22
N GLN D 209 52.08 35.96 -51.19
CA GLN D 209 50.64 35.66 -51.24
C GLN D 209 50.27 34.97 -52.55
N ILE D 210 50.82 35.44 -53.67
CA ILE D 210 50.53 34.81 -54.95
C ILE D 210 51.04 33.37 -54.96
N ARG D 211 52.25 33.16 -54.44
CA ARG D 211 52.81 31.81 -54.37
C ARG D 211 51.94 30.91 -53.50
N ASP D 212 51.47 31.42 -52.37
CA ASP D 212 50.61 30.63 -51.50
C ASP D 212 49.30 30.28 -52.19
N ARG D 213 48.73 31.24 -52.92
CA ARG D 213 47.49 30.96 -53.66
C ARG D 213 47.72 29.86 -54.69
N ALA D 214 48.85 29.94 -55.41
CA ALA D 214 49.16 28.92 -56.40
C ALA D 214 49.30 27.55 -55.74
N GLN D 215 50.03 27.50 -54.62
CA GLN D 215 50.23 26.24 -53.92
C GLN D 215 48.91 25.67 -53.45
N ARG D 216 48.04 26.52 -52.89
CA ARG D 216 46.76 26.04 -52.38
C ARG D 216 45.87 25.53 -53.51
N GLU D 217 45.83 26.24 -54.64
CA GLU D 217 45.02 25.75 -55.75
C GLU D 217 45.54 24.43 -56.29
N LEU D 218 46.87 24.32 -56.43
CA LEU D 218 47.43 23.07 -56.92
C LEU D 218 47.17 21.93 -55.94
N ASP D 219 47.27 22.20 -54.64
CA ASP D 219 46.96 21.19 -53.64
C ASP D 219 45.50 20.79 -53.71
N ARG D 220 44.60 21.74 -53.91
CA ARG D 220 43.18 21.43 -54.05
C ARG D 220 42.95 20.51 -55.23
N LEU D 221 43.58 20.81 -56.37
CA LEU D 221 43.40 19.97 -57.55
C LEU D 221 43.98 18.58 -57.32
N GLU D 222 45.13 18.49 -56.65
CA GLU D 222 45.70 17.19 -56.33
C GLU D 222 44.79 16.39 -55.41
N ASP D 223 44.17 17.07 -54.43
CA ASP D 223 43.22 16.42 -53.55
C ASP D 223 42.00 15.93 -54.32
N ILE D 224 41.54 16.73 -55.28
CA ILE D 224 40.45 16.29 -56.15
C ILE D 224 40.84 15.02 -56.89
N TRP D 225 42.07 14.99 -57.41
CA TRP D 225 42.53 13.81 -58.13
C TRP D 225 42.57 12.60 -57.21
N SER D 226 43.05 12.78 -55.99
CA SER D 226 43.11 11.68 -55.03
C SER D 226 41.71 11.18 -54.71
N THR D 227 40.77 12.09 -54.48
CA THR D 227 39.40 11.70 -54.19
C THR D 227 38.81 10.91 -55.35
N PHE D 228 39.03 11.38 -56.58
CA PHE D 228 38.50 10.69 -57.74
C PHE D 228 39.08 9.30 -57.86
N THR D 229 40.40 9.18 -57.75
CA THR D 229 41.03 7.88 -57.94
C THR D 229 40.81 6.94 -56.76
N LYS D 230 40.28 7.45 -55.64
CA LYS D 230 39.97 6.64 -54.48
C LYS D 230 38.53 6.91 -54.02
N LEU D 231 37.61 6.91 -54.97
CA LEU D 231 36.20 7.11 -54.71
C LEU D 231 35.49 5.76 -54.74
N ALA D 232 34.92 5.37 -53.60
CA ALA D 232 34.23 4.10 -53.46
C ALA D 232 32.92 4.33 -52.72
N PRO D 233 31.96 3.42 -52.86
CA PRO D 233 30.65 3.63 -52.23
C PRO D 233 30.77 3.71 -50.71
N LYS D 234 29.72 4.25 -50.09
CA LYS D 234 29.66 4.34 -48.63
C LYS D 234 30.75 5.25 -48.09
N GLN D 235 31.05 6.34 -48.79
CA GLN D 235 32.06 7.30 -48.37
C GLN D 235 31.38 8.64 -48.15
N LEU D 236 31.61 9.24 -46.98
CA LEU D 236 30.96 10.51 -46.64
C LEU D 236 31.76 11.67 -47.19
N ILE D 237 31.12 12.53 -47.98
CA ILE D 237 31.75 13.74 -48.51
C ILE D 237 31.18 14.91 -47.72
N VAL D 238 31.87 15.26 -46.63
CA VAL D 238 31.59 16.49 -45.88
C VAL D 238 32.18 17.65 -46.66
N ASP D 239 31.97 18.88 -46.20
CA ASP D 239 32.46 20.04 -46.92
C ASP D 239 31.76 20.21 -48.26
N GLU D 240 30.47 20.53 -48.21
CA GLU D 240 29.62 20.61 -49.40
C GLU D 240 30.36 21.16 -50.62
N ASN D 241 31.13 22.23 -50.43
CA ASN D 241 31.83 22.83 -51.56
C ASN D 241 32.69 21.81 -52.29
N LEU D 242 33.28 20.87 -51.54
CA LEU D 242 34.10 19.84 -52.17
C LEU D 242 33.27 18.98 -53.11
N TYR D 243 32.10 18.52 -52.66
CA TYR D 243 31.25 17.73 -53.53
C TYR D 243 30.76 18.53 -54.71
N ARG D 244 30.45 19.81 -54.50
CA ARG D 244 30.00 20.65 -55.61
C ARG D 244 31.09 20.75 -56.66
N GLU D 245 32.34 20.95 -56.24
CA GLU D 245 33.45 20.97 -57.18
C GLU D 245 33.57 19.64 -57.90
N LEU D 246 33.50 18.53 -57.16
CA LEU D 246 33.67 17.22 -57.77
C LEU D 246 32.58 16.97 -58.82
N VAL D 247 31.33 17.29 -58.50
CA VAL D 247 30.25 17.01 -59.43
C VAL D 247 30.32 17.95 -60.63
N ASP D 248 30.65 19.22 -60.42
CA ASP D 248 30.76 20.13 -61.56
C ASP D 248 31.88 19.71 -62.49
N ARG D 249 33.03 19.33 -61.93
CA ARG D 249 34.16 18.95 -62.77
C ARG D 249 33.94 17.58 -63.40
N TYR D 250 33.74 16.56 -62.58
CA TYR D 250 33.45 15.21 -63.05
C TYR D 250 32.01 14.88 -62.63
N GLY D 251 31.05 15.30 -63.46
CA GLY D 251 29.66 15.03 -63.16
C GLY D 251 29.29 13.57 -63.36
N GLU D 252 30.05 12.86 -64.18
CA GLU D 252 29.86 11.43 -64.35
C GLU D 252 30.79 10.68 -63.41
N TYR D 253 30.88 9.37 -63.59
CA TYR D 253 31.77 8.46 -62.89
C TYR D 253 31.29 8.16 -61.47
N PHE D 254 30.23 8.82 -60.99
CA PHE D 254 29.67 8.47 -59.69
C PHE D 254 28.29 9.10 -59.58
N THR D 255 27.56 8.67 -58.57
CA THR D 255 26.30 9.30 -58.18
C THR D 255 26.32 9.54 -56.68
N GLY D 256 26.06 10.77 -56.28
CA GLY D 256 26.04 11.13 -54.87
C GLY D 256 24.67 11.65 -54.49
N ALA D 257 24.23 11.27 -53.29
CA ALA D 257 22.92 11.69 -52.82
C ALA D 257 23.00 12.01 -51.34
N MET D 258 21.86 12.25 -50.71
CA MET D 258 21.86 12.78 -49.35
C MET D 258 20.43 12.73 -48.81
N GLY D 259 20.29 12.05 -47.67
CA GLY D 259 18.98 11.83 -47.09
C GLY D 259 18.58 10.37 -47.17
N ALA D 260 17.34 10.10 -46.76
CA ALA D 260 16.88 8.71 -46.69
C ALA D 260 16.94 8.03 -48.04
N GLU D 261 16.52 8.73 -49.10
CA GLU D 261 16.54 8.12 -50.43
C GLU D 261 17.92 7.61 -50.79
N SER D 262 18.98 8.24 -50.28
CA SER D 262 20.33 7.74 -50.52
C SER D 262 20.53 6.36 -49.90
N ILE D 263 20.03 6.17 -48.67
CA ILE D 263 20.14 4.85 -48.04
C ILE D 263 19.28 3.84 -48.80
N GLN D 264 18.13 4.27 -49.30
CA GLN D 264 17.31 3.37 -50.10
C GLN D 264 18.07 2.91 -51.34
N LYS D 265 18.74 3.85 -52.02
CA LYS D 265 19.54 3.49 -53.18
C LYS D 265 20.66 2.53 -52.79
N LEU D 266 21.31 2.77 -51.65
CA LEU D 266 22.37 1.88 -51.20
C LEU D 266 21.83 0.47 -50.99
N ILE D 267 20.68 0.35 -50.34
CA ILE D 267 20.11 -0.98 -50.09
C ILE D 267 19.74 -1.66 -51.40
N GLU D 268 19.22 -0.90 -52.37
CA GLU D 268 18.89 -1.50 -53.65
C GLU D 268 20.11 -2.10 -54.32
N ASN D 269 21.24 -1.38 -54.29
CA ASN D 269 22.48 -1.85 -54.90
C ASN D 269 23.34 -2.54 -53.85
N PHE D 270 22.82 -3.67 -53.36
CA PHE D 270 23.47 -4.40 -52.28
C PHE D 270 23.04 -5.86 -52.36
N ASP D 271 23.95 -6.74 -52.73
CA ASP D 271 23.69 -8.17 -52.75
C ASP D 271 23.92 -8.74 -51.37
N ILE D 272 23.07 -9.69 -50.96
CA ILE D 272 23.12 -10.21 -49.60
C ILE D 272 24.00 -11.45 -49.47
N ASP D 273 24.43 -12.04 -50.58
CA ASP D 273 25.22 -13.27 -50.53
C ASP D 273 26.71 -12.99 -50.40
N ALA D 274 27.23 -12.02 -51.15
CA ALA D 274 28.65 -11.71 -51.06
C ALA D 274 29.01 -11.23 -49.66
N GLU D 275 28.17 -10.39 -49.06
CA GLU D 275 28.44 -9.91 -47.72
C GLU D 275 28.49 -11.06 -46.72
N ALA D 276 27.54 -11.99 -46.82
CA ALA D 276 27.55 -13.15 -45.93
C ALA D 276 28.80 -13.98 -46.13
N GLU D 277 29.19 -14.21 -47.38
CA GLU D 277 30.40 -14.99 -47.65
C GLU D 277 31.62 -14.31 -47.04
N SER D 278 31.74 -13.00 -47.22
CA SER D 278 32.89 -12.29 -46.67
C SER D 278 32.90 -12.36 -45.15
N LEU D 279 31.74 -12.19 -44.52
CA LEU D 279 31.70 -12.22 -43.06
C LEU D 279 32.04 -13.60 -42.53
N ARG D 280 31.57 -14.66 -43.20
CA ARG D 280 31.92 -16.01 -42.77
C ARG D 280 33.42 -16.26 -42.95
N ASP D 281 33.99 -15.76 -44.06
CA ASP D 281 35.44 -15.85 -44.23
C ASP D 281 36.16 -15.18 -43.07
N VAL D 282 35.74 -13.96 -42.72
CA VAL D 282 36.41 -13.23 -41.66
C VAL D 282 36.28 -13.96 -40.34
N ILE D 283 35.10 -14.53 -40.08
CA ILE D 283 34.92 -15.31 -38.86
C ILE D 283 35.88 -16.48 -38.83
N ARG D 284 36.03 -17.17 -39.96
CA ARG D 284 36.92 -18.33 -39.98
C ARG D 284 38.38 -17.93 -39.77
N ASN D 285 38.83 -16.82 -40.35
CA ASN D 285 40.25 -16.49 -40.40
C ASN D 285 40.62 -15.28 -39.54
N GLY D 286 39.80 -14.24 -39.54
CA GLY D 286 40.16 -12.96 -38.95
C GLY D 286 40.81 -12.98 -37.58
N LYS D 287 40.09 -13.49 -36.57
CA LYS D 287 40.50 -13.39 -35.18
C LYS D 287 40.51 -11.94 -34.71
N GLY D 288 40.50 -11.73 -33.39
CA GLY D 288 40.58 -10.40 -32.84
C GLY D 288 39.27 -9.64 -32.93
N GLN D 289 39.36 -8.33 -32.70
CA GLN D 289 38.18 -7.48 -32.75
C GLN D 289 37.55 -7.47 -34.13
N LYS D 290 38.36 -7.67 -35.18
CA LYS D 290 37.80 -7.79 -36.51
C LYS D 290 36.83 -8.97 -36.60
N LYS D 291 37.27 -10.13 -36.12
CA LYS D 291 36.37 -11.27 -36.06
C LYS D 291 35.17 -10.98 -35.18
N LEU D 292 35.40 -10.32 -34.04
CA LEU D 292 34.28 -10.04 -33.15
C LEU D 292 33.22 -9.20 -33.83
N ARG D 293 33.62 -8.14 -34.54
CA ARG D 293 32.66 -7.29 -35.23
C ARG D 293 31.99 -8.04 -36.37
N ALA D 294 32.76 -8.82 -37.14
CA ALA D 294 32.17 -9.58 -38.22
C ALA D 294 31.10 -10.55 -37.69
N LEU D 295 31.43 -11.21 -36.57
CA LEU D 295 30.47 -12.12 -35.97
C LEU D 295 29.23 -11.38 -35.48
N LYS D 296 29.42 -10.25 -34.81
CA LYS D 296 28.28 -9.47 -34.36
C LYS D 296 27.41 -8.99 -35.51
N ARG D 297 28.01 -8.72 -36.67
CA ARG D 297 27.24 -8.31 -37.83
C ARG D 297 26.52 -9.47 -38.50
N LEU D 298 27.14 -10.65 -38.51
CA LEU D 298 26.63 -11.75 -39.33
C LEU D 298 25.19 -12.10 -39.00
N LYS D 299 24.75 -11.81 -37.78
CA LYS D 299 23.39 -12.18 -37.37
C LYS D 299 22.35 -11.57 -38.30
N VAL D 300 22.40 -10.25 -38.49
CA VAL D 300 21.37 -9.58 -39.27
C VAL D 300 21.46 -9.96 -40.74
N VAL D 301 22.69 -10.07 -41.26
CA VAL D 301 22.86 -10.42 -42.66
C VAL D 301 22.30 -11.81 -42.92
N ALA D 302 22.59 -12.77 -42.03
CA ALA D 302 22.02 -14.10 -42.18
C ALA D 302 20.50 -14.07 -42.08
N ALA D 303 19.97 -13.27 -41.14
CA ALA D 303 18.52 -13.20 -40.99
C ALA D 303 17.86 -12.72 -42.27
N PHE D 304 18.42 -11.68 -42.89
CA PHE D 304 17.86 -11.20 -44.16
C PHE D 304 18.16 -12.13 -45.32
N GLN D 305 19.20 -12.94 -45.22
CA GLN D 305 19.50 -13.88 -46.31
C GLN D 305 18.53 -15.06 -46.32
N GLN D 306 18.25 -15.64 -45.15
CA GLN D 306 17.49 -16.88 -45.12
C GLN D 306 16.07 -16.67 -45.63
N SER D 307 15.41 -15.61 -45.19
CA SER D 307 14.00 -15.40 -45.48
C SER D 307 13.82 -14.68 -46.80
N GLY D 308 12.61 -14.79 -47.35
CA GLY D 308 12.27 -14.08 -48.57
C GLY D 308 12.03 -12.61 -48.38
N ASN D 309 11.87 -12.15 -47.14
CA ASN D 309 11.69 -10.74 -46.89
C ASN D 309 12.93 -9.95 -47.30
N SER D 310 12.71 -8.73 -47.77
CA SER D 310 13.78 -7.89 -48.28
C SER D 310 14.02 -6.72 -47.33
N PRO D 311 15.26 -6.22 -47.23
CA PRO D 311 15.54 -5.14 -46.27
C PRO D 311 14.85 -3.82 -46.58
N MET D 312 14.36 -3.62 -47.80
CA MET D 312 13.77 -2.34 -48.16
C MET D 312 12.63 -1.93 -47.24
N GLY D 313 12.14 -2.82 -46.39
CA GLY D 313 11.13 -2.45 -45.43
C GLY D 313 11.58 -1.42 -44.41
N MET D 314 12.91 -1.28 -44.22
CA MET D 314 13.40 -0.31 -43.25
C MET D 314 13.04 1.13 -43.65
N VAL D 315 13.12 1.44 -44.94
CA VAL D 315 12.78 2.76 -45.45
C VAL D 315 11.32 2.76 -45.85
N LEU D 316 10.56 3.70 -45.31
CA LEU D 316 9.12 3.77 -45.54
C LEU D 316 8.81 4.72 -46.69
N ASP D 317 7.76 4.40 -47.43
CA ASP D 317 7.19 5.31 -48.41
C ASP D 317 5.76 5.71 -48.08
N ALA D 318 5.05 4.93 -47.28
CA ALA D 318 3.71 5.27 -46.80
C ALA D 318 3.67 5.01 -45.31
N VAL D 319 2.81 5.74 -44.60
CA VAL D 319 2.69 5.67 -43.16
C VAL D 319 1.27 5.23 -42.83
N PRO D 320 1.06 4.09 -42.18
CA PRO D 320 -0.30 3.67 -41.85
C PRO D 320 -0.92 4.51 -40.76
N VAL D 321 -2.26 4.56 -40.76
CA VAL D 321 -3.04 5.37 -39.84
C VAL D 321 -3.99 4.45 -39.09
N ILE D 322 -3.90 4.47 -37.77
CA ILE D 322 -4.65 3.60 -36.87
C ILE D 322 -6.14 3.92 -36.95
N PRO D 323 -7.04 2.96 -36.79
CA PRO D 323 -8.45 3.27 -36.95
C PRO D 323 -8.89 4.30 -35.92
N PRO D 324 -9.87 5.14 -36.26
CA PRO D 324 -10.21 6.25 -35.36
C PRO D 324 -10.62 5.81 -33.97
N GLU D 325 -11.39 4.73 -33.84
CA GLU D 325 -11.94 4.37 -32.54
C GLU D 325 -10.86 4.07 -31.51
N LEU D 326 -9.65 3.75 -31.95
CA LEU D 326 -8.56 3.48 -31.03
C LEU D 326 -7.79 4.73 -30.64
N ARG D 327 -8.19 5.91 -31.13
CA ARG D 327 -7.58 7.18 -30.77
C ARG D 327 -8.67 8.24 -30.70
N PRO D 328 -9.73 7.98 -29.95
CA PRO D 328 -10.88 8.88 -29.96
C PRO D 328 -10.60 10.20 -29.28
N MET D 329 -11.35 11.22 -29.67
CA MET D 329 -11.38 12.50 -28.98
C MET D 329 -12.63 12.55 -28.12
N VAL D 330 -12.51 13.04 -26.90
CA VAL D 330 -13.61 13.05 -25.94
C VAL D 330 -14.08 14.48 -25.78
N GLN D 331 -15.33 14.73 -26.13
CA GLN D 331 -15.90 16.07 -26.14
C GLN D 331 -16.56 16.35 -24.78
N LEU D 332 -15.72 16.51 -23.77
CA LEU D 332 -16.21 16.89 -22.46
C LEU D 332 -17.06 18.15 -22.54
N ASP D 333 -17.98 18.28 -21.58
CA ASP D 333 -18.99 19.33 -21.63
C ASP D 333 -18.34 20.70 -21.73
N GLY D 334 -18.98 21.60 -22.47
CA GLY D 334 -18.45 22.92 -22.71
C GLY D 334 -17.53 23.03 -23.90
N GLY D 335 -17.55 22.05 -24.80
CA GLY D 335 -16.64 22.07 -25.93
C GLY D 335 -15.21 21.71 -25.56
N ARG D 336 -15.02 21.05 -24.42
CA ARG D 336 -13.68 20.65 -23.99
C ARG D 336 -13.32 19.33 -24.67
N PHE D 337 -12.91 19.44 -25.94
CA PHE D 337 -12.61 18.26 -26.72
C PHE D 337 -11.15 17.88 -26.50
N ALA D 338 -10.93 16.93 -25.60
CA ALA D 338 -9.60 16.41 -25.34
C ALA D 338 -9.21 15.45 -26.45
N THR D 339 -8.02 15.65 -27.00
CA THR D 339 -7.51 14.87 -28.13
C THR D 339 -6.36 13.98 -27.67
N SER D 340 -6.40 12.73 -28.11
CA SER D 340 -5.28 11.83 -27.86
C SER D 340 -4.03 12.33 -28.57
N ASP D 341 -2.88 12.13 -27.93
CA ASP D 341 -1.62 12.62 -28.48
C ASP D 341 -1.41 12.15 -29.91
N LEU D 342 -1.85 10.92 -30.22
CA LEU D 342 -1.69 10.42 -31.57
C LEU D 342 -2.29 11.37 -32.59
N ASN D 343 -3.44 11.97 -32.26
CA ASN D 343 -4.07 12.91 -33.18
C ASN D 343 -3.14 14.08 -33.47
N ASP D 344 -2.53 14.65 -32.43
CA ASP D 344 -1.65 15.79 -32.64
C ASP D 344 -0.43 15.39 -33.46
N LEU D 345 0.16 14.23 -33.18
CA LEU D 345 1.34 13.82 -33.93
C LEU D 345 1.01 13.57 -35.40
N TYR D 346 -0.10 12.89 -35.67
CA TYR D 346 -0.55 12.72 -37.05
C TYR D 346 -0.80 14.06 -37.72
N ARG D 347 -1.36 15.02 -36.97
CA ARG D 347 -1.60 16.35 -37.52
C ARG D 347 -0.29 16.99 -37.95
N ARG D 348 0.74 16.91 -37.10
CA ARG D 348 2.03 17.47 -37.45
C ARG D 348 2.58 16.82 -38.72
N VAL D 349 2.53 15.49 -38.79
CA VAL D 349 3.08 14.79 -39.94
C VAL D 349 2.36 15.20 -41.22
N ILE D 350 1.03 15.28 -41.15
CA ILE D 350 0.26 15.64 -42.34
C ILE D 350 0.56 17.06 -42.78
N ASN D 351 0.63 17.99 -41.83
CA ASN D 351 0.96 19.37 -42.16
C ASN D 351 2.29 19.43 -42.90
N ARG D 352 3.32 18.82 -42.33
CA ARG D 352 4.64 18.89 -42.96
C ARG D 352 4.67 18.21 -44.32
N ASN D 353 3.97 17.08 -44.46
CA ASN D 353 3.93 16.41 -45.75
C ASN D 353 3.28 17.30 -46.80
N ASN D 354 2.17 17.95 -46.46
CA ASN D 354 1.51 18.83 -47.41
C ASN D 354 2.43 19.99 -47.80
N ARG D 355 3.11 20.57 -46.81
CA ARG D 355 3.99 21.70 -47.12
C ARG D 355 5.11 21.27 -48.07
N LEU D 356 5.72 20.12 -47.80
CA LEU D 356 6.82 19.67 -48.65
C LEU D 356 6.32 19.34 -50.05
N LYS D 357 5.14 18.71 -50.15
CA LYS D 357 4.58 18.41 -51.47
C LYS D 357 4.38 19.69 -52.26
N ARG D 358 3.79 20.71 -51.62
CA ARG D 358 3.62 21.98 -52.31
C ARG D 358 4.96 22.53 -52.77
N LEU D 359 5.93 22.62 -51.86
CA LEU D 359 7.21 23.20 -52.22
C LEU D 359 7.90 22.46 -53.36
N ILE D 360 7.76 21.14 -53.44
CA ILE D 360 8.31 20.40 -54.55
C ILE D 360 7.57 20.72 -55.85
N ASP D 361 6.23 20.76 -55.79
CA ASP D 361 5.47 21.03 -57.00
C ASP D 361 5.75 22.43 -57.53
N LEU D 362 5.84 23.41 -56.64
CA LEU D 362 5.99 24.81 -57.06
C LEU D 362 7.41 25.15 -57.50
N GLY D 363 8.39 24.32 -57.15
CA GLY D 363 9.77 24.58 -57.54
C GLY D 363 10.50 25.45 -56.54
N ALA D 364 11.64 24.97 -56.03
CA ALA D 364 12.36 25.65 -54.98
C ALA D 364 13.82 25.19 -55.02
N PRO D 365 14.73 25.95 -54.41
CA PRO D 365 16.13 25.54 -54.37
C PRO D 365 16.31 24.29 -53.50
N GLU D 366 17.38 23.55 -53.81
CA GLU D 366 17.60 22.27 -53.14
C GLU D 366 17.69 22.41 -51.63
N ILE D 367 18.20 23.53 -51.14
CA ILE D 367 18.46 23.67 -49.70
C ILE D 367 17.15 23.67 -48.92
N ILE D 368 16.17 24.45 -49.37
CA ILE D 368 14.89 24.52 -48.67
C ILE D 368 14.21 23.16 -48.69
N VAL D 369 14.23 22.49 -49.84
CA VAL D 369 13.60 21.17 -49.93
C VAL D 369 14.29 20.20 -48.96
N ASN D 370 15.62 20.25 -48.88
CA ASN D 370 16.32 19.36 -47.96
C ASN D 370 15.93 19.63 -46.51
N ASN D 371 15.83 20.90 -46.13
CA ASN D 371 15.43 21.20 -44.76
C ASN D 371 14.01 20.71 -44.48
N GLU D 372 13.10 20.88 -45.44
CA GLU D 372 11.75 20.39 -45.25
C GLU D 372 11.74 18.87 -45.10
N LYS D 373 12.55 18.16 -45.87
CA LYS D 373 12.64 16.71 -45.71
C LYS D 373 13.18 16.35 -44.33
N ARG D 374 14.14 17.11 -43.82
CA ARG D 374 14.62 16.87 -42.46
C ARG D 374 13.48 17.01 -41.47
N MET D 375 12.66 18.05 -41.62
CA MET D 375 11.57 18.24 -40.69
C MET D 375 10.57 17.10 -40.78
N LEU D 376 10.30 16.61 -41.99
CA LEU D 376 9.43 15.45 -42.14
C LEU D 376 10.00 14.23 -41.44
N GLN D 377 11.31 14.00 -41.60
CA GLN D 377 11.97 12.87 -40.96
C GLN D 377 11.81 12.96 -39.44
N GLU D 378 12.06 14.14 -38.89
CA GLU D 378 11.90 14.31 -37.45
C GLU D 378 10.46 14.09 -37.01
N SER D 379 9.48 14.56 -37.78
CA SER D 379 8.09 14.37 -37.42
C SER D 379 7.74 12.89 -37.36
N VAL D 380 8.18 12.12 -38.36
CA VAL D 380 7.88 10.69 -38.37
C VAL D 380 8.59 10.00 -37.20
N ASP D 381 9.85 10.35 -36.96
CA ASP D 381 10.57 9.76 -35.83
C ASP D 381 9.80 10.01 -34.53
N ALA D 382 9.30 11.22 -34.35
CA ALA D 382 8.52 11.51 -33.14
C ALA D 382 7.24 10.70 -33.11
N LEU D 383 6.62 10.48 -34.28
CA LEU D 383 5.39 9.69 -34.32
C LEU D 383 5.63 8.26 -33.85
N PHE D 384 6.72 7.63 -34.31
CA PHE D 384 6.91 6.22 -33.99
C PHE D 384 7.50 6.02 -32.60
N ASP D 385 8.42 6.87 -32.17
CA ASP D 385 9.03 6.73 -30.85
C ASP D 385 9.43 8.12 -30.36
N ASN D 386 8.58 8.70 -29.51
CA ASN D 386 8.79 10.08 -29.06
C ASN D 386 9.82 10.11 -27.94
N GLY D 387 10.88 10.89 -28.14
CA GLY D 387 11.91 11.06 -27.14
C GLY D 387 13.14 10.20 -27.32
N ARG D 388 13.17 9.36 -28.36
CA ARG D 388 14.34 8.52 -28.58
C ARG D 388 15.53 9.31 -29.09
N ARG D 389 15.30 10.34 -29.90
CA ARG D 389 16.38 11.17 -30.43
C ARG D 389 16.03 12.63 -30.19
N GLY D 390 16.92 13.35 -29.52
CA GLY D 390 16.73 14.77 -29.33
C GLY D 390 15.71 15.10 -28.26
N ARG D 391 15.14 16.29 -28.36
CA ARG D 391 14.18 16.76 -27.37
C ARG D 391 12.79 16.22 -27.67
N PRO D 392 12.08 15.65 -26.71
CA PRO D 392 10.72 15.16 -26.99
C PRO D 392 9.82 16.30 -27.47
N VAL D 393 8.91 15.96 -28.39
CA VAL D 393 7.91 16.91 -28.84
C VAL D 393 6.89 17.09 -27.74
N THR D 394 6.94 18.23 -27.06
CA THR D 394 6.07 18.47 -25.92
C THR D 394 4.82 19.24 -26.34
N GLY D 395 3.77 19.11 -25.52
CA GLY D 395 2.51 19.76 -25.79
C GLY D 395 2.15 20.76 -24.71
N PRO D 396 0.99 20.60 -24.08
CA PRO D 396 0.57 21.57 -23.06
C PRO D 396 1.34 21.39 -21.77
N GLY D 397 1.83 22.50 -21.24
CA GLY D 397 2.52 22.50 -19.96
C GLY D 397 3.79 21.67 -19.95
N ASN D 398 4.56 21.73 -21.03
CA ASN D 398 5.85 21.06 -21.10
C ASN D 398 5.78 19.62 -20.61
N ARG D 399 5.01 18.78 -21.30
CA ARG D 399 4.97 17.36 -21.02
C ARG D 399 5.21 16.58 -22.32
N PRO D 400 5.81 15.40 -22.24
CA PRO D 400 5.97 14.58 -23.44
C PRO D 400 4.63 14.01 -23.88
N LEU D 401 4.56 13.63 -25.16
CA LEU D 401 3.36 13.06 -25.74
C LEU D 401 3.55 11.56 -25.96
N LYS D 402 2.48 10.81 -25.75
CA LYS D 402 2.51 9.35 -25.80
C LYS D 402 2.45 8.90 -27.25
N SER D 403 3.62 8.72 -27.86
CA SER D 403 3.68 8.19 -29.21
C SER D 403 3.20 6.75 -29.22
N LEU D 404 3.18 6.12 -30.38
CA LEU D 404 2.67 4.74 -30.47
C LEU D 404 3.52 3.80 -29.62
N SER D 405 4.84 3.93 -29.68
CA SER D 405 5.70 2.96 -29.01
C SER D 405 5.50 2.97 -27.51
N ASP D 406 4.89 4.01 -26.95
CA ASP D 406 4.62 4.03 -25.52
C ASP D 406 3.37 3.25 -25.14
N LEU D 407 2.57 2.82 -26.12
CA LEU D 407 1.41 2.00 -25.82
C LEU D 407 1.79 0.54 -25.63
N LEU D 408 3.02 0.17 -25.97
CA LEU D 408 3.47 -1.22 -25.86
C LEU D 408 4.71 -1.32 -24.97
N LYS D 409 4.71 -0.64 -23.83
CA LYS D 409 5.89 -0.59 -22.99
C LYS D 409 5.55 -0.17 -21.57
N GLY D 410 6.27 -0.71 -20.59
CA GLY D 410 6.08 -0.33 -19.21
C GLY D 410 4.74 -0.83 -18.67
N LYS D 411 4.47 -0.47 -17.42
CA LYS D 411 3.20 -0.86 -16.83
C LYS D 411 2.09 0.10 -17.21
N GLN D 412 2.00 0.47 -18.48
CA GLN D 412 0.85 1.22 -18.97
C GLN D 412 0.45 0.80 -20.38
N GLY D 413 1.12 -0.20 -20.93
CA GLY D 413 0.90 -0.57 -22.31
C GLY D 413 -0.10 -1.70 -22.45
N ARG D 414 -0.53 -1.98 -23.68
CA ARG D 414 -1.46 -3.08 -23.92
C ARG D 414 -0.69 -4.39 -23.98
N PHE D 415 0.12 -4.66 -22.96
CA PHE D 415 0.79 -5.95 -22.83
C PHE D 415 0.81 -6.48 -21.41
N ARG D 416 0.77 -5.62 -20.40
CA ARG D 416 0.77 -6.08 -19.02
C ARG D 416 -0.23 -5.30 -18.17
N GLN D 417 -1.17 -4.60 -18.80
CA GLN D 417 -2.20 -3.89 -18.06
C GLN D 417 -3.57 -4.03 -18.72
N ASN D 418 -3.63 -4.61 -19.92
CA ASN D 418 -4.91 -4.80 -20.59
C ASN D 418 -5.01 -6.16 -21.26
N LEU D 419 -3.99 -7.01 -21.09
CA LEU D 419 -4.02 -8.36 -21.63
C LEU D 419 -3.76 -9.44 -20.60
N LEU D 420 -2.90 -9.21 -19.62
CA LEU D 420 -2.64 -10.19 -18.58
C LEU D 420 -3.55 -10.03 -17.37
N GLY D 421 -4.03 -8.82 -17.10
CA GLY D 421 -4.94 -8.60 -16.00
C GLY D 421 -6.06 -7.64 -16.37
N LYS D 422 -7.30 -8.09 -16.24
CA LYS D 422 -8.45 -7.31 -16.67
C LYS D 422 -9.44 -7.21 -15.52
N ARG D 423 -10.20 -6.11 -15.51
CA ARG D 423 -11.31 -5.98 -14.58
C ARG D 423 -12.43 -6.90 -15.02
N VAL D 424 -13.22 -7.37 -14.06
CA VAL D 424 -14.17 -8.44 -14.31
C VAL D 424 -15.50 -8.12 -13.66
N ASP D 425 -16.55 -8.76 -14.17
CA ASP D 425 -17.89 -8.62 -13.62
C ASP D 425 -18.06 -9.54 -12.41
N TYR D 426 -19.30 -9.57 -11.90
CA TYR D 426 -19.66 -10.43 -10.78
C TYR D 426 -18.58 -10.40 -9.71
N SER D 427 -18.35 -9.23 -9.14
CA SER D 427 -17.26 -9.03 -8.20
C SER D 427 -17.62 -7.96 -7.19
N GLY D 428 -16.85 -7.92 -6.10
CA GLY D 428 -17.04 -6.90 -5.09
C GLY D 428 -15.84 -6.87 -4.18
N ARG D 429 -15.89 -5.97 -3.20
CA ARG D 429 -14.83 -5.88 -2.21
C ARG D 429 -15.43 -5.32 -0.93
N SER D 430 -14.71 -5.49 0.18
CA SER D 430 -15.20 -4.94 1.43
C SER D 430 -14.12 -5.07 2.51
N VAL D 431 -14.45 -4.59 3.70
CA VAL D 431 -13.58 -4.68 4.87
C VAL D 431 -13.87 -6.00 5.57
N ILE D 432 -12.83 -6.67 6.06
CA ILE D 432 -12.99 -7.99 6.66
C ILE D 432 -12.95 -7.89 8.17
N VAL D 433 -13.76 -8.71 8.82
CA VAL D 433 -13.75 -8.88 10.26
C VAL D 433 -13.62 -10.37 10.57
N VAL D 434 -13.57 -10.69 11.85
CA VAL D 434 -13.30 -12.04 12.31
C VAL D 434 -14.56 -12.59 12.95
N GLY D 435 -14.94 -13.82 12.56
CA GLY D 435 -16.07 -14.47 13.15
C GLY D 435 -15.72 -15.89 13.58
N PRO D 436 -15.64 -16.11 14.88
CA PRO D 436 -15.38 -17.47 15.37
C PRO D 436 -16.66 -18.26 15.56
N GLN D 437 -17.48 -18.29 14.51
CA GLN D 437 -18.65 -19.14 14.45
C GLN D 437 -18.74 -19.94 13.16
N LEU D 438 -18.01 -19.55 12.13
CA LEU D 438 -18.02 -20.27 10.86
C LEU D 438 -17.13 -21.50 10.96
N LYS D 439 -17.46 -22.52 10.17
CA LYS D 439 -16.58 -23.68 10.05
C LYS D 439 -15.45 -23.32 9.10
N LEU D 440 -14.59 -24.29 8.77
CA LEU D 440 -13.42 -23.98 7.98
C LEU D 440 -13.71 -23.79 6.50
N HIS D 441 -14.91 -24.13 6.03
CA HIS D 441 -15.27 -23.96 4.63
C HIS D 441 -16.47 -23.05 4.44
N GLN D 442 -16.59 -21.99 5.23
CA GLN D 442 -17.69 -21.05 5.12
C GLN D 442 -17.17 -19.63 5.28
N CYS D 443 -17.80 -18.70 4.58
CA CYS D 443 -17.47 -17.29 4.72
C CYS D 443 -18.76 -16.48 4.73
N GLY D 444 -18.77 -15.43 5.54
CA GLY D 444 -19.91 -14.56 5.66
C GLY D 444 -19.97 -13.62 4.48
N LEU D 445 -21.18 -13.27 4.08
CA LEU D 445 -21.40 -12.29 3.05
C LEU D 445 -22.52 -11.35 3.47
N PRO D 446 -22.33 -10.03 3.35
CA PRO D 446 -23.43 -9.12 3.68
C PRO D 446 -24.51 -9.20 2.62
N LYS D 447 -25.75 -9.42 3.07
CA LYS D 447 -26.80 -9.82 2.15
C LYS D 447 -26.99 -8.80 1.03
N LEU D 448 -26.63 -7.54 1.25
CA LEU D 448 -26.77 -6.55 0.18
C LEU D 448 -25.77 -6.79 -0.96
N MET D 449 -24.60 -7.37 -0.66
CA MET D 449 -23.68 -7.75 -1.73
C MET D 449 -24.12 -9.03 -2.40
N ALA D 450 -24.64 -9.99 -1.63
CA ALA D 450 -25.08 -11.25 -2.19
C ALA D 450 -26.25 -11.05 -3.13
N LEU D 451 -27.16 -10.15 -2.78
CA LEU D 451 -28.28 -9.88 -3.66
C LEU D 451 -27.81 -9.32 -4.98
N GLU D 452 -26.60 -8.77 -5.03
CA GLU D 452 -26.14 -8.12 -6.25
C GLU D 452 -25.29 -9.06 -7.09
N LEU D 453 -24.44 -9.86 -6.46
CA LEU D 453 -23.62 -10.80 -7.21
C LEU D 453 -24.49 -11.85 -7.88
N PHE D 454 -25.52 -12.34 -7.19
CA PHE D 454 -26.35 -13.43 -7.65
C PHE D 454 -27.63 -12.94 -8.34
N LYS D 455 -27.58 -11.78 -8.98
CA LYS D 455 -28.81 -11.21 -9.51
C LYS D 455 -29.47 -12.09 -10.56
N PRO D 456 -28.79 -12.53 -11.62
CA PRO D 456 -29.48 -13.35 -12.62
C PRO D 456 -30.05 -14.64 -12.05
N PHE D 457 -29.32 -15.31 -11.18
CA PHE D 457 -29.84 -16.54 -10.59
C PHE D 457 -31.08 -16.27 -9.77
N VAL D 458 -31.10 -15.17 -9.02
CA VAL D 458 -32.29 -14.81 -8.26
C VAL D 458 -33.46 -14.55 -9.19
N MET D 459 -33.23 -13.84 -10.29
CA MET D 459 -34.32 -13.55 -11.22
C MET D 459 -34.90 -14.82 -11.80
N LYS D 460 -34.04 -15.76 -12.21
CA LYS D 460 -34.56 -17.01 -12.78
C LYS D 460 -35.44 -17.74 -11.78
N ARG D 461 -34.96 -17.89 -10.54
CA ARG D 461 -35.73 -18.62 -9.55
C ARG D 461 -37.03 -17.90 -9.21
N LEU D 462 -37.01 -16.56 -9.18
CA LEU D 462 -38.25 -15.82 -8.97
C LEU D 462 -39.25 -16.14 -10.07
N VAL D 463 -38.82 -16.13 -11.33
CA VAL D 463 -39.73 -16.42 -12.42
C VAL D 463 -40.27 -17.85 -12.30
N ASP D 464 -39.40 -18.80 -11.98
CA ASP D 464 -39.84 -20.19 -11.92
C ASP D 464 -40.93 -20.41 -10.87
N LEU D 465 -40.80 -19.79 -9.70
CA LEU D 465 -41.76 -19.97 -8.63
C LEU D 465 -43.04 -19.16 -8.83
N ASN D 466 -43.23 -18.59 -10.01
CA ASN D 466 -44.46 -17.87 -10.36
C ASN D 466 -44.68 -16.64 -9.48
N HIS D 467 -43.60 -16.13 -8.90
CA HIS D 467 -43.66 -14.86 -8.17
C HIS D 467 -43.55 -13.66 -9.10
N ALA D 468 -43.32 -13.89 -10.39
CA ALA D 468 -43.28 -12.83 -11.39
C ALA D 468 -43.52 -13.47 -12.75
N GLN D 469 -44.38 -12.84 -13.55
CA GLN D 469 -44.79 -13.45 -14.81
C GLN D 469 -43.62 -13.56 -15.79
N ASN D 470 -42.77 -12.54 -15.85
CA ASN D 470 -41.70 -12.51 -16.84
C ASN D 470 -40.43 -12.02 -16.18
N ILE D 471 -39.37 -11.90 -16.98
CA ILE D 471 -38.08 -11.51 -16.46
C ILE D 471 -38.07 -10.06 -15.98
N LYS D 472 -38.77 -9.16 -16.68
CA LYS D 472 -38.73 -7.76 -16.30
C LYS D 472 -39.36 -7.54 -14.92
N SER D 473 -40.45 -8.24 -14.63
CA SER D 473 -41.06 -8.11 -13.31
C SER D 473 -40.12 -8.61 -12.22
N ALA D 474 -39.43 -9.73 -12.46
CA ALA D 474 -38.46 -10.22 -11.49
C ALA D 474 -37.34 -9.22 -11.29
N LYS D 475 -36.88 -8.60 -12.38
CA LYS D 475 -35.85 -7.58 -12.27
C LYS D 475 -36.32 -6.43 -11.40
N ARG D 476 -37.56 -5.99 -11.59
CA ARG D 476 -38.10 -4.90 -10.79
C ARG D 476 -38.21 -5.32 -9.32
N MET D 477 -38.66 -6.54 -9.07
CA MET D 477 -38.72 -7.05 -7.70
C MET D 477 -37.35 -6.99 -7.04
N VAL D 478 -36.33 -7.52 -7.72
CA VAL D 478 -34.99 -7.56 -7.15
C VAL D 478 -34.47 -6.15 -6.93
N GLU D 479 -34.75 -5.24 -7.86
CA GLU D 479 -34.31 -3.86 -7.69
C GLU D 479 -34.95 -3.22 -6.47
N ARG D 480 -36.24 -3.50 -6.23
CA ARG D 480 -36.98 -2.87 -5.14
C ARG D 480 -36.94 -3.67 -3.84
N GLN D 481 -36.36 -4.88 -3.85
CA GLN D 481 -36.15 -5.66 -2.63
C GLN D 481 -37.46 -5.92 -1.89
N ARG D 482 -38.35 -6.66 -2.53
CA ARG D 482 -39.55 -7.12 -1.86
C ARG D 482 -39.19 -8.18 -0.83
N PRO D 483 -40.06 -8.43 0.14
CA PRO D 483 -39.69 -9.33 1.25
C PRO D 483 -39.42 -10.76 0.83
N GLN D 484 -39.86 -11.17 -0.36
CA GLN D 484 -39.74 -12.57 -0.76
C GLN D 484 -38.41 -12.89 -1.44
N VAL D 485 -37.73 -11.90 -2.03
CA VAL D 485 -36.47 -12.20 -2.71
C VAL D 485 -35.51 -12.89 -1.75
N TRP D 486 -35.42 -12.40 -0.51
CA TRP D 486 -34.53 -13.03 0.45
C TRP D 486 -34.81 -14.52 0.54
N ASP D 487 -36.08 -14.89 0.63
CA ASP D 487 -36.41 -16.30 0.81
C ASP D 487 -35.85 -17.14 -0.33
N VAL D 488 -35.80 -16.60 -1.54
CA VAL D 488 -35.24 -17.35 -2.66
C VAL D 488 -33.73 -17.21 -2.69
N LEU D 489 -33.22 -16.05 -2.26
CA LEU D 489 -31.78 -15.81 -2.33
C LEU D 489 -31.01 -16.88 -1.57
N GLU D 490 -31.45 -17.17 -0.33
CA GLU D 490 -30.76 -18.18 0.45
C GLU D 490 -30.78 -19.53 -0.24
N GLU D 491 -31.81 -19.80 -1.03
CA GLU D 491 -31.90 -21.09 -1.69
C GLU D 491 -31.01 -21.11 -2.93
N VAL D 492 -30.66 -19.94 -3.45
CA VAL D 492 -29.83 -19.89 -4.65
C VAL D 492 -28.36 -20.13 -4.31
N ILE D 493 -27.87 -19.47 -3.25
CA ILE D 493 -26.45 -19.52 -2.93
C ILE D 493 -26.04 -20.83 -2.28
N ALA D 494 -26.99 -21.67 -1.89
CA ALA D 494 -26.64 -22.92 -1.21
C ALA D 494 -25.69 -23.73 -2.08
N GLU D 495 -24.56 -24.12 -1.50
CA GLU D 495 -23.59 -24.95 -2.20
C GLU D 495 -23.12 -24.30 -3.50
N HIS D 496 -22.87 -23.00 -3.47
CA HIS D 496 -22.36 -22.29 -4.63
C HIS D 496 -21.05 -21.60 -4.27
N PRO D 497 -19.89 -22.18 -4.59
CA PRO D 497 -18.64 -21.62 -4.09
C PRO D 497 -18.38 -20.21 -4.60
N VAL D 498 -17.64 -19.46 -3.78
CA VAL D 498 -17.29 -18.07 -4.05
C VAL D 498 -15.82 -17.89 -3.74
N LEU D 499 -15.09 -17.20 -4.62
CA LEU D 499 -13.65 -17.03 -4.46
C LEU D 499 -13.38 -15.77 -3.66
N LEU D 500 -12.54 -15.88 -2.64
CA LEU D 500 -12.05 -14.75 -1.87
C LEU D 500 -10.57 -14.55 -2.18
N ASN D 501 -10.19 -13.29 -2.36
CA ASN D 501 -8.82 -12.94 -2.70
C ASN D 501 -8.40 -11.71 -1.91
N ARG D 502 -7.10 -11.59 -1.65
CA ARG D 502 -6.53 -10.40 -1.02
C ARG D 502 -5.30 -9.97 -1.81
N ALA D 503 -5.03 -8.67 -1.80
CA ALA D 503 -3.87 -8.15 -2.52
C ALA D 503 -2.80 -7.66 -1.55
N PRO D 504 -1.53 -7.99 -1.76
CA PRO D 504 -0.95 -8.76 -2.88
C PRO D 504 -1.20 -10.25 -2.72
N THR D 505 -1.30 -10.99 -3.82
CA THR D 505 -1.47 -12.43 -3.78
C THR D 505 -0.09 -13.07 -3.97
N LEU D 506 0.70 -13.06 -2.90
CA LEU D 506 2.10 -13.47 -3.04
C LEU D 506 2.23 -14.91 -3.48
N HIS D 507 1.53 -15.84 -2.82
CA HIS D 507 1.72 -17.26 -3.07
C HIS D 507 0.39 -17.92 -3.40
N ARG D 508 0.46 -19.23 -3.65
CA ARG D 508 -0.66 -19.94 -4.27
C ARG D 508 -1.92 -19.85 -3.43
N LEU D 509 -1.79 -19.84 -2.12
CA LEU D 509 -2.95 -19.87 -1.24
C LEU D 509 -3.58 -18.50 -1.04
N GLY D 510 -3.20 -17.50 -1.82
CA GLY D 510 -3.83 -16.20 -1.71
C GLY D 510 -5.25 -16.15 -2.18
N ILE D 511 -5.66 -17.10 -3.03
CA ILE D 511 -7.02 -17.18 -3.56
C ILE D 511 -7.64 -18.47 -3.06
N GLN D 512 -8.77 -18.36 -2.36
CA GLN D 512 -9.38 -19.55 -1.79
C GLN D 512 -10.89 -19.50 -1.98
N ALA D 513 -11.48 -20.65 -2.24
CA ALA D 513 -12.90 -20.77 -2.50
C ALA D 513 -13.62 -21.22 -1.24
N PHE D 514 -14.60 -20.44 -0.81
CA PHE D 514 -15.41 -20.77 0.35
C PHE D 514 -16.85 -20.98 -0.08
N GLU D 515 -17.70 -21.32 0.88
CA GLU D 515 -19.14 -21.35 0.66
C GLU D 515 -19.76 -20.14 1.34
N PRO D 516 -20.62 -19.37 0.67
CA PRO D 516 -21.14 -18.15 1.29
C PRO D 516 -22.34 -18.43 2.17
N MET D 517 -22.43 -17.68 3.27
CA MET D 517 -23.64 -17.65 4.08
C MET D 517 -23.94 -16.20 4.45
N LEU D 518 -25.22 -15.85 4.45
CA LEU D 518 -25.64 -14.48 4.69
C LEU D 518 -25.38 -14.06 6.13
N VAL D 519 -24.94 -12.81 6.30
CA VAL D 519 -24.73 -12.22 7.62
C VAL D 519 -25.26 -10.79 7.61
N GLU D 520 -25.40 -10.24 8.81
CA GLU D 520 -25.94 -8.89 8.97
C GLU D 520 -24.80 -7.89 9.06
N GLY D 521 -24.93 -6.78 8.34
CA GLY D 521 -23.97 -5.71 8.37
C GLY D 521 -23.42 -5.42 6.98
N LYS D 522 -22.18 -4.98 6.93
CA LYS D 522 -21.53 -4.61 5.68
C LYS D 522 -20.08 -5.06 5.62
N ALA D 523 -19.71 -6.13 6.31
CA ALA D 523 -18.33 -6.59 6.35
C ALA D 523 -18.27 -8.09 6.07
N ILE D 524 -17.37 -8.49 5.18
CA ILE D 524 -17.13 -9.91 4.91
C ILE D 524 -16.55 -10.54 6.15
N GLN D 525 -17.19 -11.62 6.63
CA GLN D 525 -16.68 -12.35 7.79
C GLN D 525 -15.77 -13.46 7.30
N LEU D 526 -14.60 -13.57 7.93
CA LEU D 526 -13.58 -14.52 7.53
C LEU D 526 -13.31 -15.49 8.67
N HIS D 527 -12.94 -16.72 8.32
CA HIS D 527 -12.61 -17.70 9.34
C HIS D 527 -11.24 -17.37 9.95
N PRO D 528 -11.08 -17.50 11.27
CA PRO D 528 -9.82 -17.07 11.88
C PRO D 528 -8.64 -17.98 11.59
N LEU D 529 -8.86 -19.20 11.11
CA LEU D 529 -7.78 -20.15 10.91
C LEU D 529 -7.08 -20.00 9.57
N VAL D 530 -7.55 -19.10 8.71
CA VAL D 530 -6.92 -18.86 7.43
C VAL D 530 -6.16 -17.54 7.39
N CYS D 531 -6.22 -16.75 8.47
CA CYS D 531 -5.54 -15.46 8.46
C CYS D 531 -4.06 -15.60 8.14
N GLU D 532 -3.44 -16.71 8.51
CA GLU D 532 -2.02 -16.88 8.20
C GLU D 532 -1.82 -17.12 6.70
N ALA D 533 -2.71 -17.88 6.07
CA ALA D 533 -2.55 -18.16 4.65
C ALA D 533 -2.64 -16.88 3.83
N PHE D 534 -3.67 -16.08 4.09
CA PHE D 534 -3.80 -14.79 3.42
C PHE D 534 -2.77 -13.79 3.91
N ASN D 535 -2.24 -13.97 5.11
CA ASN D 535 -1.41 -12.96 5.77
C ASN D 535 -2.24 -11.70 6.00
N ALA D 536 -3.45 -11.89 6.51
CA ALA D 536 -4.42 -10.81 6.67
C ALA D 536 -4.64 -10.57 8.16
N ASP D 537 -4.34 -9.35 8.61
CA ASP D 537 -4.79 -8.88 9.92
C ASP D 537 -6.09 -8.12 9.75
N PHE D 538 -6.70 -7.74 10.87
CA PHE D 538 -8.00 -7.08 10.88
C PHE D 538 -7.90 -5.62 11.29
N ASP D 539 -6.82 -4.94 10.91
CA ASP D 539 -6.66 -3.53 11.19
C ASP D 539 -7.14 -2.65 10.04
N GLY D 540 -8.04 -3.16 9.21
CA GLY D 540 -8.59 -2.38 8.12
C GLY D 540 -8.31 -2.97 6.75
N ASP D 541 -7.91 -4.24 6.71
CA ASP D 541 -7.64 -4.90 5.44
C ASP D 541 -8.92 -5.02 4.63
N GLN D 542 -8.78 -5.10 3.32
CA GLN D 542 -9.91 -5.26 2.41
C GLN D 542 -9.70 -6.48 1.53
N MET D 543 -10.79 -7.19 1.26
CA MET D 543 -10.74 -8.40 0.47
C MET D 543 -11.78 -8.35 -0.62
N ALA D 544 -11.49 -9.02 -1.73
CA ALA D 544 -12.30 -9.01 -2.93
C ALA D 544 -12.99 -10.36 -3.12
N VAL D 545 -14.20 -10.32 -3.65
CA VAL D 545 -15.04 -11.49 -3.84
C VAL D 545 -15.34 -11.64 -5.32
N HIS D 546 -15.02 -12.81 -5.87
CA HIS D 546 -15.34 -13.17 -7.25
C HIS D 546 -16.28 -14.36 -7.24
N LEU D 547 -16.98 -14.56 -8.36
CA LEU D 547 -17.98 -15.60 -8.49
C LEU D 547 -17.72 -16.42 -9.74
N PRO D 548 -17.59 -17.74 -9.64
CA PRO D 548 -17.54 -18.57 -10.86
C PRO D 548 -18.93 -18.89 -11.37
N LEU D 549 -19.05 -19.06 -12.68
CA LEU D 549 -20.34 -19.22 -13.34
C LEU D 549 -20.54 -20.60 -13.97
N SER D 550 -19.66 -21.00 -14.88
CA SER D 550 -19.88 -22.21 -15.65
C SER D 550 -19.77 -23.45 -14.77
N ALA D 551 -20.18 -24.60 -15.32
CA ALA D 551 -20.13 -25.83 -14.54
C ALA D 551 -18.70 -26.20 -14.18
N GLU D 552 -17.77 -26.07 -15.13
CA GLU D 552 -16.37 -26.34 -14.83
C GLU D 552 -15.85 -25.37 -13.76
N ALA D 553 -16.13 -24.08 -13.93
CA ALA D 553 -15.63 -23.10 -12.98
C ALA D 553 -16.12 -23.39 -11.58
N GLN D 554 -17.33 -23.94 -11.43
CA GLN D 554 -17.79 -24.34 -10.11
C GLN D 554 -17.10 -25.62 -9.63
N ALA D 555 -16.89 -26.59 -10.53
CA ALA D 555 -16.21 -27.80 -10.12
C ALA D 555 -14.80 -27.50 -9.64
N GLU D 556 -14.08 -26.60 -10.33
CA GLU D 556 -12.73 -26.24 -9.89
C GLU D 556 -12.75 -25.39 -8.64
N ALA D 557 -13.92 -24.95 -8.19
CA ALA D 557 -14.04 -24.24 -6.92
C ALA D 557 -14.59 -25.11 -5.81
N ARG D 558 -14.62 -26.43 -6.00
CA ARG D 558 -15.03 -27.37 -4.96
C ARG D 558 -14.06 -28.52 -4.78
N ILE D 559 -13.14 -28.74 -5.72
CA ILE D 559 -12.22 -29.85 -5.64
C ILE D 559 -10.76 -29.40 -5.62
N LEU D 560 -10.44 -28.24 -6.19
CA LEU D 560 -9.08 -27.73 -6.24
C LEU D 560 -8.84 -26.59 -5.26
N MET D 561 -9.77 -25.64 -5.17
CA MET D 561 -9.54 -24.41 -4.43
C MET D 561 -10.39 -24.27 -3.18
N LEU D 562 -11.04 -25.33 -2.73
CA LEU D 562 -11.83 -25.23 -1.50
C LEU D 562 -10.89 -25.01 -0.33
N SER D 563 -11.37 -24.29 0.69
CA SER D 563 -10.48 -23.87 1.77
C SER D 563 -9.99 -25.07 2.58
N SER D 564 -10.85 -26.06 2.80
CA SER D 564 -10.48 -27.17 3.66
C SER D 564 -9.57 -28.19 2.96
N ASN D 565 -9.32 -28.03 1.66
CA ASN D 565 -8.42 -28.94 0.95
C ASN D 565 -7.00 -28.41 0.82
N ASN D 566 -6.69 -27.26 1.42
CA ASN D 566 -5.34 -26.70 1.41
C ASN D 566 -4.95 -26.38 2.84
N ILE D 567 -4.43 -27.39 3.54
CA ILE D 567 -3.99 -27.24 4.90
C ILE D 567 -2.47 -27.23 5.05
N LEU D 568 -1.75 -27.62 4.00
CA LEU D 568 -0.29 -27.72 4.06
C LEU D 568 0.34 -26.74 3.09
N SER D 569 1.25 -25.93 3.59
CA SER D 569 1.91 -24.94 2.76
C SER D 569 2.63 -25.64 1.60
N PRO D 570 2.40 -25.25 0.35
CA PRO D 570 3.10 -25.90 -0.76
C PRO D 570 4.60 -25.79 -0.68
N ALA D 571 5.13 -24.73 -0.08
CA ALA D 571 6.57 -24.50 -0.09
C ALA D 571 7.33 -25.58 0.65
N SER D 572 6.94 -25.86 1.89
CA SER D 572 7.73 -26.74 2.76
C SER D 572 6.94 -27.86 3.41
N GLY D 573 5.63 -27.92 3.26
CA GLY D 573 4.85 -29.01 3.81
C GLY D 573 4.38 -28.80 5.23
N ARG D 574 4.78 -27.73 5.88
CA ARG D 574 4.28 -27.45 7.23
C ARG D 574 2.83 -27.00 7.17
N PRO D 575 2.03 -27.30 8.18
CA PRO D 575 0.62 -26.87 8.15
C PRO D 575 0.48 -25.37 8.29
N LEU D 576 -0.56 -24.83 7.66
CA LEU D 576 -0.89 -23.41 7.76
C LEU D 576 -2.22 -23.14 8.45
N ALA D 577 -3.05 -24.15 8.66
CA ALA D 577 -4.32 -24.01 9.35
C ALA D 577 -4.18 -24.39 10.82
N MET D 578 -3.03 -24.11 11.39
CA MET D 578 -2.73 -24.46 12.76
C MET D 578 -3.19 -23.36 13.71
N PRO D 579 -3.66 -23.72 14.90
CA PRO D 579 -4.04 -22.67 15.85
C PRO D 579 -2.87 -21.77 16.19
N ARG D 580 -3.17 -20.50 16.42
CA ARG D 580 -2.15 -19.49 16.65
C ARG D 580 -2.73 -18.37 17.50
N LEU D 581 -1.84 -17.60 18.13
CA LEU D 581 -2.22 -16.51 19.01
C LEU D 581 -3.15 -17.01 20.11
N ASP D 582 -4.39 -16.51 20.17
CA ASP D 582 -5.23 -16.77 21.34
C ASP D 582 -5.44 -18.26 21.54
N MET D 583 -5.61 -19.02 20.47
CA MET D 583 -5.90 -20.43 20.59
C MET D 583 -4.77 -21.16 21.31
N VAL D 584 -3.52 -20.83 20.96
CA VAL D 584 -2.38 -21.48 21.58
C VAL D 584 -2.33 -21.18 23.07
N THR D 585 -2.57 -19.93 23.44
CA THR D 585 -2.57 -19.59 24.87
C THR D 585 -3.66 -20.34 25.60
N GLY D 586 -4.86 -20.40 25.02
CA GLY D 586 -5.93 -21.12 25.68
C GLY D 586 -5.59 -22.58 25.88
N LEU D 587 -5.10 -23.25 24.85
CA LEU D 587 -4.74 -24.66 24.99
C LEU D 587 -3.59 -24.87 25.95
N TYR D 588 -2.58 -24.00 25.93
CA TYR D 588 -1.46 -24.13 26.84
C TYR D 588 -1.92 -23.97 28.29
N TYR D 589 -2.88 -23.08 28.53
CA TYR D 589 -3.46 -23.00 29.87
C TYR D 589 -4.25 -24.26 30.20
N LEU D 590 -4.93 -24.84 29.21
CA LEU D 590 -5.76 -25.99 29.48
C LEU D 590 -4.94 -27.21 29.89
N THR D 591 -3.90 -27.52 29.12
CA THR D 591 -3.10 -28.72 29.35
C THR D 591 -1.85 -28.40 30.15
N THR D 592 -2.05 -27.93 31.37
CA THR D 592 -0.95 -27.63 32.28
C THR D 592 -1.21 -28.30 33.62
N GLU D 593 -0.14 -28.75 34.26
CA GLU D 593 -0.22 -29.48 35.52
C GLU D 593 0.45 -28.63 36.59
N VAL D 594 -0.36 -27.92 37.38
CA VAL D 594 0.14 -27.03 38.41
C VAL D 594 0.17 -27.79 39.73
N PRO D 595 1.32 -27.99 40.34
CA PRO D 595 1.36 -28.79 41.57
C PRO D 595 0.59 -28.15 42.71
N GLY D 596 0.03 -29.00 43.58
CA GLY D 596 -0.62 -28.54 44.78
C GLY D 596 -1.82 -27.66 44.54
N ASP D 597 -2.68 -28.06 43.60
CA ASP D 597 -3.91 -27.34 43.32
C ASP D 597 -5.07 -28.03 44.01
N THR D 598 -6.27 -27.48 43.83
CA THR D 598 -7.44 -28.00 44.50
C THR D 598 -7.74 -29.42 44.01
N GLY D 599 -8.18 -30.28 44.94
CA GLY D 599 -8.58 -31.62 44.58
C GLY D 599 -7.49 -32.53 44.10
N GLU D 600 -6.22 -32.18 44.35
CA GLU D 600 -5.12 -32.99 43.85
C GLU D 600 -5.19 -34.41 44.41
N TYR D 601 -4.63 -35.35 43.66
CA TYR D 601 -4.56 -36.73 44.12
C TYR D 601 -3.72 -36.83 45.38
N GLN D 602 -4.23 -37.55 46.37
CA GLN D 602 -3.56 -37.68 47.66
C GLN D 602 -3.47 -39.16 48.02
N PRO D 603 -2.27 -39.73 48.19
CA PRO D 603 -2.18 -41.14 48.56
C PRO D 603 -2.85 -41.41 49.90
N ALA D 604 -3.16 -42.68 50.13
CA ALA D 604 -3.83 -43.07 51.36
C ALA D 604 -2.97 -42.73 52.57
N SER D 605 -3.59 -42.12 53.58
CA SER D 605 -2.90 -41.71 54.79
C SER D 605 -2.98 -42.75 55.90
N GLY D 606 -3.64 -43.88 55.65
CA GLY D 606 -3.82 -44.92 56.65
C GLY D 606 -5.14 -44.82 57.41
N ASP D 607 -5.80 -43.67 57.38
CA ASP D 607 -7.10 -43.51 58.01
C ASP D 607 -8.23 -43.38 57.01
N HIS D 608 -7.97 -42.84 55.83
CA HIS D 608 -8.95 -42.75 54.75
C HIS D 608 -8.34 -43.30 53.46
N PRO D 609 -9.16 -43.90 52.58
CA PRO D 609 -8.62 -44.39 51.31
C PRO D 609 -8.15 -43.28 50.39
N GLU D 610 -7.73 -43.64 49.19
CA GLU D 610 -7.20 -42.65 48.26
C GLU D 610 -8.27 -41.60 47.95
N THR D 611 -7.80 -40.38 47.73
CA THR D 611 -8.65 -39.27 47.34
C THR D 611 -8.18 -38.72 46.01
N GLY D 612 -9.14 -38.29 45.20
CA GLY D 612 -8.85 -37.79 43.87
C GLY D 612 -8.97 -38.82 42.76
N VAL D 613 -9.59 -39.96 43.02
CA VAL D 613 -9.83 -40.99 42.02
C VAL D 613 -11.27 -40.87 41.54
N TYR D 614 -11.46 -40.74 40.23
CA TYR D 614 -12.77 -40.54 39.63
C TYR D 614 -13.05 -41.67 38.64
N SER D 615 -14.32 -42.04 38.54
CA SER D 615 -14.71 -43.22 37.78
C SER D 615 -15.02 -42.94 36.32
N SER D 616 -14.99 -41.69 35.88
CA SER D 616 -15.21 -41.36 34.49
C SER D 616 -15.04 -39.85 34.32
N PRO D 617 -14.68 -39.39 33.12
CA PRO D 617 -14.56 -37.95 32.91
C PRO D 617 -15.84 -37.19 33.17
N ALA D 618 -17.00 -37.84 33.04
CA ALA D 618 -18.25 -37.18 33.37
C ALA D 618 -18.30 -36.78 34.84
N GLU D 619 -17.89 -37.67 35.74
CA GLU D 619 -17.84 -37.33 37.15
C GLU D 619 -16.82 -36.23 37.42
N ALA D 620 -15.68 -36.25 36.74
CA ALA D 620 -14.69 -35.19 36.93
C ALA D 620 -15.28 -33.84 36.53
N ILE D 621 -15.98 -33.79 35.39
CA ILE D 621 -16.59 -32.54 34.97
C ILE D 621 -17.67 -32.10 35.96
N MET D 622 -18.47 -33.04 36.45
CA MET D 622 -19.50 -32.70 37.42
C MET D 622 -18.90 -32.13 38.69
N ALA D 623 -17.80 -32.69 39.17
CA ALA D 623 -17.10 -32.12 40.31
C ALA D 623 -16.51 -30.76 39.99
N ALA D 624 -15.90 -30.60 38.83
CA ALA D 624 -15.32 -29.31 38.47
C ALA D 624 -16.36 -28.21 38.46
N ASP D 625 -17.58 -28.52 38.01
CA ASP D 625 -18.64 -27.53 38.02
C ASP D 625 -19.07 -27.12 39.42
N ARG D 626 -18.65 -27.86 40.44
CA ARG D 626 -19.01 -27.56 41.83
C ARG D 626 -17.91 -26.83 42.59
N GLY D 627 -16.74 -26.63 41.97
CA GLY D 627 -15.64 -25.95 42.62
C GLY D 627 -14.75 -26.83 43.46
N VAL D 628 -15.00 -28.14 43.52
CA VAL D 628 -14.17 -29.03 44.33
C VAL D 628 -12.92 -29.48 43.60
N LEU D 629 -12.90 -29.40 42.26
CA LEU D 629 -11.77 -29.85 41.46
C LEU D 629 -11.40 -28.74 40.49
N SER D 630 -10.12 -28.67 40.17
CA SER D 630 -9.60 -27.66 39.26
C SER D 630 -9.11 -28.31 37.99
N VAL D 631 -9.43 -27.68 36.86
CA VAL D 631 -9.12 -28.25 35.55
C VAL D 631 -7.65 -28.56 35.35
N ARG D 632 -6.76 -28.00 36.17
CA ARG D 632 -5.34 -28.21 36.02
C ARG D 632 -4.73 -29.02 37.17
N ALA D 633 -5.56 -29.79 37.88
CA ALA D 633 -5.09 -30.57 39.01
C ALA D 633 -4.90 -32.02 38.61
N LYS D 634 -3.78 -32.61 39.04
CA LYS D 634 -3.49 -34.00 38.72
C LYS D 634 -4.46 -34.93 39.44
N ILE D 635 -5.07 -35.85 38.68
CA ILE D 635 -6.02 -36.81 39.22
C ILE D 635 -5.81 -38.14 38.51
N LYS D 636 -6.55 -39.14 38.95
CA LYS D 636 -6.56 -40.46 38.32
C LYS D 636 -8.00 -40.82 37.94
N VAL D 637 -8.21 -41.06 36.65
CA VAL D 637 -9.53 -41.33 36.10
C VAL D 637 -9.52 -42.71 35.46
N ARG D 638 -10.71 -43.19 35.13
CA ARG D 638 -10.91 -44.51 34.53
C ARG D 638 -11.51 -44.32 33.15
N LEU D 639 -10.66 -44.12 32.16
CA LEU D 639 -11.10 -43.80 30.81
C LEU D 639 -11.58 -45.04 30.08
N THR D 640 -12.59 -44.85 29.21
CA THR D 640 -13.07 -45.92 28.35
C THR D 640 -13.39 -45.46 26.93
N GLN D 641 -13.08 -44.23 26.55
CA GLN D 641 -13.32 -43.73 25.21
C GLN D 641 -12.08 -43.09 24.59
N LEU D 642 -10.91 -43.29 25.18
CA LEU D 642 -9.65 -42.79 24.66
C LEU D 642 -8.67 -43.94 24.55
N ARG D 643 -7.93 -43.98 23.45
CA ARG D 643 -6.99 -45.07 23.24
C ARG D 643 -5.73 -44.84 24.08
N PRO D 644 -5.30 -45.82 24.86
CA PRO D 644 -4.15 -45.60 25.75
C PRO D 644 -2.85 -45.46 24.97
N PRO D 645 -1.80 -44.95 25.59
CA PRO D 645 -0.53 -44.79 24.88
C PRO D 645 0.04 -46.13 24.41
N VAL D 646 1.15 -46.08 23.68
CA VAL D 646 1.72 -47.30 23.11
C VAL D 646 2.18 -48.24 24.22
N GLU D 647 2.96 -47.72 25.17
CA GLU D 647 3.52 -48.58 26.21
C GLU D 647 2.44 -49.18 27.09
N ILE D 648 1.48 -48.36 27.53
CA ILE D 648 0.41 -48.86 28.38
C ILE D 648 -0.42 -49.88 27.62
N GLU D 649 -0.73 -49.60 26.35
CA GLU D 649 -1.50 -50.54 25.55
C GLU D 649 -0.77 -51.87 25.42
N ALA D 650 0.53 -51.84 25.18
CA ALA D 650 1.29 -53.08 25.03
C ALA D 650 1.33 -53.86 26.35
N GLU D 651 1.56 -53.17 27.46
CA GLU D 651 1.77 -53.86 28.73
C GLU D 651 0.47 -54.16 29.48
N LEU D 652 -0.66 -53.71 28.99
CA LEU D 652 -1.95 -53.99 29.62
C LEU D 652 -2.87 -54.83 28.76
N PHE D 653 -3.11 -54.43 27.52
CA PHE D 653 -4.00 -55.15 26.62
C PHE D 653 -3.29 -56.17 25.75
N GLY D 654 -2.14 -55.82 25.19
CA GLY D 654 -1.46 -56.70 24.25
C GLY D 654 -2.37 -57.04 23.09
N HIS D 655 -2.57 -58.34 22.83
CA HIS D 655 -3.52 -58.81 21.83
C HIS D 655 -3.43 -57.99 20.55
N SER D 656 -4.40 -57.10 20.31
CA SER D 656 -4.46 -56.28 19.11
C SER D 656 -4.59 -54.79 19.39
N GLY D 657 -5.38 -54.41 20.37
CA GLY D 657 -5.62 -53.01 20.66
C GLY D 657 -6.59 -52.88 21.80
N TRP D 658 -6.97 -51.62 22.07
CA TRP D 658 -7.84 -51.35 23.21
C TRP D 658 -9.31 -51.59 22.89
N GLN D 659 -9.67 -51.69 21.61
CA GLN D 659 -11.01 -52.15 21.25
C GLN D 659 -12.07 -51.31 21.95
N PRO D 660 -12.35 -50.07 21.49
CA PRO D 660 -13.13 -49.12 22.29
C PRO D 660 -14.25 -49.75 23.10
N GLY D 661 -14.26 -49.47 24.39
CA GLY D 661 -15.13 -50.13 25.36
C GLY D 661 -14.37 -50.69 26.54
N ASP D 662 -13.13 -51.12 26.33
CA ASP D 662 -12.29 -51.57 27.43
C ASP D 662 -11.77 -50.37 28.20
N ALA D 663 -11.68 -50.50 29.52
CA ALA D 663 -11.37 -49.39 30.41
C ALA D 663 -9.94 -49.50 30.93
N TRP D 664 -9.29 -48.36 31.08
CA TRP D 664 -7.95 -48.30 31.65
C TRP D 664 -7.82 -47.07 32.54
N MET D 665 -6.93 -47.17 33.53
CA MET D 665 -6.71 -46.11 34.50
C MET D 665 -5.62 -45.18 33.99
N ALA D 666 -5.88 -43.88 34.04
CA ALA D 666 -4.94 -42.87 33.57
C ALA D 666 -4.73 -41.82 34.65
N GLU D 667 -3.47 -41.45 34.88
CA GLU D 667 -3.11 -40.39 35.82
C GLU D 667 -2.78 -39.16 34.99
N THR D 668 -3.69 -38.19 35.00
CA THR D 668 -3.55 -36.98 34.19
C THR D 668 -4.45 -35.91 34.78
N THR D 669 -4.47 -34.76 34.13
CA THR D 669 -5.32 -33.64 34.51
C THR D 669 -6.58 -33.64 33.66
N LEU D 670 -7.69 -33.24 34.29
CA LEU D 670 -8.95 -33.21 33.56
C LEU D 670 -8.81 -32.41 32.26
N GLY D 671 -7.98 -31.36 32.28
CA GLY D 671 -7.78 -30.60 31.07
C GLY D 671 -7.22 -31.44 29.94
N ARG D 672 -6.25 -32.30 30.23
CA ARG D 672 -5.65 -33.10 29.17
C ARG D 672 -6.65 -34.13 28.65
N VAL D 673 -7.53 -34.64 29.51
CA VAL D 673 -8.60 -35.51 29.01
C VAL D 673 -9.54 -34.74 28.08
N MET D 674 -9.93 -33.53 28.49
CA MET D 674 -10.76 -32.71 27.61
C MET D 674 -10.09 -32.52 26.25
N PHE D 675 -8.79 -32.20 26.25
CA PHE D 675 -8.12 -31.97 24.97
C PHE D 675 -8.04 -33.24 24.14
N ASN D 676 -7.64 -34.36 24.75
CA ASN D 676 -7.55 -35.61 24.00
C ASN D 676 -8.91 -36.08 23.53
N GLU D 677 -9.99 -35.54 24.09
CA GLU D 677 -11.31 -35.87 23.58
C GLU D 677 -11.64 -35.15 22.28
N LEU D 678 -10.84 -34.16 21.88
CA LEU D 678 -11.06 -33.47 20.62
C LEU D 678 -10.41 -34.18 19.44
N LEU D 679 -9.25 -34.80 19.64
CA LEU D 679 -8.56 -35.49 18.56
C LEU D 679 -9.36 -36.71 18.12
N PRO D 680 -9.06 -37.24 16.93
CA PRO D 680 -9.83 -38.38 16.42
C PRO D 680 -9.86 -39.52 17.43
N LEU D 681 -10.71 -40.51 17.13
CA LEU D 681 -10.95 -41.59 18.08
C LEU D 681 -9.77 -42.55 18.16
N GLY D 682 -9.11 -42.84 17.04
CA GLY D 682 -8.04 -43.80 17.03
C GLY D 682 -6.69 -43.30 17.45
N TYR D 683 -6.53 -42.00 17.66
CA TYR D 683 -5.23 -41.44 18.00
C TYR D 683 -4.86 -41.82 19.43
N PRO D 684 -3.61 -42.21 19.70
CA PRO D 684 -3.22 -42.49 21.09
C PRO D 684 -3.45 -41.29 21.99
N PHE D 685 -3.29 -41.53 23.29
CA PHE D 685 -3.50 -40.50 24.30
C PHE D 685 -2.26 -39.63 24.39
N VAL D 686 -2.43 -38.33 24.17
CA VAL D 686 -1.33 -37.37 24.18
C VAL D 686 -1.32 -36.69 25.55
N ASN D 687 -0.36 -37.06 26.39
CA ASN D 687 -0.25 -36.52 27.74
C ASN D 687 1.00 -35.63 27.80
N LYS D 688 0.81 -34.37 27.43
CA LYS D 688 1.91 -33.41 27.41
C LYS D 688 1.35 -32.00 27.48
N GLN D 689 2.21 -31.06 27.87
CA GLN D 689 1.85 -29.66 27.83
C GLN D 689 1.97 -29.14 26.41
N MET D 690 0.89 -28.52 25.91
CA MET D 690 0.75 -28.27 24.48
C MET D 690 1.41 -26.95 24.08
N HIS D 691 2.74 -26.96 24.17
CA HIS D 691 3.53 -25.90 23.54
C HIS D 691 3.35 -25.95 22.03
N LYS D 692 3.46 -24.78 21.38
CA LYS D 692 3.08 -24.69 19.98
C LYS D 692 3.78 -25.73 19.12
N LYS D 693 5.03 -26.05 19.43
CA LYS D 693 5.72 -27.08 18.66
C LYS D 693 5.00 -28.42 18.75
N VAL D 694 4.49 -28.76 19.93
CA VAL D 694 3.81 -30.04 20.09
C VAL D 694 2.54 -30.07 19.26
N GLN D 695 1.78 -28.97 19.24
CA GLN D 695 0.59 -28.93 18.41
C GLN D 695 0.94 -29.04 16.94
N ALA D 696 2.02 -28.40 16.51
CA ALA D 696 2.45 -28.54 15.13
C ALA D 696 2.76 -29.99 14.80
N ALA D 697 3.48 -30.68 15.70
CA ALA D 697 3.79 -32.08 15.46
C ALA D 697 2.52 -32.92 15.38
N ILE D 698 1.57 -32.68 16.28
CA ILE D 698 0.34 -33.46 16.28
C ILE D 698 -0.43 -33.27 14.98
N ILE D 699 -0.59 -32.02 14.55
CA ILE D 699 -1.30 -31.77 13.31
C ILE D 699 -0.57 -32.38 12.12
N ASN D 700 0.75 -32.30 12.10
CA ASN D 700 1.50 -32.89 11.01
C ASN D 700 1.28 -34.40 10.95
N ASP D 701 1.32 -35.06 12.10
CA ASP D 701 1.11 -36.49 12.14
C ASP D 701 -0.30 -36.84 11.66
N LEU D 702 -1.30 -36.08 12.11
CA LEU D 702 -2.66 -36.34 11.65
C LEU D 702 -2.76 -36.22 10.15
N ALA D 703 -2.19 -35.15 9.58
CA ALA D 703 -2.25 -34.97 8.13
C ALA D 703 -1.55 -36.11 7.42
N GLU D 704 -0.42 -36.58 7.96
CA GLU D 704 0.30 -37.68 7.34
C GLU D 704 -0.53 -38.96 7.32
N ARG D 705 -1.21 -39.28 8.42
CA ARG D 705 -1.80 -40.60 8.59
C ARG D 705 -3.31 -40.65 8.39
N TYR D 706 -3.96 -39.54 8.09
CA TYR D 706 -5.41 -39.50 7.99
C TYR D 706 -5.82 -38.73 6.75
N PRO D 707 -7.07 -38.87 6.32
CA PRO D 707 -7.56 -38.06 5.20
C PRO D 707 -7.69 -36.60 5.57
N MET D 708 -8.00 -35.73 4.60
CA MET D 708 -7.98 -34.30 4.86
C MET D 708 -9.21 -33.85 5.63
N ILE D 709 -10.34 -34.54 5.46
CA ILE D 709 -11.57 -34.11 6.13
C ILE D 709 -11.41 -34.21 7.64
N VAL D 710 -10.80 -35.29 8.13
CA VAL D 710 -10.60 -35.44 9.56
C VAL D 710 -9.70 -34.35 10.10
N VAL D 711 -8.66 -33.99 9.35
CA VAL D 711 -7.78 -32.90 9.78
C VAL D 711 -8.56 -31.61 9.88
N ALA D 712 -9.43 -31.33 8.90
CA ALA D 712 -10.22 -30.11 8.94
C ALA D 712 -11.11 -30.08 10.18
N GLN D 713 -11.82 -31.16 10.44
CA GLN D 713 -12.71 -31.19 11.60
C GLN D 713 -11.92 -31.05 12.91
N THR D 714 -10.77 -31.70 12.99
CA THR D 714 -9.95 -31.61 14.19
C THR D 714 -9.47 -30.18 14.42
N VAL D 715 -9.02 -29.50 13.37
CA VAL D 715 -8.57 -28.12 13.58
C VAL D 715 -9.74 -27.24 13.99
N ASP D 716 -10.94 -27.50 13.45
CA ASP D 716 -12.10 -26.72 13.88
C ASP D 716 -12.36 -26.91 15.37
N LYS D 717 -12.39 -28.16 15.84
CA LYS D 717 -12.67 -28.39 17.25
C LYS D 717 -11.57 -27.80 18.14
N LEU D 718 -10.32 -27.89 17.70
CA LEU D 718 -9.23 -27.28 18.46
C LEU D 718 -9.42 -25.76 18.55
N LYS D 719 -9.82 -25.13 17.45
CA LYS D 719 -10.12 -23.70 17.50
C LYS D 719 -11.17 -23.41 18.55
N ASP D 720 -12.26 -24.18 18.53
CA ASP D 720 -13.34 -23.90 19.49
C ASP D 720 -12.84 -23.98 20.92
N ALA D 721 -12.14 -25.06 21.25
CA ALA D 721 -11.66 -25.21 22.63
C ALA D 721 -10.68 -24.11 23.00
N GLY D 722 -9.77 -23.78 22.08
CA GLY D 722 -8.77 -22.76 22.39
C GLY D 722 -9.41 -21.42 22.67
N PHE D 723 -10.35 -21.01 21.82
CA PHE D 723 -11.00 -19.72 22.05
C PHE D 723 -11.79 -19.74 23.35
N TYR D 724 -12.50 -20.84 23.63
CA TYR D 724 -13.31 -20.87 24.84
C TYR D 724 -12.44 -20.75 26.09
N TRP D 725 -11.26 -21.37 26.07
CA TRP D 725 -10.42 -21.36 27.27
C TRP D 725 -9.52 -20.14 27.38
N ALA D 726 -9.15 -19.49 26.27
CA ALA D 726 -8.29 -18.33 26.37
C ALA D 726 -8.95 -17.21 27.17
N THR D 727 -10.29 -17.19 27.22
CA THR D 727 -10.98 -16.18 28.00
C THR D 727 -10.78 -16.38 29.50
N ARG D 728 -10.72 -17.63 29.96
CA ARG D 728 -10.62 -17.94 31.38
C ARG D 728 -9.18 -17.98 31.87
N SER D 729 -8.21 -17.93 30.98
CA SER D 729 -6.81 -18.05 31.40
C SER D 729 -6.35 -16.87 32.25
N GLY D 730 -7.07 -15.76 32.22
CA GLY D 730 -6.65 -14.59 32.98
C GLY D 730 -5.35 -13.99 32.51
N VAL D 731 -5.17 -13.82 31.21
CA VAL D 731 -3.99 -13.18 30.65
C VAL D 731 -4.31 -11.71 30.42
N THR D 732 -3.91 -10.86 31.36
CA THR D 732 -4.12 -9.43 31.28
C THR D 732 -2.80 -8.73 31.53
N VAL D 733 -2.71 -7.48 31.07
CA VAL D 733 -1.50 -6.68 31.21
C VAL D 733 -1.83 -5.49 32.09
N SER D 734 -1.12 -5.36 33.20
CA SER D 734 -1.23 -4.21 34.07
C SER D 734 0.16 -3.92 34.63
N MET D 735 0.46 -2.64 34.85
CA MET D 735 1.82 -2.30 35.22
C MET D 735 2.26 -2.98 36.51
N ALA D 736 1.33 -3.49 37.31
CA ALA D 736 1.70 -4.31 38.45
C ALA D 736 2.16 -5.70 38.01
N ASP D 737 1.92 -6.08 36.76
CA ASP D 737 2.39 -7.35 36.23
C ASP D 737 3.71 -7.24 35.47
N VAL D 738 4.20 -6.03 35.23
CA VAL D 738 5.51 -5.83 34.60
C VAL D 738 6.49 -5.61 35.75
N LEU D 739 7.04 -6.70 36.27
CA LEU D 739 7.99 -6.61 37.38
C LEU D 739 9.34 -6.15 36.86
N VAL D 740 10.07 -5.45 37.71
CA VAL D 740 11.40 -4.95 37.36
C VAL D 740 12.45 -5.78 38.10
N PRO D 741 13.63 -5.98 37.54
CA PRO D 741 14.66 -6.76 38.22
C PRO D 741 15.01 -6.12 39.55
N PRO D 742 15.32 -6.93 40.57
CA PRO D 742 15.50 -6.35 41.92
C PRO D 742 16.80 -5.58 42.07
N ARG D 743 17.84 -5.93 41.33
CA ARG D 743 19.17 -5.35 41.49
C ARG D 743 19.70 -4.81 40.18
N LYS D 744 18.90 -4.02 39.47
CA LYS D 744 19.40 -3.38 38.26
C LYS D 744 20.47 -2.34 38.58
N LYS D 745 20.27 -1.57 39.65
CA LYS D 745 21.18 -0.48 39.95
C LYS D 745 22.59 -0.99 40.24
N GLU D 746 22.70 -2.08 40.99
CA GLU D 746 24.02 -2.61 41.32
C GLU D 746 24.78 -2.99 40.06
N ILE D 747 24.11 -3.71 39.15
CA ILE D 747 24.75 -4.15 37.93
C ILE D 747 25.15 -2.94 37.09
N LEU D 748 24.24 -1.97 36.96
CA LEU D 748 24.54 -0.81 36.13
C LEU D 748 25.72 -0.02 36.69
N ASP D 749 25.79 0.16 38.01
CA ASP D 749 26.95 0.82 38.59
C ASP D 749 28.23 0.03 38.35
N HIS D 750 28.16 -1.30 38.53
CA HIS D 750 29.35 -2.12 38.36
C HIS D 750 29.92 -1.97 36.96
N TYR D 751 29.07 -1.98 35.95
CA TYR D 751 29.57 -1.80 34.59
C TYR D 751 29.88 -0.35 34.25
N GLU D 752 29.22 0.61 34.91
CA GLU D 752 29.59 2.00 34.75
C GLU D 752 31.03 2.23 35.21
N GLU D 753 31.46 1.51 36.24
CA GLU D 753 32.85 1.63 36.67
C GLU D 753 33.80 1.22 35.55
N ARG D 754 33.52 0.11 34.89
CA ARG D 754 34.36 -0.34 33.79
C ARG D 754 34.37 0.69 32.65
N ALA D 755 33.20 1.23 32.34
CA ALA D 755 33.14 2.26 31.31
C ALA D 755 33.99 3.46 31.69
N ASP D 756 33.93 3.85 32.96
CA ASP D 756 34.72 4.98 33.44
C ASP D 756 36.21 4.71 33.27
N LYS D 757 36.65 3.51 33.63
CA LYS D 757 38.07 3.18 33.48
C LYS D 757 38.48 3.19 32.02
N VAL D 758 37.63 2.68 31.13
CA VAL D 758 37.98 2.70 29.70
C VAL D 758 38.10 4.13 29.22
N GLU D 759 37.16 4.99 29.62
CA GLU D 759 37.23 6.39 29.18
C GLU D 759 38.49 7.07 29.69
N LYS D 760 38.84 6.84 30.96
CA LYS D 760 40.06 7.43 31.50
C LYS D 760 41.29 6.94 30.75
N GLN D 761 41.31 5.66 30.38
CA GLN D 761 42.42 5.15 29.57
C GLN D 761 42.48 5.88 28.24
N PHE D 762 41.33 6.15 27.63
CA PHE D 762 41.35 6.87 26.37
C PHE D 762 41.91 8.27 26.54
N GLN D 763 41.49 8.94 27.62
CA GLN D 763 41.95 10.31 27.85
C GLN D 763 43.46 10.38 28.04
N ARG D 764 44.08 9.34 28.60
CA ARG D 764 45.53 9.31 28.80
C ARG D 764 46.28 8.83 27.57
N GLY D 765 45.59 8.63 26.45
CA GLY D 765 46.25 8.26 25.22
C GLY D 765 46.62 6.80 25.10
N ALA D 766 46.08 5.93 25.97
CA ALA D 766 46.39 4.52 25.89
C ALA D 766 45.79 3.85 24.66
N LEU D 767 44.79 4.46 24.04
CA LEU D 767 44.12 3.87 22.89
C LEU D 767 43.44 4.95 22.07
N ASN D 768 43.21 4.64 20.81
CA ASN D 768 42.62 5.60 19.88
C ASN D 768 41.10 5.63 20.05
N HIS D 769 40.42 6.35 19.17
CA HIS D 769 38.96 6.48 19.28
C HIS D 769 38.27 5.14 19.08
N ASP D 770 38.61 4.43 18.01
CA ASP D 770 37.90 3.20 17.67
C ASP D 770 38.07 2.16 18.76
N GLU D 771 39.26 2.05 19.35
CA GLU D 771 39.46 1.09 20.42
C GLU D 771 38.58 1.40 21.62
N ARG D 772 38.47 2.69 21.98
CA ARG D 772 37.59 3.07 23.07
C ARG D 772 36.15 2.70 22.76
N ASN D 773 35.69 3.01 21.55
CA ASN D 773 34.31 2.68 21.20
C ASN D 773 34.07 1.19 21.29
N GLU D 774 35.01 0.39 20.79
CA GLU D 774 34.84 -1.07 20.83
C GLU D 774 34.80 -1.57 22.27
N ALA D 775 35.69 -1.08 23.13
CA ALA D 775 35.71 -1.52 24.52
C ALA D 775 34.40 -1.18 25.22
N LEU D 776 33.92 0.05 25.04
CA LEU D 776 32.66 0.43 25.65
C LEU D 776 31.52 -0.44 25.13
N VAL D 777 31.53 -0.73 23.84
CA VAL D 777 30.48 -1.57 23.27
C VAL D 777 30.48 -2.94 23.95
N GLU D 778 31.66 -3.53 24.13
CA GLU D 778 31.72 -4.83 24.79
C GLU D 778 31.20 -4.76 26.21
N ILE D 779 31.63 -3.74 26.96
CA ILE D 779 31.21 -3.62 28.35
C ILE D 779 29.69 -3.54 28.44
N TRP D 780 29.09 -2.69 27.61
CA TRP D 780 27.65 -2.50 27.69
C TRP D 780 26.89 -3.71 27.18
N LYS D 781 27.44 -4.44 26.22
CA LYS D 781 26.80 -5.69 25.81
C LYS D 781 26.77 -6.68 26.97
N GLU D 782 27.87 -6.79 27.70
CA GLU D 782 27.88 -7.67 28.86
C GLU D 782 26.86 -7.21 29.89
N ALA D 783 26.76 -5.91 30.13
CA ALA D 783 25.78 -5.40 31.09
C ALA D 783 24.36 -5.75 30.64
N THR D 784 24.07 -5.60 29.36
CA THR D 784 22.75 -5.96 28.86
C THR D 784 22.45 -7.43 29.10
N ASP D 785 23.42 -8.30 28.81
CA ASP D 785 23.19 -9.71 29.00
C ASP D 785 22.95 -10.04 30.47
N GLU D 786 23.72 -9.43 31.37
CA GLU D 786 23.53 -9.70 32.80
C GLU D 786 22.16 -9.24 33.29
N VAL D 787 21.73 -8.04 32.88
CA VAL D 787 20.41 -7.57 33.31
C VAL D 787 19.33 -8.47 32.75
N GLY D 788 19.45 -8.89 31.50
CA GLY D 788 18.48 -9.82 30.94
C GLY D 788 18.42 -11.12 31.72
N GLN D 789 19.58 -11.64 32.12
CA GLN D 789 19.59 -12.89 32.88
C GLN D 789 18.89 -12.72 34.22
N ALA D 790 19.18 -11.62 34.92
CA ALA D 790 18.52 -11.39 36.20
C ALA D 790 17.01 -11.25 36.03
N LEU D 791 16.58 -10.56 34.98
CA LEU D 791 15.16 -10.42 34.70
C LEU D 791 14.52 -11.77 34.42
N ARG D 792 15.21 -12.62 33.66
CA ARG D 792 14.69 -13.96 33.39
C ARG D 792 14.53 -14.75 34.68
N GLU D 793 15.51 -14.63 35.57
CA GLU D 793 15.42 -15.33 36.85
C GLU D 793 14.28 -14.83 37.72
N HIS D 794 14.02 -13.52 37.74
CA HIS D 794 13.06 -12.98 38.70
C HIS D 794 11.62 -13.37 38.44
N TYR D 795 11.16 -13.35 37.18
CA TYR D 795 9.75 -13.55 36.91
C TYR D 795 9.29 -14.93 37.35
N PRO D 796 8.09 -15.04 37.93
CA PRO D 796 7.51 -16.37 38.17
C PRO D 796 7.17 -17.05 36.86
N ASP D 797 6.59 -18.25 36.93
CA ASP D 797 6.28 -19.01 35.72
C ASP D 797 4.85 -18.80 35.23
N ASP D 798 4.03 -18.05 35.97
CA ASP D 798 2.63 -17.84 35.61
C ASP D 798 2.31 -16.37 35.35
N ASN D 799 3.32 -15.51 35.23
CA ASN D 799 3.06 -14.13 34.87
C ASN D 799 2.46 -14.07 33.46
N PRO D 800 1.46 -13.21 33.23
CA PRO D 800 0.86 -13.18 31.88
C PRO D 800 1.85 -12.97 30.77
N ILE D 801 2.85 -12.10 30.97
CA ILE D 801 3.78 -11.78 29.90
C ILE D 801 4.63 -13.00 29.56
N ILE D 802 5.16 -13.67 30.58
CA ILE D 802 6.01 -14.82 30.30
C ILE D 802 5.15 -16.02 29.90
N THR D 803 3.89 -16.06 30.32
CA THR D 803 2.99 -17.09 29.82
C THR D 803 2.76 -16.93 28.33
N ILE D 804 2.58 -15.70 27.87
CA ILE D 804 2.42 -15.46 26.44
C ILE D 804 3.70 -15.78 25.69
N VAL D 805 4.84 -15.34 26.22
CA VAL D 805 6.10 -15.50 25.49
C VAL D 805 6.51 -16.96 25.42
N ASP D 806 6.46 -17.68 26.54
CA ASP D 806 6.97 -19.04 26.58
C ASP D 806 6.06 -20.04 25.91
N SER D 807 4.77 -19.76 25.80
CA SER D 807 3.84 -20.71 25.22
C SER D 807 3.85 -20.70 23.70
N GLY D 808 4.72 -19.89 23.08
CA GLY D 808 4.78 -19.83 21.64
C GLY D 808 3.67 -19.04 20.99
N ALA D 809 2.81 -18.39 21.78
CA ALA D 809 1.73 -17.63 21.18
C ALA D 809 2.26 -16.51 20.31
N THR D 810 3.16 -15.69 20.84
CA THR D 810 3.69 -14.57 20.08
C THR D 810 4.82 -13.91 20.85
N GLY D 811 5.78 -13.37 20.11
CA GLY D 811 6.85 -12.61 20.73
C GLY D 811 8.02 -13.47 21.15
N ASN D 812 9.12 -12.81 21.50
CA ASN D 812 10.31 -13.45 22.04
C ASN D 812 10.76 -12.71 23.29
N PHE D 813 11.81 -13.23 23.93
CA PHE D 813 12.25 -12.66 25.20
C PHE D 813 12.92 -11.31 25.06
N THR D 814 13.45 -10.99 23.87
CA THR D 814 14.11 -9.70 23.70
C THR D 814 13.15 -8.55 23.96
N GLN D 815 11.91 -8.67 23.47
CA GLN D 815 10.94 -7.62 23.70
C GLN D 815 10.57 -7.49 25.16
N THR D 816 10.49 -8.61 25.89
CA THR D 816 10.23 -8.52 27.32
C THR D 816 11.38 -7.81 28.04
N ARG D 817 12.61 -8.11 27.66
CA ARG D 817 13.74 -7.38 28.24
C ARG D 817 13.63 -5.89 27.95
N THR D 818 13.30 -5.54 26.70
CA THR D 818 13.15 -4.13 26.35
C THR D 818 12.04 -3.48 27.17
N LEU D 819 10.97 -4.22 27.47
CA LEU D 819 9.84 -3.69 28.19
C LEU D 819 10.12 -3.50 29.67
N ALA D 820 10.88 -4.40 30.29
CA ALA D 820 11.04 -4.36 31.74
C ALA D 820 12.45 -3.98 32.19
N GLY D 821 13.47 -4.67 31.69
CA GLY D 821 14.79 -4.53 32.26
C GLY D 821 15.64 -3.39 31.73
N MET D 822 15.99 -3.42 30.44
CA MET D 822 16.86 -2.39 29.89
C MET D 822 16.91 -2.55 28.38
N LYS D 823 16.91 -1.43 27.66
CA LYS D 823 16.85 -1.49 26.20
C LYS D 823 18.18 -1.90 25.61
N GLY D 824 19.27 -1.35 26.11
CA GLY D 824 20.59 -1.70 25.61
C GLY D 824 21.09 -0.78 24.53
N LEU D 825 22.06 -1.25 23.75
CA LEU D 825 22.69 -0.40 22.74
C LEU D 825 21.73 -0.09 21.61
N VAL D 826 21.92 1.08 20.99
CA VAL D 826 21.10 1.53 19.87
C VAL D 826 22.03 2.02 18.76
N THR D 827 21.47 2.17 17.56
CA THR D 827 22.27 2.36 16.37
C THR D 827 22.26 3.79 15.86
N ASN D 828 23.35 4.17 15.21
CA ASN D 828 23.51 5.44 14.52
C ASN D 828 22.93 5.34 13.12
N PRO D 829 22.74 6.46 12.42
CA PRO D 829 22.28 6.36 11.03
C PRO D 829 23.21 5.53 10.17
N LYS D 830 24.52 5.63 10.38
CA LYS D 830 25.47 4.83 9.62
C LYS D 830 25.29 3.34 9.90
N GLY D 831 25.06 2.98 11.16
CA GLY D 831 24.95 1.59 11.57
C GLY D 831 25.82 1.22 12.76
N GLU D 832 26.78 2.07 13.13
CA GLU D 832 27.61 1.80 14.29
C GLU D 832 26.82 2.03 15.58
N PHE D 833 27.13 1.24 16.61
CA PHE D 833 26.45 1.39 17.88
C PHE D 833 26.84 2.69 18.56
N ILE D 834 25.85 3.35 19.16
CA ILE D 834 26.09 4.51 20.01
C ILE D 834 26.67 3.99 21.33
N PRO D 835 27.80 4.50 21.80
CA PRO D 835 28.38 3.94 23.03
C PRO D 835 27.76 4.46 24.33
N ARG D 836 26.57 5.07 24.27
CA ARG D 836 26.09 5.75 25.47
C ARG D 836 25.92 4.75 26.62
N PRO D 837 25.01 3.77 26.55
CA PRO D 837 23.89 3.49 25.65
C PRO D 837 22.58 3.86 26.33
N VAL D 838 21.43 3.53 25.74
CA VAL D 838 20.18 3.68 26.47
C VAL D 838 20.25 2.84 27.73
N LYS D 839 19.64 3.33 28.81
CA LYS D 839 19.74 2.70 30.12
C LYS D 839 18.41 2.58 30.85
N SER D 840 17.31 2.98 30.23
CA SER D 840 16.00 2.98 30.88
C SER D 840 15.03 2.08 30.11
N SER D 841 14.18 1.40 30.87
CA SER D 841 13.20 0.50 30.29
C SER D 841 11.90 1.25 30.00
N PHE D 842 11.17 0.77 28.99
CA PHE D 842 9.95 1.47 28.59
C PHE D 842 8.92 1.57 29.69
N ARG D 843 9.00 0.73 30.73
CA ARG D 843 8.11 0.90 31.86
C ARG D 843 8.49 2.13 32.67
N GLU D 844 9.78 2.32 32.92
CA GLU D 844 10.22 3.49 33.68
C GLU D 844 10.12 4.77 32.86
N GLY D 845 10.22 4.66 31.55
CA GLY D 845 10.13 5.81 30.68
C GLY D 845 11.48 6.37 30.30
N LEU D 846 11.74 6.47 29.00
CA LEU D 846 12.98 7.03 28.53
C LEU D 846 13.02 8.53 28.77
N THR D 847 14.23 9.09 28.74
CA THR D 847 14.40 10.53 28.76
C THR D 847 14.36 11.07 27.33
N VAL D 848 14.74 12.33 27.16
CA VAL D 848 14.64 12.96 25.85
C VAL D 848 15.73 12.44 24.92
N LEU D 849 17.00 12.56 25.32
CA LEU D 849 18.09 12.15 24.45
C LEU D 849 17.99 10.68 24.08
N GLU D 850 17.65 9.83 25.06
CA GLU D 850 17.55 8.41 24.78
C GLU D 850 16.45 8.13 23.75
N TYR D 851 15.32 8.83 23.87
CA TYR D 851 14.25 8.69 22.89
C TYR D 851 14.72 9.10 21.51
N PHE D 852 15.49 10.20 21.43
CA PHE D 852 15.99 10.65 20.14
C PHE D 852 16.87 9.59 19.50
N ILE D 853 17.88 9.12 20.24
CA ILE D 853 18.79 8.13 19.69
C ILE D 853 18.09 6.81 19.42
N ASN D 854 16.91 6.59 20.00
CA ASN D 854 16.12 5.42 19.65
C ASN D 854 15.41 5.60 18.31
N THR D 855 14.76 6.75 18.11
CA THR D 855 14.11 7.00 16.83
C THR D 855 15.11 6.92 15.69
N HIS D 856 16.35 7.34 15.95
CA HIS D 856 17.43 7.20 14.98
C HIS D 856 17.37 5.88 14.23
N GLY D 857 17.40 4.77 14.96
CA GLY D 857 17.39 3.46 14.36
C GLY D 857 15.99 2.97 14.08
N ALA D 858 14.99 3.53 14.76
CA ALA D 858 13.62 3.08 14.53
C ALA D 858 13.16 3.39 13.11
N ARG D 859 13.52 4.55 12.58
CA ARG D 859 13.00 4.95 11.26
C ARG D 859 13.52 4.08 10.12
N LYS D 860 14.80 3.71 10.17
CA LYS D 860 15.37 2.94 9.07
C LYS D 860 14.67 1.60 8.90
N GLY D 861 14.10 1.07 9.98
CA GLY D 861 13.34 -0.15 9.88
C GLY D 861 12.16 -0.01 8.94
N LEU D 862 11.38 1.05 9.12
CA LEU D 862 10.25 1.28 8.21
C LEU D 862 10.73 1.53 6.79
N ALA D 863 11.79 2.33 6.63
CA ALA D 863 12.27 2.62 5.29
C ALA D 863 12.66 1.33 4.56
N ASP D 864 13.45 0.48 5.22
CA ASP D 864 13.86 -0.77 4.59
C ASP D 864 12.69 -1.71 4.38
N THR D 865 11.72 -1.71 5.30
CA THR D 865 10.54 -2.55 5.09
C THR D 865 9.86 -2.17 3.77
N ALA D 866 9.62 -0.88 3.56
CA ALA D 866 8.97 -0.44 2.33
C ALA D 866 9.79 -0.85 1.12
N LEU D 867 11.10 -0.53 1.12
CA LEU D 867 11.89 -0.78 -0.08
C LEU D 867 12.04 -2.27 -0.37
N ARG D 868 12.15 -3.10 0.67
CA ARG D 868 12.30 -4.54 0.42
C ARG D 868 10.98 -5.15 -0.05
N THR D 869 9.85 -4.72 0.51
CA THR D 869 8.58 -5.24 0.00
C THR D 869 8.37 -4.80 -1.44
N ALA D 870 8.97 -3.67 -1.82
CA ALA D 870 8.94 -3.26 -3.23
C ALA D 870 9.82 -4.18 -4.08
N ASP D 871 11.03 -4.46 -3.61
CA ASP D 871 11.97 -5.26 -4.39
C ASP D 871 11.51 -6.69 -4.59
N SER D 872 10.98 -7.32 -3.54
CA SER D 872 10.66 -8.75 -3.61
C SER D 872 9.77 -9.10 -4.79
N GLY D 873 8.85 -8.20 -5.15
CA GLY D 873 7.95 -8.46 -6.26
C GLY D 873 8.71 -8.64 -7.57
N TYR D 874 9.74 -7.83 -7.79
CA TYR D 874 10.53 -7.96 -9.01
C TYR D 874 11.18 -9.33 -9.09
N LEU D 875 11.77 -9.80 -8.00
CA LEU D 875 12.38 -11.12 -8.00
C LEU D 875 11.35 -12.21 -8.26
N THR D 876 10.19 -12.10 -7.61
CA THR D 876 9.16 -13.11 -7.84
C THR D 876 8.74 -13.12 -9.30
N ARG D 877 8.63 -11.94 -9.92
CA ARG D 877 8.21 -11.88 -11.32
C ARG D 877 9.24 -12.54 -12.22
N ARG D 878 10.52 -12.21 -12.03
CA ARG D 878 11.54 -12.82 -12.88
C ARG D 878 11.58 -14.33 -12.69
N LEU D 879 11.48 -14.80 -11.45
CA LEU D 879 11.48 -16.24 -11.21
C LEU D 879 10.29 -16.93 -11.88
N VAL D 880 9.11 -16.31 -11.80
CA VAL D 880 7.94 -16.91 -12.44
C VAL D 880 8.15 -16.96 -13.95
N ASP D 881 8.78 -15.94 -14.52
CA ASP D 881 8.91 -15.89 -15.97
C ASP D 881 10.02 -16.80 -16.49
N VAL D 882 10.99 -17.15 -15.64
CA VAL D 882 12.06 -18.03 -16.10
C VAL D 882 11.61 -19.48 -16.08
N SER D 883 10.77 -19.85 -15.12
CA SER D 883 10.42 -21.23 -14.85
C SER D 883 8.93 -21.48 -15.02
N GLN D 884 8.36 -21.01 -16.12
CA GLN D 884 6.93 -21.13 -16.37
C GLN D 884 6.59 -22.30 -17.28
N ASP D 885 7.58 -22.98 -17.86
CA ASP D 885 7.33 -24.07 -18.79
C ASP D 885 7.85 -25.41 -18.26
N VAL D 886 7.95 -25.55 -16.95
CA VAL D 886 8.34 -26.81 -16.32
C VAL D 886 7.05 -27.44 -15.81
N ILE D 887 6.53 -28.42 -16.55
CA ILE D 887 5.26 -29.06 -16.25
C ILE D 887 5.47 -30.56 -16.24
N VAL D 888 4.84 -31.24 -15.28
CA VAL D 888 4.95 -32.69 -15.19
C VAL D 888 4.21 -33.30 -16.37
N ARG D 889 4.92 -34.00 -17.24
CA ARG D 889 4.35 -34.51 -18.48
C ARG D 889 4.24 -36.03 -18.52
N GLU D 890 5.26 -36.76 -18.09
CA GLU D 890 5.24 -38.22 -18.08
C GLU D 890 5.10 -38.71 -16.64
N HIS D 891 4.87 -40.01 -16.49
CA HIS D 891 4.77 -40.61 -15.17
C HIS D 891 6.10 -41.13 -14.65
N ASP D 892 6.99 -41.61 -15.52
CA ASP D 892 8.29 -42.09 -15.07
C ASP D 892 9.22 -42.13 -16.27
N CYS D 893 10.30 -41.35 -16.21
CA CYS D 893 11.28 -41.34 -17.28
C CYS D 893 12.10 -42.62 -17.34
N GLN D 894 12.15 -43.39 -16.25
CA GLN D 894 12.91 -44.64 -16.20
C GLN D 894 14.39 -44.41 -16.51
N THR D 895 14.95 -43.36 -15.91
CA THR D 895 16.38 -43.12 -15.97
C THR D 895 17.06 -43.73 -14.75
N GLU D 896 18.39 -43.61 -14.70
CA GLU D 896 19.17 -44.09 -13.57
C GLU D 896 20.06 -43.04 -12.95
N ARG D 897 20.14 -41.84 -13.53
CA ARG D 897 20.95 -40.78 -12.96
C ARG D 897 20.30 -40.25 -11.69
N GLY D 898 21.11 -39.60 -10.85
CA GLY D 898 20.60 -39.03 -9.62
C GLY D 898 21.70 -38.36 -8.85
N ILE D 899 21.28 -37.60 -7.83
CA ILE D 899 22.20 -36.89 -6.96
C ILE D 899 22.37 -37.69 -5.68
N VAL D 900 23.36 -37.30 -4.87
CA VAL D 900 23.62 -37.95 -3.60
C VAL D 900 23.34 -36.96 -2.48
N VAL D 901 22.78 -37.47 -1.38
CA VAL D 901 22.41 -36.63 -0.25
C VAL D 901 23.27 -36.97 0.95
N GLU D 902 23.69 -35.94 1.69
CA GLU D 902 24.65 -36.13 2.77
C GLU D 902 24.12 -37.11 3.82
N LEU D 903 22.93 -36.85 4.34
CA LEU D 903 22.21 -37.80 5.17
C LEU D 903 23.05 -38.28 6.36
N ALA D 904 23.30 -37.34 7.27
CA ALA D 904 23.82 -37.65 8.61
C ALA D 904 25.19 -38.33 8.56
N GLU D 905 26.17 -37.55 8.10
CA GLU D 905 27.56 -37.99 8.11
C GLU D 905 27.96 -38.57 9.46
N ARG D 906 28.91 -39.50 9.46
CA ARG D 906 29.30 -40.22 10.66
C ARG D 906 30.11 -39.35 11.61
N ALA D 907 29.99 -39.64 12.90
CA ALA D 907 30.70 -38.92 13.94
C ALA D 907 32.17 -39.37 14.00
N PRO D 908 33.05 -38.53 14.54
CA PRO D 908 34.46 -38.93 14.63
C PRO D 908 34.70 -40.14 15.52
N ASP D 909 34.26 -40.08 16.78
CA ASP D 909 34.41 -41.21 17.69
C ASP D 909 33.58 -42.41 17.28
N GLY D 910 32.58 -42.21 16.42
CA GLY D 910 31.72 -43.28 15.98
C GLY D 910 30.30 -43.12 16.50
N THR D 911 29.43 -42.56 15.67
CA THR D 911 28.02 -42.38 16.00
C THR D 911 27.34 -41.71 14.81
N LEU D 912 26.03 -41.93 14.66
CA LEU D 912 25.28 -41.38 13.54
C LEU D 912 24.50 -40.16 14.03
N ILE D 913 25.16 -39.01 14.04
CA ILE D 913 24.50 -37.75 14.37
C ILE D 913 23.71 -37.30 13.15
N ARG D 914 22.39 -37.17 13.33
CA ARG D 914 21.53 -36.80 12.21
C ARG D 914 21.90 -35.40 11.71
N ASP D 915 21.94 -35.25 10.39
CA ASP D 915 22.20 -33.95 9.81
C ASP D 915 21.05 -33.02 10.17
N PRO D 916 21.32 -31.85 10.77
CA PRO D 916 20.21 -31.02 11.24
C PRO D 916 19.24 -30.61 10.14
N TYR D 917 19.76 -30.25 8.97
CA TYR D 917 18.92 -29.76 7.87
C TYR D 917 18.64 -30.90 6.90
N ILE D 918 17.93 -31.92 7.40
CA ILE D 918 17.55 -33.06 6.58
C ILE D 918 16.12 -32.94 6.06
N GLU D 919 15.26 -32.17 6.74
CA GLU D 919 13.88 -32.06 6.32
C GLU D 919 13.74 -31.34 4.98
N THR D 920 14.81 -30.73 4.49
CA THR D 920 14.78 -29.98 3.25
C THR D 920 15.76 -30.49 2.20
N SER D 921 16.37 -31.66 2.41
CA SER D 921 17.26 -32.24 1.41
C SER D 921 17.09 -33.73 1.20
N ALA D 922 16.38 -34.45 2.07
CA ALA D 922 16.26 -35.90 1.93
C ALA D 922 14.84 -36.42 2.03
N TYR D 923 13.93 -35.69 2.66
CA TYR D 923 12.53 -36.12 2.68
C TYR D 923 11.87 -35.82 1.33
N ALA D 924 10.82 -36.57 1.05
CA ALA D 924 10.01 -36.34 -0.15
C ALA D 924 10.83 -36.49 -1.43
N ARG D 925 11.66 -37.52 -1.47
CA ARG D 925 12.40 -37.88 -2.67
C ARG D 925 12.11 -39.33 -3.01
N THR D 926 12.66 -39.78 -4.12
CA THR D 926 12.53 -41.17 -4.55
C THR D 926 13.90 -41.75 -4.84
N LEU D 927 14.24 -42.85 -4.16
CA LEU D 927 15.56 -43.43 -4.31
C LEU D 927 15.79 -43.90 -5.74
N GLY D 928 17.01 -43.65 -6.23
CA GLY D 928 17.38 -44.05 -7.57
C GLY D 928 18.03 -45.42 -7.59
N THR D 929 18.78 -45.73 -6.55
CA THR D 929 19.42 -47.03 -6.37
C THR D 929 18.87 -47.70 -5.12
N ASP D 930 19.42 -48.87 -4.81
CA ASP D 930 19.07 -49.58 -3.59
C ASP D 930 20.07 -49.28 -2.50
N ALA D 931 19.62 -49.40 -1.25
CA ALA D 931 20.45 -49.15 -0.07
C ALA D 931 20.87 -50.50 0.50
N VAL D 932 22.18 -50.73 0.55
CA VAL D 932 22.74 -51.96 1.11
C VAL D 932 23.81 -51.59 2.11
N ASP D 933 23.80 -52.24 3.28
CA ASP D 933 24.72 -51.93 4.36
C ASP D 933 25.38 -53.20 4.87
N GLU D 934 26.70 -53.15 5.01
CA GLU D 934 27.47 -54.23 5.64
C GLU D 934 27.05 -55.59 5.09
N ALA D 935 26.97 -55.69 3.77
CA ALA D 935 26.60 -56.91 3.05
C ALA D 935 25.17 -57.36 3.33
N GLY D 936 24.38 -56.56 4.06
CA GLY D 936 23.02 -56.94 4.32
C GLY D 936 22.13 -56.78 3.10
N ASN D 937 20.94 -57.37 3.17
CA ASN D 937 19.98 -57.24 2.10
C ASN D 937 19.59 -55.77 1.90
N VAL D 938 18.87 -55.52 0.81
CA VAL D 938 18.44 -54.16 0.48
C VAL D 938 17.52 -53.65 1.58
N ILE D 939 17.89 -52.52 2.19
CA ILE D 939 17.06 -51.97 3.26
C ILE D 939 15.86 -51.24 2.68
N VAL D 940 16.07 -50.42 1.65
CA VAL D 940 14.99 -49.72 0.97
C VAL D 940 15.09 -50.02 -0.52
N GLU D 941 13.97 -50.43 -1.12
CA GLU D 941 13.96 -50.78 -2.53
C GLU D 941 13.98 -49.53 -3.39
N ARG D 942 14.34 -49.73 -4.66
CA ARG D 942 14.35 -48.63 -5.62
C ARG D 942 12.94 -48.07 -5.79
N GLY D 943 12.84 -46.74 -5.84
CA GLY D 943 11.55 -46.10 -6.01
C GLY D 943 10.67 -46.20 -4.79
N GLN D 944 11.04 -45.49 -3.71
CA GLN D 944 10.25 -45.43 -2.49
C GLN D 944 10.15 -43.98 -2.03
N ASP D 945 9.01 -43.66 -1.40
CA ASP D 945 8.73 -42.26 -1.07
C ASP D 945 9.75 -41.69 -0.10
N LEU D 946 10.41 -42.55 0.69
CA LEU D 946 11.45 -42.11 1.62
C LEU D 946 10.90 -41.11 2.63
N GLY D 947 9.96 -41.57 3.44
CA GLY D 947 9.38 -40.79 4.51
C GLY D 947 10.13 -40.96 5.82
N ASP D 948 9.48 -40.58 6.91
CA ASP D 948 10.11 -40.69 8.22
C ASP D 948 10.48 -42.12 8.57
N PRO D 949 9.59 -43.10 8.42
CA PRO D 949 9.99 -44.48 8.75
C PRO D 949 11.18 -44.95 7.94
N GLU D 950 11.24 -44.60 6.64
CA GLU D 950 12.34 -45.06 5.80
C GLU D 950 13.67 -44.44 6.25
N ILE D 951 13.67 -43.14 6.53
CA ILE D 951 14.92 -42.49 6.96
C ILE D 951 15.35 -43.05 8.31
N ASP D 952 14.40 -43.29 9.21
CA ASP D 952 14.74 -43.87 10.50
C ASP D 952 15.35 -45.26 10.32
N ALA D 953 14.76 -46.08 9.46
CA ALA D 953 15.30 -47.42 9.23
C ALA D 953 16.70 -47.33 8.61
N LEU D 954 16.90 -46.40 7.67
CA LEU D 954 18.21 -46.26 7.05
C LEU D 954 19.26 -45.89 8.09
N LEU D 955 18.96 -44.91 8.95
CA LEU D 955 19.92 -44.53 9.97
C LEU D 955 20.18 -45.69 10.93
N ALA D 956 19.14 -46.43 11.30
CA ALA D 956 19.33 -47.57 12.19
C ALA D 956 20.24 -48.61 11.55
N ALA D 957 20.08 -48.86 10.25
CA ALA D 957 20.94 -49.81 9.57
C ALA D 957 22.39 -49.36 9.57
N GLY D 958 22.63 -48.05 9.52
CA GLY D 958 23.98 -47.53 9.60
C GLY D 958 24.61 -47.18 8.26
N ILE D 959 23.88 -46.45 7.42
CA ILE D 959 24.41 -45.93 6.17
C ILE D 959 24.20 -44.43 6.14
N THR D 960 25.16 -43.72 5.56
CA THR D 960 25.18 -42.26 5.60
C THR D 960 24.82 -41.59 4.29
N GLN D 961 25.06 -42.22 3.14
CA GLN D 961 24.82 -41.59 1.85
C GLN D 961 23.86 -42.43 1.03
N VAL D 962 22.92 -41.76 0.37
CA VAL D 962 21.99 -42.40 -0.55
C VAL D 962 21.88 -41.56 -1.81
N LYS D 963 21.66 -42.24 -2.93
CA LYS D 963 21.45 -41.60 -4.22
C LYS D 963 19.96 -41.53 -4.51
N VAL D 964 19.45 -40.32 -4.70
CA VAL D 964 18.03 -40.08 -4.94
C VAL D 964 17.86 -39.40 -6.28
N ARG D 965 16.66 -39.53 -6.84
CA ARG D 965 16.33 -38.89 -8.09
C ARG D 965 16.06 -37.41 -7.88
N SER D 966 16.19 -36.63 -8.95
CA SER D 966 16.01 -35.19 -8.85
C SER D 966 15.71 -34.62 -10.23
N VAL D 967 14.98 -33.50 -10.23
CA VAL D 967 14.64 -32.86 -11.49
C VAL D 967 15.88 -32.45 -12.27
N LEU D 968 17.00 -32.25 -11.58
CA LEU D 968 18.23 -31.87 -12.27
C LEU D 968 18.67 -32.91 -13.28
N THR D 969 18.22 -34.16 -13.13
CA THR D 969 18.67 -35.26 -13.99
C THR D 969 17.52 -35.90 -14.76
N CYS D 970 16.32 -35.31 -14.71
CA CYS D 970 15.18 -35.89 -15.40
C CYS D 970 15.45 -35.93 -16.90
N ALA D 971 14.97 -36.99 -17.55
CA ALA D 971 15.34 -37.27 -18.93
C ALA D 971 14.21 -37.02 -19.92
N THR D 972 13.10 -36.43 -19.49
CA THR D 972 12.03 -36.13 -20.43
C THR D 972 12.41 -34.95 -21.31
N SER D 973 11.97 -34.99 -22.57
CA SER D 973 12.32 -33.94 -23.52
C SER D 973 11.78 -32.58 -23.08
N THR D 974 10.53 -32.55 -22.63
CA THR D 974 9.85 -31.31 -22.28
C THR D 974 9.17 -31.48 -20.93
N GLY D 975 9.67 -30.76 -19.93
CA GLY D 975 9.13 -30.85 -18.58
C GLY D 975 9.70 -32.04 -17.83
N VAL D 976 9.51 -32.01 -16.51
CA VAL D 976 10.03 -33.05 -15.64
C VAL D 976 9.07 -34.22 -15.63
N CYS D 977 9.54 -35.38 -15.16
CA CYS D 977 8.70 -36.54 -14.98
C CYS D 977 8.03 -36.47 -13.60
N ALA D 978 7.28 -37.51 -13.25
CA ALA D 978 6.57 -37.48 -11.97
C ALA D 978 7.43 -38.05 -10.85
N THR D 979 8.04 -39.22 -11.06
CA THR D 979 8.85 -39.81 -10.00
C THR D 979 10.03 -38.91 -9.67
N CYS D 980 10.66 -38.31 -10.68
CA CYS D 980 11.82 -37.45 -10.42
C CYS D 980 11.45 -36.31 -9.49
N TYR D 981 10.33 -35.64 -9.74
CA TYR D 981 9.90 -34.55 -8.87
C TYR D 981 9.61 -35.07 -7.47
N GLY D 982 8.95 -36.22 -7.37
CA GLY D 982 8.71 -36.85 -6.10
C GLY D 982 7.40 -36.43 -5.46
N ARG D 983 7.34 -36.64 -4.15
CA ARG D 983 6.14 -36.29 -3.40
C ARG D 983 5.82 -34.81 -3.57
N SER D 984 4.54 -34.52 -3.78
CA SER D 984 4.08 -33.14 -3.80
C SER D 984 3.88 -32.67 -2.37
N MET D 985 4.52 -31.55 -2.02
CA MET D 985 4.54 -31.11 -0.63
C MET D 985 3.15 -30.81 -0.08
N ALA D 986 2.25 -30.24 -0.87
CA ALA D 986 0.93 -29.86 -0.39
C ALA D 986 -0.03 -31.03 -0.28
N THR D 987 -0.05 -31.90 -1.29
CA THR D 987 -1.00 -33.01 -1.29
C THR D 987 -0.56 -34.14 -0.36
N GLY D 988 0.74 -34.36 -0.24
CA GLY D 988 1.26 -35.46 0.54
C GLY D 988 1.42 -36.75 -0.23
N LYS D 989 1.04 -36.79 -1.50
CA LYS D 989 1.19 -37.97 -2.35
C LYS D 989 2.01 -37.60 -3.58
N LEU D 990 2.23 -38.60 -4.44
CA LEU D 990 3.00 -38.38 -5.65
C LEU D 990 2.33 -37.32 -6.51
N VAL D 991 3.13 -36.42 -7.06
CA VAL D 991 2.59 -35.32 -7.85
C VAL D 991 1.79 -35.88 -9.02
N ASP D 992 0.84 -35.09 -9.51
CA ASP D 992 0.00 -35.51 -10.62
C ASP D 992 0.71 -35.27 -11.94
N ILE D 993 0.01 -35.52 -13.03
CA ILE D 993 0.59 -35.47 -14.37
C ILE D 993 0.21 -34.19 -15.10
N GLY D 994 -0.33 -33.21 -14.38
CA GLY D 994 -0.67 -31.94 -14.99
C GLY D 994 -0.25 -30.75 -14.15
N GLU D 995 0.30 -31.01 -12.97
CA GLU D 995 0.68 -29.94 -12.05
C GLU D 995 1.66 -28.99 -12.74
N ALA D 996 1.59 -27.71 -12.38
CA ALA D 996 2.54 -26.72 -12.88
C ALA D 996 3.56 -26.45 -11.79
N VAL D 997 4.56 -27.34 -11.68
CA VAL D 997 5.54 -27.22 -10.61
C VAL D 997 6.35 -25.94 -10.73
N GLY D 998 6.59 -25.45 -11.95
CA GLY D 998 7.45 -24.29 -12.11
C GLY D 998 6.94 -23.07 -11.37
N ILE D 999 5.66 -22.75 -11.53
CA ILE D 999 5.12 -21.57 -10.88
C ILE D 999 5.06 -21.76 -9.37
N VAL D 1000 4.79 -22.98 -8.91
CA VAL D 1000 4.79 -23.24 -7.48
C VAL D 1000 6.18 -22.96 -6.90
N ALA D 1001 7.22 -23.44 -7.58
CA ALA D 1001 8.58 -23.16 -7.11
C ALA D 1001 8.88 -21.67 -7.15
N ALA D 1002 8.47 -21.00 -8.22
CA ALA D 1002 8.76 -19.57 -8.33
C ALA D 1002 8.11 -18.80 -7.20
N GLN D 1003 6.87 -19.14 -6.84
CA GLN D 1003 6.21 -18.44 -5.76
C GLN D 1003 6.78 -18.81 -4.39
N SER D 1004 7.23 -20.05 -4.23
CA SER D 1004 7.74 -20.46 -2.91
C SER D 1004 9.12 -19.88 -2.64
N ILE D 1005 9.90 -19.62 -3.69
CA ILE D 1005 11.23 -19.04 -3.50
C ILE D 1005 11.15 -17.54 -3.41
N GLY D 1006 9.93 -16.99 -3.43
CA GLY D 1006 9.77 -15.56 -3.46
C GLY D 1006 8.73 -15.02 -2.50
N GLU D 1007 7.99 -15.89 -1.83
CA GLU D 1007 7.00 -15.44 -0.86
C GLU D 1007 7.69 -15.02 0.42
N PRO D 1008 8.60 -15.82 0.98
CA PRO D 1008 9.36 -15.34 2.14
C PRO D 1008 10.43 -14.35 1.73
N GLY D 1009 10.02 -13.24 1.16
CA GLY D 1009 10.96 -12.21 0.73
C GLY D 1009 10.89 -11.00 1.62
N THR D 1010 9.73 -10.78 2.24
CA THR D 1010 9.60 -9.71 3.21
C THR D 1010 10.35 -10.05 4.50
N GLN D 1011 10.19 -11.28 4.98
CA GLN D 1011 10.84 -11.71 6.22
C GLN D 1011 12.35 -11.59 6.08
N LEU D 1012 12.91 -12.07 4.98
CA LEU D 1012 14.33 -12.01 4.74
C LEU D 1012 14.80 -10.56 4.71
N THR D 1013 15.67 -10.19 5.64
CA THR D 1013 16.04 -8.78 5.80
C THR D 1013 16.95 -8.34 4.66
N MET D 1014 17.01 -7.02 4.44
CA MET D 1014 17.88 -6.44 3.42
C MET D 1014 19.29 -6.15 3.95
N ARG D 1015 19.61 -6.59 5.17
CA ARG D 1015 20.93 -6.35 5.76
C ARG D 1015 22.04 -6.69 4.76
N ASP D 1025 32.10 -6.07 2.46
CA ASP D 1025 31.24 -5.66 1.34
C ASP D 1025 30.52 -6.87 0.75
N ILE D 1026 30.44 -7.96 1.53
CA ILE D 1026 29.81 -9.18 1.06
C ILE D 1026 28.32 -9.10 1.34
N THR D 1027 27.52 -9.15 0.28
CA THR D 1027 26.08 -9.15 0.43
C THR D 1027 25.62 -10.37 1.22
N GLY D 1028 24.59 -10.19 2.03
CA GLY D 1028 24.11 -11.27 2.87
C GLY D 1028 22.62 -11.29 3.05
N GLY D 1029 21.89 -10.58 2.21
CA GLY D 1029 20.44 -10.51 2.29
C GLY D 1029 19.82 -10.72 0.93
N LEU D 1030 18.70 -10.05 0.69
CA LEU D 1030 18.03 -10.19 -0.60
C LEU D 1030 18.97 -9.91 -1.76
N PRO D 1031 19.86 -8.91 -1.71
CA PRO D 1031 20.80 -8.73 -2.81
C PRO D 1031 21.65 -9.96 -3.08
N ARG D 1032 21.98 -10.74 -2.04
CA ARG D 1032 22.73 -11.97 -2.28
C ARG D 1032 21.92 -12.95 -3.12
N VAL D 1033 20.63 -13.11 -2.81
CA VAL D 1033 19.80 -14.00 -3.61
C VAL D 1033 19.72 -13.51 -5.04
N GLN D 1034 19.53 -12.19 -5.22
CA GLN D 1034 19.43 -11.66 -6.58
C GLN D 1034 20.72 -11.91 -7.36
N GLU D 1035 21.87 -11.61 -6.75
CA GLU D 1035 23.13 -11.80 -7.47
C GLU D 1035 23.50 -13.27 -7.59
N LEU D 1036 22.83 -14.15 -6.86
CA LEU D 1036 23.00 -15.58 -7.09
C LEU D 1036 22.21 -16.03 -8.31
N PHE D 1037 20.90 -15.78 -8.32
CA PHE D 1037 20.11 -16.24 -9.44
C PHE D 1037 20.52 -15.57 -10.74
N GLU D 1038 20.83 -14.28 -10.70
CA GLU D 1038 21.29 -13.58 -11.90
C GLU D 1038 22.62 -14.08 -12.41
N ALA D 1039 23.35 -14.85 -11.60
CA ALA D 1039 24.65 -15.38 -12.02
C ALA D 1039 25.63 -14.27 -12.32
N ARG D 1040 25.53 -13.16 -11.60
CA ARG D 1040 26.50 -12.09 -11.73
C ARG D 1040 27.79 -12.47 -11.00
N VAL D 1041 28.88 -11.81 -11.38
CA VAL D 1041 30.13 -11.94 -10.65
C VAL D 1041 29.92 -11.30 -9.27
N PRO D 1042 30.24 -11.98 -8.17
CA PRO D 1042 29.97 -11.41 -6.85
C PRO D 1042 30.66 -10.06 -6.65
N ARG D 1043 30.15 -9.27 -5.70
CA ARG D 1043 30.78 -7.97 -5.42
C ARG D 1043 32.25 -8.15 -5.10
N GLY D 1044 32.55 -8.83 -4.00
CA GLY D 1044 33.92 -9.18 -3.67
C GLY D 1044 34.24 -10.59 -4.08
N LYS D 1045 34.93 -10.75 -5.21
CA LYS D 1045 35.25 -12.07 -5.70
C LYS D 1045 36.33 -12.72 -4.82
N ALA D 1046 36.36 -14.04 -4.83
CA ALA D 1046 37.37 -14.83 -4.12
C ALA D 1046 37.98 -15.84 -5.09
N PRO D 1047 39.21 -15.64 -5.53
CA PRO D 1047 39.80 -16.58 -6.50
C PRO D 1047 39.99 -17.96 -5.90
N ILE D 1048 39.33 -18.97 -6.49
CA ILE D 1048 39.47 -20.33 -6.01
C ILE D 1048 40.64 -21.00 -6.73
N ALA D 1049 41.10 -22.11 -6.18
CA ALA D 1049 42.22 -22.84 -6.77
C ALA D 1049 41.79 -23.48 -8.09
N ASP D 1050 42.79 -23.83 -8.90
CA ASP D 1050 42.57 -24.50 -10.17
C ASP D 1050 43.06 -25.93 -10.20
N VAL D 1051 44.14 -26.24 -9.46
CA VAL D 1051 44.75 -27.56 -9.50
C VAL D 1051 45.40 -27.81 -8.15
N THR D 1052 45.48 -29.09 -7.78
CA THR D 1052 45.95 -29.46 -6.46
C THR D 1052 47.45 -29.19 -6.33
N GLY D 1053 47.93 -29.26 -5.09
CA GLY D 1053 49.32 -29.05 -4.76
C GLY D 1053 49.47 -28.07 -3.63
N ARG D 1054 50.72 -27.66 -3.40
CA ARG D 1054 51.01 -26.66 -2.38
C ARG D 1054 50.94 -25.27 -2.97
N VAL D 1055 50.84 -24.28 -2.10
CA VAL D 1055 50.64 -22.89 -2.47
C VAL D 1055 51.76 -22.05 -1.86
N ARG D 1056 52.34 -21.17 -2.66
CA ARG D 1056 53.34 -20.21 -2.19
C ARG D 1056 52.70 -18.83 -2.10
N LEU D 1057 52.80 -18.21 -0.93
CA LEU D 1057 52.22 -16.91 -0.67
C LEU D 1057 53.32 -15.91 -0.34
N GLU D 1058 53.35 -14.81 -1.07
CA GLU D 1058 54.22 -13.67 -0.79
C GLU D 1058 53.32 -12.54 -0.31
N ASP D 1059 53.57 -12.06 0.90
CA ASP D 1059 52.81 -10.95 1.48
C ASP D 1059 53.43 -9.63 1.01
N GLY D 1060 53.20 -9.33 -0.26
CA GLY D 1060 53.69 -8.11 -0.83
C GLY D 1060 53.13 -6.89 -0.12
N GLU D 1061 53.49 -5.70 -0.59
CA GLU D 1061 53.05 -4.46 0.02
C GLU D 1061 51.83 -3.95 -0.72
N ARG D 1062 50.74 -3.72 0.02
CA ARG D 1062 49.47 -3.17 -0.45
C ARG D 1062 48.62 -4.22 -1.16
N PHE D 1063 49.11 -5.44 -1.34
CA PHE D 1063 48.31 -6.52 -1.92
C PHE D 1063 49.07 -7.83 -1.80
N TYR D 1064 48.32 -8.91 -1.54
CA TYR D 1064 48.93 -10.22 -1.41
C TYR D 1064 49.31 -10.76 -2.79
N LYS D 1065 50.08 -11.84 -2.80
CA LYS D 1065 50.46 -12.50 -4.05
C LYS D 1065 50.45 -14.00 -3.79
N ILE D 1066 49.67 -14.74 -4.58
CA ILE D 1066 49.51 -16.17 -4.37
C ILE D 1066 49.92 -16.90 -5.65
N THR D 1067 50.52 -18.08 -5.49
CA THR D 1067 50.85 -18.93 -6.62
C THR D 1067 50.59 -20.38 -6.26
N ILE D 1068 50.03 -21.12 -7.20
CA ILE D 1068 49.69 -22.52 -6.98
C ILE D 1068 50.77 -23.38 -7.61
N VAL D 1069 51.36 -24.27 -6.81
CA VAL D 1069 52.39 -25.19 -7.28
C VAL D 1069 51.69 -26.44 -7.80
N PRO D 1070 51.71 -26.71 -9.11
CA PRO D 1070 50.99 -27.88 -9.63
C PRO D 1070 51.74 -29.16 -9.33
N ASP D 1071 51.03 -30.15 -8.78
CA ASP D 1071 51.63 -31.46 -8.60
C ASP D 1071 52.01 -32.08 -9.94
N ASP D 1072 51.17 -31.86 -10.96
CA ASP D 1072 51.50 -32.34 -12.30
C ASP D 1072 52.76 -31.68 -12.83
N GLY D 1073 52.93 -30.38 -12.59
CA GLY D 1073 54.11 -29.65 -13.00
C GLY D 1073 54.00 -28.92 -14.32
N GLY D 1074 52.80 -28.83 -14.89
CA GLY D 1074 52.63 -28.17 -16.17
C GLY D 1074 52.85 -26.66 -16.12
N GLU D 1075 51.97 -25.95 -15.43
CA GLU D 1075 52.05 -24.50 -15.33
C GLU D 1075 51.59 -24.06 -13.95
N GLU D 1076 52.10 -22.92 -13.51
CA GLU D 1076 51.75 -22.35 -12.22
C GLU D 1076 50.75 -21.20 -12.41
N VAL D 1077 49.68 -21.23 -11.63
CA VAL D 1077 48.64 -20.22 -11.67
C VAL D 1077 48.96 -19.16 -10.61
N VAL D 1078 48.93 -17.90 -11.02
CA VAL D 1078 49.35 -16.78 -10.17
C VAL D 1078 48.19 -15.81 -10.03
N TYR D 1079 47.93 -15.37 -8.80
CA TYR D 1079 46.95 -14.34 -8.49
C TYR D 1079 47.70 -13.20 -7.83
N ASP D 1080 47.79 -12.06 -8.51
CA ASP D 1080 48.63 -10.96 -8.06
C ASP D 1080 47.84 -9.91 -7.28
N LYS D 1081 46.83 -9.30 -7.90
CA LYS D 1081 46.12 -8.19 -7.29
C LYS D 1081 45.01 -8.73 -6.39
N ILE D 1082 45.40 -9.02 -5.15
CA ILE D 1082 44.46 -9.40 -4.09
C ILE D 1082 44.68 -8.42 -2.94
N SER D 1083 43.63 -7.68 -2.59
CA SER D 1083 43.76 -6.65 -1.57
C SER D 1083 44.07 -7.25 -0.22
N LYS D 1084 44.98 -6.60 0.51
CA LYS D 1084 45.28 -7.01 1.88
C LYS D 1084 44.10 -6.83 2.81
N ARG D 1085 43.08 -6.07 2.41
CA ARG D 1085 41.90 -5.88 3.24
C ARG D 1085 41.07 -7.16 3.36
N GLN D 1086 41.37 -8.17 2.56
CA GLN D 1086 40.64 -9.43 2.64
C GLN D 1086 41.36 -10.38 3.59
N ARG D 1087 40.76 -11.55 3.84
CA ARG D 1087 41.29 -12.52 4.79
C ARG D 1087 41.50 -13.84 4.09
N LEU D 1088 42.50 -14.59 4.56
CA LEU D 1088 42.75 -15.93 4.07
C LEU D 1088 41.74 -16.90 4.70
N ARG D 1089 41.23 -17.81 3.89
CA ARG D 1089 40.22 -18.74 4.34
C ARG D 1089 40.82 -19.77 5.31
N VAL D 1090 39.98 -20.23 6.23
CA VAL D 1090 40.35 -21.26 7.20
C VAL D 1090 39.46 -22.47 6.97
N PHE D 1091 40.09 -23.63 6.81
CA PHE D 1091 39.37 -24.87 6.55
C PHE D 1091 39.88 -25.94 7.51
N LYS D 1092 38.99 -26.82 7.94
CA LYS D 1092 39.30 -27.84 8.94
C LYS D 1092 39.54 -27.20 10.30
N ARG D 1099 42.52 -24.24 10.63
CA ARG D 1099 43.76 -23.48 10.55
C ARG D 1099 43.75 -22.51 9.38
N VAL D 1100 44.20 -21.28 9.62
CA VAL D 1100 44.27 -20.30 8.55
C VAL D 1100 45.22 -20.80 7.47
N LEU D 1101 44.95 -20.39 6.23
CA LEU D 1101 45.80 -20.79 5.11
C LEU D 1101 47.26 -20.52 5.41
N SER D 1102 48.07 -21.57 5.38
CA SER D 1102 49.49 -21.50 5.66
C SER D 1102 50.28 -21.74 4.38
N ASP D 1103 51.41 -21.05 4.27
CA ASP D 1103 52.25 -21.20 3.10
C ASP D 1103 52.69 -22.66 2.95
N GLY D 1104 52.58 -23.18 1.74
CA GLY D 1104 52.93 -24.56 1.45
C GLY D 1104 51.84 -25.57 1.75
N ASP D 1105 50.74 -25.15 2.36
CA ASP D 1105 49.67 -26.09 2.67
C ASP D 1105 49.02 -26.61 1.40
N HIS D 1106 48.62 -27.87 1.44
CA HIS D 1106 48.02 -28.52 0.28
C HIS D 1106 46.61 -27.99 0.05
N VAL D 1107 46.27 -27.79 -1.23
CA VAL D 1107 44.95 -27.30 -1.61
C VAL D 1107 44.34 -28.27 -2.60
N GLU D 1108 43.01 -28.30 -2.63
CA GLU D 1108 42.27 -29.18 -3.52
C GLU D 1108 42.10 -28.54 -4.88
N VAL D 1109 41.36 -29.23 -5.76
CA VAL D 1109 41.19 -28.74 -7.13
C VAL D 1109 40.51 -27.38 -7.14
N GLY D 1110 39.54 -27.19 -6.24
CA GLY D 1110 38.79 -25.94 -6.18
C GLY D 1110 38.65 -25.38 -4.79
N GLN D 1111 39.68 -25.58 -3.95
CA GLN D 1111 39.67 -24.97 -2.63
C GLN D 1111 39.61 -23.45 -2.78
N GLN D 1112 38.82 -22.81 -1.91
CA GLN D 1112 38.65 -21.37 -1.95
C GLN D 1112 39.78 -20.71 -1.15
N LEU D 1113 40.61 -19.92 -1.84
CA LEU D 1113 41.77 -19.32 -1.19
C LEU D 1113 41.36 -18.18 -0.27
N MET D 1114 40.77 -17.13 -0.83
CA MET D 1114 40.26 -16.03 -0.03
C MET D 1114 38.91 -16.46 0.55
N GLU D 1115 38.17 -15.50 1.11
CA GLU D 1115 36.91 -15.84 1.77
C GLU D 1115 35.86 -14.78 1.48
N GLY D 1116 34.62 -15.22 1.32
CA GLY D 1116 33.49 -14.33 1.18
C GLY D 1116 32.50 -14.70 0.09
N SER D 1117 33.00 -15.26 -1.02
CA SER D 1117 32.11 -15.60 -2.12
C SER D 1117 32.82 -16.47 -3.15
N ALA D 1118 32.16 -16.74 -4.27
CA ALA D 1118 32.78 -17.39 -5.41
C ALA D 1118 32.00 -17.01 -6.65
N ASP D 1119 32.67 -17.03 -7.79
CA ASP D 1119 32.02 -16.69 -9.04
C ASP D 1119 31.42 -17.95 -9.66
N PRO D 1120 30.10 -18.05 -9.80
CA PRO D 1120 29.50 -19.30 -10.27
C PRO D 1120 30.02 -19.74 -11.63
N HIS D 1121 30.44 -18.79 -12.46
CA HIS D 1121 30.94 -19.15 -13.78
C HIS D 1121 32.22 -19.95 -13.74
N GLU D 1122 33.18 -19.55 -12.91
CA GLU D 1122 34.47 -20.24 -12.89
C GLU D 1122 34.33 -21.65 -12.32
N VAL D 1123 33.54 -21.81 -11.25
CA VAL D 1123 33.37 -23.13 -10.68
C VAL D 1123 32.77 -24.09 -11.70
N LEU D 1124 31.85 -23.59 -12.53
CA LEU D 1124 31.31 -24.43 -13.60
C LEU D 1124 32.41 -24.82 -14.58
N ARG D 1125 33.27 -23.87 -14.95
CA ARG D 1125 34.31 -24.17 -15.92
C ARG D 1125 35.32 -25.17 -15.38
N VAL D 1126 35.49 -25.22 -14.06
CA VAL D 1126 36.53 -26.04 -13.44
C VAL D 1126 36.02 -27.43 -13.06
N GLN D 1127 34.88 -27.49 -12.37
CA GLN D 1127 34.44 -28.73 -11.73
C GLN D 1127 33.22 -29.37 -12.38
N GLY D 1128 32.69 -28.81 -13.47
CA GLY D 1128 31.58 -29.41 -14.16
C GLY D 1128 30.23 -29.01 -13.60
N PRO D 1129 29.16 -29.44 -14.26
CA PRO D 1129 27.83 -28.93 -13.90
C PRO D 1129 27.37 -29.32 -12.50
N ARG D 1130 27.60 -30.56 -12.08
CA ARG D 1130 27.12 -31.00 -10.77
C ARG D 1130 27.62 -30.08 -9.67
N GLU D 1131 28.88 -29.67 -9.74
CA GLU D 1131 29.44 -28.83 -8.69
C GLU D 1131 28.73 -27.48 -8.63
N VAL D 1132 28.45 -26.86 -9.79
CA VAL D 1132 27.79 -25.57 -9.76
C VAL D 1132 26.35 -25.71 -9.28
N GLN D 1133 25.69 -26.82 -9.62
CA GLN D 1133 24.34 -27.04 -9.12
C GLN D 1133 24.33 -27.09 -7.59
N ILE D 1134 25.20 -27.94 -7.02
CA ILE D 1134 25.24 -28.05 -5.57
C ILE D 1134 25.62 -26.71 -4.95
N HIS D 1135 26.55 -25.99 -5.59
CA HIS D 1135 27.00 -24.70 -5.06
C HIS D 1135 25.85 -23.71 -4.97
N LEU D 1136 25.10 -23.53 -6.07
CA LEU D 1136 23.99 -22.58 -6.07
C LEU D 1136 22.94 -22.99 -5.04
N VAL D 1137 22.59 -24.28 -5.00
CA VAL D 1137 21.55 -24.70 -4.07
C VAL D 1137 22.00 -24.42 -2.64
N ARG D 1138 23.25 -24.75 -2.32
CA ARG D 1138 23.74 -24.56 -0.96
C ARG D 1138 23.78 -23.08 -0.59
N GLU D 1139 24.21 -22.23 -1.51
CA GLU D 1139 24.28 -20.80 -1.19
C GLU D 1139 22.90 -20.23 -0.92
N VAL D 1140 21.94 -20.50 -1.80
CA VAL D 1140 20.60 -19.96 -1.59
C VAL D 1140 20.00 -20.50 -0.31
N GLN D 1141 20.18 -21.80 -0.06
CA GLN D 1141 19.63 -22.37 1.17
C GLN D 1141 20.29 -21.79 2.40
N GLU D 1142 21.59 -21.50 2.34
CA GLU D 1142 22.24 -20.84 3.46
C GLU D 1142 21.58 -19.49 3.74
N VAL D 1143 21.38 -18.71 2.67
CA VAL D 1143 20.78 -17.38 2.86
C VAL D 1143 19.40 -17.51 3.49
N TYR D 1144 18.61 -18.48 3.06
CA TYR D 1144 17.26 -18.61 3.61
C TYR D 1144 17.29 -19.18 5.03
N ARG D 1145 18.17 -20.13 5.31
CA ARG D 1145 18.23 -20.74 6.63
C ARG D 1145 18.66 -19.72 7.68
N ALA D 1146 19.59 -18.83 7.32
CA ALA D 1146 20.11 -17.89 8.31
C ALA D 1146 18.99 -17.09 8.95
N GLN D 1147 17.88 -16.90 8.24
CA GLN D 1147 16.74 -16.17 8.78
C GLN D 1147 15.61 -17.09 9.27
N GLY D 1148 15.87 -18.39 9.39
CA GLY D 1148 14.88 -19.31 9.90
C GLY D 1148 13.67 -19.51 9.01
N VAL D 1149 13.88 -19.67 7.71
CA VAL D 1149 12.82 -19.96 6.75
C VAL D 1149 13.12 -21.29 6.10
N SER D 1150 12.12 -22.15 6.00
CA SER D 1150 12.29 -23.51 5.49
C SER D 1150 11.73 -23.57 4.07
N ILE D 1151 12.58 -23.90 3.10
CA ILE D 1151 12.20 -24.09 1.71
C ILE D 1151 12.77 -25.44 1.26
N HIS D 1152 11.90 -26.33 0.80
CA HIS D 1152 12.38 -27.61 0.31
C HIS D 1152 13.25 -27.40 -0.92
N ASP D 1153 14.29 -28.23 -1.06
CA ASP D 1153 15.29 -27.97 -2.08
C ASP D 1153 14.78 -28.15 -3.49
N LYS D 1154 13.73 -28.95 -3.71
CA LYS D 1154 13.36 -29.26 -5.08
C LYS D 1154 12.96 -28.01 -5.85
N HIS D 1155 12.44 -26.98 -5.19
CA HIS D 1155 12.09 -25.75 -5.89
C HIS D 1155 13.34 -25.06 -6.44
N ILE D 1156 14.34 -24.87 -5.58
CA ILE D 1156 15.57 -24.25 -6.02
C ILE D 1156 16.23 -25.10 -7.09
N GLU D 1157 16.09 -26.42 -6.98
CA GLU D 1157 16.64 -27.30 -8.01
C GLU D 1157 15.91 -27.11 -9.33
N VAL D 1158 14.59 -26.86 -9.29
CA VAL D 1158 13.85 -26.58 -10.51
C VAL D 1158 14.42 -25.33 -11.18
N ILE D 1159 14.59 -24.26 -10.42
CA ILE D 1159 15.10 -23.03 -11.01
C ILE D 1159 16.51 -23.23 -11.56
N VAL D 1160 17.37 -23.93 -10.81
CA VAL D 1160 18.73 -24.16 -11.27
C VAL D 1160 18.74 -25.04 -12.52
N ARG D 1161 17.79 -25.97 -12.63
CA ARG D 1161 17.63 -26.71 -13.87
C ARG D 1161 17.33 -25.76 -15.01
N GLN D 1162 16.44 -24.80 -14.78
CA GLN D 1162 16.10 -23.85 -15.82
C GLN D 1162 17.27 -22.95 -16.21
N MET D 1163 18.22 -22.71 -15.30
CA MET D 1163 19.34 -21.84 -15.65
C MET D 1163 20.36 -22.51 -16.55
N LEU D 1164 20.57 -23.83 -16.42
CA LEU D 1164 21.68 -24.53 -17.05
C LEU D 1164 21.26 -25.27 -18.32
N ARG D 1165 20.33 -24.69 -19.07
CA ARG D 1165 19.74 -25.44 -20.18
C ARG D 1165 20.55 -25.36 -21.46
N ARG D 1166 21.17 -24.22 -21.76
CA ARG D 1166 21.78 -23.98 -23.06
C ARG D 1166 23.28 -24.28 -23.03
N VAL D 1167 23.85 -24.37 -24.23
CA VAL D 1167 25.29 -24.57 -24.41
C VAL D 1167 25.80 -23.57 -25.44
N THR D 1168 27.09 -23.24 -25.31
CA THR D 1168 27.75 -22.28 -26.18
C THR D 1168 28.65 -23.01 -27.18
N ILE D 1169 28.63 -22.53 -28.41
CA ILE D 1169 29.37 -23.15 -29.51
C ILE D 1169 30.74 -22.51 -29.59
N ILE D 1170 31.79 -23.33 -29.66
CA ILE D 1170 33.16 -22.86 -29.81
C ILE D 1170 33.70 -23.14 -31.20
N ASP D 1171 33.34 -24.27 -31.79
CA ASP D 1171 33.76 -24.63 -33.15
C ASP D 1171 32.53 -24.92 -33.97
N SER D 1172 32.35 -24.17 -35.06
CA SER D 1172 31.15 -24.32 -35.88
C SER D 1172 31.06 -25.71 -36.51
N GLY D 1173 32.19 -26.23 -36.98
CA GLY D 1173 32.18 -27.46 -37.75
C GLY D 1173 31.47 -27.25 -39.07
N SER D 1174 30.47 -28.08 -39.36
CA SER D 1174 29.67 -27.95 -40.56
C SER D 1174 28.23 -27.57 -40.31
N THR D 1175 27.75 -27.66 -39.07
CA THR D 1175 26.37 -27.29 -38.77
C THR D 1175 26.18 -25.78 -38.94
N GLU D 1176 24.91 -25.36 -38.89
CA GLU D 1176 24.55 -23.97 -39.08
C GLU D 1176 24.44 -23.24 -37.73
N PHE D 1177 25.54 -23.26 -37.00
CA PHE D 1177 25.62 -22.59 -35.70
C PHE D 1177 26.82 -21.66 -35.69
N LEU D 1178 26.59 -20.40 -35.36
CA LEU D 1178 27.68 -19.42 -35.31
C LEU D 1178 28.38 -19.50 -33.96
N PRO D 1179 29.72 -19.63 -33.94
CA PRO D 1179 30.42 -19.63 -32.66
C PRO D 1179 30.09 -18.39 -31.85
N GLY D 1180 29.94 -18.57 -30.54
CA GLY D 1180 29.53 -17.51 -29.65
C GLY D 1180 28.04 -17.44 -29.41
N SER D 1181 27.24 -18.22 -30.13
CA SER D 1181 25.81 -18.25 -29.89
C SER D 1181 25.46 -19.35 -28.89
N LEU D 1182 24.38 -19.14 -28.14
CA LEU D 1182 23.91 -20.07 -27.12
C LEU D 1182 22.64 -20.74 -27.63
N ILE D 1183 22.67 -22.08 -27.67
CA ILE D 1183 21.53 -22.84 -28.20
C ILE D 1183 21.20 -23.98 -27.26
N ASP D 1184 19.96 -24.46 -27.36
CA ASP D 1184 19.47 -25.48 -26.45
C ASP D 1184 20.25 -26.76 -26.58
N ARG D 1185 20.45 -27.46 -25.47
CA ARG D 1185 21.27 -28.67 -25.48
C ARG D 1185 20.62 -29.76 -26.31
N ALA D 1186 19.30 -29.92 -26.21
CA ALA D 1186 18.64 -30.97 -26.97
C ALA D 1186 18.79 -30.73 -28.47
N GLU D 1187 18.62 -29.49 -28.91
CA GLU D 1187 18.81 -29.17 -30.32
C GLU D 1187 20.25 -29.44 -30.75
N PHE D 1188 21.22 -29.10 -29.89
CA PHE D 1188 22.61 -29.36 -30.20
C PHE D 1188 22.86 -30.86 -30.39
N GLU D 1189 22.34 -31.66 -29.48
CA GLU D 1189 22.50 -33.11 -29.59
C GLU D 1189 21.86 -33.63 -30.87
N ALA D 1190 20.64 -33.17 -31.17
CA ALA D 1190 19.95 -33.65 -32.37
C ALA D 1190 20.71 -33.27 -33.63
N GLU D 1191 21.22 -32.04 -33.68
CA GLU D 1191 21.92 -31.59 -34.88
C GLU D 1191 23.23 -32.33 -35.05
N ASN D 1192 23.97 -32.57 -33.97
CA ASN D 1192 25.18 -33.38 -34.08
C ASN D 1192 24.85 -34.79 -34.53
N ARG D 1193 23.74 -35.35 -34.03
CA ARG D 1193 23.34 -36.69 -34.47
C ARG D 1193 23.02 -36.71 -35.96
N ARG D 1194 22.35 -35.67 -36.46
CA ARG D 1194 22.05 -35.62 -37.88
C ARG D 1194 23.32 -35.42 -38.70
N VAL D 1195 24.29 -34.68 -38.17
CA VAL D 1195 25.49 -34.36 -38.94
C VAL D 1195 26.54 -35.47 -38.93
N VAL D 1196 26.55 -36.33 -37.92
CA VAL D 1196 27.49 -37.44 -37.93
C VAL D 1196 27.26 -38.31 -39.17
N ALA D 1197 26.00 -38.49 -39.54
CA ALA D 1197 25.69 -39.02 -40.86
C ALA D 1197 25.99 -37.96 -41.92
N GLU D 1198 26.28 -38.41 -43.14
CA GLU D 1198 26.68 -37.53 -44.22
C GLU D 1198 28.08 -36.96 -43.97
N GLY D 1199 28.93 -37.75 -43.32
CA GLY D 1199 30.28 -37.34 -43.00
C GLY D 1199 30.46 -37.03 -41.53
N GLY D 1200 31.72 -37.02 -41.10
CA GLY D 1200 32.06 -36.80 -39.72
C GLY D 1200 32.61 -35.40 -39.45
N GLU D 1201 31.82 -34.59 -38.75
CA GLU D 1201 32.23 -33.22 -38.41
C GLU D 1201 31.37 -32.71 -37.27
N PRO D 1202 31.58 -33.20 -36.05
CA PRO D 1202 30.77 -32.73 -34.92
C PRO D 1202 31.05 -31.27 -34.59
N ALA D 1203 30.06 -30.64 -33.97
CA ALA D 1203 30.20 -29.27 -33.49
C ALA D 1203 30.68 -29.28 -32.04
N ALA D 1204 31.56 -28.34 -31.72
CA ALA D 1204 32.14 -28.25 -30.39
C ALA D 1204 31.31 -27.33 -29.50
N GLY D 1205 30.82 -27.88 -28.38
CA GLY D 1205 30.02 -27.12 -27.46
C GLY D 1205 30.55 -27.22 -26.05
N ARG D 1206 30.19 -26.23 -25.24
CA ARG D 1206 30.61 -26.15 -23.86
C ARG D 1206 29.40 -25.72 -23.00
N PRO D 1207 29.24 -26.31 -21.82
CA PRO D 1207 28.14 -25.87 -20.95
C PRO D 1207 28.29 -24.42 -20.55
N VAL D 1208 27.16 -23.74 -20.37
CA VAL D 1208 27.14 -22.33 -20.01
C VAL D 1208 26.09 -22.11 -18.93
N LEU D 1209 26.32 -21.08 -18.12
CA LEU D 1209 25.40 -20.68 -17.06
C LEU D 1209 24.78 -19.34 -17.45
N MET D 1210 23.47 -19.22 -17.30
CA MET D 1210 22.75 -18.02 -17.69
C MET D 1210 21.83 -17.56 -16.57
N GLY D 1211 21.76 -16.24 -16.38
CA GLY D 1211 20.88 -15.67 -15.39
C GLY D 1211 19.43 -15.91 -15.75
N ILE D 1212 18.55 -15.53 -14.83
CA ILE D 1212 17.13 -15.77 -15.03
C ILE D 1212 16.50 -14.76 -15.98
N THR D 1213 17.16 -13.64 -16.27
CA THR D 1213 16.64 -12.70 -17.25
C THR D 1213 17.04 -13.08 -18.67
N LYS D 1214 18.32 -13.36 -18.89
CA LYS D 1214 18.76 -13.77 -20.23
C LYS D 1214 18.05 -15.04 -20.67
N ALA D 1215 17.91 -16.01 -19.76
CA ALA D 1215 17.20 -17.24 -20.11
C ALA D 1215 15.75 -16.95 -20.47
N SER D 1216 15.10 -16.07 -19.72
CA SER D 1216 13.71 -15.73 -20.01
C SER D 1216 13.58 -15.08 -21.39
N LEU D 1217 14.48 -14.15 -21.72
CA LEU D 1217 14.34 -13.40 -22.96
C LEU D 1217 14.81 -14.20 -24.18
N ALA D 1218 15.47 -15.33 -23.98
CA ALA D 1218 15.92 -16.13 -25.11
C ALA D 1218 14.85 -17.16 -25.47
N THR D 1219 13.65 -17.01 -24.91
CA THR D 1219 12.59 -17.99 -25.13
C THR D 1219 12.26 -18.09 -26.62
N ASP D 1220 11.59 -19.17 -26.98
CA ASP D 1220 11.28 -19.43 -28.38
C ASP D 1220 10.02 -18.73 -28.86
N SER D 1221 9.23 -18.15 -27.97
CA SER D 1221 8.01 -17.44 -28.34
C SER D 1221 8.26 -15.94 -28.22
N TRP D 1222 8.13 -15.22 -29.33
CA TRP D 1222 8.35 -13.79 -29.29
C TRP D 1222 7.24 -13.06 -28.54
N LEU D 1223 6.05 -13.65 -28.43
CA LEU D 1223 4.97 -13.01 -27.69
C LEU D 1223 5.31 -12.95 -26.20
N SER D 1224 5.74 -14.07 -25.63
CA SER D 1224 6.08 -14.09 -24.21
C SER D 1224 7.25 -13.16 -23.91
N ALA D 1225 8.33 -13.26 -24.69
CA ALA D 1225 9.48 -12.39 -24.46
C ALA D 1225 9.10 -10.93 -24.60
N ALA D 1226 8.26 -10.61 -25.60
CA ALA D 1226 7.83 -9.24 -25.77
C ALA D 1226 7.03 -8.76 -24.56
N SER D 1227 6.21 -9.62 -23.99
CA SER D 1227 5.43 -9.24 -22.83
C SER D 1227 6.25 -9.21 -21.55
N PHE D 1228 7.46 -9.77 -21.54
CA PHE D 1228 8.25 -9.80 -20.31
C PHE D 1228 9.03 -8.51 -20.10
N GLN D 1229 9.96 -8.20 -21.00
CA GLN D 1229 10.82 -7.03 -20.85
C GLN D 1229 11.41 -6.65 -22.19
N GLU D 1230 11.88 -5.41 -22.28
CA GLU D 1230 12.53 -4.92 -23.49
C GLU D 1230 11.62 -5.11 -24.70
N THR D 1231 10.41 -4.59 -24.60
CA THR D 1231 9.42 -4.83 -25.63
C THR D 1231 9.92 -4.39 -27.00
N THR D 1232 10.53 -3.21 -27.06
CA THR D 1232 10.97 -2.66 -28.35
C THR D 1232 12.02 -3.57 -28.99
N ARG D 1233 13.04 -3.97 -28.23
CA ARG D 1233 14.10 -4.78 -28.80
C ARG D 1233 13.58 -6.14 -29.24
N VAL D 1234 12.76 -6.78 -28.41
CA VAL D 1234 12.23 -8.09 -28.77
C VAL D 1234 11.40 -7.99 -30.04
N LEU D 1235 10.51 -7.00 -30.10
CA LEU D 1235 9.68 -6.86 -31.29
C LEU D 1235 10.51 -6.61 -32.52
N THR D 1236 11.51 -5.72 -32.44
CA THR D 1236 12.25 -5.38 -33.65
C THR D 1236 13.08 -6.57 -34.14
N ASP D 1237 13.74 -7.30 -33.23
CA ASP D 1237 14.54 -8.42 -33.71
C ASP D 1237 13.65 -9.56 -34.22
N ALA D 1238 12.51 -9.80 -33.58
CA ALA D 1238 11.58 -10.79 -34.10
C ALA D 1238 11.09 -10.41 -35.48
N ALA D 1239 10.78 -9.13 -35.68
CA ALA D 1239 10.34 -8.68 -37.00
C ALA D 1239 11.41 -8.90 -38.04
N ILE D 1240 12.67 -8.59 -37.70
CA ILE D 1240 13.75 -8.80 -38.66
C ILE D 1240 13.87 -10.28 -39.01
N ASN D 1241 13.88 -11.15 -38.00
CA ASN D 1241 14.10 -12.57 -38.26
C ASN D 1241 12.87 -13.28 -38.80
N CYS D 1242 11.71 -12.63 -38.82
CA CYS D 1242 10.48 -13.25 -39.31
C CYS D 1242 10.17 -14.53 -38.53
N ARG D 1243 10.21 -14.42 -37.20
CA ARG D 1243 9.93 -15.56 -36.35
C ARG D 1243 8.43 -15.83 -36.28
N SER D 1244 8.08 -17.11 -36.32
CA SER D 1244 6.70 -17.56 -36.19
C SER D 1244 6.56 -18.24 -34.84
N ASP D 1245 5.65 -17.75 -34.01
CA ASP D 1245 5.50 -18.23 -32.64
C ASP D 1245 4.45 -19.32 -32.59
N LYS D 1246 4.92 -20.56 -32.51
CA LYS D 1246 4.03 -21.66 -32.16
C LYS D 1246 3.43 -21.39 -30.81
N LEU D 1247 2.11 -21.57 -30.69
CA LEU D 1247 1.39 -21.21 -29.46
C LEU D 1247 1.49 -22.38 -28.49
N ASN D 1248 2.52 -22.33 -27.64
CA ASN D 1248 2.69 -23.26 -26.53
C ASN D 1248 3.30 -22.50 -25.37
N GLY D 1249 2.83 -22.80 -24.18
CA GLY D 1249 3.28 -22.13 -22.98
C GLY D 1249 2.10 -21.88 -22.07
N LEU D 1250 2.24 -20.87 -21.22
CA LEU D 1250 1.11 -20.45 -20.37
C LEU D 1250 0.80 -18.97 -20.46
N LYS D 1251 1.73 -18.12 -20.89
CA LYS D 1251 1.44 -16.70 -20.99
C LYS D 1251 0.72 -16.35 -22.28
N GLU D 1252 1.15 -16.91 -23.42
CA GLU D 1252 0.47 -16.60 -24.67
C GLU D 1252 -0.94 -17.16 -24.70
N ASN D 1253 -1.16 -18.35 -24.16
CA ASN D 1253 -2.51 -18.88 -24.12
C ASN D 1253 -3.40 -18.10 -23.17
N VAL D 1254 -2.82 -17.43 -22.18
CA VAL D 1254 -3.60 -16.48 -21.38
C VAL D 1254 -3.91 -15.24 -22.20
N ILE D 1255 -2.94 -14.76 -22.98
CA ILE D 1255 -3.15 -13.55 -23.77
C ILE D 1255 -4.29 -13.76 -24.76
N ILE D 1256 -4.25 -14.84 -25.52
CA ILE D 1256 -5.23 -15.04 -26.59
C ILE D 1256 -6.50 -15.72 -26.11
N GLY D 1257 -6.71 -15.82 -24.81
CA GLY D 1257 -7.96 -16.35 -24.30
C GLY D 1257 -8.24 -17.79 -24.66
N LYS D 1258 -7.27 -18.67 -24.50
CA LYS D 1258 -7.43 -20.09 -24.75
C LYS D 1258 -6.92 -20.88 -23.55
N LEU D 1259 -7.41 -22.11 -23.41
CA LEU D 1259 -7.13 -22.91 -22.23
C LEU D 1259 -5.64 -23.14 -22.08
N ILE D 1260 -5.12 -22.93 -20.88
CA ILE D 1260 -3.69 -23.15 -20.64
C ILE D 1260 -3.37 -24.63 -20.84
N PRO D 1261 -2.22 -24.99 -21.41
CA PRO D 1261 -1.90 -26.41 -21.58
C PRO D 1261 -1.28 -27.01 -20.34
N ALA D 1262 -1.92 -26.82 -19.20
CA ALA D 1262 -1.49 -27.41 -17.94
C ALA D 1262 -2.73 -27.56 -17.07
N GLY D 1263 -2.57 -28.16 -15.91
CA GLY D 1263 -3.71 -28.34 -15.03
C GLY D 1263 -4.84 -29.08 -15.71
N THR D 1264 -6.06 -28.57 -15.58
CA THR D 1264 -7.23 -29.24 -16.13
C THR D 1264 -7.27 -29.14 -17.65
N GLY D 1265 -6.43 -28.29 -18.24
CA GLY D 1265 -6.48 -28.01 -19.66
C GLY D 1265 -5.79 -29.01 -20.55
N ILE D 1266 -4.96 -29.90 -20.01
CA ILE D 1266 -4.20 -30.83 -20.82
C ILE D 1266 -5.16 -31.80 -21.49
N ASN D 1267 -4.71 -32.44 -22.57
CA ASN D 1267 -5.56 -33.32 -23.37
C ASN D 1267 -6.10 -34.51 -22.58
N ARG D 1268 -5.31 -35.11 -21.70
CA ARG D 1268 -5.72 -36.34 -21.03
C ARG D 1268 -7.01 -36.13 -20.24
N TYR D 1269 -7.12 -34.99 -19.56
CA TYR D 1269 -8.29 -34.69 -18.75
C TYR D 1269 -9.31 -33.83 -19.47
N ARG D 1270 -8.93 -33.18 -20.58
CA ARG D 1270 -9.82 -32.28 -21.28
C ARG D 1270 -10.77 -33.00 -22.24
N ASN D 1271 -10.53 -34.27 -22.55
CA ASN D 1271 -11.34 -35.02 -23.48
C ASN D 1271 -11.92 -36.27 -22.83
N ILE D 1272 -12.19 -36.20 -21.53
CA ILE D 1272 -12.77 -37.32 -20.81
C ILE D 1272 -14.18 -37.57 -21.36
N ALA D 1273 -14.63 -38.82 -21.33
CA ALA D 1273 -15.95 -39.16 -21.83
C ALA D 1273 -16.71 -39.88 -20.72
N VAL D 1274 -17.77 -39.25 -20.23
CA VAL D 1274 -18.56 -39.79 -19.14
C VAL D 1274 -19.81 -40.45 -19.72
N GLN D 1275 -20.24 -41.54 -19.09
CA GLN D 1275 -21.34 -42.34 -19.62
C GLN D 1275 -21.93 -43.23 -18.54
N PRO D 1276 -23.24 -43.24 -18.35
CA PRO D 1276 -23.83 -44.08 -17.29
C PRO D 1276 -23.53 -45.55 -17.52
N THR D 1277 -23.42 -46.29 -16.41
CA THR D 1277 -23.14 -47.72 -16.49
C THR D 1277 -24.35 -48.46 -17.04
N GLU D 1278 -24.10 -49.66 -17.57
CA GLU D 1278 -25.17 -50.42 -18.21
C GLU D 1278 -26.20 -50.91 -17.18
N GLU D 1279 -25.75 -51.28 -15.98
CA GLU D 1279 -26.71 -51.70 -14.96
C GLU D 1279 -27.68 -50.58 -14.63
N ALA D 1280 -27.16 -49.37 -14.43
CA ALA D 1280 -28.03 -48.23 -14.16
C ALA D 1280 -28.92 -47.93 -15.35
N ARG D 1281 -28.38 -48.07 -16.56
CA ARG D 1281 -29.19 -47.84 -17.76
C ARG D 1281 -30.38 -48.79 -17.78
N ALA D 1282 -30.15 -50.06 -17.43
CA ALA D 1282 -31.24 -51.03 -17.37
C ALA D 1282 -32.23 -50.67 -16.27
N ALA D 1283 -31.73 -50.35 -15.08
CA ALA D 1283 -32.62 -50.00 -13.98
C ALA D 1283 -33.40 -48.74 -14.29
N ALA D 1284 -32.75 -47.73 -14.86
CA ALA D 1284 -33.39 -46.48 -15.20
C ALA D 1284 -34.06 -45.86 -13.98
N GLY E 28 -13.05 -41.63 9.85
CA GLY E 28 -14.02 -41.43 10.90
C GLY E 28 -14.71 -40.08 10.83
N TYR E 29 -15.06 -39.66 9.62
CA TYR E 29 -15.74 -38.38 9.43
C TYR E 29 -17.04 -38.35 10.22
N ASP E 30 -17.26 -37.26 10.96
CA ASP E 30 -18.44 -37.19 11.83
C ASP E 30 -19.73 -37.17 11.02
N THR E 31 -20.03 -36.06 10.35
CA THR E 31 -21.22 -35.93 9.52
C THR E 31 -21.06 -34.73 8.60
N PRO E 32 -20.34 -34.87 7.48
CA PRO E 32 -20.09 -33.70 6.63
C PRO E 32 -21.39 -33.06 6.18
N LEU E 33 -21.38 -31.73 6.13
CA LEU E 33 -22.58 -30.94 5.82
C LEU E 33 -22.26 -29.95 4.71
N GLY E 34 -23.10 -29.90 3.70
CA GLY E 34 -22.99 -28.89 2.67
C GLY E 34 -21.98 -29.24 1.60
N ILE E 35 -21.24 -28.21 1.20
CA ILE E 35 -20.35 -28.28 0.05
C ILE E 35 -19.25 -29.30 0.27
N THR E 36 -19.03 -29.71 1.53
CA THR E 36 -18.01 -30.69 1.85
C THR E 36 -18.47 -32.14 1.73
N ASN E 37 -19.72 -32.40 1.40
CA ASN E 37 -20.28 -33.73 1.33
C ASN E 37 -20.52 -34.13 -0.11
N PRO E 38 -19.99 -35.28 -0.59
CA PRO E 38 -19.22 -36.31 0.10
C PRO E 38 -17.75 -35.95 0.32
N PRO E 39 -17.05 -36.69 1.17
CA PRO E 39 -15.63 -36.38 1.42
C PRO E 39 -14.82 -36.51 0.15
N ILE E 40 -13.81 -35.63 0.04
CA ILE E 40 -13.02 -35.57 -1.20
C ILE E 40 -12.18 -36.83 -1.37
N ASP E 41 -11.70 -37.42 -0.27
CA ASP E 41 -10.82 -38.58 -0.40
C ASP E 41 -11.51 -39.75 -1.08
N GLU E 42 -12.76 -40.02 -0.70
CA GLU E 42 -13.46 -41.13 -1.31
C GLU E 42 -13.70 -40.88 -2.79
N LEU E 43 -13.86 -39.63 -3.19
CA LEU E 43 -13.98 -39.32 -4.61
C LEU E 43 -12.65 -39.55 -5.32
N LEU E 44 -11.56 -39.00 -4.78
CA LEU E 44 -10.25 -39.20 -5.40
C LEU E 44 -9.91 -40.68 -5.50
N ASP E 45 -10.49 -41.51 -4.63
CA ASP E 45 -10.33 -42.95 -4.78
C ASP E 45 -10.80 -43.44 -6.14
N ARG E 46 -11.79 -42.77 -6.74
CA ARG E 46 -12.39 -43.24 -7.98
C ARG E 46 -11.59 -42.90 -9.23
N VAL E 47 -10.66 -41.96 -9.14
CA VAL E 47 -9.94 -41.49 -10.33
C VAL E 47 -8.44 -41.49 -10.10
N SER E 48 -7.69 -41.11 -11.13
CA SER E 48 -6.23 -41.01 -11.00
C SER E 48 -5.83 -39.78 -10.18
N SER E 49 -6.35 -38.61 -10.55
CA SER E 49 -5.99 -37.36 -9.91
C SER E 49 -7.21 -36.46 -9.85
N LYS E 50 -7.15 -35.48 -8.96
CA LYS E 50 -8.26 -34.53 -8.82
C LYS E 50 -8.60 -33.87 -10.13
N TYR E 51 -7.62 -33.68 -11.01
CA TYR E 51 -7.89 -33.03 -12.29
C TYR E 51 -8.92 -33.83 -13.09
N ALA E 52 -8.78 -35.15 -13.14
CA ALA E 52 -9.76 -35.95 -13.86
C ALA E 52 -11.14 -35.81 -13.23
N LEU E 53 -11.21 -35.82 -11.90
CA LEU E 53 -12.50 -35.71 -11.22
C LEU E 53 -13.20 -34.42 -11.57
N VAL E 54 -12.45 -33.32 -11.67
CA VAL E 54 -13.05 -32.03 -12.03
C VAL E 54 -13.87 -32.17 -13.32
N ILE E 55 -13.22 -32.55 -14.41
CA ILE E 55 -13.87 -32.61 -15.71
C ILE E 55 -14.97 -33.67 -15.71
N TYR E 56 -14.71 -34.81 -15.05
CA TYR E 56 -15.72 -35.84 -14.89
C TYR E 56 -17.03 -35.24 -14.38
N ALA E 57 -16.96 -34.62 -13.20
CA ALA E 57 -18.15 -34.06 -12.57
C ALA E 57 -18.77 -32.97 -13.43
N ALA E 58 -17.93 -32.12 -14.04
CA ALA E 58 -18.47 -31.02 -14.84
C ALA E 58 -19.27 -31.54 -16.02
N LYS E 59 -18.73 -32.52 -16.74
CA LYS E 59 -19.45 -33.07 -17.88
C LYS E 59 -20.74 -33.74 -17.46
N ARG E 60 -20.72 -34.49 -16.36
CA ARG E 60 -21.95 -35.12 -15.91
C ARG E 60 -23.00 -34.07 -15.54
N ALA E 61 -22.56 -33.00 -14.87
CA ALA E 61 -23.50 -31.94 -14.51
C ALA E 61 -24.10 -31.28 -15.75
N ARG E 62 -23.28 -31.06 -16.78
CA ARG E 62 -23.81 -30.46 -18.01
C ARG E 62 -24.85 -31.37 -18.65
N GLN E 63 -24.58 -32.69 -18.68
CA GLN E 63 -25.56 -33.61 -19.24
C GLN E 63 -26.87 -33.56 -18.45
N ILE E 64 -26.78 -33.53 -17.12
CA ILE E 64 -28.00 -33.49 -16.30
C ILE E 64 -28.76 -32.20 -16.57
N ASN E 65 -28.05 -31.08 -16.69
CA ASN E 65 -28.71 -29.81 -16.94
C ASN E 65 -29.43 -29.82 -18.28
N ASP E 66 -28.78 -30.37 -19.30
CA ASP E 66 -29.44 -30.49 -20.60
C ASP E 66 -30.70 -31.36 -20.50
N TYR E 67 -30.61 -32.46 -19.74
CA TYR E 67 -31.80 -33.29 -19.56
C TYR E 67 -32.92 -32.51 -18.91
N TYR E 68 -32.62 -31.75 -17.85
CA TYR E 68 -33.65 -30.97 -17.18
C TYR E 68 -34.28 -29.97 -18.13
N ASN E 69 -33.47 -29.30 -18.94
CA ASN E 69 -34.04 -28.32 -19.87
C ASN E 69 -34.83 -28.99 -20.99
N GLN E 70 -34.51 -30.24 -21.32
CA GLN E 70 -35.18 -30.95 -22.40
C GLN E 70 -36.22 -31.96 -21.93
N LEU E 71 -36.37 -32.15 -20.63
CA LEU E 71 -37.26 -33.18 -20.10
C LEU E 71 -38.66 -33.04 -20.68
N GLY E 72 -39.17 -31.80 -20.78
CA GLY E 72 -40.48 -31.60 -21.35
C GLY E 72 -40.51 -31.78 -22.86
N GLU E 73 -39.36 -31.67 -23.51
CA GLU E 73 -39.28 -31.77 -24.97
C GLU E 73 -39.10 -33.23 -25.38
N GLY E 74 -38.67 -33.44 -26.63
CA GLY E 74 -38.46 -34.80 -27.09
C GLY E 74 -37.29 -35.48 -26.39
N ILE E 75 -37.30 -36.81 -26.44
CA ILE E 75 -36.28 -37.59 -25.75
C ILE E 75 -34.95 -37.49 -26.48
N LEU E 76 -33.87 -37.59 -25.73
CA LEU E 76 -32.52 -37.68 -26.27
C LEU E 76 -31.75 -38.71 -25.46
N GLU E 77 -30.54 -39.02 -25.90
CA GLU E 77 -29.75 -40.06 -25.25
C GLU E 77 -29.49 -39.72 -23.78
N TYR E 78 -29.19 -38.45 -23.49
CA TYR E 78 -28.83 -38.07 -22.12
C TYR E 78 -29.91 -38.49 -21.14
N VAL E 79 -29.49 -39.17 -20.09
CA VAL E 79 -30.39 -39.71 -19.07
C VAL E 79 -30.03 -39.09 -17.73
N GLY E 80 -30.77 -39.49 -16.70
CA GLY E 80 -30.45 -39.13 -15.34
C GLY E 80 -31.49 -38.25 -14.71
N PRO E 81 -31.33 -37.95 -13.42
CA PRO E 81 -30.24 -38.39 -12.54
C PRO E 81 -30.36 -39.86 -12.16
N LEU E 82 -29.25 -40.56 -11.95
CA LEU E 82 -29.30 -41.94 -11.51
C LEU E 82 -29.68 -42.08 -10.05
N VAL E 83 -29.58 -41.01 -9.26
CA VAL E 83 -29.95 -41.03 -7.85
C VAL E 83 -31.21 -40.19 -7.71
N GLU E 84 -31.83 -40.22 -6.53
CA GLU E 84 -33.04 -39.45 -6.29
C GLU E 84 -32.69 -37.98 -6.22
N PRO E 85 -33.26 -37.12 -7.06
CA PRO E 85 -32.97 -35.69 -6.95
C PRO E 85 -33.50 -35.13 -5.64
N GLY E 86 -32.80 -34.13 -5.13
CA GLY E 86 -33.22 -33.46 -3.92
C GLY E 86 -34.27 -32.40 -4.21
N LEU E 87 -34.51 -31.56 -3.21
CA LEU E 87 -35.50 -30.49 -3.39
C LEU E 87 -35.09 -29.55 -4.51
N GLN E 88 -33.86 -29.04 -4.48
CA GLN E 88 -33.37 -28.16 -5.53
C GLN E 88 -31.92 -28.45 -5.88
N GLU E 89 -31.41 -29.60 -5.44
CA GLU E 89 -29.98 -29.87 -5.51
C GLU E 89 -29.40 -29.43 -6.84
N LYS E 90 -28.44 -28.51 -6.78
CA LYS E 90 -27.87 -27.95 -7.99
C LYS E 90 -27.18 -29.06 -8.79
N PRO E 91 -27.21 -29.01 -10.12
CA PRO E 91 -26.70 -30.13 -10.92
C PRO E 91 -25.37 -30.70 -10.45
N LEU E 92 -24.34 -29.85 -10.34
CA LEU E 92 -23.00 -30.33 -10.04
C LEU E 92 -23.02 -31.25 -8.82
N SER E 93 -23.66 -30.82 -7.74
CA SER E 93 -23.70 -31.65 -6.54
C SER E 93 -24.16 -33.06 -6.87
N ILE E 94 -25.29 -33.19 -7.57
CA ILE E 94 -25.78 -34.52 -7.90
C ILE E 94 -24.70 -35.32 -8.60
N ALA E 95 -24.04 -34.72 -9.60
CA ALA E 95 -22.99 -35.44 -10.30
C ALA E 95 -21.99 -36.03 -9.31
N LEU E 96 -21.50 -35.21 -8.37
CA LEU E 96 -20.54 -35.72 -7.41
C LEU E 96 -21.13 -36.88 -6.61
N ARG E 97 -22.37 -36.73 -6.15
CA ARG E 97 -23.00 -37.81 -5.41
C ARG E 97 -22.97 -39.11 -6.21
N GLU E 98 -23.13 -39.01 -7.53
CA GLU E 98 -23.10 -40.22 -8.35
C GLU E 98 -21.70 -40.82 -8.39
N ILE E 99 -20.66 -39.99 -8.55
CA ILE E 99 -19.31 -40.52 -8.60
C ILE E 99 -19.02 -41.33 -7.34
N HIS E 100 -19.58 -40.91 -6.20
CA HIS E 100 -19.33 -41.61 -4.95
C HIS E 100 -19.98 -42.99 -4.96
N ALA E 101 -21.15 -43.13 -5.58
CA ALA E 101 -21.85 -44.40 -5.57
C ALA E 101 -21.32 -45.37 -6.61
N ASP E 102 -20.39 -44.94 -7.46
CA ASP E 102 -19.77 -45.83 -8.45
C ASP E 102 -20.77 -46.24 -9.53
N LEU E 103 -21.60 -45.29 -9.98
CA LEU E 103 -22.60 -45.55 -11.00
C LEU E 103 -22.21 -45.00 -12.38
N LEU E 104 -20.99 -44.52 -12.55
CA LEU E 104 -20.54 -43.95 -13.80
C LEU E 104 -19.11 -44.42 -14.09
N GLU E 105 -18.74 -44.40 -15.36
CA GLU E 105 -17.41 -44.80 -15.80
C GLU E 105 -16.88 -43.78 -16.80
N HIS E 106 -15.56 -43.70 -16.90
CA HIS E 106 -14.90 -42.69 -17.71
C HIS E 106 -13.66 -43.26 -18.37
N THR E 107 -13.20 -42.58 -19.41
CA THR E 107 -11.97 -42.91 -20.11
C THR E 107 -11.21 -41.64 -20.40
N GLU E 108 -9.91 -41.65 -20.12
CA GLU E 108 -9.08 -40.47 -20.32
C GLU E 108 -8.64 -40.38 -21.78
N GLY E 109 -8.10 -39.22 -22.14
CA GLY E 109 -7.65 -38.99 -23.50
C GLY E 109 -6.49 -39.87 -23.91
N LYS F 6 31.91 39.11 -53.23
CA LYS F 6 30.63 38.85 -53.87
C LYS F 6 29.57 38.54 -52.82
N LYS F 7 28.45 39.28 -52.86
CA LYS F 7 27.37 39.12 -51.90
C LYS F 7 26.49 37.94 -52.30
N ARG F 8 27.00 36.74 -52.04
CA ARG F 8 26.24 35.53 -52.31
C ARG F 8 25.04 35.44 -51.38
N TRP F 9 23.90 35.07 -51.93
CA TRP F 9 22.68 34.99 -51.16
C TRP F 9 22.71 33.82 -50.19
N TYR F 10 22.14 34.03 -49.01
CA TYR F 10 22.02 33.00 -47.99
C TYR F 10 20.60 33.02 -47.43
N VAL F 11 20.21 31.92 -46.81
CA VAL F 11 18.88 31.75 -46.26
C VAL F 11 18.99 31.60 -44.75
N VAL F 12 18.15 32.32 -44.02
CA VAL F 12 18.08 32.24 -42.56
C VAL F 12 16.66 31.88 -42.18
N GLN F 13 16.52 30.85 -41.35
CA GLN F 13 15.20 30.43 -40.91
C GLN F 13 14.67 31.42 -39.87
N ALA F 14 13.36 31.38 -39.66
CA ALA F 14 12.72 32.24 -38.68
C ALA F 14 11.44 31.56 -38.21
N PHE F 15 10.94 32.01 -37.07
CA PHE F 15 9.72 31.44 -36.52
C PHE F 15 8.58 31.57 -37.52
N SER F 16 7.73 30.56 -37.55
CA SER F 16 6.54 30.63 -38.37
C SER F 16 5.75 31.88 -38.04
N GLY F 17 4.89 32.30 -38.95
CA GLY F 17 4.20 33.56 -38.76
C GLY F 17 5.16 34.72 -38.85
N PHE F 18 5.56 35.27 -37.70
CA PHE F 18 6.42 36.45 -37.64
C PHE F 18 7.57 36.32 -38.63
N GLU F 19 7.57 37.15 -39.67
CA GLU F 19 8.70 37.21 -40.59
C GLU F 19 9.14 38.64 -40.83
N GLY F 20 8.18 39.56 -40.95
CA GLY F 20 8.48 40.94 -41.26
C GLY F 20 9.28 41.61 -40.16
N ARG F 21 8.89 41.34 -38.91
CA ARG F 21 9.66 41.85 -37.78
C ARG F 21 11.10 41.36 -37.85
N VAL F 22 11.30 40.12 -38.31
CA VAL F 22 12.65 39.57 -38.41
C VAL F 22 13.49 40.41 -39.38
N ALA F 23 12.97 40.66 -40.57
CA ALA F 23 13.72 41.44 -41.55
C ALA F 23 13.95 42.86 -41.06
N THR F 24 12.94 43.48 -40.47
CA THR F 24 13.08 44.85 -40.01
C THR F 24 14.14 44.95 -38.91
N SER F 25 14.12 44.02 -37.95
CA SER F 25 15.12 44.02 -36.90
C SER F 25 16.50 43.73 -37.46
N LEU F 26 16.58 42.90 -38.50
CA LEU F 26 17.88 42.67 -39.13
C LEU F 26 18.42 43.95 -39.74
N ARG F 27 17.56 44.74 -40.40
CA ARG F 27 18.01 46.02 -40.95
C ARG F 27 18.47 46.95 -39.83
N GLU F 28 17.70 47.03 -38.75
CA GLU F 28 18.09 47.91 -37.65
C GLU F 28 19.42 47.47 -37.05
N HIS F 29 19.63 46.17 -36.90
CA HIS F 29 20.86 45.68 -36.28
C HIS F 29 22.06 45.91 -37.18
N ILE F 30 21.89 45.78 -38.49
CA ILE F 30 22.99 46.15 -39.38
C ILE F 30 23.26 47.64 -39.29
N LYS F 31 22.23 48.46 -39.06
CA LYS F 31 22.50 49.86 -38.80
C LYS F 31 23.33 50.03 -37.54
N LEU F 32 22.98 49.31 -36.47
CA LEU F 32 23.62 49.48 -35.16
C LEU F 32 25.13 49.32 -35.27
N HIS F 33 25.59 48.19 -35.79
CA HIS F 33 27.01 47.92 -35.88
C HIS F 33 27.59 48.56 -37.14
N ASN F 34 26.72 49.16 -37.97
CA ASN F 34 27.12 49.94 -39.14
C ASN F 34 28.12 49.20 -40.02
N MET F 35 27.91 47.91 -40.25
CA MET F 35 28.71 47.17 -41.21
C MET F 35 28.03 47.18 -42.58
N GLU F 36 27.69 48.37 -43.07
CA GLU F 36 26.87 48.48 -44.26
C GLU F 36 27.55 47.90 -45.51
N ASP F 37 28.88 47.88 -45.55
CA ASP F 37 29.61 47.33 -46.68
C ASP F 37 29.53 45.81 -46.74
N LEU F 38 28.84 45.17 -45.81
CA LEU F 38 28.69 43.72 -45.82
C LEU F 38 27.26 43.33 -46.18
N PHE F 39 26.27 43.83 -45.44
CA PHE F 39 24.90 43.45 -45.71
C PHE F 39 24.32 44.32 -46.83
N GLY F 40 23.80 43.65 -47.86
CA GLY F 40 23.30 44.35 -49.03
C GLY F 40 21.79 44.46 -49.15
N GLU F 41 21.07 43.37 -48.89
CA GLU F 41 19.65 43.33 -49.18
C GLU F 41 19.00 42.16 -48.45
N VAL F 42 17.81 42.40 -47.91
CA VAL F 42 17.00 41.38 -47.25
C VAL F 42 15.59 41.49 -47.81
N MET F 43 15.06 40.39 -48.34
CA MET F 43 13.74 40.37 -48.95
C MET F 43 12.98 39.14 -48.52
N VAL F 44 11.67 39.29 -48.37
CA VAL F 44 10.77 38.17 -48.08
C VAL F 44 9.79 38.07 -49.24
N PRO F 45 10.05 37.23 -50.24
CA PRO F 45 9.18 37.23 -51.43
C PRO F 45 7.73 36.97 -51.08
N THR F 46 6.81 37.64 -51.77
CA THR F 46 5.38 37.54 -51.44
C THR F 46 4.58 37.72 -52.72
N GLU F 47 4.07 36.60 -53.25
CA GLU F 47 3.18 36.63 -54.39
C GLU F 47 1.75 36.96 -53.95
N GLU F 48 0.99 37.53 -54.89
CA GLU F 48 -0.42 37.86 -54.69
C GLU F 48 -1.28 37.01 -55.61
N VAL F 49 -2.24 36.30 -55.03
CA VAL F 49 -3.11 35.40 -55.77
C VAL F 49 -4.54 35.72 -55.36
N VAL F 50 -5.52 34.96 -55.86
CA VAL F 50 -6.94 35.22 -55.59
C VAL F 50 -7.62 33.92 -55.20
N GLU F 51 -8.75 34.05 -54.51
CA GLU F 51 -9.60 32.91 -54.16
C GLU F 51 -11.04 33.40 -54.08
N ILE F 52 -11.98 32.48 -54.24
CA ILE F 52 -13.40 32.79 -54.21
C ILE F 52 -13.93 32.33 -52.85
N ARG F 53 -14.23 33.30 -51.98
CA ARG F 53 -14.72 33.01 -50.64
C ARG F 53 -16.21 33.35 -50.59
N GLY F 54 -17.05 32.31 -50.54
CA GLY F 54 -18.48 32.50 -50.54
C GLY F 54 -19.00 33.06 -51.86
N GLY F 55 -18.50 32.53 -52.97
CA GLY F 55 -18.97 32.98 -54.27
C GLY F 55 -18.63 34.42 -54.58
N GLN F 56 -17.44 34.86 -54.16
CA GLN F 56 -16.99 36.23 -54.41
C GLN F 56 -15.49 36.21 -54.60
N ARG F 57 -15.02 36.70 -55.76
CA ARG F 57 -13.59 36.82 -55.98
C ARG F 57 -12.98 37.78 -54.95
N ARG F 58 -11.89 37.37 -54.35
CA ARG F 58 -11.18 38.16 -53.35
C ARG F 58 -9.68 37.91 -53.47
N LYS F 59 -8.90 38.88 -53.01
CA LYS F 59 -7.46 38.80 -53.11
C LYS F 59 -6.88 38.00 -51.95
N SER F 60 -5.59 37.67 -52.06
CA SER F 60 -4.86 36.95 -51.03
C SER F 60 -3.38 37.15 -51.27
N GLU F 61 -2.61 37.07 -50.19
CA GLU F 61 -1.18 37.36 -50.22
C GLU F 61 -0.44 36.20 -49.59
N ARG F 62 0.28 35.44 -50.42
CA ARG F 62 0.98 34.24 -49.96
C ARG F 62 2.48 34.44 -50.18
N LYS F 63 3.27 34.07 -49.19
CA LYS F 63 4.73 34.21 -49.26
C LYS F 63 5.32 32.84 -49.59
N PHE F 64 5.58 32.58 -50.87
CA PHE F 64 6.23 31.34 -51.25
C PHE F 64 7.59 31.28 -50.57
N PHE F 65 8.15 30.08 -50.42
CA PHE F 65 9.24 29.86 -49.49
C PHE F 65 8.77 30.29 -48.11
N PRO F 66 7.68 29.72 -47.62
CA PRO F 66 7.07 30.22 -46.38
C PRO F 66 7.84 29.86 -45.13
N GLY F 67 8.38 30.88 -44.45
CA GLY F 67 9.03 30.67 -43.16
C GLY F 67 10.51 30.98 -43.16
N TYR F 68 11.09 31.25 -44.32
CA TYR F 68 12.51 31.56 -44.42
C TYR F 68 12.70 32.98 -44.91
N VAL F 69 13.89 33.52 -44.70
CA VAL F 69 14.22 34.88 -45.12
C VAL F 69 15.52 34.82 -45.93
N LEU F 70 15.49 35.37 -47.14
CA LEU F 70 16.70 35.45 -47.94
C LEU F 70 17.44 36.75 -47.65
N VAL F 71 18.76 36.68 -47.53
CA VAL F 71 19.57 37.81 -47.10
C VAL F 71 20.90 37.77 -47.84
N GLN F 72 21.41 38.95 -48.17
CA GLN F 72 22.77 39.09 -48.68
C GLN F 72 23.75 39.20 -47.51
N MET F 73 24.90 38.53 -47.65
CA MET F 73 25.88 38.55 -46.57
C MET F 73 27.22 38.00 -47.07
N VAL F 74 28.30 38.71 -46.81
CA VAL F 74 29.64 38.18 -47.05
C VAL F 74 30.00 37.32 -45.86
N MET F 75 30.84 36.31 -46.08
CA MET F 75 31.07 35.28 -45.07
C MET F 75 32.14 35.70 -44.07
N ASN F 76 31.83 36.66 -43.20
CA ASN F 76 32.69 36.99 -42.08
C ASN F 76 32.02 36.58 -40.78
N ASP F 77 32.81 35.98 -39.89
CA ASP F 77 32.25 35.49 -38.63
C ASP F 77 31.56 36.61 -37.87
N ALA F 78 32.01 37.85 -38.02
CA ALA F 78 31.29 38.97 -37.41
C ALA F 78 29.88 39.07 -37.97
N SER F 79 29.75 38.96 -39.29
CA SER F 79 28.43 38.94 -39.90
C SER F 79 27.62 37.73 -39.42
N TRP F 80 28.29 36.58 -39.28
CA TRP F 80 27.62 35.40 -38.74
C TRP F 80 26.99 35.67 -37.38
N HIS F 81 27.76 36.21 -36.45
CA HIS F 81 27.24 36.53 -35.12
C HIS F 81 26.13 37.56 -35.21
N LEU F 82 26.32 38.57 -36.06
CA LEU F 82 25.33 39.63 -36.19
C LEU F 82 23.99 39.06 -36.63
N VAL F 83 24.01 38.15 -37.61
CA VAL F 83 22.76 37.58 -38.11
C VAL F 83 22.16 36.64 -37.07
N ARG F 84 22.99 35.84 -36.41
CA ARG F 84 22.48 34.89 -35.44
C ARG F 84 21.92 35.60 -34.21
N SER F 85 22.35 36.83 -33.96
CA SER F 85 22.00 37.57 -32.76
C SER F 85 20.57 38.10 -32.77
N VAL F 86 20.04 38.46 -33.94
CA VAL F 86 18.75 39.14 -34.01
C VAL F 86 17.67 38.23 -33.45
N PRO F 87 16.61 38.78 -32.86
CA PRO F 87 15.57 37.94 -32.27
C PRO F 87 14.78 37.17 -33.32
N ARG F 88 14.23 36.03 -32.90
CA ARG F 88 13.31 35.25 -33.72
C ARG F 88 14.00 34.75 -35.00
N VAL F 89 15.29 34.46 -34.89
CA VAL F 89 16.05 33.90 -36.01
C VAL F 89 16.75 32.64 -35.53
N MET F 90 16.15 31.48 -35.82
CA MET F 90 16.67 30.21 -35.35
C MET F 90 18.13 30.02 -35.76
N GLY F 91 18.41 30.02 -37.06
CA GLY F 91 19.77 29.83 -37.50
C GLY F 91 19.87 29.80 -39.01
N PHE F 92 21.07 29.46 -39.48
CA PHE F 92 21.38 29.39 -40.91
C PHE F 92 21.08 27.99 -41.42
N ILE F 93 20.23 27.89 -42.43
CA ILE F 93 19.99 26.64 -43.14
C ILE F 93 21.08 26.51 -44.20
N GLY F 94 21.99 25.56 -44.01
CA GLY F 94 23.10 25.37 -44.93
C GLY F 94 23.69 23.97 -44.85
N GLY F 95 24.89 23.80 -45.40
CA GLY F 95 25.57 22.53 -45.40
C GLY F 95 26.23 22.15 -44.09
N THR F 96 26.42 23.10 -43.20
CA THR F 96 27.00 22.83 -41.89
C THR F 96 27.03 24.10 -41.05
N SER F 97 27.15 23.94 -39.72
CA SER F 97 27.04 25.09 -38.83
C SER F 97 28.20 26.05 -38.99
N ASP F 98 29.42 25.53 -39.13
CA ASP F 98 30.60 26.39 -39.11
C ASP F 98 30.53 27.46 -40.20
N ARG F 99 30.13 27.07 -41.41
CA ARG F 99 29.90 28.04 -42.47
C ARG F 99 28.61 27.69 -43.20
N PRO F 100 27.66 28.62 -43.32
CA PRO F 100 26.44 28.34 -44.07
C PRO F 100 26.75 28.03 -45.53
N ALA F 101 25.70 27.70 -46.28
CA ALA F 101 25.82 27.36 -47.68
C ALA F 101 25.09 28.37 -48.54
N PRO F 102 25.71 28.84 -49.64
CA PRO F 102 25.03 29.82 -50.50
C PRO F 102 24.16 29.16 -51.55
N ILE F 103 22.96 29.71 -51.78
CA ILE F 103 22.11 29.22 -52.85
C ILE F 103 22.71 29.58 -54.20
N SER F 104 22.71 28.61 -55.11
CA SER F 104 23.35 28.78 -56.41
C SER F 104 22.68 29.91 -57.20
N ASP F 105 23.46 30.53 -58.09
CA ASP F 105 22.97 31.67 -58.85
C ASP F 105 21.74 31.30 -59.68
N LYS F 106 21.63 30.04 -60.09
CA LYS F 106 20.51 29.65 -60.93
C LYS F 106 19.20 29.74 -60.16
N GLU F 107 19.21 29.32 -58.90
CA GLU F 107 18.00 29.41 -58.08
C GLU F 107 17.61 30.86 -57.83
N VAL F 108 18.59 31.73 -57.57
CA VAL F 108 18.27 33.14 -57.35
C VAL F 108 17.73 33.75 -58.64
N ASP F 109 18.26 33.33 -59.78
CA ASP F 109 17.69 33.75 -61.05
C ASP F 109 16.23 33.32 -61.17
N ALA F 110 15.94 32.08 -60.77
CA ALA F 110 14.56 31.60 -60.86
C ALA F 110 13.62 32.41 -59.97
N ILE F 111 14.02 32.65 -58.72
CA ILE F 111 13.15 33.41 -57.82
C ILE F 111 13.00 34.84 -58.32
N MET F 112 14.06 35.41 -58.90
CA MET F 112 13.95 36.76 -59.46
C MET F 112 12.94 36.77 -60.61
N ASN F 113 12.99 35.75 -61.47
CA ASN F 113 12.03 35.67 -62.56
C ASN F 113 10.60 35.59 -62.04
N ARG F 114 10.38 34.75 -61.03
CA ARG F 114 9.03 34.60 -60.48
C ARG F 114 8.56 35.88 -59.81
N LEU F 115 9.41 36.47 -58.97
CA LEU F 115 9.04 37.70 -58.27
C LEU F 115 8.73 38.81 -59.25
N GLN F 116 9.47 38.86 -60.36
CA GLN F 116 9.13 39.79 -61.43
C GLN F 116 7.75 39.50 -62.02
N GLN F 117 7.43 38.22 -62.17
CA GLN F 117 6.16 37.81 -62.78
C GLN F 117 5.02 37.91 -61.76
#